data_7D5X
#
_entry.id   7D5X
#
_cell.length_a   181.767
_cell.length_b   203.304
_cell.length_c   177.566
_cell.angle_alpha   90.00
_cell.angle_beta   90.00
_cell.angle_gamma   90.00
#
_symmetry.space_group_name_H-M   'P 21 21 21'
#
loop_
_entity.id
_entity.type
_entity.pdbx_description
1 polymer 'Cytochrome c oxidase subunit 1'
2 polymer 'Cytochrome c oxidase subunit 2'
3 polymer 'Cytochrome c oxidase subunit 3'
4 polymer 'Cytochrome c oxidase subunit 4 isoform 1, mitochondrial'
5 polymer 'Cytochrome c oxidase subunit 5A, mitochondrial'
6 polymer 'Cytochrome c oxidase subunit 5B, mitochondrial'
7 polymer 'Cytochrome c oxidase subunit 6A2, mitochondrial'
8 polymer 'Cytochrome c oxidase subunit 6B1'
9 polymer 'Cytochrome c oxidase subunit 6C'
10 polymer 'Cytochrome c oxidase subunit 7A1, mitochondrial'
11 polymer 'Cytochrome c oxidase subunit 7B, mitochondrial'
12 polymer 'Cytochrome c oxidase subunit 7C, mitochondrial'
13 polymer 'Cytochrome c oxidase subunit 8B, mitochondrial'
14 non-polymer HEME-A
15 non-polymer 'COPPER (II) ION'
16 non-polymer 'MAGNESIUM ION'
17 non-polymer 'SODIUM ION'
18 non-polymer '(1R)-2-{[{[(2S)-2,3-DIHYDROXYPROPYL]OXY}(HYDROXY)PHOSPHORYL]OXY}-1-[(PALMITOYLOXY)METHYL]ETHYL (11E)-OCTADEC-11-ENOATE'
19 non-polymer 'OXYGEN MOLECULE'
20 non-polymer 1,2-ETHANEDIOL
21 non-polymer DECYL-BETA-D-MALTOPYRANOSIDE
22 non-polymer TRISTEAROYLGLYCEROL
23 non-polymer 'DINUCLEAR COPPER ION'
24 non-polymer '(7R,17E,20E)-4-HYDROXY-N,N,N-TRIMETHYL-9-OXO-7-[(PALMITOYLOXY)METHYL]-3,5,8-TRIOXA-4-PHOSPHAHEXACOSA-17,20-DIEN-1-AMINIUM 4-OXIDE'
25 non-polymer 'CHOLIC ACID'
26 non-polymer '(1S)-2-{[(2-AMINOETHOXY)(HYDROXY)PHOSPHORYL]OXY}-1-[(STEAROYLOXY)METHYL]ETHYL (5E,8E,11E,14E)-ICOSA-5,8,11,14-TETRAENOATE'
27 non-polymer CARDIOLIPIN
28 non-polymer 'ZINC ION'
29 non-polymer 'PHOSPHATE ION'
30 water water
#
loop_
_entity_poly.entity_id
_entity_poly.type
_entity_poly.pdbx_seq_one_letter_code
_entity_poly.pdbx_strand_id
1 'polypeptide(L)'
;(FME)FINRWLFSTNHKDIGTLYLLFGAWAGMVGTALSLLIRAELGQPGTLLGDDQIYNVVVTAHAFVMIFFMVMPIMIG
GFGNWLVPLMIGAPDMAFPRMNNMSFWLLPPSFLLLLASSMVEAGAGTGWTVYPPLAGNLAHAGASVDLTIFSLHLAGVS
SILGAINFITTIINMKPPAMSQYQTPLFVWSVMITAVLLLLSLPVLAAGITMLLTDRNLNTTFFDPAGGGDPILYQHLFW
FFGHPEVYILILPGFGMISHIVTYYSGKKEPFGYMGMVWAMMSIGFLGFIVWAHHMFTVGMDVDTRAYFTSATMIIAIPT
GVKVFSWLATLHGGNIKWSPAMMWALGFIFLFTVGGLTGIVLANSSLDIVLHDTYYVVAHFHYVLSMGAVFAIMGGFVHW
FPLFSGYTLNDTWAKIHFAIMFVGVNMTFFPQHFLGLSGMPRRYSDYPDAYTMWNTISSMGSFISLTAVMLMVFIIWEAF
ASKREVLTVDLTTTNLEWLNGCPPPYHTFEEPTYVNLK
;
A,N
2 'polypeptide(L)'
;(FME)AYPMQLGFQDATSPIMEELLHFHDHTLMIVFLISSLVLYIISLMLTTKLTHTSTMDAQEVETIWTILPAIILILI
ALPSLRILYMMDEINNPSLTVKTMGHQWYWSYEYTDYEDLSFDSYMIPTSELKPGELRLLEVDNRVVLPMEMTIRMLVSS
EDVLHSWAVPSLGLKTDAIPGRLNQTTLMSSRPGLYYGQCSEICGSNHSFMPIVLELVPLKYFEKWSASML
;
B,O
3 'polypeptide(L)'
;HQTHAYHMVNPSPWPLTGALSALLMTSGLTMWFHFNSMTLLMIGLTTNMLTMYQWWRDVIRESTFQGHHTPAVQKGLRYG
MILFIISEVLFFTGFFWAFYHSSLAPTPELGGCWPPTGIHPLNPLEVPLLNTSVLLASGVSITWAHHSLMEGDRKHMLQA
LFITITLGVYFTLLQASEYYEAPFTISDGVYGSTFFVATGFHGLHVIIGSTFLIVCFFRQLKFHFTSNHHFGFEAAAWYW
HFVDVVWLFLYVSIYWWGS
;
C,P
4 'polypeptide(L)'
;SVVKSEDYALPSYVDRRDYPLPDVAHVKNLSASQKALKEKEKASWSSLSIDEKVELYRLKFKESFAEMNRSTNEWKTVVG
AAMFFIGFTALLLIWEKHYVYGPIPHTFEEEWVAKQTKRMLDMKVAPIQGFSAKWDYDKNEWKK
;
D,Q
5 'polypeptide(L)'
;HETDEEFDARWVTYFNKPDIDAWELRKGMNTLVGYDLVPEPKIIDAALRACRRLNDFASAVRILEVVKDKAGPHKEIYPY
VIQELRPTLNELGISTPEELGLDKV
;
E,R
6 'polypeptide(L)'
;ASGGGVPTDEEQATGLEREVMLAARKGQDPYNILAPKATSGTKEDPNLVPSITNKRIVGCICEEDNSTVIWFWLHKGEAQ
RCPSCGTHYKLVPH
;
F,S
7 'polypeptide(L)'
;ASAAKGDHGGTGARTWRFLTFGLALPSVALCTLNSWLHSGHRERPAFIPYHHLRIRTKPFSWGDGNHTFFHNPRVNPLPT
GYEK
;
G,T
8 'polypeptide(L)' KIKNYQTAPFDSRFPNQNQTRNCWQNYLDFHRCEKAMTAKGGDVSVCEWYRRVYKSLCPISWVSTWDDRRAEGTFPGKI H,U
9 'polypeptide(L)' (SAC)TALAKPQMRGLLARRLRFHIVGAFMVSLGFATFYKFAVAEKRKKAYADFYRNYDSMKDFEEMRKAGIFQSAK I,V
10 'polypeptide(L)' FENRVAEKQKLFQEDNGLPVHLKGGATDNILYRVTMTLCLGGTLYSLYCLGWASFPHK J,W
11 'polypeptide(L)' APDFHDKYGNAVLASGATFCVAVWVYMATQIGIEWNPSPVGRVTPKEWR K,X
12 'polypeptide(L)' HYEEGPGKNIPFSVENKWRLLAMMTLFFGSGFAAPFFIVRHQLLKK L,Y
13 'polypeptide(L)' ITAKPAKTPTSPKEQAIGLSVTFLSFLLPAGWVLYHLDNYKKS M,Z
#
# COMPACT_ATOMS: atom_id res chain seq x y z
N PHE A 2 -24.63 -32.27 -34.16
CA PHE A 2 -23.35 -32.75 -33.68
C PHE A 2 -22.39 -31.58 -33.39
N ILE A 3 -22.27 -30.66 -34.34
CA ILE A 3 -21.39 -29.52 -34.17
C ILE A 3 -21.88 -28.63 -33.04
N ASN A 4 -23.19 -28.39 -32.97
CA ASN A 4 -23.72 -27.57 -31.88
C ASN A 4 -23.35 -28.17 -30.54
N ARG A 5 -23.50 -29.49 -30.43
CA ARG A 5 -23.29 -30.12 -29.13
C ARG A 5 -21.80 -30.20 -28.79
N TRP A 6 -20.95 -30.57 -29.76
CA TRP A 6 -19.59 -30.97 -29.40
C TRP A 6 -18.52 -29.96 -29.77
N LEU A 7 -18.81 -29.03 -30.67
CA LEU A 7 -17.90 -27.92 -30.95
C LEU A 7 -18.36 -26.61 -30.34
N PHE A 8 -19.67 -26.42 -30.11
CA PHE A 8 -20.16 -25.18 -29.54
C PHE A 8 -20.67 -25.38 -28.10
N SER A 9 -20.14 -26.37 -27.40
CA SER A 9 -20.74 -26.74 -26.12
C SER A 9 -20.74 -25.57 -25.13
N THR A 10 -21.83 -25.51 -24.30
CA THR A 10 -21.79 -24.73 -23.08
C THR A 10 -22.20 -25.61 -21.90
N ASN A 11 -21.89 -26.91 -21.94
CA ASN A 11 -22.38 -27.88 -20.95
C ASN A 11 -21.19 -28.50 -20.20
N HIS A 12 -21.23 -28.44 -18.86
CA HIS A 12 -20.03 -28.83 -18.09
C HIS A 12 -19.74 -30.33 -18.23
N LYS A 13 -20.75 -31.17 -18.46
CA LYS A 13 -20.50 -32.60 -18.57
C LYS A 13 -19.89 -32.92 -19.93
N ASP A 14 -20.47 -32.38 -21.01
CA ASP A 14 -19.91 -32.64 -22.33
C ASP A 14 -18.48 -32.08 -22.42
N ILE A 15 -18.24 -30.88 -21.87
CA ILE A 15 -16.88 -30.34 -21.93
C ILE A 15 -15.93 -31.23 -21.10
N GLY A 16 -16.38 -31.68 -19.93
CA GLY A 16 -15.56 -32.66 -19.21
C GLY A 16 -15.28 -33.92 -20.02
N THR A 17 -16.29 -34.45 -20.72
CA THR A 17 -16.02 -35.59 -21.62
C THR A 17 -14.96 -35.26 -22.68
N LEU A 18 -15.05 -34.10 -23.32
CA LEU A 18 -14.04 -33.69 -24.28
C LEU A 18 -12.63 -33.71 -23.66
N TYR A 19 -12.53 -33.15 -22.47
CA TYR A 19 -11.25 -33.16 -21.76
C TYR A 19 -10.74 -34.57 -21.48
N LEU A 20 -11.63 -35.47 -21.02
CA LEU A 20 -11.17 -36.85 -20.76
C LEU A 20 -10.67 -37.54 -22.03
N LEU A 21 -11.38 -37.35 -23.16
CA LEU A 21 -10.95 -37.90 -24.44
C LEU A 21 -9.60 -37.31 -24.87
N PHE A 22 -9.46 -36.00 -24.72
CA PHE A 22 -8.21 -35.33 -25.08
C PHE A 22 -7.08 -35.83 -24.22
N GLY A 23 -7.30 -35.88 -22.90
CA GLY A 23 -6.25 -36.36 -22.01
C GLY A 23 -5.87 -37.82 -22.24
N ALA A 24 -6.87 -38.67 -22.53
CA ALA A 24 -6.53 -40.07 -22.83
C ALA A 24 -5.67 -40.17 -24.09
N TRP A 25 -5.98 -39.37 -25.11
CA TRP A 25 -5.19 -39.41 -26.34
C TRP A 25 -3.78 -38.93 -26.06
N ALA A 26 -3.67 -37.82 -25.34
CA ALA A 26 -2.35 -37.32 -24.95
C ALA A 26 -1.58 -38.34 -24.14
N GLY A 27 -2.27 -39.06 -23.23
CA GLY A 27 -1.58 -40.10 -22.50
C GLY A 27 -0.94 -41.15 -23.41
N MET A 28 -1.62 -41.51 -24.50
CA MET A 28 -0.96 -42.43 -25.47
C MET A 28 0.32 -41.80 -26.04
N VAL A 29 0.25 -40.53 -26.46
CA VAL A 29 1.45 -39.90 -27.01
C VAL A 29 2.56 -39.90 -25.96
N GLY A 30 2.17 -39.50 -24.73
CA GLY A 30 3.18 -39.40 -23.65
C GLY A 30 3.81 -40.74 -23.31
N THR A 31 3.02 -41.79 -23.35
CA THR A 31 3.52 -43.15 -23.10
C THR A 31 4.47 -43.61 -24.21
N ALA A 32 4.12 -43.32 -25.45
CA ALA A 32 5.00 -43.72 -26.56
C ALA A 32 6.35 -43.00 -26.42
N LEU A 33 6.29 -41.68 -26.09
CA LEU A 33 7.55 -40.97 -25.89
C LEU A 33 8.34 -41.61 -24.76
N SER A 34 7.66 -41.99 -23.65
CA SER A 34 8.37 -42.64 -22.53
C SER A 34 9.00 -43.97 -22.94
N LEU A 35 8.37 -44.71 -23.87
CA LEU A 35 8.95 -45.99 -24.30
C LEU A 35 10.15 -45.74 -25.18
N LEU A 36 10.14 -44.66 -25.97
CA LEU A 36 11.34 -44.33 -26.74
C LEU A 36 12.52 -43.97 -25.83
N ILE A 37 12.27 -43.20 -24.76
CA ILE A 37 13.31 -42.94 -23.76
C ILE A 37 13.90 -44.25 -23.28
N ARG A 38 13.03 -45.14 -22.85
CA ARG A 38 13.52 -46.32 -22.21
C ARG A 38 14.08 -47.32 -23.22
N ALA A 39 13.69 -47.20 -24.48
CA ALA A 39 14.33 -48.06 -25.49
C ALA A 39 15.75 -47.59 -25.77
N GLU A 40 15.94 -46.28 -25.86
CA GLU A 40 17.31 -45.73 -25.99
C GLU A 40 18.20 -46.20 -24.85
N LEU A 41 17.63 -46.30 -23.63
CA LEU A 41 18.45 -46.62 -22.44
C LEU A 41 18.42 -48.09 -22.10
N GLY A 42 17.73 -48.90 -22.88
CA GLY A 42 17.57 -50.28 -22.45
C GLY A 42 18.77 -51.17 -22.68
N GLN A 43 19.72 -50.70 -23.47
CA GLN A 43 21.02 -51.37 -23.53
C GLN A 43 22.06 -50.30 -23.76
N PRO A 44 23.30 -50.53 -23.35
CA PRO A 44 24.35 -49.52 -23.52
C PRO A 44 24.60 -49.29 -25.00
N GLY A 45 25.09 -48.10 -25.32
CA GLY A 45 25.24 -47.70 -26.71
C GLY A 45 24.18 -46.73 -27.14
N THR A 46 24.08 -46.57 -28.44
CA THR A 46 23.13 -45.62 -28.97
C THR A 46 22.08 -46.36 -29.80
N LEU A 47 20.79 -46.03 -29.58
CA LEU A 47 19.74 -46.58 -30.41
C LEU A 47 19.29 -45.65 -31.52
N LEU A 48 18.72 -44.50 -31.12
N LEU A 48 19.01 -44.40 -31.17
CA LEU A 48 17.99 -43.63 -32.02
CA LEU A 48 18.55 -43.44 -32.15
C LEU A 48 18.96 -42.66 -32.63
C LEU A 48 19.72 -42.86 -32.93
N GLY A 49 19.27 -41.63 -31.87
N GLY A 49 20.93 -43.07 -32.44
CA GLY A 49 20.46 -40.86 -32.12
CA GLY A 49 22.11 -42.50 -33.06
C GLY A 49 21.07 -40.48 -30.80
C GLY A 49 22.00 -41.00 -33.25
N ASP A 50 21.88 -39.41 -30.88
N ASP A 50 21.21 -40.32 -32.43
CA ASP A 50 22.55 -38.76 -29.76
CA ASP A 50 21.02 -38.88 -32.61
C ASP A 50 21.55 -38.01 -28.89
C ASP A 50 20.51 -38.36 -31.26
N ASP A 51 22.03 -37.03 -28.11
N ASP A 51 21.43 -37.81 -30.47
CA ASP A 51 21.17 -36.43 -27.09
CA ASP A 51 21.04 -37.40 -29.14
C ASP A 51 20.13 -35.48 -27.64
C ASP A 51 20.23 -36.14 -29.11
N GLN A 52 20.29 -35.00 -28.88
N GLN A 52 20.32 -35.27 -30.14
CA GLN A 52 19.27 -34.09 -29.41
CA GLN A 52 19.37 -34.17 -30.23
C GLN A 52 17.94 -34.81 -29.62
C GLN A 52 17.94 -34.71 -30.29
N ILE A 53 17.90 -35.84 -30.48
N ILE A 53 17.72 -35.76 -31.07
CA ILE A 53 16.62 -36.53 -30.70
CA ILE A 53 16.37 -36.35 -31.09
C ILE A 53 16.14 -37.18 -29.41
C ILE A 53 16.01 -36.90 -29.72
N TYR A 54 17.05 -37.77 -28.62
N TYR A 54 16.96 -37.62 -29.09
CA TYR A 54 16.68 -38.31 -27.33
CA TYR A 54 16.75 -38.12 -27.72
C TYR A 54 16.03 -37.25 -26.45
C TYR A 54 16.25 -37.00 -26.81
N ASN A 55 16.60 -36.05 -26.42
N ASN A 55 16.95 -35.86 -26.82
CA ASN A 55 16.04 -35.02 -25.57
CA ASN A 55 16.58 -34.76 -25.95
C ASN A 55 15.02 -34.13 -26.26
C ASN A 55 15.18 -34.24 -26.29
N VAL A 56 14.85 -34.19 -27.59
CA VAL A 56 13.52 -33.75 -28.03
C VAL A 56 12.47 -34.70 -27.47
N VAL A 57 12.73 -36.02 -27.52
CA VAL A 57 11.75 -37.01 -26.99
C VAL A 57 11.53 -36.78 -25.48
N VAL A 58 12.62 -36.59 -24.73
CA VAL A 58 12.50 -36.39 -23.29
C VAL A 58 11.65 -35.14 -23.01
N THR A 59 11.99 -34.05 -23.70
CA THR A 59 11.30 -32.78 -23.51
C THR A 59 9.83 -32.93 -23.80
N ALA A 60 9.51 -33.51 -24.94
CA ALA A 60 8.10 -33.62 -25.28
C ALA A 60 7.37 -34.60 -24.38
N HIS A 61 8.04 -35.65 -23.96
CA HIS A 61 7.43 -36.56 -22.98
C HIS A 61 6.86 -35.81 -21.79
N ALA A 62 7.67 -34.95 -21.18
CA ALA A 62 7.23 -34.22 -19.99
C ALA A 62 6.13 -33.26 -20.33
N PHE A 63 6.29 -32.47 -21.40
CA PHE A 63 5.23 -31.49 -21.68
C PHE A 63 3.90 -32.20 -21.96
N VAL A 64 3.94 -33.29 -22.71
CA VAL A 64 2.68 -33.99 -23.01
C VAL A 64 2.05 -34.53 -21.72
N MET A 65 2.86 -35.21 -20.91
CA MET A 65 2.28 -35.82 -19.71
C MET A 65 1.72 -34.79 -18.75
N ILE A 66 2.42 -33.67 -18.54
CA ILE A 66 1.98 -32.62 -17.60
C ILE A 66 0.81 -31.81 -18.16
N PHE A 67 1.02 -31.17 -19.33
CA PHE A 67 0.07 -30.19 -19.79
C PHE A 67 -1.06 -30.77 -20.61
N PHE A 68 -0.85 -31.94 -21.24
CA PHE A 68 -1.91 -32.47 -22.11
C PHE A 68 -2.57 -33.71 -21.54
N MET A 69 -1.93 -34.40 -20.59
CA MET A 69 -2.56 -35.55 -19.94
C MET A 69 -3.03 -35.24 -18.53
N VAL A 70 -2.11 -34.96 -17.56
CA VAL A 70 -2.64 -34.84 -16.19
C VAL A 70 -3.59 -33.63 -16.02
N MET A 71 -3.16 -32.40 -16.42
CA MET A 71 -4.00 -31.24 -16.06
C MET A 71 -5.36 -31.33 -16.77
N PRO A 72 -5.41 -31.66 -18.07
CA PRO A 72 -6.74 -31.76 -18.70
C PRO A 72 -7.62 -32.81 -18.08
N ILE A 73 -7.04 -33.96 -17.70
CA ILE A 73 -7.87 -35.03 -17.12
C ILE A 73 -8.35 -34.60 -15.75
N MET A 74 -7.42 -34.16 -14.84
CA MET A 74 -7.85 -33.89 -13.46
C MET A 74 -8.76 -32.69 -13.38
N ILE A 75 -8.36 -31.58 -13.99
CA ILE A 75 -9.07 -30.32 -13.78
C ILE A 75 -10.16 -30.17 -14.83
N GLY A 76 -9.78 -30.29 -16.12
CA GLY A 76 -10.77 -30.13 -17.16
C GLY A 76 -11.78 -31.27 -17.18
N GLY A 77 -11.34 -32.50 -16.87
CA GLY A 77 -12.22 -33.67 -17.04
C GLY A 77 -12.98 -33.94 -15.75
N PHE A 78 -12.30 -34.42 -14.72
CA PHE A 78 -13.02 -34.67 -13.45
C PHE A 78 -13.56 -33.38 -12.84
N GLY A 79 -12.81 -32.28 -12.97
CA GLY A 79 -13.33 -31.05 -12.39
C GLY A 79 -14.64 -30.61 -13.02
N ASN A 80 -14.68 -30.55 -14.35
CA ASN A 80 -15.91 -30.10 -15.01
C ASN A 80 -17.03 -31.09 -14.77
N TRP A 81 -16.77 -32.39 -14.85
CA TRP A 81 -17.91 -33.32 -14.61
C TRP A 81 -18.42 -33.21 -13.19
N LEU A 82 -17.51 -33.22 -12.20
CA LEU A 82 -17.93 -33.46 -10.82
C LEU A 82 -18.22 -32.21 -10.03
N VAL A 83 -17.46 -31.10 -10.23
CA VAL A 83 -17.61 -29.98 -9.32
C VAL A 83 -19.03 -29.42 -9.35
N PRO A 84 -19.64 -29.16 -10.51
CA PRO A 84 -21.01 -28.59 -10.45
C PRO A 84 -21.93 -29.59 -9.80
N LEU A 85 -21.73 -30.90 -10.08
CA LEU A 85 -22.70 -31.87 -9.52
C LEU A 85 -22.54 -31.96 -8.02
N MET A 86 -21.28 -31.87 -7.54
CA MET A 86 -21.05 -31.99 -6.09
C MET A 86 -21.55 -30.78 -5.30
N ILE A 87 -21.79 -29.65 -5.93
CA ILE A 87 -22.40 -28.51 -5.22
C ILE A 87 -23.79 -28.21 -5.71
N GLY A 88 -24.38 -29.10 -6.51
CA GLY A 88 -25.80 -28.86 -6.92
C GLY A 88 -26.00 -27.69 -7.85
N ALA A 89 -24.95 -27.29 -8.54
CA ALA A 89 -25.03 -26.17 -9.45
C ALA A 89 -25.47 -26.62 -10.83
N PRO A 90 -26.07 -25.71 -11.64
CA PRO A 90 -26.60 -26.13 -12.94
C PRO A 90 -25.60 -26.16 -14.04
N ASP A 91 -24.47 -25.48 -13.86
CA ASP A 91 -23.32 -25.61 -14.74
C ASP A 91 -22.19 -24.84 -14.07
N MET A 92 -21.15 -24.58 -14.82
CA MET A 92 -20.08 -23.66 -14.40
C MET A 92 -20.51 -22.18 -14.52
N ALA A 93 -19.78 -21.29 -13.82
CA ALA A 93 -20.12 -19.86 -13.84
C ALA A 93 -20.08 -19.30 -15.27
N PHE A 94 -19.08 -19.69 -16.04
CA PHE A 94 -18.87 -19.11 -17.36
C PHE A 94 -18.88 -20.26 -18.35
N PRO A 95 -20.05 -20.73 -18.76
CA PRO A 95 -20.11 -22.03 -19.45
C PRO A 95 -19.51 -21.94 -20.82
N ARG A 96 -19.57 -20.76 -21.44
CA ARG A 96 -19.04 -20.56 -22.78
C ARG A 96 -17.52 -20.30 -22.75
N MET A 97 -17.05 -19.50 -21.77
CA MET A 97 -15.59 -19.42 -21.62
C MET A 97 -14.97 -20.80 -21.34
N ASN A 98 -15.68 -21.63 -20.58
CA ASN A 98 -15.20 -23.00 -20.27
C ASN A 98 -14.88 -23.76 -21.55
N ASN A 99 -15.72 -23.60 -22.60
CA ASN A 99 -15.49 -24.29 -23.85
C ASN A 99 -14.23 -23.79 -24.53
N MET A 100 -13.84 -22.52 -24.30
CA MET A 100 -12.62 -22.06 -24.94
C MET A 100 -11.40 -22.60 -24.21
N SER A 101 -11.50 -22.75 -22.89
CA SER A 101 -10.40 -23.44 -22.20
C SER A 101 -10.15 -24.80 -22.83
N PHE A 102 -11.22 -25.54 -23.16
CA PHE A 102 -11.01 -26.82 -23.83
C PHE A 102 -10.36 -26.62 -25.19
N TRP A 103 -11.01 -25.81 -26.07
CA TRP A 103 -10.57 -25.74 -27.46
C TRP A 103 -9.22 -25.05 -27.64
N LEU A 104 -8.69 -24.36 -26.65
CA LEU A 104 -7.29 -23.92 -26.79
C LEU A 104 -6.30 -25.09 -26.73
N LEU A 105 -6.71 -26.25 -26.19
CA LEU A 105 -5.70 -27.32 -25.98
C LEU A 105 -5.34 -28.04 -27.27
N PRO A 106 -6.25 -28.37 -28.18
CA PRO A 106 -5.75 -29.02 -29.41
C PRO A 106 -4.77 -28.11 -30.16
N PRO A 107 -5.03 -26.80 -30.28
CA PRO A 107 -3.99 -25.95 -30.91
C PRO A 107 -2.67 -25.94 -30.12
N SER A 108 -2.74 -25.86 -28.79
CA SER A 108 -1.52 -25.92 -28.00
C SER A 108 -0.74 -27.19 -28.33
N PHE A 109 -1.43 -28.35 -28.40
CA PHE A 109 -0.76 -29.64 -28.69
C PHE A 109 -0.21 -29.62 -30.12
N LEU A 110 -0.99 -29.04 -31.05
CA LEU A 110 -0.50 -28.89 -32.42
C LEU A 110 0.80 -28.10 -32.48
N LEU A 111 0.90 -27.00 -31.71
CA LEU A 111 2.15 -26.25 -31.69
C LEU A 111 3.30 -27.11 -31.15
N LEU A 112 3.03 -27.93 -30.17
CA LEU A 112 4.10 -28.77 -29.63
C LEU A 112 4.51 -29.83 -30.67
N LEU A 113 3.54 -30.42 -31.36
CA LEU A 113 3.91 -31.29 -32.51
C LEU A 113 4.74 -30.54 -33.52
N ALA A 114 4.32 -29.32 -33.84
CA ALA A 114 5.04 -28.57 -34.84
C ALA A 114 6.48 -28.35 -34.42
N SER A 115 6.68 -28.03 -33.15
CA SER A 115 8.03 -27.81 -32.62
C SER A 115 8.92 -29.01 -32.89
N SER A 116 8.36 -30.23 -32.78
CA SER A 116 9.19 -31.43 -32.93
C SER A 116 9.39 -31.80 -34.39
N MET A 117 8.60 -31.25 -35.29
CA MET A 117 8.69 -31.60 -36.71
C MET A 117 9.60 -30.66 -37.49
N VAL A 118 9.71 -29.40 -37.06
CA VAL A 118 10.46 -28.40 -37.79
C VAL A 118 11.88 -28.43 -37.24
N GLU A 119 12.84 -28.06 -38.09
CA GLU A 119 14.26 -27.99 -37.68
C GLU A 119 14.63 -29.30 -37.01
N ALA A 120 15.30 -29.25 -35.86
CA ALA A 120 15.73 -30.45 -35.16
C ALA A 120 14.99 -30.57 -33.85
N GLY A 121 13.82 -29.92 -33.70
CA GLY A 121 13.10 -30.00 -32.44
C GLY A 121 13.71 -29.13 -31.34
N ALA A 122 12.94 -29.05 -30.21
CA ALA A 122 13.34 -28.32 -29.02
C ALA A 122 13.92 -29.38 -28.08
N GLY A 123 15.23 -29.50 -28.09
CA GLY A 123 15.84 -30.55 -27.28
C GLY A 123 16.38 -29.92 -26.00
N THR A 124 15.48 -29.38 -25.19
CA THR A 124 15.88 -28.41 -24.18
C THR A 124 15.72 -28.91 -22.75
N GLY A 125 14.98 -30.01 -22.55
CA GLY A 125 14.38 -30.28 -21.23
C GLY A 125 13.08 -29.49 -21.08
N TRP A 126 12.11 -29.98 -20.28
CA TRP A 126 10.86 -29.23 -20.21
C TRP A 126 11.03 -27.91 -19.44
N THR A 127 12.21 -27.71 -18.84
CA THR A 127 12.56 -26.46 -18.15
C THR A 127 12.94 -25.33 -19.16
N VAL A 128 13.40 -25.71 -20.37
CA VAL A 128 13.63 -24.78 -21.47
C VAL A 128 14.62 -23.69 -20.99
N TYR A 129 15.69 -24.10 -20.29
CA TYR A 129 16.65 -23.09 -19.80
C TYR A 129 17.44 -22.46 -20.95
N PRO A 130 17.62 -21.17 -20.93
CA PRO A 130 18.68 -20.54 -21.73
C PRO A 130 20.03 -20.68 -21.05
N PRO A 131 21.15 -20.60 -21.78
CA PRO A 131 21.16 -20.27 -23.22
C PRO A 131 20.93 -21.50 -24.10
N LEU A 132 20.80 -22.74 -23.58
CA LEU A 132 20.59 -23.84 -24.52
C LEU A 132 19.33 -23.58 -25.38
N ALA A 133 18.27 -23.05 -24.74
CA ALA A 133 17.02 -22.76 -25.47
C ALA A 133 17.05 -21.42 -26.23
N GLY A 134 18.21 -20.70 -26.20
CA GLY A 134 18.28 -19.41 -26.90
C GLY A 134 18.56 -19.56 -28.40
N ASN A 135 18.62 -18.40 -29.09
CA ASN A 135 18.61 -18.44 -30.55
C ASN A 135 19.96 -18.77 -31.18
N LEU A 136 21.00 -19.03 -30.38
CA LEU A 136 22.27 -19.53 -30.94
C LEU A 136 22.40 -21.03 -30.79
N ALA A 137 22.04 -21.59 -29.63
CA ALA A 137 22.12 -23.03 -29.40
C ALA A 137 20.88 -23.77 -29.82
N HIS A 138 19.77 -23.02 -30.03
CA HIS A 138 18.53 -23.61 -30.58
C HIS A 138 17.97 -22.60 -31.59
N ALA A 139 18.75 -22.36 -32.63
CA ALA A 139 18.30 -21.49 -33.70
C ALA A 139 17.09 -22.08 -34.42
N GLY A 140 16.16 -21.20 -34.87
CA GLY A 140 15.06 -21.69 -35.67
C GLY A 140 13.76 -21.78 -34.85
N ALA A 141 12.70 -22.30 -35.47
CA ALA A 141 11.38 -22.09 -34.88
C ALA A 141 11.01 -23.04 -33.74
N SER A 142 11.74 -24.14 -33.52
CA SER A 142 11.26 -25.18 -32.59
C SER A 142 11.00 -24.63 -31.20
N VAL A 143 11.97 -23.89 -30.63
CA VAL A 143 11.73 -23.41 -29.26
C VAL A 143 10.61 -22.38 -29.24
N ASP A 144 10.48 -21.55 -30.29
CA ASP A 144 9.39 -20.57 -30.26
C ASP A 144 8.02 -21.26 -30.34
N LEU A 145 7.92 -22.32 -31.16
CA LEU A 145 6.66 -23.09 -31.16
C LEU A 145 6.36 -23.67 -29.78
N THR A 146 7.38 -24.21 -29.10
CA THR A 146 7.19 -24.65 -27.70
C THR A 146 6.68 -23.54 -26.79
N ILE A 147 7.33 -22.36 -26.83
CA ILE A 147 6.87 -21.23 -26.03
C ILE A 147 5.42 -20.94 -26.33
N PHE A 148 5.06 -20.88 -27.61
CA PHE A 148 3.66 -20.57 -27.91
C PHE A 148 2.69 -21.67 -27.48
N SER A 149 3.13 -22.92 -27.53
CA SER A 149 2.31 -24.00 -27.01
C SER A 149 2.05 -23.77 -25.52
N LEU A 150 3.09 -23.41 -24.78
CA LEU A 150 2.87 -23.10 -23.36
C LEU A 150 1.99 -21.88 -23.16
N HIS A 151 2.12 -20.86 -24.01
CA HIS A 151 1.22 -19.71 -23.87
C HIS A 151 -0.24 -20.14 -23.98
N LEU A 152 -0.55 -20.97 -24.96
CA LEU A 152 -1.96 -21.29 -25.14
C LEU A 152 -2.45 -22.20 -24.00
N ALA A 153 -1.61 -23.16 -23.60
CA ALA A 153 -1.98 -23.99 -22.45
C ALA A 153 -2.16 -23.14 -21.22
N GLY A 154 -1.28 -22.17 -21.04
CA GLY A 154 -1.40 -21.26 -19.90
C GLY A 154 -2.69 -20.45 -19.94
N VAL A 155 -3.08 -19.90 -21.09
CA VAL A 155 -4.32 -19.13 -21.11
C VAL A 155 -5.48 -20.07 -20.79
N SER A 156 -5.44 -21.26 -21.40
CA SER A 156 -6.48 -22.26 -21.13
C SER A 156 -6.70 -22.45 -19.63
N SER A 157 -5.62 -22.70 -18.91
CA SER A 157 -5.73 -23.00 -17.48
C SER A 157 -5.98 -21.79 -16.63
N ILE A 158 -5.48 -20.63 -17.01
CA ILE A 158 -5.82 -19.42 -16.23
C ILE A 158 -7.30 -19.14 -16.34
N LEU A 159 -7.83 -19.20 -17.55
CA LEU A 159 -9.27 -18.93 -17.64
C LEU A 159 -10.05 -20.03 -16.92
N GLY A 160 -9.56 -21.28 -17.00
CA GLY A 160 -10.26 -22.37 -16.27
C GLY A 160 -10.22 -22.14 -14.77
N ALA A 161 -9.08 -21.61 -14.27
CA ALA A 161 -8.97 -21.32 -12.86
C ALA A 161 -9.97 -20.27 -12.46
N ILE A 162 -10.06 -19.20 -13.26
CA ILE A 162 -11.09 -18.18 -12.98
C ILE A 162 -12.47 -18.82 -12.90
N ASN A 163 -12.77 -19.70 -13.84
CA ASN A 163 -14.07 -20.35 -13.88
C ASN A 163 -14.29 -21.18 -12.61
N PHE A 164 -13.33 -22.02 -12.28
CA PHE A 164 -13.57 -22.86 -11.11
C PHE A 164 -13.66 -22.07 -9.83
N ILE A 165 -12.78 -21.09 -9.61
CA ILE A 165 -12.88 -20.35 -8.35
C ILE A 165 -14.25 -19.68 -8.28
N THR A 166 -14.67 -19.05 -9.37
CA THR A 166 -15.92 -18.31 -9.33
C THR A 166 -17.06 -19.29 -9.06
N THR A 167 -17.04 -20.43 -9.76
CA THR A 167 -18.15 -21.41 -9.62
C THR A 167 -18.24 -21.89 -8.17
N ILE A 168 -17.07 -22.25 -7.60
CA ILE A 168 -17.05 -22.84 -6.28
C ILE A 168 -17.43 -21.80 -5.21
N ILE A 169 -17.00 -20.53 -5.35
CA ILE A 169 -17.36 -19.50 -4.39
C ILE A 169 -18.81 -19.08 -4.53
N ASN A 170 -19.30 -18.98 -5.78
CA ASN A 170 -20.56 -18.26 -6.01
C ASN A 170 -21.76 -19.16 -6.22
N MET A 171 -21.58 -20.44 -6.56
CA MET A 171 -22.72 -21.23 -7.04
C MET A 171 -23.08 -22.41 -6.15
N LYS A 172 -22.73 -22.37 -4.90
CA LYS A 172 -23.21 -23.40 -3.97
C LYS A 172 -24.62 -23.06 -3.52
N PRO A 173 -25.35 -24.03 -2.97
CA PRO A 173 -26.64 -23.69 -2.35
C PRO A 173 -26.42 -22.62 -1.31
N PRO A 174 -27.43 -21.74 -1.07
CA PRO A 174 -27.18 -20.59 -0.18
C PRO A 174 -26.91 -21.00 1.24
N ALA A 175 -27.43 -22.14 1.68
CA ALA A 175 -27.13 -22.63 3.01
C ALA A 175 -25.76 -23.29 3.14
N MET A 176 -25.12 -23.68 2.04
CA MET A 176 -23.89 -24.49 2.12
C MET A 176 -22.72 -23.56 2.29
N SER A 177 -22.00 -23.67 3.42
CA SER A 177 -20.82 -22.82 3.50
C SER A 177 -19.66 -23.53 2.81
N GLN A 178 -18.47 -22.85 2.78
CA GLN A 178 -17.32 -23.51 2.20
C GLN A 178 -16.95 -24.73 3.02
N TYR A 179 -17.33 -24.77 4.30
CA TYR A 179 -16.97 -25.92 5.10
C TYR A 179 -18.04 -26.98 5.05
N GLN A 180 -18.94 -26.88 4.09
CA GLN A 180 -19.87 -27.97 3.78
C GLN A 180 -19.69 -28.47 2.34
N THR A 181 -18.52 -28.13 1.74
CA THR A 181 -18.38 -28.62 0.38
C THR A 181 -17.41 -29.80 0.39
N PRO A 182 -17.54 -30.74 -0.56
CA PRO A 182 -16.72 -31.96 -0.49
C PRO A 182 -15.25 -31.65 -0.72
N LEU A 183 -14.40 -32.56 -0.21
CA LEU A 183 -12.96 -32.33 -0.37
C LEU A 183 -12.54 -32.23 -1.82
N PHE A 184 -13.16 -32.97 -2.72
CA PHE A 184 -12.65 -32.82 -4.11
C PHE A 184 -12.87 -31.38 -4.61
N VAL A 185 -14.01 -30.78 -4.24
CA VAL A 185 -14.28 -29.40 -4.61
C VAL A 185 -13.21 -28.47 -4.02
N TRP A 186 -12.89 -28.66 -2.73
CA TRP A 186 -11.80 -27.89 -2.13
C TRP A 186 -10.54 -28.06 -2.92
N SER A 187 -10.21 -29.31 -3.25
CA SER A 187 -8.94 -29.56 -3.95
C SER A 187 -8.86 -28.82 -5.29
N VAL A 188 -9.98 -28.75 -6.03
CA VAL A 188 -10.00 -28.01 -7.28
C VAL A 188 -9.87 -26.51 -7.04
N MET A 189 -10.59 -25.97 -6.05
CA MET A 189 -10.50 -24.52 -5.77
C MET A 189 -9.05 -24.15 -5.44
N ILE A 190 -8.38 -24.97 -4.63
CA ILE A 190 -7.03 -24.61 -4.24
C ILE A 190 -6.10 -24.73 -5.43
N THR A 191 -6.27 -25.79 -6.24
CA THR A 191 -5.46 -25.95 -7.46
C THR A 191 -5.65 -24.71 -8.36
N ALA A 192 -6.89 -24.25 -8.48
CA ALA A 192 -7.19 -23.10 -9.35
C ALA A 192 -6.52 -21.86 -8.82
N VAL A 193 -6.49 -21.67 -7.51
CA VAL A 193 -5.77 -20.48 -7.01
C VAL A 193 -4.29 -20.60 -7.37
N LEU A 194 -3.71 -21.78 -7.16
CA LEU A 194 -2.30 -21.93 -7.54
C LEU A 194 -2.06 -21.63 -9.02
N LEU A 195 -2.93 -22.14 -9.90
CA LEU A 195 -2.81 -21.85 -11.35
C LEU A 195 -2.89 -20.37 -11.62
N LEU A 196 -3.86 -19.70 -11.02
CA LEU A 196 -4.09 -18.25 -11.26
C LEU A 196 -2.85 -17.44 -10.99
N LEU A 197 -2.15 -17.77 -9.89
CA LEU A 197 -1.01 -16.94 -9.46
C LEU A 197 0.30 -17.37 -10.10
N SER A 198 0.42 -18.68 -10.40
CA SER A 198 1.72 -19.18 -10.89
C SER A 198 1.88 -19.07 -12.41
N LEU A 199 0.84 -19.41 -13.19
CA LEU A 199 1.02 -19.42 -14.65
C LEU A 199 1.37 -18.03 -15.20
N PRO A 200 0.87 -16.90 -14.63
CA PRO A 200 1.25 -15.62 -15.24
C PRO A 200 2.72 -15.40 -15.09
N VAL A 201 3.34 -15.97 -14.04
CA VAL A 201 4.79 -15.76 -13.87
C VAL A 201 5.54 -16.56 -14.91
N LEU A 202 5.15 -17.81 -15.10
CA LEU A 202 5.73 -18.58 -16.23
C LEU A 202 5.56 -17.81 -17.56
N ALA A 203 4.35 -17.27 -17.79
CA ALA A 203 4.09 -16.56 -19.05
C ALA A 203 5.08 -15.42 -19.20
N ALA A 204 5.30 -14.69 -18.11
CA ALA A 204 6.27 -13.58 -18.14
C ALA A 204 7.65 -14.11 -18.51
N GLY A 205 8.09 -15.18 -17.84
CA GLY A 205 9.44 -15.73 -18.10
C GLY A 205 9.61 -16.23 -19.54
N ILE A 206 8.61 -16.99 -20.05
CA ILE A 206 8.81 -17.54 -21.40
C ILE A 206 8.65 -16.45 -22.42
N THR A 207 7.90 -15.38 -22.09
CA THR A 207 7.81 -14.25 -23.02
C THR A 207 9.15 -13.54 -23.12
N MET A 208 9.83 -13.38 -21.98
CA MET A 208 11.19 -12.86 -21.99
C MET A 208 12.11 -13.76 -22.78
N LEU A 209 11.91 -15.07 -22.72
CA LEU A 209 12.79 -15.93 -23.56
C LEU A 209 12.48 -15.72 -25.03
N LEU A 210 11.18 -15.55 -25.35
CA LEU A 210 10.76 -15.29 -26.73
C LEU A 210 11.41 -13.99 -27.24
N THR A 211 11.42 -12.95 -26.42
CA THR A 211 11.97 -11.69 -26.90
C THR A 211 13.48 -11.75 -26.94
N ASP A 212 14.12 -12.52 -26.01
CA ASP A 212 15.59 -12.69 -26.17
C ASP A 212 15.89 -13.39 -27.50
N ARG A 213 15.03 -14.35 -27.90
CA ARG A 213 15.28 -15.10 -29.13
C ARG A 213 14.95 -14.31 -30.38
N ASN A 214 14.03 -13.34 -30.31
CA ASN A 214 13.53 -12.73 -31.55
C ASN A 214 13.55 -11.21 -31.60
N LEU A 215 13.66 -10.50 -30.46
CA LEU A 215 13.62 -9.04 -30.47
C LEU A 215 14.89 -8.44 -29.92
N ASN A 216 15.97 -9.24 -29.76
CA ASN A 216 17.28 -8.76 -29.30
C ASN A 216 17.24 -8.14 -27.89
N THR A 217 16.24 -8.58 -27.08
CA THR A 217 16.38 -8.34 -25.64
C THR A 217 17.47 -9.25 -25.08
N THR A 218 17.84 -8.97 -23.83
CA THR A 218 18.93 -9.72 -23.20
C THR A 218 18.60 -9.98 -21.74
N PHE A 219 17.32 -10.32 -21.44
CA PHE A 219 16.97 -10.66 -20.06
C PHE A 219 17.86 -11.75 -19.47
N PHE A 220 18.24 -12.73 -20.29
CA PHE A 220 18.95 -13.91 -19.79
C PHE A 220 20.33 -14.03 -20.39
N ASP A 221 20.82 -12.97 -21.03
CA ASP A 221 22.06 -13.01 -21.81
C ASP A 221 23.06 -12.07 -21.11
N PRO A 222 24.08 -12.64 -20.47
CA PRO A 222 25.10 -11.78 -19.77
C PRO A 222 25.69 -10.70 -20.63
N ALA A 223 25.76 -10.90 -21.97
CA ALA A 223 26.36 -9.87 -22.84
C ALA A 223 25.61 -8.54 -22.74
N GLY A 224 24.32 -8.58 -22.49
CA GLY A 224 23.51 -7.41 -22.26
C GLY A 224 23.31 -7.07 -20.80
N GLY A 225 23.97 -7.78 -19.87
CA GLY A 225 23.71 -7.57 -18.45
C GLY A 225 22.63 -8.48 -17.89
N GLY A 226 22.15 -9.44 -18.69
CA GLY A 226 21.11 -10.39 -18.26
C GLY A 226 21.76 -11.54 -17.50
N ASP A 227 20.94 -12.58 -17.19
CA ASP A 227 21.37 -13.61 -16.25
C ASP A 227 20.52 -14.86 -16.53
N PRO A 228 21.12 -15.95 -16.97
CA PRO A 228 20.40 -17.22 -17.15
C PRO A 228 19.65 -17.62 -15.90
N ILE A 229 20.21 -17.30 -14.73
CA ILE A 229 19.61 -17.75 -13.48
C ILE A 229 18.29 -17.05 -13.22
N LEU A 230 18.11 -15.81 -13.73
CA LEU A 230 16.77 -15.16 -13.58
C LEU A 230 15.68 -16.01 -14.24
N TYR A 231 15.96 -16.57 -15.41
CA TYR A 231 14.93 -17.44 -16.03
C TYR A 231 14.57 -18.60 -15.11
N GLN A 232 15.59 -19.21 -14.48
CA GLN A 232 15.33 -20.37 -13.61
C GLN A 232 14.42 -19.98 -12.45
N HIS A 233 14.69 -18.86 -11.80
CA HIS A 233 13.75 -18.35 -10.77
C HIS A 233 12.32 -18.18 -11.27
N LEU A 234 12.12 -17.56 -12.45
CA LEU A 234 10.76 -17.32 -12.89
C LEU A 234 10.12 -18.63 -13.25
N PHE A 235 10.88 -19.51 -13.90
CA PHE A 235 10.33 -20.81 -14.26
C PHE A 235 9.93 -21.59 -13.02
N TRP A 236 10.82 -21.71 -12.03
CA TRP A 236 10.46 -22.55 -10.89
C TRP A 236 9.54 -21.86 -9.89
N PHE A 237 9.45 -20.52 -9.94
CA PHE A 237 8.40 -19.86 -9.15
C PHE A 237 7.04 -20.38 -9.60
N PHE A 238 6.90 -20.66 -10.90
CA PHE A 238 5.72 -21.41 -11.38
C PHE A 238 5.85 -22.91 -11.10
N GLY A 239 7.02 -23.48 -11.37
CA GLY A 239 7.13 -24.93 -11.49
C GLY A 239 6.96 -25.68 -10.20
N HIS A 240 7.32 -25.07 -9.03
CA HIS A 240 6.93 -25.80 -7.81
C HIS A 240 5.44 -25.73 -7.53
N PRO A 241 4.79 -24.56 -7.55
CA PRO A 241 3.30 -24.62 -7.49
C PRO A 241 2.72 -25.62 -8.51
N GLU A 242 3.29 -25.68 -9.74
CA GLU A 242 2.79 -26.64 -10.72
C GLU A 242 2.79 -28.08 -10.18
N VAL A 243 3.86 -28.52 -9.46
CA VAL A 243 3.79 -29.94 -9.09
C VAL A 243 2.70 -30.17 -8.05
N TYR A 244 2.40 -29.14 -7.23
CA TYR A 244 1.25 -29.30 -6.31
C TYR A 244 -0.08 -29.23 -7.08
N ILE A 245 -0.14 -28.40 -8.12
CA ILE A 245 -1.32 -28.38 -8.99
C ILE A 245 -1.56 -29.77 -9.58
N LEU A 246 -0.49 -30.48 -9.91
CA LEU A 246 -0.63 -31.80 -10.53
C LEU A 246 -1.13 -32.82 -9.54
N ILE A 247 -0.90 -32.63 -8.24
CA ILE A 247 -1.32 -33.68 -7.30
C ILE A 247 -2.58 -33.31 -6.51
N LEU A 248 -2.85 -32.01 -6.29
CA LEU A 248 -3.98 -31.65 -5.41
C LEU A 248 -5.33 -32.24 -5.84
N PRO A 249 -5.74 -32.16 -7.12
CA PRO A 249 -7.01 -32.82 -7.48
C PRO A 249 -6.97 -34.32 -7.27
N GLY A 250 -5.78 -34.87 -7.40
CA GLY A 250 -5.57 -36.26 -7.05
C GLY A 250 -5.84 -36.53 -5.58
N PHE A 251 -5.27 -35.70 -4.71
CA PHE A 251 -5.61 -35.84 -3.29
C PHE A 251 -7.13 -35.77 -3.10
N GLY A 252 -7.78 -34.82 -3.77
CA GLY A 252 -9.25 -34.71 -3.62
C GLY A 252 -9.96 -36.01 -4.04
N MET A 253 -9.60 -36.54 -5.22
CA MET A 253 -10.25 -37.81 -5.67
C MET A 253 -9.93 -38.95 -4.70
N ILE A 254 -8.68 -39.07 -4.26
CA ILE A 254 -8.31 -40.12 -3.29
C ILE A 254 -9.18 -40.02 -2.02
N SER A 255 -9.36 -38.80 -1.49
CA SER A 255 -10.26 -38.66 -0.32
C SER A 255 -11.65 -39.26 -0.60
N HIS A 256 -12.22 -38.96 -1.77
CA HIS A 256 -13.59 -39.48 -2.06
C HIS A 256 -13.55 -40.99 -2.22
N ILE A 257 -12.52 -41.50 -2.94
CA ILE A 257 -12.49 -42.94 -3.20
C ILE A 257 -12.31 -43.71 -1.91
N VAL A 258 -11.32 -43.31 -1.11
CA VAL A 258 -11.07 -44.01 0.14
C VAL A 258 -12.31 -43.96 1.03
N THR A 259 -12.95 -42.80 1.11
CA THR A 259 -14.18 -42.71 1.93
C THR A 259 -15.23 -43.68 1.42
N TYR A 260 -15.48 -43.65 0.11
CA TYR A 260 -16.53 -44.44 -0.49
C TYR A 260 -16.30 -45.96 -0.27
N TYR A 261 -15.11 -46.46 -0.64
CA TYR A 261 -14.94 -47.91 -0.58
C TYR A 261 -14.58 -48.37 0.82
N SER A 262 -14.45 -47.42 1.77
CA SER A 262 -14.43 -47.83 3.17
C SER A 262 -15.86 -47.93 3.71
N GLY A 263 -16.86 -47.55 2.93
CA GLY A 263 -18.23 -47.59 3.46
C GLY A 263 -18.54 -46.49 4.44
N LYS A 264 -17.79 -45.38 4.34
CA LYS A 264 -17.93 -44.31 5.30
C LYS A 264 -18.77 -43.22 4.67
N LYS A 265 -19.45 -42.47 5.55
CA LYS A 265 -20.19 -41.33 5.06
C LYS A 265 -19.30 -40.10 4.87
N GLU A 266 -18.09 -40.09 5.43
CA GLU A 266 -17.27 -38.89 5.38
C GLU A 266 -15.83 -39.28 5.58
N PRO A 267 -14.90 -38.47 5.07
CA PRO A 267 -13.48 -38.70 5.37
C PRO A 267 -13.21 -38.34 6.81
N PHE A 268 -12.17 -38.97 7.34
CA PHE A 268 -11.72 -38.65 8.69
C PHE A 268 -11.14 -37.25 8.68
N GLY A 269 -11.50 -36.48 9.71
CA GLY A 269 -10.77 -35.22 9.90
C GLY A 269 -10.95 -34.22 8.75
N TYR A 270 -12.21 -33.91 8.40
CA TYR A 270 -12.47 -33.04 7.23
C TYR A 270 -11.74 -31.67 7.34
N MET A 271 -11.88 -30.97 8.48
CA MET A 271 -11.27 -29.65 8.54
C MET A 271 -9.76 -29.75 8.50
N GLY A 272 -9.18 -30.85 9.05
CA GLY A 272 -7.74 -31.05 8.92
C GLY A 272 -7.31 -31.26 7.49
N MET A 273 -8.17 -31.90 6.70
CA MET A 273 -7.88 -32.12 5.27
C MET A 273 -7.89 -30.80 4.50
N VAL A 274 -8.89 -29.94 4.79
CA VAL A 274 -8.94 -28.60 4.21
C VAL A 274 -7.71 -27.80 4.62
N TRP A 275 -7.40 -27.79 5.91
CA TRP A 275 -6.21 -27.10 6.40
C TRP A 275 -4.97 -27.61 5.65
N ALA A 276 -4.88 -28.93 5.52
CA ALA A 276 -3.65 -29.47 4.91
C ALA A 276 -3.50 -29.03 3.44
N MET A 277 -4.59 -29.11 2.67
CA MET A 277 -4.50 -28.67 1.29
C MET A 277 -4.20 -27.17 1.21
N MET A 278 -4.84 -26.34 2.06
CA MET A 278 -4.51 -24.91 2.01
C MET A 278 -3.05 -24.68 2.37
N SER A 279 -2.56 -25.38 3.41
CA SER A 279 -1.18 -25.20 3.88
C SER A 279 -0.20 -25.64 2.80
N ILE A 280 -0.50 -26.77 2.14
CA ILE A 280 0.36 -27.23 1.04
C ILE A 280 0.38 -26.19 -0.08
N GLY A 281 -0.82 -25.68 -0.43
CA GLY A 281 -0.89 -24.64 -1.46
C GLY A 281 -0.03 -23.42 -1.14
N PHE A 282 -0.11 -22.95 0.11
CA PHE A 282 0.60 -21.74 0.50
C PHE A 282 2.10 -21.99 0.54
N LEU A 283 2.51 -23.06 1.22
CA LEU A 283 3.94 -23.35 1.27
C LEU A 283 4.53 -23.65 -0.10
N GLY A 284 3.69 -24.16 -1.01
CA GLY A 284 4.16 -24.43 -2.37
C GLY A 284 4.67 -23.20 -3.11
N PHE A 285 4.43 -21.99 -2.62
CA PHE A 285 4.94 -20.77 -3.26
C PHE A 285 6.24 -20.26 -2.68
N ILE A 286 6.76 -20.90 -1.61
CA ILE A 286 7.91 -20.27 -0.95
C ILE A 286 9.13 -21.19 -0.91
N VAL A 287 9.17 -22.19 -1.82
CA VAL A 287 10.19 -23.23 -1.79
C VAL A 287 10.91 -23.43 -3.11
N TRP A 288 10.59 -22.63 -4.13
CA TRP A 288 10.99 -23.01 -5.51
C TRP A 288 12.48 -23.19 -5.67
N ALA A 289 13.31 -22.51 -4.88
CA ALA A 289 14.73 -22.52 -5.22
C ALA A 289 15.39 -23.83 -4.82
N HIS A 290 14.67 -24.80 -4.23
CA HIS A 290 15.23 -26.13 -4.12
C HIS A 290 15.40 -26.83 -5.44
N HIS A 291 14.96 -26.21 -6.56
CA HIS A 291 15.32 -26.67 -7.91
C HIS A 291 16.62 -26.04 -8.39
N MET A 292 17.29 -25.30 -7.49
CA MET A 292 18.43 -24.47 -7.90
C MET A 292 19.56 -24.59 -6.88
N PHE A 293 19.64 -25.69 -6.13
CA PHE A 293 20.69 -25.72 -5.08
C PHE A 293 22.10 -25.81 -5.63
N THR A 294 22.28 -26.16 -6.91
CA THR A 294 23.66 -26.22 -7.43
C THR A 294 24.02 -25.04 -8.33
N VAL A 295 23.22 -23.96 -8.38
CA VAL A 295 23.49 -22.86 -9.29
C VAL A 295 24.49 -21.87 -8.73
N GLY A 296 24.85 -21.97 -7.47
CA GLY A 296 25.80 -21.01 -6.90
C GLY A 296 25.09 -20.12 -5.92
N MET A 297 24.32 -20.69 -5.02
CA MET A 297 23.47 -19.86 -4.18
C MET A 297 24.11 -19.73 -2.79
N ASP A 298 23.89 -18.57 -2.13
CA ASP A 298 24.47 -18.35 -0.80
C ASP A 298 23.97 -19.41 0.20
N VAL A 299 24.79 -19.71 1.20
CA VAL A 299 24.51 -20.77 2.15
C VAL A 299 23.25 -20.46 2.98
N ASP A 300 23.05 -19.22 3.39
CA ASP A 300 21.84 -18.93 4.17
C ASP A 300 20.57 -19.14 3.33
N THR A 301 20.63 -18.77 2.06
CA THR A 301 19.48 -19.05 1.22
C THR A 301 19.25 -20.56 1.09
N ARG A 302 20.32 -21.36 0.94
CA ARG A 302 20.12 -22.81 0.91
C ARG A 302 19.51 -23.31 2.19
N ALA A 303 19.93 -22.75 3.33
CA ALA A 303 19.38 -23.20 4.61
C ALA A 303 17.89 -22.90 4.70
N TYR A 304 17.47 -21.70 4.29
CA TYR A 304 16.05 -21.35 4.29
C TYR A 304 15.27 -22.31 3.38
N PHE A 305 15.74 -22.50 2.13
CA PHE A 305 14.93 -23.33 1.25
C PHE A 305 14.87 -24.78 1.71
N THR A 306 15.97 -25.31 2.22
CA THR A 306 15.92 -26.63 2.85
C THR A 306 14.80 -26.69 3.90
N SER A 307 14.79 -25.74 4.82
CA SER A 307 13.86 -25.79 5.96
C SER A 307 12.42 -25.60 5.52
N ALA A 308 12.15 -24.58 4.70
CA ALA A 308 10.79 -24.34 4.24
C ALA A 308 10.26 -25.53 3.47
N THR A 309 11.10 -26.15 2.63
CA THR A 309 10.66 -27.32 1.87
C THR A 309 10.25 -28.46 2.80
N MET A 310 11.04 -28.72 3.85
CA MET A 310 10.73 -29.85 4.72
C MET A 310 9.39 -29.68 5.44
N ILE A 311 9.02 -28.45 5.78
CA ILE A 311 7.78 -28.20 6.54
C ILE A 311 6.57 -28.77 5.83
N ILE A 312 6.59 -28.80 4.49
CA ILE A 312 5.42 -29.32 3.73
C ILE A 312 5.09 -30.77 4.11
N ALA A 313 6.07 -31.52 4.64
CA ALA A 313 5.75 -32.88 5.12
C ALA A 313 4.70 -32.88 6.23
N ILE A 314 4.62 -31.81 7.02
CA ILE A 314 3.69 -31.88 8.16
C ILE A 314 2.25 -31.88 7.66
N PRO A 315 1.76 -30.89 6.87
CA PRO A 315 0.34 -31.03 6.40
C PRO A 315 0.16 -32.24 5.52
N THR A 316 1.19 -32.65 4.75
CA THR A 316 0.98 -33.79 3.89
C THR A 316 0.78 -35.02 4.72
N GLY A 317 1.55 -35.14 5.82
CA GLY A 317 1.38 -36.30 6.69
C GLY A 317 -0.01 -36.36 7.30
N VAL A 318 -0.57 -35.21 7.66
CA VAL A 318 -1.94 -35.21 8.16
C VAL A 318 -2.88 -35.81 7.12
N LYS A 319 -2.66 -35.50 5.84
CA LYS A 319 -3.57 -36.12 4.86
C LYS A 319 -3.35 -37.63 4.80
N VAL A 320 -2.07 -38.07 4.75
CA VAL A 320 -1.83 -39.52 4.66
C VAL A 320 -2.43 -40.26 5.85
N PHE A 321 -2.18 -39.75 7.06
CA PHE A 321 -2.73 -40.43 8.23
C PHE A 321 -4.25 -40.33 8.27
N SER A 322 -4.83 -39.23 7.79
CA SER A 322 -6.30 -39.17 7.76
C SER A 322 -6.89 -40.13 6.74
N TRP A 323 -6.20 -40.38 5.59
CA TRP A 323 -6.68 -41.46 4.72
C TRP A 323 -6.65 -42.80 5.45
N LEU A 324 -5.56 -43.08 6.17
CA LEU A 324 -5.50 -44.34 6.93
C LEU A 324 -6.64 -44.39 7.94
N ALA A 325 -6.89 -43.28 8.63
CA ALA A 325 -7.98 -43.21 9.62
C ALA A 325 -9.35 -43.29 8.97
N THR A 326 -9.46 -42.99 7.68
CA THR A 326 -10.72 -43.22 6.98
C THR A 326 -10.94 -44.71 6.72
N LEU A 327 -9.87 -45.42 6.38
CA LEU A 327 -9.97 -46.89 6.20
C LEU A 327 -10.35 -47.56 7.51
N HIS A 328 -9.84 -47.02 8.61
CA HIS A 328 -9.97 -47.64 9.92
C HIS A 328 -11.44 -47.88 10.25
N GLY A 329 -11.78 -49.16 10.51
CA GLY A 329 -13.16 -49.50 10.86
C GLY A 329 -14.05 -49.59 9.64
N GLY A 330 -13.49 -49.41 8.43
CA GLY A 330 -14.34 -49.45 7.26
C GLY A 330 -14.89 -50.84 6.97
N ASN A 331 -16.01 -50.85 6.29
CA ASN A 331 -16.48 -52.04 5.59
C ASN A 331 -15.77 -52.01 4.24
N ILE A 332 -14.58 -52.60 4.17
CA ILE A 332 -13.70 -52.36 3.01
C ILE A 332 -14.27 -53.10 1.81
N LYS A 333 -14.52 -52.37 0.72
CA LYS A 333 -14.88 -52.99 -0.54
C LYS A 333 -13.63 -52.98 -1.42
N TRP A 334 -13.15 -54.18 -1.79
CA TRP A 334 -11.91 -54.31 -2.58
C TRP A 334 -12.18 -54.14 -4.07
N SER A 335 -12.71 -52.99 -4.42
CA SER A 335 -13.01 -52.63 -5.81
C SER A 335 -11.70 -52.23 -6.49
N PRO A 336 -11.69 -52.19 -7.83
CA PRO A 336 -10.45 -51.78 -8.49
C PRO A 336 -10.12 -50.34 -8.14
N ALA A 337 -11.13 -49.46 -7.98
CA ALA A 337 -10.78 -48.07 -7.63
C ALA A 337 -10.10 -48.00 -6.26
N MET A 338 -10.56 -48.83 -5.33
CA MET A 338 -9.90 -48.90 -4.04
C MET A 338 -8.44 -49.33 -4.17
N MET A 339 -8.18 -50.34 -5.03
CA MET A 339 -6.78 -50.78 -5.22
C MET A 339 -5.94 -49.61 -5.72
N TRP A 340 -6.46 -48.88 -6.74
CA TRP A 340 -5.72 -47.70 -7.24
C TRP A 340 -5.41 -46.72 -6.10
N ALA A 341 -6.39 -46.49 -5.23
CA ALA A 341 -6.19 -45.50 -4.19
C ALA A 341 -5.22 -46.00 -3.14
N LEU A 342 -5.26 -47.30 -2.85
CA LEU A 342 -4.29 -47.81 -1.87
C LEU A 342 -2.90 -47.80 -2.45
N GLY A 343 -2.78 -48.14 -3.73
CA GLY A 343 -1.47 -48.03 -4.38
C GLY A 343 -0.97 -46.59 -4.37
N PHE A 344 -1.90 -45.64 -4.58
CA PHE A 344 -1.56 -44.21 -4.49
C PHE A 344 -0.95 -43.88 -3.14
N ILE A 345 -1.64 -44.29 -2.05
CA ILE A 345 -1.19 -43.84 -0.74
C ILE A 345 0.25 -44.30 -0.51
N PHE A 346 0.53 -45.54 -0.86
CA PHE A 346 1.87 -46.06 -0.58
C PHE A 346 2.92 -45.46 -1.50
N LEU A 347 2.64 -45.37 -2.79
CA LEU A 347 3.68 -44.92 -3.73
C LEU A 347 3.90 -43.40 -3.64
N PHE A 348 2.82 -42.66 -3.38
CA PHE A 348 2.96 -41.24 -3.07
C PHE A 348 3.81 -41.05 -1.82
N THR A 349 3.60 -41.86 -0.78
CA THR A 349 4.42 -41.73 0.42
C THR A 349 5.90 -41.99 0.12
N VAL A 350 6.20 -43.01 -0.69
CA VAL A 350 7.62 -43.27 -1.03
C VAL A 350 8.20 -42.06 -1.74
N GLY A 351 7.47 -41.52 -2.71
CA GLY A 351 8.04 -40.42 -3.49
C GLY A 351 8.11 -39.16 -2.66
N GLY A 352 7.15 -38.94 -1.79
CA GLY A 352 7.27 -37.77 -0.93
C GLY A 352 8.48 -37.86 -0.04
N LEU A 353 8.78 -39.09 0.44
CA LEU A 353 9.91 -39.21 1.35
C LEU A 353 11.25 -39.02 0.61
N THR A 354 11.34 -39.45 -0.65
CA THR A 354 12.59 -39.13 -1.36
C THR A 354 12.65 -37.66 -1.69
N GLY A 355 11.51 -36.99 -1.76
CA GLY A 355 11.55 -35.53 -1.86
C GLY A 355 12.12 -34.88 -0.61
N ILE A 356 11.81 -35.43 0.58
CA ILE A 356 12.43 -34.92 1.81
C ILE A 356 13.95 -35.16 1.80
N VAL A 357 14.42 -36.29 1.26
CA VAL A 357 15.86 -36.45 1.10
C VAL A 357 16.43 -35.28 0.27
N LEU A 358 15.82 -35.04 -0.89
CA LEU A 358 16.31 -34.01 -1.81
C LEU A 358 16.24 -32.59 -1.24
N ALA A 359 15.31 -32.34 -0.33
CA ALA A 359 15.20 -31.02 0.27
C ALA A 359 16.41 -30.65 1.05
N ASN A 360 17.18 -31.63 1.49
CA ASN A 360 18.44 -31.33 2.15
C ASN A 360 19.52 -30.89 1.16
N SER A 361 19.79 -29.58 1.10
CA SER A 361 20.61 -29.08 -0.03
C SER A 361 21.99 -29.73 -0.03
N SER A 362 22.55 -30.04 1.13
CA SER A 362 23.89 -30.71 1.08
C SER A 362 23.83 -32.04 0.33
N LEU A 363 22.82 -32.88 0.60
CA LEU A 363 22.71 -34.10 -0.18
C LEU A 363 22.29 -33.81 -1.60
N ASP A 364 21.43 -32.79 -1.81
CA ASP A 364 21.00 -32.49 -3.17
C ASP A 364 22.16 -32.10 -4.06
N ILE A 365 23.27 -31.53 -3.51
CA ILE A 365 24.44 -31.32 -4.39
C ILE A 365 24.77 -32.60 -5.14
N VAL A 366 24.78 -33.73 -4.44
CA VAL A 366 25.19 -34.97 -5.13
C VAL A 366 24.02 -35.62 -5.88
N LEU A 367 22.76 -35.34 -5.50
CA LEU A 367 21.63 -36.03 -6.15
C LEU A 367 21.01 -35.22 -7.28
N HIS A 368 21.28 -33.92 -7.30
CA HIS A 368 20.66 -33.04 -8.29
C HIS A 368 21.08 -33.47 -9.69
N ASP A 369 20.14 -33.35 -10.66
CA ASP A 369 20.48 -33.70 -12.05
C ASP A 369 21.00 -35.15 -12.16
N THR A 370 20.49 -36.04 -11.28
CA THR A 370 20.72 -37.48 -11.40
C THR A 370 19.37 -38.20 -11.44
N TYR A 371 19.44 -39.50 -11.72
CA TYR A 371 18.20 -40.29 -11.70
C TYR A 371 17.55 -40.38 -10.33
N TYR A 372 18.16 -39.92 -9.24
CA TYR A 372 17.46 -39.98 -7.98
C TYR A 372 16.30 -39.01 -8.03
N VAL A 373 16.48 -37.88 -8.73
CA VAL A 373 15.36 -36.92 -8.88
C VAL A 373 14.31 -37.53 -9.77
N VAL A 374 14.73 -38.16 -10.88
CA VAL A 374 13.76 -38.82 -11.78
C VAL A 374 12.94 -39.86 -11.03
N ALA A 375 13.59 -40.61 -10.15
CA ALA A 375 12.86 -41.61 -9.34
C ALA A 375 11.89 -40.93 -8.35
N HIS A 376 12.35 -39.91 -7.63
CA HIS A 376 11.44 -39.14 -6.76
C HIS A 376 10.19 -38.75 -7.53
N PHE A 377 10.37 -38.06 -8.68
CA PHE A 377 9.11 -37.51 -9.18
C PHE A 377 8.33 -38.52 -10.01
N HIS A 378 8.94 -39.61 -10.49
CA HIS A 378 7.98 -40.58 -11.08
C HIS A 378 7.20 -41.38 -10.03
N TYR A 379 7.70 -41.48 -8.80
CA TYR A 379 6.83 -41.99 -7.73
C TYR A 379 5.71 -40.98 -7.41
N VAL A 380 5.95 -39.69 -7.35
N VAL A 380 6.13 -39.78 -6.99
CA VAL A 380 4.72 -38.91 -7.07
CA VAL A 380 5.20 -38.87 -6.32
C VAL A 380 3.83 -38.70 -8.31
C VAL A 380 4.33 -38.17 -7.33
N LEU A 381 4.35 -38.81 -9.53
N LEU A 381 4.88 -37.85 -8.52
CA LEU A 381 3.55 -38.58 -10.74
CA LEU A 381 4.13 -37.21 -9.60
C LEU A 381 3.03 -39.85 -11.41
C LEU A 381 3.58 -38.24 -10.58
N SER A 382 3.88 -40.84 -11.66
N SER A 382 4.45 -38.98 -11.25
CA SER A 382 3.38 -42.05 -12.30
CA SER A 382 3.97 -39.84 -12.33
C SER A 382 2.72 -42.98 -11.31
C SER A 382 3.04 -40.95 -11.82
N MET A 383 3.01 -42.87 -10.03
N MET A 383 3.48 -41.71 -10.83
CA MET A 383 2.33 -43.69 -9.03
CA MET A 383 2.57 -42.69 -10.22
C MET A 383 1.52 -42.86 -8.05
C MET A 383 1.46 -42.01 -9.40
N GLY A 384 1.33 -41.58 -8.33
N GLY A 384 1.81 -41.00 -8.62
CA GLY A 384 0.51 -40.69 -7.52
CA GLY A 384 0.79 -40.31 -7.85
C GLY A 384 -0.56 -40.11 -8.39
C GLY A 384 -0.33 -39.86 -8.74
N ALA A 385 -0.22 -39.07 -9.14
N ALA A 385 -0.02 -39.11 -9.78
CA ALA A 385 -1.23 -38.43 -9.97
CA ALA A 385 -1.09 -38.60 -10.64
C ALA A 385 -1.92 -39.43 -10.88
C ALA A 385 -1.75 -39.72 -11.44
N VAL A 386 -1.15 -40.30 -11.53
N VAL A 386 -0.97 -40.67 -11.93
CA VAL A 386 -1.72 -41.28 -12.46
CA VAL A 386 -1.62 -41.68 -12.75
C VAL A 386 -2.61 -42.28 -11.72
C VAL A 386 -2.51 -42.56 -11.88
N PHE A 387 -2.08 -42.88 -10.65
CA PHE A 387 -2.93 -43.79 -9.86
C PHE A 387 -4.20 -43.12 -9.38
N ALA A 388 -4.10 -41.85 -9.04
CA ALA A 388 -5.36 -41.15 -8.70
C ALA A 388 -6.25 -41.01 -9.92
N ILE A 389 -5.70 -40.66 -11.08
CA ILE A 389 -6.50 -40.61 -12.31
C ILE A 389 -7.15 -41.96 -12.59
N MET A 390 -6.38 -43.06 -12.52
CA MET A 390 -7.02 -44.36 -12.80
C MET A 390 -8.07 -44.71 -11.76
N GLY A 391 -7.81 -44.45 -10.49
CA GLY A 391 -8.82 -44.66 -9.46
C GLY A 391 -10.09 -43.89 -9.75
N GLY A 392 -9.95 -42.59 -10.01
CA GLY A 392 -11.10 -41.76 -10.36
C GLY A 392 -11.79 -42.24 -11.63
N PHE A 393 -11.01 -42.65 -12.63
CA PHE A 393 -11.63 -43.06 -13.88
C PHE A 393 -12.45 -44.33 -13.64
N VAL A 394 -11.86 -45.31 -12.96
CA VAL A 394 -12.61 -46.56 -12.72
C VAL A 394 -13.84 -46.28 -11.86
N HIS A 395 -13.68 -45.47 -10.80
CA HIS A 395 -14.79 -45.17 -9.87
C HIS A 395 -15.93 -44.46 -10.57
N TRP A 396 -15.64 -43.44 -11.38
CA TRP A 396 -16.70 -42.61 -11.94
C TRP A 396 -17.07 -42.95 -13.39
N PHE A 397 -16.36 -43.86 -14.05
CA PHE A 397 -16.78 -44.27 -15.38
C PHE A 397 -18.28 -44.65 -15.44
N PRO A 398 -18.84 -45.34 -14.45
CA PRO A 398 -20.28 -45.66 -14.58
C PRO A 398 -21.15 -44.44 -14.47
N LEU A 399 -20.75 -43.46 -13.69
CA LEU A 399 -21.51 -42.20 -13.66
C LEU A 399 -21.48 -41.53 -15.01
N PHE A 400 -20.27 -41.38 -15.60
CA PHE A 400 -20.13 -40.61 -16.85
C PHE A 400 -20.82 -41.33 -18.00
N SER A 401 -20.70 -42.67 -18.03
CA SER A 401 -21.18 -43.41 -19.20
C SER A 401 -22.55 -44.09 -19.03
N GLY A 402 -22.94 -44.45 -17.82
CA GLY A 402 -24.12 -45.29 -17.64
C GLY A 402 -23.79 -46.76 -17.68
N TYR A 403 -22.52 -47.14 -17.92
CA TYR A 403 -22.16 -48.56 -18.13
C TYR A 403 -21.12 -49.00 -17.12
N THR A 404 -21.07 -50.30 -16.83
CA THR A 404 -20.05 -50.78 -15.88
C THR A 404 -18.86 -51.38 -16.60
N LEU A 405 -17.69 -51.22 -15.95
CA LEU A 405 -16.52 -51.94 -16.38
C LEU A 405 -16.59 -53.36 -15.89
N ASN A 406 -15.75 -54.21 -16.48
CA ASN A 406 -15.54 -55.52 -15.93
C ASN A 406 -14.53 -55.42 -14.79
N ASP A 407 -14.96 -55.70 -13.56
CA ASP A 407 -14.09 -55.46 -12.40
C ASP A 407 -12.90 -56.40 -12.40
N THR A 408 -13.09 -57.64 -12.88
CA THR A 408 -11.95 -58.55 -12.89
C THR A 408 -10.88 -58.04 -13.84
N TRP A 409 -11.30 -57.57 -15.01
CA TRP A 409 -10.28 -57.05 -15.92
C TRP A 409 -9.63 -55.82 -15.31
N ALA A 410 -10.42 -54.97 -14.66
CA ALA A 410 -9.85 -53.76 -14.04
C ALA A 410 -8.84 -54.10 -12.95
N LYS A 411 -9.08 -55.16 -12.19
CA LYS A 411 -8.10 -55.56 -11.19
C LYS A 411 -6.84 -56.14 -11.84
N ILE A 412 -6.98 -56.90 -12.94
CA ILE A 412 -5.81 -57.39 -13.67
C ILE A 412 -4.97 -56.20 -14.15
N HIS A 413 -5.66 -55.20 -14.72
CA HIS A 413 -4.97 -54.01 -15.20
C HIS A 413 -4.17 -53.32 -14.08
N PHE A 414 -4.81 -53.09 -12.92
CA PHE A 414 -4.08 -52.54 -11.76
C PHE A 414 -2.84 -53.35 -11.41
N ALA A 415 -2.99 -54.68 -11.34
CA ALA A 415 -1.85 -55.53 -10.96
C ALA A 415 -0.66 -55.35 -11.92
N ILE A 416 -0.94 -55.34 -13.23
CA ILE A 416 0.11 -55.26 -14.22
C ILE A 416 0.79 -53.91 -14.09
N MET A 417 0.00 -52.84 -13.97
CA MET A 417 0.58 -51.51 -13.86
C MET A 417 1.44 -51.39 -12.59
N PHE A 418 0.97 -51.92 -11.46
CA PHE A 418 1.71 -51.79 -10.21
C PHE A 418 3.07 -52.46 -10.33
N VAL A 419 3.10 -53.66 -10.96
CA VAL A 419 4.41 -54.28 -11.17
C VAL A 419 5.26 -53.45 -12.11
N GLY A 420 4.66 -53.01 -13.22
CA GLY A 420 5.42 -52.28 -14.22
C GLY A 420 6.05 -51.00 -13.68
N VAL A 421 5.26 -50.16 -12.98
CA VAL A 421 5.86 -48.87 -12.61
C VAL A 421 6.90 -49.07 -11.54
N ASN A 422 6.73 -50.04 -10.64
CA ASN A 422 7.78 -50.25 -9.65
C ASN A 422 9.07 -50.84 -10.26
N MET A 423 8.93 -51.80 -11.19
CA MET A 423 10.13 -52.30 -11.91
C MET A 423 10.82 -51.18 -12.67
N THR A 424 10.03 -50.28 -13.27
CA THR A 424 10.63 -49.15 -14.02
C THR A 424 11.40 -48.22 -13.11
N PHE A 425 10.77 -47.77 -12.04
CA PHE A 425 11.36 -46.60 -11.36
C PHE A 425 12.15 -46.95 -10.11
N PHE A 426 11.86 -48.05 -9.43
CA PHE A 426 12.58 -48.28 -8.18
C PHE A 426 14.09 -48.36 -8.41
N PRO A 427 14.56 -49.07 -9.45
CA PRO A 427 16.03 -49.12 -9.63
C PRO A 427 16.64 -47.78 -9.94
N GLN A 428 15.85 -46.82 -10.45
CA GLN A 428 16.44 -45.51 -10.73
C GLN A 428 16.96 -44.83 -9.45
N HIS A 429 16.48 -45.23 -8.25
CA HIS A 429 17.12 -44.71 -7.06
C HIS A 429 18.61 -45.09 -7.02
N PHE A 430 18.90 -46.35 -7.31
CA PHE A 430 20.29 -46.80 -7.26
C PHE A 430 21.14 -46.09 -8.29
N LEU A 431 20.61 -45.97 -9.52
CA LEU A 431 21.30 -45.20 -10.56
C LEU A 431 21.60 -43.81 -10.07
N GLY A 432 20.63 -43.13 -9.41
CA GLY A 432 20.94 -41.76 -8.96
C GLY A 432 21.96 -41.70 -7.82
N LEU A 433 21.80 -42.59 -6.83
CA LEU A 433 22.75 -42.58 -5.69
C LEU A 433 24.15 -42.85 -6.20
N SER A 434 24.25 -43.68 -7.23
CA SER A 434 25.57 -44.06 -7.73
C SER A 434 26.05 -43.10 -8.82
N GLY A 435 25.30 -42.03 -9.10
CA GLY A 435 25.86 -40.91 -9.86
C GLY A 435 25.42 -40.82 -11.33
N MET A 436 24.42 -41.66 -11.78
CA MET A 436 24.06 -41.54 -13.20
C MET A 436 23.32 -40.23 -13.44
N PRO A 437 23.75 -39.39 -14.39
CA PRO A 437 23.04 -38.12 -14.62
C PRO A 437 21.70 -38.38 -15.30
N ARG A 438 20.76 -37.44 -15.08
CA ARG A 438 19.57 -37.49 -15.93
C ARG A 438 19.87 -36.79 -17.26
N ARG A 439 18.94 -36.97 -18.21
CA ARG A 439 18.97 -36.34 -19.53
C ARG A 439 20.14 -36.86 -20.34
N TYR A 440 20.49 -38.11 -20.12
CA TYR A 440 21.59 -38.77 -20.86
C TYR A 440 21.00 -39.81 -21.82
N SER A 441 21.59 -39.91 -23.03
CA SER A 441 21.16 -40.93 -23.99
C SER A 441 21.93 -42.23 -23.83
N ASP A 442 22.95 -42.27 -22.97
CA ASP A 442 23.78 -43.44 -22.81
C ASP A 442 24.59 -43.21 -21.51
N TYR A 443 25.14 -44.30 -20.97
CA TYR A 443 25.70 -44.29 -19.61
C TYR A 443 26.93 -45.14 -19.52
N PRO A 444 27.84 -44.79 -18.64
CA PRO A 444 28.98 -45.67 -18.35
C PRO A 444 28.47 -47.08 -18.04
N ASP A 445 29.29 -48.06 -18.39
CA ASP A 445 28.83 -49.45 -18.43
C ASP A 445 28.35 -49.95 -17.08
N ALA A 446 28.93 -49.43 -15.99
CA ALA A 446 28.56 -49.91 -14.65
C ALA A 446 27.07 -49.78 -14.45
N TYR A 447 26.46 -48.83 -15.09
CA TYR A 447 25.02 -48.58 -14.85
C TYR A 447 24.09 -49.48 -15.67
N THR A 448 24.65 -50.42 -16.42
CA THR A 448 23.84 -51.23 -17.33
C THR A 448 22.73 -52.01 -16.62
N MET A 449 23.04 -52.69 -15.51
CA MET A 449 22.05 -53.62 -14.93
C MET A 449 20.75 -52.89 -14.60
N TRP A 450 20.85 -51.79 -13.86
CA TRP A 450 19.59 -51.15 -13.47
C TRP A 450 18.88 -50.49 -14.65
N ASN A 451 19.60 -49.93 -15.63
CA ASN A 451 18.90 -49.38 -16.81
C ASN A 451 18.16 -50.48 -17.59
N THR A 452 18.76 -51.67 -17.67
CA THR A 452 18.11 -52.80 -18.35
C THR A 452 16.80 -53.17 -17.64
N ILE A 453 16.87 -53.32 -16.33
CA ILE A 453 15.64 -53.67 -15.61
C ILE A 453 14.60 -52.57 -15.77
N SER A 454 15.02 -51.32 -15.67
CA SER A 454 14.07 -50.21 -15.72
C SER A 454 13.37 -50.21 -17.06
N SER A 455 14.12 -50.44 -18.14
CA SER A 455 13.48 -50.46 -19.45
C SER A 455 12.56 -51.65 -19.61
N MET A 456 12.91 -52.80 -19.04
CA MET A 456 11.97 -53.95 -19.13
C MET A 456 10.68 -53.61 -18.39
N GLY A 457 10.84 -52.90 -17.25
CA GLY A 457 9.64 -52.42 -16.52
C GLY A 457 8.76 -51.55 -17.39
N SER A 458 9.36 -50.74 -18.25
CA SER A 458 8.56 -49.79 -18.99
C SER A 458 7.66 -50.53 -19.97
N PHE A 459 8.11 -51.68 -20.48
CA PHE A 459 7.25 -52.49 -21.35
C PHE A 459 6.09 -53.15 -20.60
N ILE A 460 6.26 -53.50 -19.31
CA ILE A 460 5.11 -54.06 -18.58
C ILE A 460 4.01 -53.01 -18.51
N SER A 461 4.41 -51.73 -18.29
CA SER A 461 3.38 -50.68 -18.18
C SER A 461 2.74 -50.43 -19.52
N LEU A 462 3.51 -50.60 -20.60
CA LEU A 462 2.92 -50.57 -21.95
C LEU A 462 1.81 -51.62 -22.09
N THR A 463 2.09 -52.85 -21.67
CA THR A 463 1.02 -53.87 -21.73
C THR A 463 -0.24 -53.47 -20.94
N ALA A 464 -0.05 -52.89 -19.74
CA ALA A 464 -1.17 -52.37 -18.97
C ALA A 464 -1.95 -51.30 -19.73
N VAL A 465 -1.25 -50.37 -20.41
CA VAL A 465 -1.94 -49.29 -21.13
C VAL A 465 -2.77 -49.87 -22.29
N MET A 466 -2.22 -50.81 -23.03
CA MET A 466 -2.98 -51.50 -24.06
C MET A 466 -4.20 -52.19 -23.47
N LEU A 467 -4.02 -52.87 -22.36
CA LEU A 467 -5.16 -53.55 -21.76
C LEU A 467 -6.21 -52.55 -21.31
N MET A 468 -5.79 -51.36 -20.82
CA MET A 468 -6.78 -50.34 -20.45
C MET A 468 -7.69 -50.00 -21.61
N VAL A 469 -7.12 -49.82 -22.80
CA VAL A 469 -7.98 -49.47 -23.94
C VAL A 469 -8.96 -50.62 -24.22
N PHE A 470 -8.49 -51.84 -24.15
CA PHE A 470 -9.41 -52.98 -24.40
C PHE A 470 -10.51 -52.99 -23.36
N ILE A 471 -10.17 -52.69 -22.10
CA ILE A 471 -11.18 -52.73 -21.04
C ILE A 471 -12.25 -51.66 -21.26
N ILE A 472 -11.87 -50.45 -21.66
CA ILE A 472 -12.87 -49.43 -21.98
C ILE A 472 -13.71 -49.91 -23.17
N TRP A 473 -13.08 -50.48 -24.19
CA TRP A 473 -13.83 -50.99 -25.33
C TRP A 473 -14.84 -52.06 -24.87
N GLU A 474 -14.42 -52.96 -23.98
CA GLU A 474 -15.30 -54.07 -23.61
C GLU A 474 -16.52 -53.52 -22.86
N ALA A 475 -16.34 -52.49 -22.07
CA ALA A 475 -17.48 -51.92 -21.34
C ALA A 475 -18.49 -51.31 -22.30
N PHE A 476 -18.00 -50.50 -23.26
CA PHE A 476 -18.96 -49.92 -24.21
C PHE A 476 -19.51 -50.97 -25.17
N ALA A 477 -18.74 -52.02 -25.43
CA ALA A 477 -19.17 -53.12 -26.29
C ALA A 477 -20.27 -53.97 -25.65
N SER A 478 -20.21 -54.20 -24.33
CA SER A 478 -21.16 -55.08 -23.65
C SER A 478 -22.43 -54.38 -23.16
N LYS A 479 -22.33 -53.09 -22.80
CA LYS A 479 -23.48 -52.27 -22.40
C LYS A 479 -24.25 -52.84 -21.22
N ARG A 480 -23.53 -53.04 -20.10
CA ARG A 480 -24.14 -53.34 -18.80
C ARG A 480 -24.60 -52.03 -18.16
N GLU A 481 -25.90 -51.79 -18.11
CA GLU A 481 -26.35 -50.47 -17.66
C GLU A 481 -26.46 -50.45 -16.14
N VAL A 482 -25.96 -49.35 -15.54
CA VAL A 482 -25.99 -49.21 -14.09
C VAL A 482 -27.42 -49.23 -13.59
N LEU A 483 -27.63 -49.84 -12.40
CA LEU A 483 -28.95 -49.82 -11.75
C LEU A 483 -28.78 -48.96 -10.49
N THR A 484 -28.22 -49.53 -9.41
CA THR A 484 -28.21 -48.80 -8.15
C THR A 484 -26.77 -48.58 -7.70
N VAL A 485 -26.59 -47.47 -7.01
CA VAL A 485 -25.30 -47.08 -6.51
C VAL A 485 -25.43 -46.84 -5.01
N ASP A 486 -24.54 -47.40 -4.19
CA ASP A 486 -24.79 -47.12 -2.77
C ASP A 486 -24.18 -45.80 -2.36
N LEU A 487 -24.53 -45.38 -1.14
CA LEU A 487 -23.95 -44.20 -0.49
C LEU A 487 -24.29 -42.91 -1.22
N THR A 488 -25.41 -42.87 -1.97
CA THR A 488 -25.72 -41.60 -2.60
C THR A 488 -26.01 -40.49 -1.57
N THR A 489 -26.40 -40.81 -0.32
CA THR A 489 -26.65 -39.72 0.63
C THR A 489 -25.40 -38.90 0.89
N THR A 490 -24.21 -39.43 0.61
CA THR A 490 -22.96 -38.62 0.83
C THR A 490 -22.12 -38.52 -0.43
N ASN A 491 -22.77 -38.74 -1.61
CA ASN A 491 -22.05 -38.63 -2.90
C ASN A 491 -23.05 -38.10 -3.91
N LEU A 492 -23.34 -36.81 -3.75
CA LEU A 492 -24.40 -36.12 -4.51
C LEU A 492 -24.25 -36.24 -6.03
N GLU A 493 -23.01 -36.43 -6.52
CA GLU A 493 -22.84 -36.48 -7.96
C GLU A 493 -23.53 -37.69 -8.59
N TRP A 494 -23.86 -38.73 -7.80
CA TRP A 494 -24.53 -39.91 -8.33
C TRP A 494 -26.05 -39.79 -8.30
N LEU A 495 -26.56 -38.78 -7.60
CA LEU A 495 -28.00 -38.83 -7.28
C LEU A 495 -28.93 -38.52 -8.44
N ASN A 496 -28.44 -38.02 -9.56
CA ASN A 496 -29.23 -37.82 -10.76
C ASN A 496 -29.14 -38.97 -11.76
N GLY A 497 -28.61 -40.13 -11.32
CA GLY A 497 -28.57 -41.33 -12.16
C GLY A 497 -27.36 -41.31 -13.11
N CYS A 498 -27.26 -42.36 -13.92
CA CYS A 498 -26.03 -42.66 -14.67
C CYS A 498 -26.38 -42.94 -16.12
N PRO A 499 -25.97 -42.11 -17.08
CA PRO A 499 -25.35 -40.80 -16.86
C PRO A 499 -26.44 -39.84 -16.44
N PRO A 500 -26.10 -38.77 -15.75
CA PRO A 500 -27.14 -37.78 -15.41
C PRO A 500 -27.63 -37.09 -16.65
N PRO A 501 -28.84 -36.53 -16.62
CA PRO A 501 -29.36 -35.81 -17.80
C PRO A 501 -28.46 -34.64 -18.17
N TYR A 502 -28.53 -34.27 -19.45
CA TYR A 502 -27.79 -33.12 -19.93
C TYR A 502 -27.87 -31.90 -19.01
N HIS A 503 -29.09 -31.50 -18.63
CA HIS A 503 -29.28 -30.46 -17.59
C HIS A 503 -29.59 -31.14 -16.26
N THR A 504 -28.81 -30.84 -15.25
CA THR A 504 -29.13 -31.24 -13.87
C THR A 504 -29.27 -30.00 -13.02
N PHE A 505 -29.98 -30.17 -11.89
CA PHE A 505 -30.22 -29.08 -10.93
C PHE A 505 -30.86 -27.87 -11.59
N GLU A 506 -31.71 -28.14 -12.60
CA GLU A 506 -32.56 -27.05 -13.09
C GLU A 506 -33.44 -26.51 -11.96
N GLU A 507 -33.92 -27.40 -11.11
CA GLU A 507 -34.46 -26.99 -9.83
C GLU A 507 -33.36 -27.26 -8.83
N PRO A 508 -32.84 -26.23 -8.13
CA PRO A 508 -31.71 -26.45 -7.23
C PRO A 508 -32.15 -27.29 -6.04
N THR A 509 -31.15 -27.86 -5.38
CA THR A 509 -31.40 -28.59 -4.14
C THR A 509 -32.02 -27.67 -3.09
N TYR A 510 -32.72 -28.28 -2.13
CA TYR A 510 -33.28 -27.58 -0.97
C TYR A 510 -32.35 -27.88 0.20
N VAL A 511 -31.77 -26.85 0.80
CA VAL A 511 -30.92 -27.02 1.98
C VAL A 511 -31.30 -25.91 2.95
N ASN A 512 -31.72 -26.28 4.14
CA ASN A 512 -32.12 -25.14 4.96
C ASN A 512 -31.04 -24.81 5.96
N LEU A 513 -31.29 -23.71 6.63
CA LEU A 513 -30.30 -23.20 7.57
C LEU A 513 -30.54 -23.59 9.01
N LYS A 514 -31.79 -23.65 9.44
CA LYS A 514 -32.11 -24.14 10.78
C LYS A 514 -31.79 -23.06 11.80
N ALA B 2 31.37 -45.25 -10.30
CA ALA B 2 30.43 -46.31 -9.94
C ALA B 2 30.86 -47.71 -10.44
N TYR B 3 30.36 -48.76 -9.82
CA TYR B 3 30.75 -50.11 -10.21
C TYR B 3 29.47 -50.88 -10.46
N PRO B 4 29.52 -52.03 -11.14
CA PRO B 4 28.28 -52.70 -11.54
C PRO B 4 27.44 -53.09 -10.32
N MET B 5 26.12 -52.89 -10.48
CA MET B 5 25.07 -53.20 -9.50
C MET B 5 25.17 -52.38 -8.22
N GLN B 6 25.82 -51.25 -8.30
CA GLN B 6 25.95 -50.42 -7.12
C GLN B 6 24.56 -49.96 -6.67
N LEU B 7 24.30 -50.01 -5.36
CA LEU B 7 23.05 -49.52 -4.80
C LEU B 7 23.11 -48.11 -4.24
N GLY B 8 24.27 -47.72 -3.62
CA GLY B 8 24.32 -46.46 -2.88
C GLY B 8 25.33 -45.51 -3.45
N PHE B 9 25.81 -44.62 -2.60
CA PHE B 9 26.79 -43.63 -3.03
C PHE B 9 28.16 -44.28 -3.32
N GLN B 10 28.89 -43.62 -4.20
CA GLN B 10 30.29 -43.95 -4.37
C GLN B 10 31.04 -43.76 -3.06
N ASP B 11 32.11 -44.56 -2.85
CA ASP B 11 32.84 -44.36 -1.61
C ASP B 11 33.36 -42.93 -1.48
N ALA B 12 33.38 -42.40 -0.25
CA ALA B 12 33.80 -41.02 -0.05
C ALA B 12 35.31 -40.87 -0.33
N THR B 13 35.64 -39.82 -1.08
CA THR B 13 37.05 -39.42 -1.32
C THR B 13 37.45 -38.24 -0.48
N SER B 14 36.47 -37.44 -0.01
CA SER B 14 36.75 -36.22 0.76
C SER B 14 35.99 -36.30 2.10
N PRO B 15 36.47 -35.61 3.14
CA PRO B 15 35.77 -35.64 4.45
C PRO B 15 34.35 -35.16 4.34
N ILE B 16 34.08 -34.17 3.48
CA ILE B 16 32.67 -33.74 3.34
C ILE B 16 31.84 -34.88 2.77
N MET B 17 32.36 -35.57 1.75
CA MET B 17 31.56 -36.67 1.23
C MET B 17 31.33 -37.71 2.33
N GLU B 18 32.32 -37.93 3.22
CA GLU B 18 32.07 -38.90 4.28
C GLU B 18 30.94 -38.42 5.19
N GLU B 19 30.92 -37.13 5.52
CA GLU B 19 29.79 -36.52 6.25
C GLU B 19 28.48 -36.79 5.58
N LEU B 20 28.43 -36.60 4.25
CA LEU B 20 27.17 -36.79 3.58
C LEU B 20 26.75 -38.23 3.67
N LEU B 21 27.70 -39.19 3.62
CA LEU B 21 27.27 -40.58 3.71
C LEU B 21 26.59 -40.87 5.05
N HIS B 22 27.19 -40.41 6.15
CA HIS B 22 26.58 -40.72 7.43
C HIS B 22 25.24 -40.01 7.57
N PHE B 23 25.15 -38.82 7.00
CA PHE B 23 23.87 -38.10 7.08
C PHE B 23 22.83 -38.79 6.22
N HIS B 24 23.20 -39.26 5.03
CA HIS B 24 22.28 -40.05 4.23
C HIS B 24 21.84 -41.32 4.96
N ASP B 25 22.78 -42.02 5.62
CA ASP B 25 22.36 -43.21 6.38
C ASP B 25 21.28 -42.83 7.40
N HIS B 26 21.51 -41.72 8.09
CA HIS B 26 20.57 -41.26 9.14
C HIS B 26 19.20 -41.01 8.54
N THR B 27 19.21 -40.28 7.42
CA THR B 27 17.95 -39.90 6.79
C THR B 27 17.25 -41.11 6.21
N LEU B 28 18.01 -42.02 5.58
CA LEU B 28 17.34 -43.14 4.95
C LEU B 28 16.75 -44.06 6.00
N MET B 29 17.36 -44.14 7.18
CA MET B 29 16.73 -44.98 8.18
C MET B 29 15.33 -44.46 8.51
N ILE B 30 15.23 -43.16 8.63
CA ILE B 30 13.93 -42.51 8.90
C ILE B 30 12.95 -42.76 7.77
N VAL B 31 13.43 -42.59 6.53
CA VAL B 31 12.62 -42.88 5.35
C VAL B 31 12.08 -44.31 5.36
N PHE B 32 12.98 -45.30 5.58
CA PHE B 32 12.54 -46.69 5.62
C PHE B 32 11.49 -46.89 6.69
N LEU B 33 11.76 -46.35 7.87
CA LEU B 33 10.87 -46.55 9.01
C LEU B 33 9.49 -45.96 8.73
N ILE B 34 9.44 -44.75 8.19
CA ILE B 34 8.13 -44.13 7.93
C ILE B 34 7.41 -44.87 6.83
N SER B 35 8.12 -45.25 5.76
CA SER B 35 7.47 -45.97 4.66
C SER B 35 6.95 -47.29 5.18
N SER B 36 7.77 -47.97 5.97
CA SER B 36 7.35 -49.28 6.41
C SER B 36 6.14 -49.16 7.33
N LEU B 37 6.17 -48.18 8.24
CA LEU B 37 5.07 -47.94 9.18
C LEU B 37 3.77 -47.63 8.44
N VAL B 38 3.82 -46.82 7.38
CA VAL B 38 2.62 -46.55 6.57
C VAL B 38 2.14 -47.81 5.88
N LEU B 39 3.05 -48.59 5.29
CA LEU B 39 2.63 -49.81 4.60
C LEU B 39 1.99 -50.76 5.60
N TYR B 40 2.56 -50.82 6.79
CA TYR B 40 2.07 -51.72 7.80
C TYR B 40 0.68 -51.28 8.27
N ILE B 41 0.57 -50.00 8.62
CA ILE B 41 -0.76 -49.47 9.03
C ILE B 41 -1.79 -49.66 7.97
N ILE B 42 -1.48 -49.37 6.70
CA ILE B 42 -2.40 -49.73 5.63
C ILE B 42 -2.81 -51.18 5.79
N SER B 43 -1.85 -52.10 5.92
CA SER B 43 -2.30 -53.47 5.92
C SER B 43 -3.14 -53.74 7.18
N LEU B 44 -2.81 -53.11 8.29
CA LEU B 44 -3.60 -53.30 9.50
C LEU B 44 -5.03 -52.82 9.31
N MET B 45 -5.21 -51.65 8.69
CA MET B 45 -6.59 -51.17 8.45
C MET B 45 -7.40 -52.10 7.56
N LEU B 46 -6.75 -52.92 6.73
CA LEU B 46 -7.41 -53.64 5.65
C LEU B 46 -7.60 -55.10 5.98
N THR B 47 -7.22 -55.53 7.19
CA THR B 47 -7.22 -56.95 7.49
C THR B 47 -8.21 -57.31 8.62
N THR B 48 -9.29 -56.54 8.84
CA THR B 48 -10.27 -56.98 9.81
C THR B 48 -11.69 -56.79 9.32
N LYS B 49 -12.52 -57.77 9.64
CA LYS B 49 -13.97 -57.62 9.39
C LYS B 49 -14.67 -56.76 10.42
N LEU B 50 -13.99 -56.41 11.52
CA LEU B 50 -14.59 -55.54 12.50
C LEU B 50 -14.80 -54.16 11.89
N THR B 51 -15.90 -53.53 12.24
CA THR B 51 -16.17 -52.21 11.68
C THR B 51 -16.52 -51.16 12.72
N HIS B 52 -16.35 -49.90 12.31
CA HIS B 52 -16.73 -48.74 13.11
C HIS B 52 -16.86 -47.58 12.13
N THR B 53 -18.10 -47.28 11.71
CA THR B 53 -18.35 -46.38 10.59
C THR B 53 -19.01 -45.08 11.00
N SER B 54 -19.29 -44.91 12.28
CA SER B 54 -19.88 -43.68 12.79
C SER B 54 -18.79 -42.62 12.86
N THR B 55 -19.18 -41.37 13.14
CA THR B 55 -18.20 -40.27 13.11
C THR B 55 -17.10 -40.42 14.16
N MET B 56 -15.86 -40.18 13.75
CA MET B 56 -14.71 -40.32 14.62
C MET B 56 -14.14 -38.95 14.98
N ASP B 57 -13.92 -38.68 16.27
CA ASP B 57 -13.36 -37.40 16.69
C ASP B 57 -11.86 -37.34 16.35
N ALA B 58 -11.43 -36.26 15.68
CA ALA B 58 -10.07 -36.13 15.14
C ALA B 58 -9.06 -35.33 15.97
N GLN B 59 -9.46 -34.41 16.88
CA GLN B 59 -8.44 -33.41 17.25
C GLN B 59 -7.32 -34.03 18.07
N GLU B 60 -7.63 -35.03 18.90
CA GLU B 60 -6.61 -35.66 19.73
C GLU B 60 -5.51 -36.28 18.89
N VAL B 61 -5.88 -37.09 17.89
CA VAL B 61 -4.86 -37.82 17.15
C VAL B 61 -4.10 -36.86 16.23
N GLU B 62 -4.74 -35.76 15.79
CA GLU B 62 -3.99 -34.85 14.90
C GLU B 62 -2.84 -34.16 15.63
N THR B 63 -2.89 -34.07 16.96
CA THR B 63 -1.72 -33.58 17.69
C THR B 63 -0.54 -34.52 17.49
N ILE B 64 -0.77 -35.84 17.64
CA ILE B 64 0.33 -36.81 17.50
C ILE B 64 0.89 -36.71 16.10
N TRP B 65 0.01 -36.70 15.13
CA TRP B 65 0.59 -36.84 13.82
C TRP B 65 0.96 -35.47 13.16
N THR B 66 0.97 -34.37 13.92
CA THR B 66 1.72 -33.16 13.55
C THR B 66 2.99 -33.04 14.36
N ILE B 67 2.89 -33.31 15.68
CA ILE B 67 4.08 -33.11 16.52
C ILE B 67 5.18 -34.15 16.22
N LEU B 68 4.80 -35.43 16.03
CA LEU B 68 5.86 -36.41 15.78
C LEU B 68 6.56 -36.13 14.44
N PRO B 69 5.86 -35.83 13.36
CA PRO B 69 6.60 -35.44 12.13
C PRO B 69 7.41 -34.19 12.29
N ALA B 70 6.93 -33.20 13.03
CA ALA B 70 7.74 -32.02 13.27
C ALA B 70 9.03 -32.36 14.00
N ILE B 71 8.95 -33.22 15.03
CA ILE B 71 10.20 -33.65 15.71
C ILE B 71 11.14 -34.36 14.75
N ILE B 72 10.58 -35.24 13.91
CA ILE B 72 11.44 -35.98 12.96
C ILE B 72 12.10 -35.03 12.00
N LEU B 73 11.33 -34.06 11.44
CA LEU B 73 11.96 -33.07 10.55
C LEU B 73 13.10 -32.33 11.24
N ILE B 74 12.89 -31.94 12.49
CA ILE B 74 13.99 -31.28 13.22
C ILE B 74 15.18 -32.25 13.39
N LEU B 75 14.92 -33.53 13.62
CA LEU B 75 16.05 -34.47 13.70
C LEU B 75 16.81 -34.64 12.39
N ILE B 76 16.16 -34.40 11.24
CA ILE B 76 16.87 -34.38 9.97
C ILE B 76 17.56 -33.05 9.77
N ALA B 77 16.86 -31.95 10.03
CA ALA B 77 17.36 -30.61 9.71
C ALA B 77 18.63 -30.26 10.47
N LEU B 78 18.71 -30.66 11.74
CA LEU B 78 19.87 -30.27 12.52
C LEU B 78 21.19 -30.79 11.92
N PRO B 79 21.37 -32.10 11.66
CA PRO B 79 22.61 -32.53 11.00
C PRO B 79 22.72 -32.07 9.56
N SER B 80 21.58 -31.92 8.87
CA SER B 80 21.61 -31.38 7.50
C SER B 80 22.30 -30.02 7.47
N LEU B 81 21.84 -29.14 8.35
CA LEU B 81 22.31 -27.75 8.32
C LEU B 81 23.75 -27.67 8.85
N ARG B 82 24.07 -28.53 9.79
CA ARG B 82 25.45 -28.54 10.27
C ARG B 82 26.41 -28.82 9.12
N ILE B 83 26.08 -29.82 8.29
CA ILE B 83 26.97 -30.14 7.18
C ILE B 83 26.96 -28.99 6.21
N LEU B 84 25.79 -28.41 5.96
CA LEU B 84 25.75 -27.27 5.04
C LEU B 84 26.72 -26.17 5.46
N TYR B 85 26.71 -25.80 6.74
CA TYR B 85 27.54 -24.68 7.15
C TYR B 85 29.00 -25.10 7.32
N MET B 86 29.23 -26.38 7.55
CA MET B 86 30.61 -26.88 7.52
C MET B 86 31.21 -26.69 6.14
N MET B 87 30.58 -27.31 5.14
CA MET B 87 30.93 -27.14 3.73
C MET B 87 31.17 -25.67 3.42
N ASP B 88 30.43 -24.76 4.07
CA ASP B 88 30.62 -23.36 3.73
C ASP B 88 31.83 -22.76 4.43
N GLU B 89 32.31 -23.36 5.55
CA GLU B 89 33.25 -22.67 6.44
C GLU B 89 34.57 -22.46 5.70
N ILE B 90 35.30 -21.38 6.10
CA ILE B 90 36.49 -20.93 5.38
C ILE B 90 37.63 -21.91 5.60
N ASN B 91 38.44 -22.10 4.56
CA ASN B 91 39.43 -23.14 4.63
C ASN B 91 40.81 -22.73 4.11
N ASN B 92 40.92 -21.60 3.39
CA ASN B 92 42.18 -21.11 2.85
C ASN B 92 42.79 -22.11 1.87
N PRO B 93 42.43 -22.03 0.60
CA PRO B 93 43.02 -22.94 -0.41
C PRO B 93 44.47 -22.58 -0.70
N SER B 94 45.19 -23.59 -1.17
CA SER B 94 46.55 -23.36 -1.60
C SER B 94 46.67 -23.14 -3.09
N LEU B 95 45.61 -23.37 -3.85
CA LEU B 95 45.69 -23.46 -5.29
C LEU B 95 44.30 -23.08 -5.77
N THR B 96 44.22 -22.28 -6.83
CA THR B 96 42.95 -22.05 -7.53
C THR B 96 43.03 -22.61 -8.94
N VAL B 97 41.99 -23.36 -9.34
CA VAL B 97 41.90 -23.91 -10.69
C VAL B 97 40.56 -23.49 -11.27
N LYS B 98 40.54 -22.99 -12.52
CA LYS B 98 39.27 -22.68 -13.17
C LYS B 98 38.90 -23.79 -14.12
N THR B 99 37.57 -24.02 -14.30
CA THR B 99 37.19 -24.88 -15.41
C THR B 99 36.09 -24.15 -16.17
N MET B 100 36.15 -24.15 -17.51
CA MET B 100 35.13 -23.57 -18.36
C MET B 100 34.44 -24.70 -19.13
N GLY B 101 33.12 -24.72 -19.01
CA GLY B 101 32.36 -25.65 -19.81
C GLY B 101 32.22 -25.15 -21.24
N HIS B 102 32.10 -26.11 -22.15
CA HIS B 102 31.91 -25.84 -23.57
C HIS B 102 31.10 -26.96 -24.17
N GLN B 103 30.45 -26.67 -25.29
CA GLN B 103 29.86 -27.77 -26.07
C GLN B 103 30.97 -28.39 -26.96
N TRP B 104 31.37 -29.65 -26.70
CA TRP B 104 31.08 -30.48 -25.56
C TRP B 104 32.39 -31.03 -24.97
N TYR B 105 32.98 -30.26 -24.07
CA TYR B 105 34.25 -30.60 -23.43
C TYR B 105 34.48 -29.55 -22.35
N TRP B 106 35.48 -29.80 -21.50
CA TRP B 106 35.84 -28.89 -20.44
C TRP B 106 37.22 -28.33 -20.73
N SER B 107 37.43 -27.06 -20.41
CA SER B 107 38.82 -26.58 -20.42
C SER B 107 39.19 -26.26 -18.98
N TYR B 108 40.50 -26.21 -18.69
CA TYR B 108 40.99 -25.99 -17.35
C TYR B 108 42.08 -24.94 -17.40
N GLU B 109 42.11 -24.06 -16.41
CA GLU B 109 43.09 -22.98 -16.35
C GLU B 109 43.70 -22.99 -14.98
N TYR B 110 45.05 -23.07 -14.91
CA TYR B 110 45.72 -23.04 -13.63
C TYR B 110 46.63 -21.83 -13.73
N THR B 111 46.17 -20.68 -13.25
CA THR B 111 46.89 -19.43 -13.55
C THR B 111 47.31 -18.73 -12.27
N ASP B 112 47.49 -19.48 -11.18
CA ASP B 112 48.11 -18.85 -10.00
C ASP B 112 49.52 -18.32 -10.28
N TYR B 113 50.27 -18.98 -11.14
CA TYR B 113 51.71 -18.68 -11.33
C TYR B 113 52.03 -18.52 -12.81
N GLU B 114 51.73 -19.52 -13.59
CA GLU B 114 52.01 -19.53 -15.02
C GLU B 114 50.71 -19.62 -15.83
N ASP B 115 50.81 -19.35 -17.12
CA ASP B 115 49.62 -19.46 -17.99
C ASP B 115 49.49 -20.93 -18.46
N LEU B 116 48.85 -21.75 -17.65
CA LEU B 116 48.64 -23.15 -17.97
C LEU B 116 47.15 -23.34 -18.30
N SER B 117 46.85 -23.85 -19.50
CA SER B 117 45.43 -24.17 -19.74
C SER B 117 45.38 -25.20 -20.86
N PHE B 118 44.31 -26.00 -20.84
CA PHE B 118 44.21 -27.05 -21.85
C PHE B 118 42.75 -27.48 -21.91
N ASP B 119 42.45 -28.22 -22.96
CA ASP B 119 41.10 -28.79 -23.17
C ASP B 119 41.08 -30.24 -22.76
N SER B 120 39.88 -30.74 -22.38
CA SER B 120 39.75 -32.09 -21.87
C SER B 120 38.52 -32.69 -22.53
N TYR B 121 38.74 -33.71 -23.41
CA TYR B 121 37.68 -34.31 -24.18
C TYR B 121 37.52 -35.77 -23.81
N MET B 122 36.29 -36.27 -23.92
CA MET B 122 36.04 -37.69 -23.81
C MET B 122 36.91 -38.48 -24.80
N ILE B 123 37.46 -39.59 -24.35
CA ILE B 123 38.08 -40.58 -25.25
C ILE B 123 36.97 -41.32 -26.00
N PRO B 124 36.96 -41.25 -27.34
CA PRO B 124 35.94 -41.99 -28.10
C PRO B 124 36.03 -43.49 -27.84
N THR B 125 34.87 -44.16 -27.87
CA THR B 125 34.87 -45.55 -27.52
C THR B 125 35.82 -46.34 -28.43
N SER B 126 35.92 -45.93 -29.68
CA SER B 126 36.78 -46.65 -30.63
C SER B 126 38.28 -46.49 -30.34
N GLU B 127 38.65 -45.56 -29.48
CA GLU B 127 40.03 -45.28 -29.21
C GLU B 127 40.43 -45.60 -27.79
N LEU B 128 39.51 -46.14 -26.99
CA LEU B 128 39.86 -46.56 -25.64
C LEU B 128 41.02 -47.55 -25.66
N LYS B 129 41.88 -47.37 -24.73
CA LYS B 129 42.91 -48.39 -24.57
C LYS B 129 42.39 -49.50 -23.69
N PRO B 130 42.85 -50.73 -23.84
CA PRO B 130 42.20 -51.85 -23.15
C PRO B 130 42.23 -51.66 -21.65
N GLY B 131 41.04 -51.86 -21.03
CA GLY B 131 40.85 -51.62 -19.63
C GLY B 131 40.32 -50.24 -19.29
N GLU B 132 40.28 -49.32 -20.23
CA GLU B 132 39.76 -48.00 -19.98
C GLU B 132 38.23 -48.02 -20.05
N LEU B 133 37.65 -46.99 -19.46
CA LEU B 133 36.23 -46.98 -19.18
C LEU B 133 35.46 -46.19 -20.24
N ARG B 134 34.48 -46.83 -20.87
CA ARG B 134 33.63 -46.21 -21.88
C ARG B 134 32.88 -45.01 -21.28
N LEU B 135 32.92 -43.88 -21.99
CA LEU B 135 32.27 -42.59 -21.76
C LEU B 135 32.87 -41.84 -20.61
N LEU B 136 33.92 -42.35 -19.95
CA LEU B 136 34.44 -41.68 -18.75
C LEU B 136 35.85 -41.16 -18.90
N GLU B 137 36.70 -41.80 -19.69
CA GLU B 137 38.06 -41.33 -19.77
C GLU B 137 38.11 -40.03 -20.58
N VAL B 138 39.14 -39.24 -20.30
CA VAL B 138 39.43 -38.05 -21.09
C VAL B 138 40.88 -38.11 -21.61
N ASP B 139 41.15 -37.26 -22.59
CA ASP B 139 42.52 -37.24 -23.12
C ASP B 139 43.48 -36.57 -22.14
N ASN B 140 43.03 -35.46 -21.50
CA ASN B 140 43.87 -34.65 -20.64
C ASN B 140 43.16 -34.57 -19.30
N ARG B 141 43.75 -35.20 -18.29
CA ARG B 141 43.13 -35.23 -16.97
C ARG B 141 43.44 -33.97 -16.18
N VAL B 142 42.61 -33.74 -15.17
CA VAL B 142 42.73 -32.59 -14.27
C VAL B 142 43.63 -33.05 -13.14
N VAL B 143 44.96 -32.90 -13.36
CA VAL B 143 45.88 -33.30 -12.33
C VAL B 143 45.86 -32.29 -11.17
N LEU B 144 45.89 -32.80 -9.94
CA LEU B 144 45.72 -31.95 -8.75
C LEU B 144 46.52 -32.54 -7.62
N PRO B 145 46.99 -31.71 -6.70
CA PRO B 145 47.75 -32.24 -5.55
C PRO B 145 46.77 -32.83 -4.51
N MET B 146 47.10 -34.02 -4.02
CA MET B 146 46.28 -34.68 -3.00
C MET B 146 46.51 -34.01 -1.63
N GLU B 147 45.53 -34.16 -0.72
CA GLU B 147 45.66 -33.72 0.66
C GLU B 147 45.84 -32.21 0.75
N MET B 148 45.25 -31.45 -0.18
CA MET B 148 45.38 -29.99 -0.15
C MET B 148 44.04 -29.39 -0.49
N THR B 149 43.74 -28.24 0.13
CA THR B 149 42.46 -27.57 -0.13
C THR B 149 42.58 -26.77 -1.43
N ILE B 150 41.73 -27.07 -2.40
CA ILE B 150 41.83 -26.46 -3.72
C ILE B 150 40.52 -25.71 -3.97
N ARG B 151 40.63 -24.47 -4.45
CA ARG B 151 39.49 -23.67 -4.91
C ARG B 151 39.26 -23.97 -6.38
N MET B 152 38.08 -24.49 -6.72
CA MET B 152 37.69 -24.66 -8.11
C MET B 152 36.73 -23.54 -8.47
N LEU B 153 36.96 -22.86 -9.57
CA LEU B 153 36.03 -21.83 -10.05
C LEU B 153 35.47 -22.32 -11.37
N VAL B 154 34.15 -22.24 -11.54
CA VAL B 154 33.45 -22.94 -12.61
C VAL B 154 32.67 -21.90 -13.39
N SER B 155 32.82 -21.92 -14.71
CA SER B 155 32.00 -21.09 -15.57
C SER B 155 31.83 -21.81 -16.89
N SER B 156 31.27 -21.09 -17.89
CA SER B 156 30.98 -21.63 -19.20
C SER B 156 31.22 -20.55 -20.24
N GLU B 157 31.67 -20.97 -21.43
CA GLU B 157 31.75 -20.02 -22.53
C GLU B 157 30.63 -20.19 -23.54
N ASP B 158 29.59 -20.99 -23.24
CA ASP B 158 28.45 -21.05 -24.17
C ASP B 158 27.15 -21.31 -23.39
N VAL B 159 26.67 -22.54 -23.35
CA VAL B 159 25.40 -22.84 -22.66
C VAL B 159 25.63 -23.24 -21.20
N LEU B 160 24.57 -23.57 -20.44
CA LEU B 160 24.87 -24.09 -19.11
C LEU B 160 25.50 -25.49 -19.20
N HIS B 161 26.45 -25.80 -18.28
CA HIS B 161 26.90 -27.16 -18.04
C HIS B 161 26.92 -27.32 -16.55
N SER B 162 27.41 -28.45 -16.02
CA SER B 162 27.54 -28.50 -14.57
C SER B 162 28.67 -29.45 -14.27
N TRP B 163 29.62 -28.98 -13.45
CA TRP B 163 30.86 -29.72 -13.18
C TRP B 163 30.68 -30.56 -11.92
N ALA B 164 30.72 -31.88 -12.06
CA ALA B 164 30.35 -32.75 -10.96
C ALA B 164 31.44 -33.79 -10.75
N VAL B 165 31.67 -34.20 -9.50
CA VAL B 165 32.51 -35.35 -9.19
C VAL B 165 31.86 -36.02 -7.99
N PRO B 166 31.07 -37.06 -8.20
CA PRO B 166 30.24 -37.59 -7.10
C PRO B 166 31.07 -38.07 -5.91
N SER B 167 32.23 -38.69 -6.12
CA SER B 167 32.90 -39.23 -4.95
C SER B 167 33.53 -38.13 -4.11
N LEU B 168 33.65 -36.91 -4.62
CA LEU B 168 34.09 -35.80 -3.79
C LEU B 168 32.92 -35.00 -3.28
N GLY B 169 31.68 -35.40 -3.64
CA GLY B 169 30.48 -34.66 -3.27
C GLY B 169 30.37 -33.32 -3.94
N LEU B 170 30.74 -33.22 -5.21
CA LEU B 170 30.84 -31.93 -5.86
C LEU B 170 29.88 -31.83 -7.02
N LYS B 171 29.15 -30.72 -7.11
CA LYS B 171 28.36 -30.41 -8.32
C LYS B 171 28.14 -28.90 -8.34
N THR B 172 28.76 -28.20 -9.29
CA THR B 172 28.65 -26.76 -9.39
C THR B 172 28.27 -26.39 -10.80
N ASP B 173 27.13 -25.72 -10.97
CA ASP B 173 26.75 -25.39 -12.34
C ASP B 173 27.73 -24.39 -12.96
N ALA B 174 27.86 -24.52 -14.30
CA ALA B 174 28.76 -23.75 -15.15
C ALA B 174 27.89 -22.81 -15.97
N ILE B 175 27.92 -21.52 -15.62
CA ILE B 175 26.96 -20.55 -16.12
C ILE B 175 27.77 -19.45 -16.78
N PRO B 176 27.54 -19.13 -18.05
CA PRO B 176 28.28 -18.04 -18.67
C PRO B 176 28.04 -16.72 -17.99
N GLY B 177 29.13 -15.95 -17.84
CA GLY B 177 29.01 -14.68 -17.15
C GLY B 177 29.07 -14.76 -15.65
N ARG B 178 29.23 -15.96 -15.10
CA ARG B 178 29.23 -16.17 -13.66
C ARG B 178 30.43 -17.01 -13.28
N LEU B 179 31.02 -16.78 -12.11
CA LEU B 179 32.19 -17.56 -11.71
C LEU B 179 31.81 -18.23 -10.39
N ASN B 180 31.40 -19.50 -10.42
CA ASN B 180 30.98 -20.15 -9.19
C ASN B 180 32.14 -20.85 -8.50
N GLN B 181 32.19 -20.72 -7.18
CA GLN B 181 33.31 -21.29 -6.42
C GLN B 181 32.91 -22.55 -5.67
N THR B 182 33.79 -23.56 -5.68
CA THR B 182 33.57 -24.66 -4.76
C THR B 182 34.96 -25.08 -4.28
N THR B 183 35.03 -25.83 -3.21
CA THR B 183 36.36 -26.27 -2.80
C THR B 183 36.40 -27.77 -2.80
N LEU B 184 37.62 -28.29 -2.88
CA LEU B 184 37.83 -29.69 -3.20
C LEU B 184 39.00 -30.09 -2.32
N MET B 185 38.94 -31.23 -1.64
CA MET B 185 40.10 -31.77 -0.90
C MET B 185 40.08 -33.29 -0.96
N SER B 186 41.04 -33.92 -1.64
CA SER B 186 41.01 -35.37 -1.69
C SER B 186 41.92 -35.96 -0.62
N SER B 187 41.37 -36.88 0.16
CA SER B 187 42.13 -37.59 1.18
C SER B 187 43.08 -38.59 0.57
N ARG B 188 42.93 -38.88 -0.71
CA ARG B 188 43.69 -39.98 -1.31
C ARG B 188 44.17 -39.64 -2.70
N PRO B 189 45.25 -40.27 -3.13
CA PRO B 189 45.60 -40.21 -4.54
C PRO B 189 44.59 -41.02 -5.34
N GLY B 190 44.62 -40.85 -6.66
CA GLY B 190 43.87 -41.73 -7.53
C GLY B 190 43.18 -40.96 -8.64
N LEU B 191 42.15 -41.60 -9.22
CA LEU B 191 41.45 -41.08 -10.38
C LEU B 191 40.00 -40.98 -9.99
N TYR B 192 39.45 -39.80 -10.11
CA TYR B 192 38.05 -39.61 -9.65
C TYR B 192 37.27 -38.99 -10.77
N TYR B 193 36.09 -39.62 -11.09
CA TYR B 193 35.40 -39.37 -12.33
C TYR B 193 34.10 -38.63 -12.07
N GLY B 194 33.70 -37.78 -13.01
CA GLY B 194 32.36 -37.16 -12.97
C GLY B 194 31.88 -36.93 -14.40
N GLN B 195 30.67 -36.39 -14.51
CA GLN B 195 30.07 -36.19 -15.82
C GLN B 195 29.28 -34.89 -15.85
N CYS B 196 29.17 -34.31 -17.05
CA CYS B 196 28.40 -33.04 -17.16
C CYS B 196 26.97 -33.21 -16.66
N SER B 197 26.53 -32.28 -15.81
CA SER B 197 25.30 -32.47 -15.04
C SER B 197 24.30 -31.32 -15.25
N GLU B 198 24.33 -30.64 -16.41
CA GLU B 198 23.23 -29.76 -16.80
C GLU B 198 23.08 -29.93 -18.32
N ILE B 199 21.82 -30.27 -18.75
CA ILE B 199 21.68 -30.61 -20.16
C ILE B 199 22.15 -29.46 -21.03
N CYS B 200 23.01 -29.78 -21.98
CA CYS B 200 23.77 -28.77 -22.71
C CYS B 200 23.74 -29.07 -24.20
N GLY B 201 22.82 -29.96 -24.61
CA GLY B 201 22.72 -30.24 -26.00
C GLY B 201 23.07 -31.67 -26.35
N SER B 202 23.42 -31.85 -27.62
CA SER B 202 23.43 -33.19 -28.18
C SER B 202 24.58 -34.05 -27.66
N ASN B 203 25.67 -33.51 -27.08
CA ASN B 203 26.71 -34.38 -26.50
C ASN B 203 26.85 -34.19 -24.99
N HIS B 204 25.76 -33.78 -24.33
CA HIS B 204 25.71 -33.71 -22.88
C HIS B 204 26.21 -34.99 -22.22
N SER B 205 25.89 -36.15 -22.80
CA SER B 205 26.26 -37.41 -22.19
C SER B 205 27.76 -37.70 -22.25
N PHE B 206 28.51 -36.87 -22.99
CA PHE B 206 29.82 -37.29 -23.53
C PHE B 206 30.87 -36.20 -23.28
N MET B 207 30.81 -35.54 -22.11
CA MET B 207 31.85 -34.56 -21.75
C MET B 207 32.21 -34.78 -20.28
N PRO B 208 32.96 -35.82 -20.00
CA PRO B 208 33.22 -36.21 -18.61
C PRO B 208 34.41 -35.47 -18.00
N ILE B 209 34.63 -35.75 -16.73
CA ILE B 209 35.59 -35.04 -15.86
C ILE B 209 36.41 -36.10 -15.19
N VAL B 210 37.74 -36.01 -15.28
CA VAL B 210 38.60 -36.99 -14.60
C VAL B 210 39.62 -36.21 -13.78
N LEU B 211 39.58 -36.35 -12.46
CA LEU B 211 40.61 -35.71 -11.61
C LEU B 211 41.69 -36.75 -11.35
N GLU B 212 42.98 -36.32 -11.39
CA GLU B 212 44.09 -37.24 -11.13
C GLU B 212 44.81 -36.65 -9.92
N LEU B 213 44.72 -37.33 -8.77
CA LEU B 213 45.20 -36.79 -7.50
C LEU B 213 46.53 -37.44 -7.20
N VAL B 214 47.56 -36.59 -7.03
CA VAL B 214 48.96 -37.08 -6.90
C VAL B 214 49.65 -36.20 -5.86
N PRO B 215 50.85 -36.56 -5.40
CA PRO B 215 51.57 -35.73 -4.44
C PRO B 215 51.95 -34.42 -5.11
N LEU B 216 52.05 -33.39 -4.26
CA LEU B 216 52.36 -32.03 -4.72
C LEU B 216 53.56 -31.99 -5.69
N LYS B 217 54.68 -32.66 -5.35
CA LYS B 217 55.86 -32.55 -6.21
C LYS B 217 55.58 -33.09 -7.61
N TYR B 218 54.75 -34.14 -7.72
CA TYR B 218 54.38 -34.62 -9.05
C TYR B 218 53.48 -33.64 -9.76
N PHE B 219 52.53 -33.05 -9.01
CA PHE B 219 51.71 -32.00 -9.59
C PHE B 219 52.56 -30.84 -10.10
N GLU B 220 53.57 -30.41 -9.34
CA GLU B 220 54.37 -29.28 -9.77
C GLU B 220 55.08 -29.59 -11.08
N LYS B 221 55.69 -30.80 -11.17
CA LYS B 221 56.45 -31.13 -12.37
C LYS B 221 55.52 -31.29 -13.55
N TRP B 222 54.37 -31.92 -13.32
CA TRP B 222 53.36 -31.99 -14.36
C TRP B 222 52.98 -30.61 -14.87
N SER B 223 52.65 -29.72 -13.93
CA SER B 223 52.29 -28.35 -14.28
C SER B 223 53.34 -27.71 -15.15
N ALA B 224 54.61 -27.80 -14.73
CA ALA B 224 55.71 -27.23 -15.51
C ALA B 224 55.71 -27.81 -16.92
N SER B 225 55.47 -29.11 -17.04
CA SER B 225 55.58 -29.80 -18.33
C SER B 225 54.39 -29.50 -19.26
N MET B 226 53.33 -28.91 -18.71
CA MET B 226 52.13 -28.61 -19.48
C MET B 226 52.11 -27.19 -20.02
N LEU B 227 53.17 -26.42 -19.79
CA LEU B 227 53.24 -25.01 -20.19
C LEU B 227 53.40 -24.86 -21.69
N HIS C 1 -38.11 -25.68 -17.31
CA HIS C 1 -37.85 -24.35 -16.76
C HIS C 1 -37.02 -24.37 -15.46
N GLN C 2 -36.06 -23.46 -15.38
CA GLN C 2 -35.24 -23.46 -14.18
C GLN C 2 -35.88 -22.70 -13.04
N THR C 3 -35.50 -23.04 -11.82
CA THR C 3 -35.86 -22.23 -10.68
C THR C 3 -34.61 -21.87 -9.86
N HIS C 4 -33.44 -21.80 -10.51
CA HIS C 4 -32.30 -21.09 -9.94
C HIS C 4 -32.11 -19.79 -10.75
N ALA C 5 -31.14 -18.95 -10.32
CA ALA C 5 -30.97 -17.65 -10.96
C ALA C 5 -29.79 -17.59 -11.93
N TYR C 6 -29.19 -18.71 -12.28
CA TYR C 6 -27.97 -18.69 -13.09
C TYR C 6 -28.27 -18.80 -14.58
N HIS C 7 -27.24 -18.50 -15.39
CA HIS C 7 -27.42 -18.28 -16.81
C HIS C 7 -26.92 -19.52 -17.56
N MET C 8 -27.85 -20.25 -18.17
CA MET C 8 -27.50 -21.32 -19.10
C MET C 8 -27.29 -20.70 -20.48
N VAL C 9 -26.04 -20.68 -20.97
CA VAL C 9 -25.70 -19.90 -22.17
C VAL C 9 -26.04 -20.72 -23.41
N ASN C 10 -26.57 -20.06 -24.45
CA ASN C 10 -26.81 -20.78 -25.70
C ASN C 10 -25.49 -21.34 -26.27
N PRO C 11 -25.53 -22.48 -26.94
CA PRO C 11 -24.32 -23.01 -27.56
C PRO C 11 -23.77 -21.97 -28.50
N SER C 12 -22.45 -21.81 -28.44
CA SER C 12 -21.79 -20.67 -29.07
C SER C 12 -20.57 -21.12 -29.86
N PRO C 13 -20.33 -20.52 -31.04
CA PRO C 13 -19.11 -20.79 -31.81
C PRO C 13 -17.89 -19.98 -31.36
N TRP C 14 -18.06 -18.99 -30.52
CA TRP C 14 -16.94 -18.06 -30.28
C TRP C 14 -15.80 -18.71 -29.52
N PRO C 15 -16.04 -19.64 -28.60
CA PRO C 15 -14.88 -20.29 -27.98
C PRO C 15 -13.99 -20.95 -29.00
N LEU C 16 -14.61 -21.66 -29.96
CA LEU C 16 -13.80 -22.29 -31.01
C LEU C 16 -13.09 -21.25 -31.88
N THR C 17 -13.79 -20.18 -32.30
CA THR C 17 -13.11 -19.22 -33.16
C THR C 17 -12.04 -18.47 -32.38
N GLY C 18 -12.26 -18.30 -31.08
CA GLY C 18 -11.21 -17.67 -30.28
C GLY C 18 -9.99 -18.57 -30.16
N ALA C 19 -10.21 -19.86 -29.93
CA ALA C 19 -9.07 -20.80 -29.82
C ALA C 19 -8.32 -20.88 -31.13
N LEU C 20 -9.05 -20.93 -32.23
CA LEU C 20 -8.38 -20.97 -33.53
C LEU C 20 -7.63 -19.65 -33.76
N SER C 21 -8.22 -18.50 -33.38
CA SER C 21 -7.50 -17.23 -33.57
C SER C 21 -6.18 -17.28 -32.79
N ALA C 22 -6.18 -17.90 -31.60
CA ALA C 22 -4.93 -18.04 -30.84
C ALA C 22 -3.90 -18.88 -31.60
N LEU C 23 -4.34 -19.96 -32.22
CA LEU C 23 -3.45 -20.78 -33.07
C LEU C 23 -2.88 -19.95 -34.21
N LEU C 24 -3.75 -19.15 -34.85
CA LEU C 24 -3.31 -18.36 -36.01
C LEU C 24 -2.37 -17.22 -35.59
N MET C 25 -2.64 -16.57 -34.45
CA MET C 25 -1.73 -15.50 -33.99
C MET C 25 -0.36 -16.06 -33.62
N THR C 26 -0.32 -17.23 -32.94
CA THR C 26 0.97 -17.77 -32.51
C THR C 26 1.73 -18.40 -33.64
N SER C 27 1.07 -19.24 -34.45
CA SER C 27 1.75 -19.71 -35.63
C SER C 27 2.05 -18.55 -36.56
N GLY C 28 1.22 -17.49 -36.57
CA GLY C 28 1.54 -16.31 -37.37
C GLY C 28 2.78 -15.57 -36.87
N LEU C 29 2.95 -15.44 -35.55
CA LEU C 29 4.18 -14.83 -35.04
C LEU C 29 5.39 -15.67 -35.40
N THR C 30 5.24 -17.00 -35.33
CA THR C 30 6.34 -17.88 -35.72
C THR C 30 6.70 -17.65 -37.18
N MET C 31 5.68 -17.58 -38.05
CA MET C 31 5.93 -17.37 -39.49
C MET C 31 6.61 -16.03 -39.72
N TRP C 32 6.20 -15.00 -38.97
CA TRP C 32 6.78 -13.67 -39.09
C TRP C 32 8.23 -13.66 -38.60
N PHE C 33 8.49 -14.28 -37.46
CA PHE C 33 9.85 -14.28 -36.91
C PHE C 33 10.82 -15.13 -37.73
N HIS C 34 10.36 -16.22 -38.38
CA HIS C 34 11.27 -17.18 -38.99
C HIS C 34 11.10 -17.41 -40.46
N PHE C 35 9.97 -17.02 -41.05
CA PHE C 35 9.69 -17.36 -42.44
C PHE C 35 9.27 -16.10 -43.19
N ASN C 36 9.64 -14.96 -42.63
CA ASN C 36 9.48 -13.64 -43.17
C ASN C 36 8.11 -13.42 -43.78
N SER C 37 7.07 -13.72 -43.02
CA SER C 37 5.76 -13.55 -43.62
C SER C 37 4.74 -13.15 -42.56
N MET C 38 3.83 -12.25 -42.93
CA MET C 38 2.84 -11.72 -41.98
C MET C 38 1.46 -12.29 -42.19
N THR C 39 1.30 -13.20 -43.13
CA THR C 39 -0.03 -13.59 -43.59
C THR C 39 -0.85 -14.25 -42.49
N LEU C 40 -0.32 -15.33 -41.94
CA LEU C 40 -1.03 -16.02 -40.89
C LEU C 40 -1.36 -15.05 -39.76
N LEU C 41 -0.39 -14.21 -39.36
CA LEU C 41 -0.59 -13.30 -38.22
C LEU C 41 -1.75 -12.35 -38.48
N MET C 42 -1.80 -11.79 -39.69
CA MET C 42 -2.91 -10.88 -39.99
C MET C 42 -4.25 -11.62 -39.95
N ILE C 43 -4.30 -12.87 -40.39
CA ILE C 43 -5.58 -13.59 -40.29
C ILE C 43 -5.93 -13.79 -38.84
N GLY C 44 -4.94 -14.18 -38.04
CA GLY C 44 -5.22 -14.44 -36.63
C GLY C 44 -5.65 -13.19 -35.89
N LEU C 45 -5.00 -12.06 -36.18
CA LEU C 45 -5.43 -10.84 -35.52
C LEU C 45 -6.87 -10.50 -35.91
N THR C 46 -7.20 -10.69 -37.19
CA THR C 46 -8.54 -10.39 -37.68
C THR C 46 -9.59 -11.28 -37.02
N THR C 47 -9.35 -12.60 -37.00
CA THR C 47 -10.32 -13.51 -36.39
C THR C 47 -10.40 -13.26 -34.90
N ASN C 48 -9.28 -12.84 -34.28
CA ASN C 48 -9.34 -12.54 -32.86
C ASN C 48 -10.25 -11.34 -32.61
N MET C 49 -10.09 -10.26 -33.40
CA MET C 49 -10.97 -9.10 -33.18
C MET C 49 -12.43 -9.47 -33.44
N LEU C 50 -12.70 -10.24 -34.52
CA LEU C 50 -14.07 -10.68 -34.82
C LEU C 50 -14.63 -11.50 -33.67
N THR C 51 -13.79 -12.36 -33.07
CA THR C 51 -14.30 -13.20 -31.97
C THR C 51 -14.67 -12.33 -30.77
N MET C 52 -13.77 -11.44 -30.37
CA MET C 52 -14.01 -10.58 -29.22
C MET C 52 -15.27 -9.75 -29.47
N TYR C 53 -15.39 -9.20 -30.68
CA TYR C 53 -16.55 -8.38 -31.00
C TYR C 53 -17.83 -9.17 -30.84
N GLN C 54 -17.91 -10.35 -31.45
CA GLN C 54 -19.20 -11.06 -31.41
C GLN C 54 -19.46 -11.65 -30.03
N TRP C 55 -18.42 -12.10 -29.33
CA TRP C 55 -18.63 -12.67 -28.00
C TRP C 55 -19.19 -11.60 -27.05
N TRP C 56 -18.48 -10.49 -26.95
CA TRP C 56 -18.95 -9.44 -26.02
C TRP C 56 -20.26 -8.81 -26.51
N ARG C 57 -20.47 -8.72 -27.81
CA ARG C 57 -21.80 -8.36 -28.32
C ARG C 57 -22.85 -9.27 -27.72
N ASP C 58 -22.59 -10.57 -27.74
CA ASP C 58 -23.61 -11.51 -27.26
C ASP C 58 -23.84 -11.34 -25.76
N VAL C 59 -22.78 -11.05 -24.98
CA VAL C 59 -22.96 -10.79 -23.55
C VAL C 59 -23.88 -9.60 -23.33
N ILE C 60 -23.73 -8.54 -24.13
CA ILE C 60 -24.66 -7.40 -24.04
C ILE C 60 -26.09 -7.84 -24.42
N ARG C 61 -26.23 -8.64 -25.48
CA ARG C 61 -27.57 -9.14 -25.82
C ARG C 61 -28.18 -9.93 -24.68
N GLU C 62 -27.36 -10.78 -24.04
CA GLU C 62 -27.85 -11.63 -22.97
C GLU C 62 -28.28 -10.85 -21.75
N SER C 63 -27.70 -9.65 -21.52
CA SER C 63 -27.90 -8.93 -20.27
C SER C 63 -28.84 -7.76 -20.46
N THR C 64 -28.39 -6.75 -21.19
CA THR C 64 -29.24 -5.57 -21.44
C THR C 64 -30.52 -6.00 -22.17
N PHE C 65 -30.39 -6.88 -23.18
CA PHE C 65 -31.58 -7.13 -24.02
C PHE C 65 -32.39 -8.31 -23.56
N GLN C 66 -31.77 -9.35 -22.98
CA GLN C 66 -32.55 -10.54 -22.59
C GLN C 66 -32.76 -10.69 -21.09
N GLY C 67 -32.04 -9.96 -20.26
CA GLY C 67 -32.34 -10.00 -18.83
C GLY C 67 -31.72 -11.16 -18.05
N HIS C 68 -30.67 -11.83 -18.59
CA HIS C 68 -30.13 -12.98 -17.86
C HIS C 68 -29.21 -12.60 -16.70
N HIS C 69 -28.85 -11.32 -16.55
CA HIS C 69 -27.90 -11.00 -15.49
C HIS C 69 -28.64 -10.65 -14.22
N THR C 70 -29.12 -11.70 -13.55
CA THR C 70 -29.63 -11.58 -12.20
C THR C 70 -28.50 -11.12 -11.25
N PRO C 71 -28.82 -10.85 -9.98
CA PRO C 71 -27.73 -10.46 -9.04
C PRO C 71 -26.72 -11.58 -8.88
N ALA C 72 -27.16 -12.86 -8.87
CA ALA C 72 -26.21 -13.96 -8.70
C ALA C 72 -25.26 -14.02 -9.89
N VAL C 73 -25.77 -13.79 -11.10
CA VAL C 73 -24.90 -13.82 -12.28
C VAL C 73 -23.90 -12.66 -12.23
N GLN C 74 -24.39 -11.49 -11.83
CA GLN C 74 -23.49 -10.34 -11.74
C GLN C 74 -22.42 -10.57 -10.70
N LYS C 75 -22.80 -11.19 -9.59
CA LYS C 75 -21.80 -11.46 -8.55
C LYS C 75 -20.69 -12.36 -9.09
N GLY C 76 -21.06 -13.35 -9.89
CA GLY C 76 -20.01 -14.18 -10.49
C GLY C 76 -19.11 -13.38 -11.41
N LEU C 77 -19.70 -12.48 -12.18
CA LEU C 77 -18.88 -11.69 -13.09
C LEU C 77 -17.96 -10.77 -12.32
N ARG C 78 -18.40 -10.28 -11.16
CA ARG C 78 -17.49 -9.49 -10.30
C ARG C 78 -16.29 -10.31 -9.89
N TYR C 79 -16.53 -11.49 -9.32
CA TYR C 79 -15.39 -12.40 -8.99
C TYR C 79 -14.51 -12.68 -10.21
N GLY C 80 -15.12 -12.97 -11.36
CA GLY C 80 -14.32 -13.31 -12.52
C GLY C 80 -13.38 -12.18 -12.91
N MET C 81 -13.89 -10.93 -12.87
CA MET C 81 -13.06 -9.79 -13.23
C MET C 81 -11.96 -9.56 -12.21
N ILE C 82 -12.28 -9.72 -10.94
CA ILE C 82 -11.24 -9.52 -9.93
C ILE C 82 -10.14 -10.56 -10.12
N LEU C 83 -10.52 -11.82 -10.35
CA LEU C 83 -9.53 -12.87 -10.53
C LEU C 83 -8.70 -12.62 -11.78
N PHE C 84 -9.34 -12.15 -12.84
CA PHE C 84 -8.59 -11.83 -14.08
C PHE C 84 -7.54 -10.74 -13.81
N ILE C 85 -7.96 -9.70 -13.07
CA ILE C 85 -7.02 -8.64 -12.71
C ILE C 85 -5.85 -9.18 -11.85
N ILE C 86 -6.13 -10.04 -10.89
CA ILE C 86 -5.07 -10.63 -10.10
C ILE C 86 -4.09 -11.36 -11.01
N SER C 87 -4.62 -12.13 -11.98
CA SER C 87 -3.66 -12.85 -12.85
C SER C 87 -2.78 -11.84 -13.63
N GLU C 88 -3.37 -10.72 -14.04
CA GLU C 88 -2.56 -9.73 -14.74
C GLU C 88 -1.55 -9.08 -13.83
N VAL C 89 -1.91 -8.86 -12.56
CA VAL C 89 -0.90 -8.35 -11.62
C VAL C 89 0.28 -9.30 -11.57
N LEU C 90 0.03 -10.59 -11.45
CA LEU C 90 1.17 -11.53 -11.35
C LEU C 90 1.98 -11.58 -12.63
N PHE C 91 1.34 -11.37 -13.79
CA PHE C 91 2.12 -11.29 -15.04
C PHE C 91 3.11 -10.11 -14.98
N PHE C 92 2.61 -8.94 -14.57
CA PHE C 92 3.53 -7.80 -14.44
C PHE C 92 4.58 -8.08 -13.37
N THR C 93 4.21 -8.80 -12.28
CA THR C 93 5.21 -9.07 -11.23
C THR C 93 6.43 -9.77 -11.79
N GLY C 94 6.26 -10.66 -12.77
CA GLY C 94 7.43 -11.29 -13.39
C GLY C 94 8.35 -10.28 -14.04
N PHE C 95 7.77 -9.26 -14.70
CA PHE C 95 8.66 -8.26 -15.31
C PHE C 95 9.29 -7.33 -14.29
N PHE C 96 8.57 -6.99 -13.20
CA PHE C 96 9.26 -6.23 -12.15
C PHE C 96 10.37 -7.07 -11.53
N TRP C 97 10.14 -8.37 -11.33
CA TRP C 97 11.22 -9.21 -10.77
C TRP C 97 12.44 -9.16 -11.70
N ALA C 98 12.21 -9.28 -13.00
CA ALA C 98 13.33 -9.19 -13.97
C ALA C 98 14.07 -7.85 -13.83
N PHE C 99 13.29 -6.78 -13.70
CA PHE C 99 13.93 -5.45 -13.60
C PHE C 99 14.75 -5.35 -12.33
N TYR C 100 14.17 -5.74 -11.17
CA TYR C 100 14.96 -5.59 -9.94
C TYR C 100 16.16 -6.54 -9.93
N HIS C 101 15.98 -7.76 -10.43
CA HIS C 101 17.12 -8.70 -10.53
C HIS C 101 18.31 -8.10 -11.26
N SER C 102 18.05 -7.46 -12.40
CA SER C 102 19.14 -6.97 -13.22
C SER C 102 19.71 -5.67 -12.69
N SER C 103 18.86 -4.82 -12.11
CA SER C 103 19.34 -3.49 -11.68
C SER C 103 19.96 -3.49 -10.29
N LEU C 104 19.56 -4.43 -9.45
CA LEU C 104 20.14 -4.50 -8.12
C LEU C 104 21.50 -5.17 -8.13
N ALA C 105 21.81 -5.91 -9.19
CA ALA C 105 23.06 -6.66 -9.25
C ALA C 105 23.69 -6.46 -10.63
N PRO C 106 24.05 -5.21 -10.96
CA PRO C 106 24.45 -4.96 -12.35
C PRO C 106 25.75 -5.72 -12.61
N THR C 107 25.81 -6.41 -13.75
CA THR C 107 26.94 -7.26 -14.07
C THR C 107 28.12 -6.50 -14.67
N PRO C 108 29.27 -7.15 -14.76
CA PRO C 108 30.43 -6.44 -15.37
C PRO C 108 30.16 -5.91 -16.76
N GLU C 109 29.37 -6.62 -17.57
CA GLU C 109 29.17 -6.17 -18.95
C GLU C 109 28.55 -4.78 -18.98
N LEU C 110 27.77 -4.43 -17.94
CA LEU C 110 27.10 -3.15 -17.87
C LEU C 110 28.05 -2.06 -17.42
N GLY C 111 29.26 -2.43 -16.99
CA GLY C 111 30.11 -1.52 -16.20
C GLY C 111 29.96 -1.75 -14.73
N GLY C 112 29.23 -2.79 -14.30
CA GLY C 112 29.02 -3.00 -12.89
C GLY C 112 28.20 -1.94 -12.18
N CYS C 113 27.37 -1.20 -12.91
CA CYS C 113 26.64 -0.08 -12.35
C CYS C 113 25.23 -0.01 -12.96
N TRP C 114 24.33 0.70 -12.28
CA TRP C 114 23.05 0.97 -12.86
C TRP C 114 22.75 2.45 -12.70
N PRO C 115 22.24 3.11 -13.75
CA PRO C 115 22.03 2.62 -15.11
C PRO C 115 23.35 2.18 -15.78
N PRO C 116 23.31 1.27 -16.76
CA PRO C 116 24.55 0.82 -17.40
C PRO C 116 25.34 1.96 -18.03
N THR C 117 26.64 1.73 -18.15
CA THR C 117 27.47 2.64 -18.93
C THR C 117 26.86 2.83 -20.29
N GLY C 118 26.79 4.10 -20.73
CA GLY C 118 26.29 4.33 -22.08
C GLY C 118 24.78 4.49 -22.18
N ILE C 119 24.05 4.29 -21.08
CA ILE C 119 22.61 4.52 -21.05
C ILE C 119 22.33 5.90 -20.45
N HIS C 120 21.51 6.69 -21.14
CA HIS C 120 21.10 8.02 -20.66
C HIS C 120 19.59 8.01 -20.47
N PRO C 121 19.14 7.78 -19.23
CA PRO C 121 17.69 7.61 -18.98
C PRO C 121 16.95 8.89 -19.30
N LEU C 122 15.67 8.71 -19.57
CA LEU C 122 14.76 9.86 -19.64
C LEU C 122 14.72 10.56 -18.29
N ASN C 123 14.45 11.87 -18.33
CA ASN C 123 14.28 12.60 -17.09
C ASN C 123 12.90 12.32 -16.50
N PRO C 124 12.79 11.71 -15.30
CA PRO C 124 11.48 11.29 -14.79
C PRO C 124 10.59 12.48 -14.46
N LEU C 125 11.17 13.68 -14.42
CA LEU C 125 10.38 14.85 -14.10
C LEU C 125 9.77 15.52 -15.33
N GLU C 126 10.01 14.99 -16.52
CA GLU C 126 9.49 15.59 -17.73
C GLU C 126 8.27 14.78 -18.18
N VAL C 127 8.31 14.14 -19.35
CA VAL C 127 7.09 13.45 -19.84
C VAL C 127 6.68 12.35 -18.88
N PRO C 128 7.59 11.58 -18.25
CA PRO C 128 7.10 10.56 -17.33
C PRO C 128 6.24 11.13 -16.23
N LEU C 129 6.59 12.31 -15.68
CA LEU C 129 5.78 12.93 -14.63
C LEU C 129 4.47 13.38 -15.21
N LEU C 130 4.50 13.90 -16.44
CA LEU C 130 3.25 14.29 -17.08
C LEU C 130 2.35 13.08 -17.27
N ASN C 131 2.91 11.95 -17.69
CA ASN C 131 2.09 10.75 -17.87
C ASN C 131 1.48 10.30 -16.56
N THR C 132 2.23 10.44 -15.47
CA THR C 132 1.73 10.11 -14.14
C THR C 132 0.52 10.99 -13.80
N SER C 133 0.64 12.28 -14.04
CA SER C 133 -0.46 13.19 -13.72
C SER C 133 -1.67 12.88 -14.58
N VAL C 134 -1.43 12.45 -15.81
CA VAL C 134 -2.52 12.12 -16.74
C VAL C 134 -3.31 10.92 -16.25
N LEU C 135 -2.61 9.84 -15.87
CA LEU C 135 -3.35 8.64 -15.45
C LEU C 135 -4.00 8.84 -14.08
N LEU C 136 -3.30 9.49 -13.15
CA LEU C 136 -3.94 9.83 -11.88
C LEU C 136 -5.20 10.66 -12.10
N ALA C 137 -5.12 11.66 -13.00
CA ALA C 137 -6.29 12.50 -13.26
C ALA C 137 -7.42 11.66 -13.81
N SER C 138 -7.08 10.70 -14.69
CA SER C 138 -8.11 9.87 -15.29
C SER C 138 -8.77 8.97 -14.25
N GLY C 139 -8.05 8.66 -13.17
CA GLY C 139 -8.65 7.87 -12.10
C GLY C 139 -9.65 8.71 -11.31
N VAL C 140 -9.43 10.02 -11.24
CA VAL C 140 -10.41 10.93 -10.62
C VAL C 140 -11.62 11.07 -11.53
N SER C 141 -11.37 11.29 -12.82
CA SER C 141 -12.51 11.51 -13.69
C SER C 141 -13.35 10.26 -13.86
N ILE C 142 -12.74 9.07 -13.84
CA ILE C 142 -13.63 7.89 -14.01
C ILE C 142 -14.47 7.69 -12.75
N THR C 143 -13.97 8.15 -11.60
CA THR C 143 -14.74 8.08 -10.37
C THR C 143 -15.90 9.05 -10.43
N TRP C 144 -15.66 10.26 -10.97
CA TRP C 144 -16.78 11.16 -11.22
C TRP C 144 -17.81 10.49 -12.14
N ALA C 145 -17.35 9.80 -13.19
CA ALA C 145 -18.32 9.16 -14.14
C ALA C 145 -19.14 8.14 -13.40
N HIS C 146 -18.46 7.37 -12.56
CA HIS C 146 -19.18 6.32 -11.82
C HIS C 146 -20.27 6.89 -10.93
N HIS C 147 -19.94 7.95 -10.16
CA HIS C 147 -20.96 8.58 -9.31
C HIS C 147 -22.05 9.26 -10.11
N SER C 148 -21.73 9.86 -11.25
CA SER C 148 -22.80 10.43 -12.07
C SER C 148 -23.77 9.35 -12.53
N LEU C 149 -23.25 8.20 -12.98
CA LEU C 149 -24.11 7.09 -13.39
C LEU C 149 -25.01 6.61 -12.25
N MET C 150 -24.43 6.42 -11.06
CA MET C 150 -25.21 5.98 -9.89
C MET C 150 -26.26 6.98 -9.51
N GLU C 151 -25.99 8.27 -9.73
CA GLU C 151 -26.97 9.32 -9.43
C GLU C 151 -27.94 9.58 -10.57
N GLY C 152 -27.86 8.81 -11.63
CA GLY C 152 -28.79 8.92 -12.72
C GLY C 152 -28.54 10.05 -13.67
N ASP C 153 -27.30 10.55 -13.76
CA ASP C 153 -27.02 11.78 -14.49
C ASP C 153 -26.33 11.41 -15.80
N ARG C 154 -27.09 11.35 -16.88
CA ARG C 154 -26.56 10.88 -18.15
C ARG C 154 -25.48 11.81 -18.72
N LYS C 155 -25.75 13.11 -18.73
CA LYS C 155 -24.84 14.06 -19.36
C LYS C 155 -23.49 14.07 -18.67
N HIS C 156 -23.50 14.15 -17.33
CA HIS C 156 -22.22 14.22 -16.65
C HIS C 156 -21.51 12.90 -16.67
N MET C 157 -22.23 11.75 -16.70
CA MET C 157 -21.51 10.50 -16.89
C MET C 157 -20.76 10.55 -18.20
N LEU C 158 -21.45 10.95 -19.27
CA LEU C 158 -20.82 10.96 -20.58
C LEU C 158 -19.64 11.93 -20.61
N GLN C 159 -19.80 13.09 -19.97
CA GLN C 159 -18.71 14.08 -19.97
C GLN C 159 -17.49 13.51 -19.23
N ALA C 160 -17.70 12.93 -18.06
CA ALA C 160 -16.57 12.43 -17.27
C ALA C 160 -15.89 11.25 -17.94
N LEU C 161 -16.68 10.36 -18.55
CA LEU C 161 -16.14 9.21 -19.24
C LEU C 161 -15.37 9.68 -20.46
N PHE C 162 -15.89 10.68 -21.16
CA PHE C 162 -15.13 11.25 -22.28
C PHE C 162 -13.79 11.84 -21.84
N ILE C 163 -13.78 12.57 -20.72
CA ILE C 163 -12.53 13.11 -20.22
C ILE C 163 -11.58 11.97 -19.89
N THR C 164 -12.11 10.90 -19.26
CA THR C 164 -11.22 9.78 -18.87
C THR C 164 -10.54 9.18 -20.11
N ILE C 165 -11.36 8.95 -21.15
CA ILE C 165 -10.88 8.36 -22.40
C ILE C 165 -9.86 9.29 -23.04
N THR C 166 -10.18 10.59 -23.09
CA THR C 166 -9.23 11.55 -23.66
C THR C 166 -7.89 11.47 -22.95
N LEU C 167 -7.91 11.37 -21.62
CA LEU C 167 -6.63 11.24 -20.90
C LEU C 167 -5.90 9.95 -21.27
N GLY C 168 -6.63 8.82 -21.35
CA GLY C 168 -6.00 7.57 -21.79
C GLY C 168 -5.32 7.72 -23.15
N VAL C 169 -6.02 8.34 -24.09
CA VAL C 169 -5.43 8.62 -25.40
C VAL C 169 -4.22 9.54 -25.28
N TYR C 170 -4.30 10.59 -24.45
CA TYR C 170 -3.16 11.48 -24.23
C TYR C 170 -1.95 10.70 -23.73
N PHE C 171 -2.16 9.83 -22.73
CA PHE C 171 -1.04 9.03 -22.21
C PHE C 171 -0.39 8.23 -23.35
N THR C 172 -1.23 7.61 -24.17
CA THR C 172 -0.74 6.72 -25.23
C THR C 172 0.05 7.50 -26.26
N LEU C 173 -0.48 8.64 -26.67
CA LEU C 173 0.25 9.48 -27.61
C LEU C 173 1.55 9.98 -27.02
N LEU C 174 1.54 10.40 -25.75
CA LEU C 174 2.77 10.82 -25.09
C LEU C 174 3.78 9.68 -25.06
N GLN C 175 3.32 8.49 -24.69
CA GLN C 175 4.23 7.36 -24.60
C GLN C 175 4.79 6.99 -25.98
N ALA C 176 3.96 7.07 -27.02
CA ALA C 176 4.45 6.80 -28.37
C ALA C 176 5.56 7.78 -28.74
N SER C 177 5.35 9.06 -28.42
CA SER C 177 6.36 10.06 -28.69
C SER C 177 7.61 9.78 -27.88
N GLU C 178 7.43 9.44 -26.60
CA GLU C 178 8.61 9.13 -25.79
C GLU C 178 9.39 7.95 -26.35
N TYR C 179 8.67 6.92 -26.82
CA TYR C 179 9.34 5.76 -27.43
C TYR C 179 10.17 6.22 -28.62
N TYR C 180 9.57 7.00 -29.50
CA TYR C 180 10.31 7.51 -30.66
C TYR C 180 11.52 8.37 -30.26
N GLU C 181 11.37 9.23 -29.27
CA GLU C 181 12.45 10.12 -28.89
C GLU C 181 13.50 9.45 -28.03
N ALA C 182 13.23 8.29 -27.44
CA ALA C 182 14.18 7.73 -26.48
C ALA C 182 15.52 7.42 -27.18
N PRO C 183 16.66 7.82 -26.61
CA PRO C 183 17.98 7.49 -27.22
C PRO C 183 18.38 6.07 -27.05
N PHE C 184 17.74 5.31 -26.16
CA PHE C 184 18.02 3.90 -26.01
C PHE C 184 16.88 3.10 -26.63
N THR C 185 17.15 1.84 -26.94
CA THR C 185 16.19 0.98 -27.62
C THR C 185 16.05 -0.34 -26.88
N ILE C 186 15.13 -1.15 -27.38
CA ILE C 186 14.90 -2.45 -26.76
C ILE C 186 16.16 -3.30 -26.88
N SER C 187 17.03 -3.04 -27.86
CA SER C 187 18.24 -3.85 -27.99
C SER C 187 19.39 -3.31 -27.15
N ASP C 188 19.16 -2.29 -26.33
CA ASP C 188 20.23 -1.72 -25.52
C ASP C 188 20.32 -2.46 -24.18
N GLY C 189 20.69 -3.71 -24.30
CA GLY C 189 20.94 -4.55 -23.16
C GLY C 189 19.73 -4.68 -22.28
N VAL C 190 20.00 -5.08 -21.05
CA VAL C 190 18.88 -5.35 -20.12
C VAL C 190 18.17 -4.08 -19.69
N TYR C 191 18.81 -2.91 -19.79
CA TYR C 191 18.10 -1.68 -19.52
C TYR C 191 16.99 -1.47 -20.53
N GLY C 192 17.33 -1.55 -21.84
CA GLY C 192 16.31 -1.38 -22.86
C GLY C 192 15.31 -2.52 -22.83
N SER C 193 15.78 -3.72 -22.49
CA SER C 193 14.88 -4.87 -22.45
C SER C 193 13.79 -4.66 -21.40
N THR C 194 14.21 -4.40 -20.15
CA THR C 194 13.21 -4.23 -19.10
C THR C 194 12.36 -3.01 -19.35
N PHE C 195 12.97 -1.90 -19.75
CA PHE C 195 12.21 -0.68 -19.99
C PHE C 195 11.10 -0.88 -21.02
N PHE C 196 11.45 -1.35 -22.21
CA PHE C 196 10.42 -1.41 -23.25
C PHE C 196 9.47 -2.57 -23.08
N VAL C 197 9.91 -3.73 -22.58
CA VAL C 197 8.94 -4.82 -22.45
C VAL C 197 7.94 -4.49 -21.36
N ALA C 198 8.42 -3.95 -20.23
CA ALA C 198 7.50 -3.66 -19.12
C ALA C 198 6.59 -2.48 -19.45
N THR C 199 7.19 -1.36 -19.89
CA THR C 199 6.28 -0.25 -20.24
C THR C 199 5.46 -0.60 -21.46
N GLY C 200 5.99 -1.49 -22.32
CA GLY C 200 5.29 -1.86 -23.55
C GLY C 200 4.05 -2.68 -23.24
N PHE C 201 4.19 -3.66 -22.33
CA PHE C 201 2.97 -4.39 -21.96
C PHE C 201 1.99 -3.43 -21.25
N HIS C 202 2.54 -2.51 -20.43
CA HIS C 202 1.64 -1.54 -19.77
C HIS C 202 0.90 -0.70 -20.81
N GLY C 203 1.61 -0.23 -21.84
CA GLY C 203 0.96 0.57 -22.86
C GLY C 203 -0.09 -0.23 -23.61
N LEU C 204 0.15 -1.52 -23.83
CA LEU C 204 -0.89 -2.37 -24.42
C LEU C 204 -2.11 -2.43 -23.52
N HIS C 205 -1.88 -2.58 -22.22
CA HIS C 205 -3.04 -2.59 -21.32
C HIS C 205 -3.75 -1.23 -21.29
N VAL C 206 -3.01 -0.12 -21.44
CA VAL C 206 -3.71 1.19 -21.52
C VAL C 206 -4.61 1.23 -22.75
N ILE C 207 -4.12 0.72 -23.87
CA ILE C 207 -4.92 0.69 -25.09
C ILE C 207 -6.13 -0.22 -24.90
N ILE C 208 -5.92 -1.39 -24.29
CA ILE C 208 -7.06 -2.28 -24.00
C ILE C 208 -8.05 -1.59 -23.07
N GLY C 209 -7.54 -1.00 -21.99
CA GLY C 209 -8.45 -0.33 -21.05
C GLY C 209 -9.18 0.83 -21.69
N SER C 210 -8.49 1.59 -22.55
CA SER C 210 -9.16 2.69 -23.23
C SER C 210 -10.25 2.18 -24.15
N THR C 211 -9.96 1.10 -24.89
CA THR C 211 -10.98 0.51 -25.76
C THR C 211 -12.18 0.10 -24.95
N PHE C 212 -11.95 -0.52 -23.80
CA PHE C 212 -13.06 -0.95 -22.95
C PHE C 212 -13.88 0.28 -22.47
N LEU C 213 -13.21 1.35 -22.06
CA LEU C 213 -13.95 2.58 -21.71
C LEU C 213 -14.73 3.09 -22.89
N ILE C 214 -14.17 3.00 -24.12
CA ILE C 214 -14.91 3.48 -25.29
C ILE C 214 -16.13 2.61 -25.54
N VAL C 215 -15.97 1.29 -25.39
CA VAL C 215 -17.18 0.45 -25.47
C VAL C 215 -18.24 0.95 -24.48
N CYS C 216 -17.85 1.16 -23.22
CA CYS C 216 -18.82 1.68 -22.23
C CYS C 216 -19.39 3.02 -22.65
N PHE C 217 -18.58 3.86 -23.26
CA PHE C 217 -19.11 5.16 -23.69
C PHE C 217 -20.23 4.99 -24.70
N PHE C 218 -20.04 4.14 -25.70
CA PHE C 218 -21.11 3.96 -26.68
C PHE C 218 -22.30 3.20 -26.11
N ARG C 219 -22.07 2.21 -25.23
CA ARG C 219 -23.23 1.61 -24.55
C ARG C 219 -23.99 2.65 -23.74
N GLN C 220 -23.28 3.55 -23.05
CA GLN C 220 -23.97 4.62 -22.32
C GLN C 220 -24.78 5.50 -23.27
N LEU C 221 -24.16 5.88 -24.39
CA LEU C 221 -24.89 6.68 -25.36
C LEU C 221 -26.18 6.00 -25.77
N LYS C 222 -26.16 4.67 -25.84
CA LYS C 222 -27.32 3.89 -26.24
C LYS C 222 -28.25 3.53 -25.08
N PHE C 223 -28.02 4.07 -23.87
CA PHE C 223 -28.86 3.90 -22.66
C PHE C 223 -28.81 2.48 -22.09
N HIS C 224 -27.74 1.73 -22.35
CA HIS C 224 -27.74 0.34 -21.85
C HIS C 224 -27.69 0.29 -20.34
N PHE C 225 -26.99 1.24 -19.70
CA PHE C 225 -26.74 1.13 -18.25
C PHE C 225 -27.89 1.71 -17.45
N THR C 226 -28.28 1.02 -16.37
CA THR C 226 -29.21 1.68 -15.45
C THR C 226 -28.39 2.26 -14.33
N SER C 227 -29.08 3.03 -13.50
CA SER C 227 -28.34 3.68 -12.41
C SER C 227 -27.87 2.66 -11.39
N ASN C 228 -28.45 1.47 -11.39
CA ASN C 228 -28.01 0.43 -10.45
C ASN C 228 -27.35 -0.77 -11.10
N HIS C 229 -27.44 -0.93 -12.42
CA HIS C 229 -26.93 -2.13 -13.09
C HIS C 229 -26.03 -1.73 -14.25
N HIS C 230 -24.69 -1.93 -14.08
CA HIS C 230 -23.77 -1.44 -15.08
C HIS C 230 -22.43 -2.08 -14.87
N PHE C 231 -22.43 -3.41 -14.85
CA PHE C 231 -21.18 -4.07 -14.44
C PHE C 231 -20.09 -3.86 -15.48
N GLY C 232 -20.43 -3.73 -16.77
CA GLY C 232 -19.34 -3.51 -17.76
C GLY C 232 -18.58 -2.24 -17.43
N PHE C 233 -19.32 -1.21 -17.00
CA PHE C 233 -18.68 0.04 -16.57
C PHE C 233 -17.81 -0.20 -15.33
N GLU C 234 -18.36 -0.90 -14.32
CA GLU C 234 -17.55 -1.18 -13.13
C GLU C 234 -16.28 -1.94 -13.49
N ALA C 235 -16.41 -3.00 -14.30
CA ALA C 235 -15.25 -3.77 -14.72
C ALA C 235 -14.22 -2.90 -15.47
N ALA C 236 -14.70 -2.05 -16.39
CA ALA C 236 -13.74 -1.16 -17.08
C ALA C 236 -13.06 -0.25 -16.10
N ALA C 237 -13.79 0.22 -15.06
CA ALA C 237 -13.16 1.15 -14.09
C ALA C 237 -12.14 0.41 -13.23
N TRP C 238 -12.47 -0.82 -12.80
CA TRP C 238 -11.50 -1.62 -12.03
C TRP C 238 -10.23 -1.87 -12.86
N TYR C 239 -10.41 -2.25 -14.12
CA TYR C 239 -9.27 -2.48 -15.01
C TYR C 239 -8.48 -1.20 -15.18
N TRP C 240 -9.17 -0.07 -15.27
CA TRP C 240 -8.51 1.23 -15.47
C TRP C 240 -7.69 1.60 -14.23
N HIS C 241 -8.23 1.34 -13.03
CA HIS C 241 -7.43 1.61 -11.84
C HIS C 241 -6.21 0.69 -11.75
N PHE C 242 -6.39 -0.57 -12.16
CA PHE C 242 -5.23 -1.48 -12.27
C PHE C 242 -4.17 -0.91 -13.21
N VAL C 243 -4.58 -0.43 -14.38
CA VAL C 243 -3.58 0.16 -15.30
C VAL C 243 -2.88 1.37 -14.68
N ASP C 244 -3.64 2.20 -13.91
CA ASP C 244 -3.05 3.36 -13.21
C ASP C 244 -2.04 2.88 -12.16
N VAL C 245 -2.40 1.84 -11.38
CA VAL C 245 -1.49 1.41 -10.33
C VAL C 245 -0.22 0.77 -10.90
N VAL C 246 -0.37 -0.05 -11.94
CA VAL C 246 0.83 -0.58 -12.58
C VAL C 246 1.72 0.57 -13.05
N TRP C 247 1.13 1.63 -13.62
CA TRP C 247 1.97 2.79 -14.02
C TRP C 247 2.74 3.40 -12.84
N LEU C 248 2.07 3.57 -11.70
CA LEU C 248 2.74 4.17 -10.55
C LEU C 248 3.92 3.29 -10.13
N PHE C 249 3.78 1.95 -10.12
CA PHE C 249 4.90 1.08 -9.81
C PHE C 249 5.97 1.19 -10.88
N LEU C 250 5.60 1.30 -12.16
CA LEU C 250 6.65 1.48 -13.18
C LEU C 250 7.42 2.78 -13.01
N TYR C 251 6.66 3.84 -12.78
CA TYR C 251 7.27 5.17 -12.65
C TYR C 251 8.26 5.16 -11.48
N VAL C 252 7.82 4.67 -10.32
CA VAL C 252 8.70 4.67 -9.16
C VAL C 252 9.90 3.76 -9.40
N SER C 253 9.65 2.55 -9.94
CA SER C 253 10.74 1.56 -10.08
C SER C 253 11.68 1.87 -11.24
N ILE C 254 11.16 1.91 -12.44
CA ILE C 254 12.01 1.96 -13.64
C ILE C 254 12.43 3.39 -13.97
N TYR C 255 11.49 4.33 -13.94
CA TYR C 255 11.82 5.70 -14.36
C TYR C 255 12.55 6.50 -13.30
N TRP C 256 12.17 6.34 -12.04
CA TRP C 256 12.70 7.20 -11.00
C TRP C 256 13.83 6.49 -10.27
N TRP C 257 13.49 5.45 -9.51
CA TRP C 257 14.52 4.69 -8.79
C TRP C 257 15.60 4.13 -9.73
N GLY C 258 15.19 3.61 -10.89
CA GLY C 258 16.12 3.07 -11.88
C GLY C 258 16.91 4.11 -12.71
N SER C 259 16.77 5.40 -12.44
CA SER C 259 17.48 6.39 -13.25
C SER C 259 18.84 6.73 -12.65
N SER D 1 -37.78 -57.97 -7.25
CA SER D 1 -37.72 -58.52 -8.62
C SER D 1 -36.95 -57.54 -9.60
N VAL D 2 -37.61 -56.80 -10.50
CA VAL D 2 -36.98 -56.15 -11.67
C VAL D 2 -36.71 -54.63 -11.45
N VAL D 3 -35.45 -54.23 -11.35
CA VAL D 3 -35.06 -52.83 -11.14
C VAL D 3 -34.84 -52.13 -12.47
N LYS D 4 -35.38 -50.93 -12.58
CA LYS D 4 -35.43 -50.15 -13.79
C LYS D 4 -34.50 -48.95 -13.63
N SER D 5 -33.81 -48.63 -14.73
CA SER D 5 -33.02 -47.41 -14.76
C SER D 5 -33.89 -46.22 -14.39
N GLU D 6 -35.15 -46.18 -14.91
CA GLU D 6 -35.92 -44.97 -14.64
C GLU D 6 -36.31 -44.84 -13.17
N ASP D 7 -35.86 -45.76 -12.29
CA ASP D 7 -36.23 -45.70 -10.87
C ASP D 7 -35.14 -45.09 -10.01
N TYR D 8 -34.18 -44.40 -10.60
CA TYR D 8 -32.99 -44.08 -9.82
C TYR D 8 -33.29 -43.15 -8.65
N ALA D 9 -34.38 -42.35 -8.68
CA ALA D 9 -34.65 -41.37 -7.62
C ALA D 9 -35.47 -41.97 -6.48
N LEU D 10 -35.89 -43.24 -6.60
CA LEU D 10 -36.66 -43.90 -5.55
C LEU D 10 -35.78 -44.68 -4.59
N PRO D 11 -36.24 -44.82 -3.36
CA PRO D 11 -35.56 -45.71 -2.41
C PRO D 11 -35.38 -47.09 -3.03
N SER D 12 -34.21 -47.66 -2.81
CA SER D 12 -33.81 -48.88 -3.51
C SER D 12 -33.35 -49.92 -2.51
N TYR D 13 -33.28 -51.17 -2.96
CA TYR D 13 -32.79 -52.27 -2.13
C TYR D 13 -31.29 -52.42 -2.26
N VAL D 14 -30.63 -52.74 -1.14
CA VAL D 14 -29.24 -53.13 -1.22
C VAL D 14 -28.95 -54.19 -0.17
N ASP D 15 -28.04 -55.11 -0.50
CA ASP D 15 -27.50 -56.10 0.45
C ASP D 15 -26.11 -55.60 0.86
N ARG D 16 -26.01 -55.10 2.08
CA ARG D 16 -24.75 -54.59 2.63
C ARG D 16 -24.71 -54.95 4.09
N ARG D 17 -23.61 -55.58 4.55
CA ARG D 17 -23.64 -56.12 5.90
C ARG D 17 -23.67 -54.99 6.92
N ASP D 18 -23.31 -53.79 6.49
CA ASP D 18 -23.39 -52.62 7.37
C ASP D 18 -24.64 -51.79 7.15
N TYR D 19 -25.63 -52.30 6.42
CA TYR D 19 -26.88 -51.59 6.27
C TYR D 19 -27.94 -52.69 6.30
N PRO D 20 -28.06 -53.38 7.44
CA PRO D 20 -28.78 -54.65 7.45
C PRO D 20 -30.24 -54.51 7.06
N LEU D 21 -30.93 -53.39 7.33
CA LEU D 21 -32.37 -53.30 7.05
C LEU D 21 -32.54 -52.25 5.96
N PRO D 22 -32.57 -52.68 4.70
CA PRO D 22 -32.63 -51.70 3.58
C PRO D 22 -33.95 -50.94 3.56
N ASP D 23 -33.98 -49.95 2.68
CA ASP D 23 -35.09 -48.99 2.69
C ASP D 23 -36.39 -49.57 2.12
N VAL D 24 -36.31 -50.64 1.36
CA VAL D 24 -37.50 -51.26 0.79
C VAL D 24 -37.36 -52.77 0.92
N ALA D 25 -38.54 -53.44 0.85
CA ALA D 25 -38.51 -54.89 0.76
C ALA D 25 -37.91 -55.31 -0.56
N HIS D 26 -37.25 -56.46 -0.57
CA HIS D 26 -36.76 -57.06 -1.81
C HIS D 26 -37.93 -57.35 -2.79
N VAL D 27 -39.02 -57.89 -2.30
CA VAL D 27 -40.20 -58.24 -3.13
C VAL D 27 -41.37 -57.47 -2.58
N LYS D 28 -41.95 -56.58 -3.39
CA LYS D 28 -43.12 -55.79 -2.98
C LYS D 28 -44.45 -56.38 -3.42
N ASN D 29 -44.47 -56.99 -4.58
CA ASN D 29 -45.72 -57.59 -5.07
C ASN D 29 -45.88 -59.01 -4.52
N LEU D 30 -47.09 -59.32 -4.00
CA LEU D 30 -47.35 -60.58 -3.30
C LEU D 30 -48.40 -61.38 -4.08
N SER D 31 -48.13 -62.66 -4.26
CA SER D 31 -49.18 -63.54 -4.82
C SER D 31 -50.30 -63.80 -3.81
N ALA D 32 -51.37 -64.52 -4.24
CA ALA D 32 -52.35 -64.91 -3.24
C ALA D 32 -51.71 -65.66 -2.08
N SER D 33 -50.81 -66.64 -2.35
CA SER D 33 -50.33 -67.42 -1.19
C SER D 33 -49.40 -66.57 -0.32
N GLN D 34 -48.71 -65.66 -0.98
CA GLN D 34 -47.76 -64.78 -0.26
C GLN D 34 -48.53 -63.77 0.57
N LYS D 35 -49.69 -63.30 0.06
CA LYS D 35 -50.57 -62.48 0.90
C LYS D 35 -51.03 -63.24 2.13
N ALA D 36 -51.44 -64.52 1.95
CA ALA D 36 -51.90 -65.30 3.08
C ALA D 36 -50.79 -65.50 4.10
N LEU D 37 -49.56 -65.62 3.59
CA LEU D 37 -48.38 -65.81 4.46
C LEU D 37 -48.13 -64.56 5.31
N LYS D 38 -48.26 -63.38 4.68
CA LYS D 38 -48.10 -62.14 5.45
C LYS D 38 -49.20 -61.98 6.48
N GLU D 39 -50.42 -62.47 6.21
CA GLU D 39 -51.43 -62.45 7.25
C GLU D 39 -51.05 -63.39 8.38
N LYS D 40 -50.58 -64.58 8.05
CA LYS D 40 -50.23 -65.55 9.09
C LYS D 40 -49.11 -65.01 9.96
N GLU D 41 -48.22 -64.24 9.34
CA GLU D 41 -47.15 -63.59 10.09
C GLU D 41 -47.68 -62.69 11.19
N LYS D 42 -48.98 -62.29 11.14
CA LYS D 42 -49.48 -61.45 12.20
C LYS D 42 -49.84 -62.27 13.43
N ALA D 43 -49.90 -63.60 13.30
CA ALA D 43 -50.16 -64.49 14.43
C ALA D 43 -48.82 -64.97 14.99
N SER D 44 -48.86 -65.85 16.00
CA SER D 44 -47.60 -66.34 16.59
C SER D 44 -46.64 -66.94 15.55
N TRP D 45 -45.38 -66.48 15.56
CA TRP D 45 -44.44 -67.06 14.61
C TRP D 45 -44.09 -68.51 14.91
N SER D 46 -44.38 -68.98 16.12
CA SER D 46 -44.21 -70.40 16.41
C SER D 46 -45.10 -71.25 15.52
N SER D 47 -46.20 -70.69 15.05
CA SER D 47 -47.07 -71.44 14.14
C SER D 47 -46.64 -71.39 12.67
N LEU D 48 -45.65 -70.57 12.31
CA LEU D 48 -45.08 -70.65 10.98
C LEU D 48 -44.18 -71.87 10.84
N SER D 49 -44.23 -72.52 9.69
CA SER D 49 -43.27 -73.58 9.38
C SER D 49 -41.90 -73.02 9.00
N ILE D 50 -40.88 -73.89 8.99
CA ILE D 50 -39.54 -73.47 8.55
C ILE D 50 -39.62 -72.92 7.12
N ASP D 51 -40.34 -73.61 6.24
CA ASP D 51 -40.41 -73.12 4.86
C ASP D 51 -41.10 -71.78 4.79
N GLU D 52 -42.14 -71.57 5.62
CA GLU D 52 -42.81 -70.28 5.63
C GLU D 52 -41.89 -69.18 6.14
N LYS D 53 -41.10 -69.48 7.16
CA LYS D 53 -40.14 -68.48 7.67
C LYS D 53 -39.10 -68.13 6.61
N VAL D 54 -38.57 -69.14 5.91
CA VAL D 54 -37.60 -68.86 4.85
C VAL D 54 -38.25 -67.99 3.79
N GLU D 55 -39.52 -68.31 3.43
CA GLU D 55 -40.20 -67.52 2.41
C GLU D 55 -40.40 -66.07 2.87
N LEU D 56 -40.79 -65.85 4.13
CA LEU D 56 -40.88 -64.48 4.64
C LEU D 56 -39.54 -63.79 4.53
N TYR D 57 -38.47 -64.50 4.86
CA TYR D 57 -37.13 -63.88 4.79
C TYR D 57 -36.80 -63.50 3.35
N ARG D 58 -37.09 -64.38 2.40
CA ARG D 58 -36.74 -64.13 1.01
C ARG D 58 -37.66 -63.12 0.33
N LEU D 59 -38.84 -62.84 0.89
CA LEU D 59 -39.63 -61.69 0.43
C LEU D 59 -39.00 -60.38 0.88
N LYS D 60 -38.50 -60.34 2.11
CA LYS D 60 -37.89 -59.10 2.66
C LYS D 60 -36.50 -58.84 2.08
N PHE D 61 -35.71 -59.88 1.94
CA PHE D 61 -34.31 -59.77 1.57
C PHE D 61 -33.99 -60.61 0.34
N LYS D 62 -32.96 -60.17 -0.39
CA LYS D 62 -32.49 -60.94 -1.53
C LYS D 62 -31.49 -62.02 -1.10
N GLU D 63 -30.29 -61.62 -0.67
CA GLU D 63 -29.30 -62.55 -0.18
C GLU D 63 -29.18 -62.46 1.35
N SER D 64 -28.92 -63.61 1.97
CA SER D 64 -28.55 -63.63 3.38
C SER D 64 -27.13 -63.05 3.57
N PHE D 65 -26.77 -62.80 4.84
CA PHE D 65 -25.39 -62.38 5.15
C PHE D 65 -24.36 -63.36 4.61
N ALA D 66 -24.54 -64.66 4.89
CA ALA D 66 -23.57 -65.64 4.40
C ALA D 66 -23.40 -65.56 2.88
N GLU D 67 -24.51 -65.39 2.13
CA GLU D 67 -24.44 -65.27 0.68
C GLU D 67 -23.74 -64.00 0.26
N MET D 68 -24.13 -62.86 0.82
CA MET D 68 -23.55 -61.62 0.34
C MET D 68 -22.08 -61.50 0.73
N ASN D 69 -21.62 -62.20 1.78
CA ASN D 69 -20.25 -62.07 2.24
C ASN D 69 -19.34 -63.19 1.73
N ARG D 70 -19.80 -64.00 0.79
CA ARG D 70 -19.06 -65.20 0.44
C ARG D 70 -17.78 -64.81 -0.29
N SER D 71 -16.78 -65.62 -0.09
CA SER D 71 -15.53 -65.43 -0.82
C SER D 71 -15.61 -66.04 -2.21
N THR D 72 -14.64 -65.68 -3.09
CA THR D 72 -14.75 -66.18 -4.46
C THR D 72 -13.35 -66.59 -4.88
N ASN D 73 -13.32 -67.24 -6.04
CA ASN D 73 -12.07 -67.68 -6.67
C ASN D 73 -11.49 -66.60 -7.58
N GLU D 74 -12.07 -65.39 -7.56
CA GLU D 74 -11.64 -64.35 -8.51
C GLU D 74 -10.11 -64.12 -8.45
N TRP D 75 -9.51 -64.19 -7.26
CA TRP D 75 -8.09 -63.89 -7.15
C TRP D 75 -7.25 -64.77 -8.06
N LYS D 76 -7.69 -66.02 -8.28
CA LYS D 76 -6.91 -66.90 -9.15
C LYS D 76 -6.89 -66.35 -10.57
N THR D 77 -8.07 -65.96 -11.07
CA THR D 77 -8.16 -65.35 -12.38
C THR D 77 -7.29 -64.10 -12.45
N VAL D 78 -7.39 -63.23 -11.43
CA VAL D 78 -6.66 -61.95 -11.50
C VAL D 78 -5.17 -62.21 -11.54
N VAL D 79 -4.67 -62.98 -10.58
CA VAL D 79 -3.23 -63.22 -10.50
C VAL D 79 -2.75 -63.93 -11.73
N GLY D 80 -3.49 -64.97 -12.16
CA GLY D 80 -3.03 -65.74 -13.30
C GLY D 80 -3.03 -64.92 -14.57
N ALA D 81 -4.06 -64.10 -14.75
CA ALA D 81 -4.11 -63.30 -15.97
C ALA D 81 -3.03 -62.23 -15.92
N ALA D 82 -2.83 -61.60 -14.75
CA ALA D 82 -1.74 -60.62 -14.64
C ALA D 82 -0.41 -61.27 -15.03
N MET D 83 -0.16 -62.48 -14.55
CA MET D 83 1.11 -63.17 -14.91
C MET D 83 1.13 -63.50 -16.39
N PHE D 84 0.00 -63.87 -16.97
CA PHE D 84 -0.03 -64.08 -18.41
C PHE D 84 0.43 -62.81 -19.15
N PHE D 85 -0.11 -61.66 -18.78
CA PHE D 85 0.20 -60.46 -19.56
C PHE D 85 1.61 -59.98 -19.27
N ILE D 86 2.09 -60.21 -18.05
CA ILE D 86 3.52 -59.97 -17.78
C ILE D 86 4.38 -60.89 -18.62
N GLY D 87 3.96 -62.16 -18.75
CA GLY D 87 4.70 -63.07 -19.62
C GLY D 87 4.67 -62.60 -21.05
N PHE D 88 3.52 -62.09 -21.49
CA PHE D 88 3.41 -61.58 -22.86
C PHE D 88 4.40 -60.43 -23.09
N THR D 89 4.59 -59.61 -22.06
CA THR D 89 5.52 -58.49 -22.17
C THR D 89 6.92 -58.99 -22.50
N ALA D 90 7.33 -60.10 -21.89
CA ALA D 90 8.67 -60.65 -22.19
C ALA D 90 8.77 -61.06 -23.65
N LEU D 91 7.66 -61.52 -24.26
CA LEU D 91 7.70 -61.76 -25.72
C LEU D 91 8.05 -60.47 -26.46
N LEU D 92 7.48 -59.34 -26.05
CA LEU D 92 7.79 -58.05 -26.71
C LEU D 92 9.27 -57.71 -26.53
N LEU D 93 9.80 -58.01 -25.35
CA LEU D 93 11.21 -57.72 -25.08
C LEU D 93 12.12 -58.60 -25.90
N ILE D 94 11.71 -59.86 -26.07
CA ILE D 94 12.45 -60.78 -26.93
C ILE D 94 12.45 -60.25 -28.35
N TRP D 95 11.29 -59.83 -28.84
CA TRP D 95 11.21 -59.24 -30.18
C TRP D 95 12.13 -58.02 -30.26
N GLU D 96 12.08 -57.15 -29.25
CA GLU D 96 12.92 -55.96 -29.33
C GLU D 96 14.41 -56.32 -29.41
N LYS D 97 14.85 -57.24 -28.55
CA LYS D 97 16.27 -57.64 -28.56
C LYS D 97 16.69 -58.22 -29.91
N HIS D 98 15.80 -58.96 -30.56
CA HIS D 98 16.14 -59.62 -31.82
C HIS D 98 16.16 -58.66 -32.99
N TYR D 99 15.18 -57.77 -33.08
CA TYR D 99 14.97 -56.99 -34.30
C TYR D 99 15.32 -55.52 -34.14
N VAL D 100 15.41 -54.99 -32.93
CA VAL D 100 15.66 -53.56 -32.78
C VAL D 100 17.09 -53.28 -32.34
N TYR D 101 17.53 -53.99 -31.30
CA TYR D 101 18.85 -53.71 -30.71
C TYR D 101 19.95 -54.40 -31.51
N GLY D 102 21.00 -53.66 -31.75
CA GLY D 102 22.26 -54.18 -32.31
C GLY D 102 23.25 -54.54 -31.22
N PRO D 103 24.50 -54.79 -31.63
CA PRO D 103 25.53 -55.24 -30.67
C PRO D 103 25.80 -54.17 -29.63
N ILE D 104 26.10 -54.61 -28.42
CA ILE D 104 26.47 -53.63 -27.42
C ILE D 104 27.97 -53.35 -27.58
N PRO D 105 28.50 -52.30 -26.96
CA PRO D 105 29.88 -51.90 -27.23
C PRO D 105 30.88 -52.97 -26.88
N HIS D 106 32.08 -52.82 -27.47
CA HIS D 106 33.12 -53.83 -27.28
C HIS D 106 33.70 -53.84 -25.89
N THR D 107 33.40 -52.82 -25.05
CA THR D 107 33.84 -52.81 -23.65
C THR D 107 33.19 -53.88 -22.78
N PHE D 108 32.16 -54.57 -23.27
CA PHE D 108 31.55 -55.66 -22.50
C PHE D 108 32.14 -57.03 -22.89
N GLU D 109 33.13 -57.06 -23.79
CA GLU D 109 33.79 -58.34 -24.12
C GLU D 109 34.49 -58.87 -22.88
N GLU D 110 34.47 -60.20 -22.69
CA GLU D 110 35.01 -60.78 -21.47
C GLU D 110 36.43 -60.32 -21.18
N GLU D 111 37.29 -60.27 -22.22
CA GLU D 111 38.68 -59.89 -21.97
C GLU D 111 38.78 -58.40 -21.59
N TRP D 112 37.97 -57.53 -22.24
CA TRP D 112 37.96 -56.12 -21.85
C TRP D 112 37.58 -55.98 -20.39
N VAL D 113 36.55 -56.71 -19.98
CA VAL D 113 36.03 -56.60 -18.63
C VAL D 113 37.06 -57.09 -17.63
N ALA D 114 37.79 -58.15 -17.98
CA ALA D 114 38.81 -58.65 -17.07
C ALA D 114 39.95 -57.64 -16.89
N LYS D 115 40.33 -56.99 -17.97
CA LYS D 115 41.34 -55.97 -17.88
C LYS D 115 40.85 -54.73 -17.14
N GLN D 116 39.63 -54.33 -17.43
CA GLN D 116 39.05 -53.17 -16.79
C GLN D 116 38.91 -53.41 -15.29
N THR D 117 38.51 -54.65 -14.91
CA THR D 117 38.47 -55.01 -13.50
C THR D 117 39.84 -54.86 -12.86
N LYS D 118 40.90 -55.33 -13.53
CA LYS D 118 42.20 -55.13 -12.90
C LYS D 118 42.54 -53.65 -12.78
N ARG D 119 42.28 -52.87 -13.82
CA ARG D 119 42.63 -51.46 -13.72
C ARG D 119 41.83 -50.77 -12.62
N MET D 120 40.55 -51.17 -12.42
CA MET D 120 39.78 -50.58 -11.33
C MET D 120 40.39 -50.94 -10.00
N LEU D 121 40.87 -52.18 -9.86
CA LEU D 121 41.58 -52.57 -8.64
C LEU D 121 42.89 -51.82 -8.49
N ASP D 122 43.60 -51.58 -9.62
CA ASP D 122 44.88 -50.82 -9.55
C ASP D 122 44.65 -49.38 -9.14
N MET D 123 43.49 -48.78 -9.51
CA MET D 123 43.24 -47.44 -9.02
C MET D 123 42.41 -47.47 -7.77
N LYS D 124 42.22 -48.65 -7.16
CA LYS D 124 41.55 -48.77 -5.86
C LYS D 124 40.14 -48.12 -5.88
N VAL D 125 39.39 -48.37 -6.96
CA VAL D 125 37.99 -47.93 -6.98
C VAL D 125 37.29 -48.46 -5.74
N ALA D 126 36.55 -47.53 -5.04
CA ALA D 126 35.75 -47.83 -3.83
C ALA D 126 36.51 -48.75 -2.88
N PRO D 127 37.62 -48.28 -2.33
CA PRO D 127 38.49 -49.14 -1.52
C PRO D 127 38.07 -49.26 -0.07
N ILE D 128 37.06 -48.49 0.36
CA ILE D 128 36.63 -48.58 1.74
C ILE D 128 35.55 -49.62 1.90
N GLN D 129 34.57 -49.63 1.00
CA GLN D 129 33.54 -50.65 1.03
C GLN D 129 33.18 -51.22 -0.33
N GLY D 130 33.08 -50.38 -1.37
CA GLY D 130 32.29 -50.79 -2.52
C GLY D 130 32.82 -51.83 -3.48
N PHE D 131 34.13 -51.81 -3.73
CA PHE D 131 34.66 -52.61 -4.84
C PHE D 131 36.04 -53.16 -4.47
N SER D 132 37.07 -52.31 -4.50
CA SER D 132 38.43 -52.80 -4.15
C SER D 132 38.50 -53.28 -2.73
N ALA D 133 37.66 -52.75 -1.83
CA ALA D 133 37.56 -53.33 -0.51
C ALA D 133 37.26 -54.81 -0.56
N LYS D 134 36.66 -55.30 -1.64
CA LYS D 134 36.30 -56.71 -1.64
C LYS D 134 37.41 -57.59 -2.24
N TRP D 135 38.52 -56.97 -2.62
CA TRP D 135 39.65 -57.66 -3.22
C TRP D 135 40.75 -57.82 -2.18
N ASP D 136 41.38 -59.01 -2.15
CA ASP D 136 42.44 -59.32 -1.19
C ASP D 136 43.74 -59.08 -1.92
N TYR D 137 44.33 -57.94 -1.63
CA TYR D 137 45.53 -57.50 -2.32
C TYR D 137 46.72 -58.31 -1.89
N ASP D 138 46.66 -58.98 -0.76
CA ASP D 138 47.77 -59.82 -0.31
C ASP D 138 47.69 -61.22 -0.89
N LYS D 139 46.50 -61.79 -1.03
CA LYS D 139 46.37 -63.10 -1.63
C LYS D 139 46.02 -63.06 -3.11
N ASN D 140 45.85 -61.87 -3.70
CA ASN D 140 45.60 -61.74 -5.15
C ASN D 140 44.35 -62.53 -5.56
N GLU D 141 43.25 -62.34 -4.78
CA GLU D 141 42.03 -63.05 -5.05
C GLU D 141 40.88 -62.26 -4.40
N TRP D 142 39.67 -62.52 -4.88
CA TRP D 142 38.51 -61.90 -4.24
C TRP D 142 38.38 -62.41 -2.81
N LYS D 143 38.08 -61.52 -1.89
CA LYS D 143 37.92 -61.93 -0.50
C LYS D 143 36.82 -62.96 -0.37
N LYS D 144 37.06 -63.96 0.46
CA LYS D 144 36.05 -65.01 0.53
C LYS D 144 35.05 -64.62 1.58
N HIS E 1 -19.57 -41.76 25.11
CA HIS E 1 -19.42 -40.53 25.91
C HIS E 1 -19.85 -40.73 27.36
N GLU E 2 -20.91 -41.52 27.55
CA GLU E 2 -21.42 -41.90 28.86
C GLU E 2 -20.98 -43.33 29.18
N THR E 3 -21.50 -43.87 30.29
CA THR E 3 -21.15 -45.23 30.69
C THR E 3 -21.79 -46.25 29.77
N ASP E 4 -21.16 -47.43 29.66
CA ASP E 4 -21.73 -48.53 28.88
C ASP E 4 -23.18 -48.80 29.26
N GLU E 5 -23.48 -48.78 30.56
CA GLU E 5 -24.81 -49.11 31.01
C GLU E 5 -25.80 -48.08 30.55
N GLU E 6 -25.38 -46.81 30.57
CA GLU E 6 -26.26 -45.74 30.13
C GLU E 6 -26.54 -45.81 28.64
N PHE E 7 -25.51 -46.07 27.84
CA PHE E 7 -25.67 -46.35 26.41
C PHE E 7 -26.63 -47.51 26.16
N ASP E 8 -26.41 -48.66 26.83
CA ASP E 8 -27.28 -49.79 26.55
C ASP E 8 -28.73 -49.45 26.91
N ALA E 9 -28.91 -48.64 27.95
CA ALA E 9 -30.26 -48.36 28.42
C ALA E 9 -31.01 -47.43 27.47
N ARG E 10 -30.29 -46.47 26.88
CA ARG E 10 -30.89 -45.62 25.85
C ARG E 10 -31.41 -46.47 24.70
N TRP E 11 -30.58 -47.43 24.27
CA TRP E 11 -30.93 -48.27 23.13
C TRP E 11 -32.07 -49.22 23.47
N VAL E 12 -32.09 -49.75 24.69
CA VAL E 12 -33.23 -50.58 25.10
C VAL E 12 -34.50 -49.75 25.05
N THR E 13 -34.45 -48.55 25.62
CA THR E 13 -35.61 -47.66 25.61
C THR E 13 -36.05 -47.35 24.20
N TYR E 14 -35.08 -47.12 23.29
CA TYR E 14 -35.39 -46.81 21.90
C TYR E 14 -36.24 -47.92 21.28
N PHE E 15 -35.76 -49.17 21.38
CA PHE E 15 -36.51 -50.24 20.72
C PHE E 15 -37.81 -50.59 21.46
N ASN E 16 -37.86 -50.31 22.78
CA ASN E 16 -39.04 -50.69 23.55
C ASN E 16 -40.20 -49.76 23.34
N LYS E 17 -40.04 -48.64 22.64
CA LYS E 17 -41.18 -47.77 22.43
C LYS E 17 -42.36 -48.54 21.84
N PRO E 18 -43.50 -48.60 22.54
CA PRO E 18 -44.57 -49.49 22.06
C PRO E 18 -44.96 -49.24 20.60
N ASP E 19 -45.07 -47.98 20.19
CA ASP E 19 -45.55 -47.71 18.85
C ASP E 19 -44.40 -47.35 17.93
N ILE E 20 -43.23 -47.90 18.21
CA ILE E 20 -42.09 -47.68 17.29
C ILE E 20 -42.53 -48.06 15.88
N ASP E 21 -42.12 -47.29 14.87
CA ASP E 21 -42.58 -47.65 13.54
C ASP E 21 -41.45 -48.32 12.75
N ALA E 22 -41.79 -48.79 11.54
CA ALA E 22 -40.82 -49.54 10.76
C ALA E 22 -39.60 -48.69 10.46
N TRP E 23 -39.83 -47.43 10.09
CA TRP E 23 -38.68 -46.56 9.78
C TRP E 23 -37.75 -46.46 10.99
N GLU E 24 -38.31 -46.34 12.17
CA GLU E 24 -37.50 -46.19 13.39
C GLU E 24 -36.76 -47.49 13.74
N LEU E 25 -37.37 -48.65 13.45
CA LEU E 25 -36.71 -49.92 13.66
C LEU E 25 -35.45 -49.99 12.78
N ARG E 26 -35.63 -49.70 11.50
CA ARG E 26 -34.49 -49.76 10.59
C ARG E 26 -33.42 -48.72 10.95
N LYS E 27 -33.86 -47.48 11.22
CA LYS E 27 -32.89 -46.41 11.58
C LYS E 27 -32.08 -46.83 12.79
N GLY E 28 -32.75 -47.42 13.78
CA GLY E 28 -32.07 -47.89 14.97
C GLY E 28 -31.02 -48.96 14.67
N MET E 29 -31.42 -50.03 13.98
CA MET E 29 -30.43 -51.09 13.71
C MET E 29 -29.34 -50.60 12.79
N ASN E 30 -29.71 -49.78 11.79
CA ASN E 30 -28.67 -49.36 10.85
C ASN E 30 -27.71 -48.35 11.49
N THR E 31 -28.16 -47.63 12.51
CA THR E 31 -27.25 -46.74 13.23
C THR E 31 -26.39 -47.52 14.20
N LEU E 32 -27.03 -48.40 14.96
CA LEU E 32 -26.34 -49.24 15.95
C LEU E 32 -25.17 -50.02 15.36
N VAL E 33 -25.31 -50.59 14.17
CA VAL E 33 -24.22 -51.42 13.67
C VAL E 33 -23.04 -50.56 13.21
N GLY E 34 -23.17 -49.23 13.24
CA GLY E 34 -21.99 -48.37 12.96
C GLY E 34 -21.00 -48.27 14.09
N TYR E 35 -21.39 -48.62 15.31
CA TYR E 35 -20.54 -48.47 16.48
C TYR E 35 -19.54 -49.62 16.64
N ASP E 36 -18.45 -49.32 17.34
CA ASP E 36 -17.46 -50.36 17.62
C ASP E 36 -17.94 -51.22 18.80
N LEU E 37 -18.94 -52.08 18.54
CA LEU E 37 -19.37 -53.01 19.57
C LEU E 37 -20.35 -53.98 18.95
N VAL E 38 -20.48 -55.15 19.54
CA VAL E 38 -21.62 -56.04 19.29
C VAL E 38 -22.71 -55.71 20.30
N PRO E 39 -23.95 -55.42 19.90
CA PRO E 39 -24.97 -55.00 20.89
C PRO E 39 -25.18 -56.06 21.97
N GLU E 40 -25.32 -55.60 23.20
CA GLU E 40 -25.68 -56.48 24.31
C GLU E 40 -26.97 -57.23 24.02
N PRO E 41 -27.10 -58.49 24.48
CA PRO E 41 -28.40 -59.22 24.39
C PRO E 41 -29.60 -58.39 24.76
N LYS E 42 -29.50 -57.56 25.82
CA LYS E 42 -30.69 -56.82 26.21
C LYS E 42 -31.11 -55.82 25.15
N ILE E 43 -30.16 -55.30 24.37
CA ILE E 43 -30.56 -54.44 23.26
C ILE E 43 -31.25 -55.26 22.18
N ILE E 44 -30.58 -56.34 21.77
CA ILE E 44 -31.12 -57.22 20.72
C ILE E 44 -32.52 -57.70 21.11
N ASP E 45 -32.71 -58.09 22.38
CA ASP E 45 -34.05 -58.50 22.86
C ASP E 45 -35.10 -57.44 22.56
N ALA E 46 -34.82 -56.18 22.94
CA ALA E 46 -35.77 -55.09 22.69
C ALA E 46 -36.03 -54.90 21.20
N ALA E 47 -34.97 -55.00 20.37
CA ALA E 47 -35.16 -54.88 18.91
C ALA E 47 -36.02 -56.04 18.36
N LEU E 48 -35.78 -57.27 18.82
CA LEU E 48 -36.57 -58.39 18.32
C LEU E 48 -38.04 -58.23 18.71
N ARG E 49 -38.31 -57.70 19.92
CA ARG E 49 -39.72 -57.53 20.30
C ARG E 49 -40.33 -56.38 19.55
N ALA E 50 -39.52 -55.39 19.15
CA ALA E 50 -40.03 -54.37 18.22
C ALA E 50 -40.45 -55.04 16.91
N CYS E 51 -39.59 -55.94 16.38
CA CYS E 51 -39.95 -56.67 15.17
C CYS E 51 -41.30 -57.33 15.36
N ARG E 52 -41.51 -57.91 16.54
CA ARG E 52 -42.77 -58.64 16.78
C ARG E 52 -43.95 -57.68 16.77
N ARG E 53 -43.81 -56.52 17.43
CA ARG E 53 -44.92 -55.56 17.39
C ARG E 53 -45.16 -55.02 15.99
N LEU E 54 -44.11 -54.98 15.14
CA LEU E 54 -44.25 -54.58 13.75
C LEU E 54 -44.58 -55.75 12.82
N ASN E 55 -44.88 -56.95 13.36
CA ASN E 55 -45.25 -58.13 12.55
C ASN E 55 -44.21 -58.41 11.45
N ASP E 56 -42.92 -58.32 11.81
CA ASP E 56 -41.88 -58.46 10.79
C ASP E 56 -40.92 -59.54 11.24
N PHE E 57 -41.24 -60.78 10.86
CA PHE E 57 -40.38 -61.89 11.24
C PHE E 57 -39.02 -61.80 10.54
N ALA E 58 -39.01 -61.37 9.29
CA ALA E 58 -37.76 -61.41 8.55
C ALA E 58 -36.72 -60.49 9.20
N SER E 59 -37.17 -59.31 9.61
CA SER E 59 -36.15 -58.39 10.17
C SER E 59 -35.58 -58.95 11.47
N ALA E 60 -36.35 -59.74 12.22
CA ALA E 60 -35.80 -60.37 13.43
C ALA E 60 -34.66 -61.31 13.07
N VAL E 61 -34.82 -62.13 12.04
CA VAL E 61 -33.75 -63.01 11.61
C VAL E 61 -32.52 -62.21 11.19
N ARG E 62 -32.74 -61.16 10.39
CA ARG E 62 -31.68 -60.28 9.89
C ARG E 62 -30.87 -59.68 11.05
N ILE E 63 -31.56 -59.27 12.11
CA ILE E 63 -30.89 -58.70 13.27
C ILE E 63 -29.95 -59.73 13.89
N LEU E 64 -30.36 -61.00 13.95
CA LEU E 64 -29.48 -62.02 14.47
C LEU E 64 -28.27 -62.17 13.54
N GLU E 65 -28.48 -62.09 12.22
CA GLU E 65 -27.31 -62.14 11.32
C GLU E 65 -26.36 -60.97 11.59
N VAL E 66 -26.89 -59.78 11.84
CA VAL E 66 -25.94 -58.67 11.95
C VAL E 66 -25.19 -58.72 13.28
N VAL E 67 -25.76 -59.31 14.32
CA VAL E 67 -24.97 -59.59 15.54
C VAL E 67 -23.75 -60.49 15.22
N LYS E 68 -23.99 -61.58 14.51
CA LYS E 68 -22.88 -62.43 14.12
C LYS E 68 -21.86 -61.66 13.27
N ASP E 69 -22.35 -60.83 12.36
CA ASP E 69 -21.40 -60.09 11.47
C ASP E 69 -20.56 -59.11 12.27
N LYS E 70 -21.17 -58.42 13.23
CA LYS E 70 -20.43 -57.40 13.99
C LYS E 70 -19.32 -57.99 14.84
N ALA E 71 -19.40 -59.28 15.17
CA ALA E 71 -18.38 -59.94 15.96
C ALA E 71 -17.11 -60.23 15.17
N GLY E 72 -17.19 -60.19 13.82
CA GLY E 72 -15.98 -60.40 13.04
C GLY E 72 -15.41 -61.79 13.33
N PRO E 73 -14.11 -61.84 13.57
CA PRO E 73 -13.44 -63.11 13.82
C PRO E 73 -13.65 -63.65 15.22
N HIS E 74 -14.29 -62.89 16.11
CA HIS E 74 -14.54 -63.37 17.47
C HIS E 74 -15.75 -64.31 17.44
N LYS E 75 -15.48 -65.54 17.10
CA LYS E 75 -16.48 -66.55 16.86
C LYS E 75 -17.22 -66.93 18.12
N GLU E 76 -16.72 -66.52 19.28
CA GLU E 76 -17.37 -66.86 20.54
C GLU E 76 -18.56 -65.96 20.86
N ILE E 77 -18.69 -64.80 20.20
CA ILE E 77 -19.68 -63.83 20.65
C ILE E 77 -21.07 -64.26 20.24
N TYR E 78 -21.26 -64.56 18.96
CA TYR E 78 -22.60 -64.89 18.47
C TYR E 78 -23.23 -66.06 19.21
N PRO E 79 -22.55 -67.20 19.42
CA PRO E 79 -23.22 -68.29 20.18
C PRO E 79 -23.61 -67.86 21.59
N TYR E 80 -22.80 -67.00 22.23
CA TYR E 80 -23.16 -66.48 23.55
C TYR E 80 -24.44 -65.65 23.46
N VAL E 81 -24.53 -64.77 22.46
CA VAL E 81 -25.71 -63.92 22.36
C VAL E 81 -26.97 -64.77 22.11
N ILE E 82 -26.87 -65.75 21.23
CA ILE E 82 -28.02 -66.62 20.96
C ILE E 82 -28.42 -67.33 22.24
N GLN E 83 -27.44 -67.90 22.95
CA GLN E 83 -27.73 -68.50 24.26
C GLN E 83 -28.54 -67.57 25.16
N GLU E 84 -28.07 -66.32 25.33
CA GLU E 84 -28.80 -65.39 26.18
C GLU E 84 -30.18 -65.08 25.64
N LEU E 85 -30.38 -65.15 24.35
CA LEU E 85 -31.67 -64.83 23.76
C LEU E 85 -32.64 -66.01 23.64
N ARG E 86 -32.22 -67.23 23.95
CA ARG E 86 -33.10 -68.35 23.68
C ARG E 86 -34.47 -68.21 24.34
N PRO E 87 -34.61 -67.67 25.53
CA PRO E 87 -35.99 -67.56 26.07
C PRO E 87 -36.85 -66.65 25.23
N THR E 88 -36.26 -65.56 24.73
CA THR E 88 -37.00 -64.69 23.84
C THR E 88 -37.26 -65.36 22.50
N LEU E 89 -36.26 -66.06 21.95
CA LEU E 89 -36.46 -66.72 20.67
C LEU E 89 -37.58 -67.74 20.79
N ASN E 90 -37.60 -68.49 21.89
CA ASN E 90 -38.67 -69.46 22.09
C ASN E 90 -40.01 -68.79 22.28
N GLU E 91 -40.05 -67.75 23.11
CA GLU E 91 -41.33 -67.09 23.36
C GLU E 91 -41.96 -66.54 22.08
N LEU E 92 -41.14 -65.92 21.19
CA LEU E 92 -41.61 -65.22 20.01
C LEU E 92 -41.62 -66.10 18.76
N GLY E 93 -41.13 -67.33 18.88
CA GLY E 93 -41.07 -68.23 17.74
C GLY E 93 -40.09 -67.75 16.69
N ILE E 94 -38.97 -67.12 17.09
CA ILE E 94 -37.99 -66.62 16.12
C ILE E 94 -36.99 -67.75 15.87
N SER E 95 -36.92 -68.24 14.64
CA SER E 95 -35.87 -69.19 14.32
C SER E 95 -34.56 -68.44 14.04
N THR E 96 -33.42 -69.07 14.40
CA THR E 96 -32.13 -68.43 14.10
C THR E 96 -31.82 -68.59 12.61
N PRO E 97 -30.89 -67.80 12.08
CA PRO E 97 -30.45 -68.02 10.70
C PRO E 97 -29.97 -69.43 10.48
N GLU E 98 -29.20 -69.98 11.43
CA GLU E 98 -28.76 -71.38 11.30
C GLU E 98 -29.94 -72.36 11.20
N GLU E 99 -30.95 -72.20 12.05
CA GLU E 99 -32.11 -73.08 11.97
C GLU E 99 -32.84 -72.98 10.64
N LEU E 100 -32.75 -71.83 9.97
CA LEU E 100 -33.38 -71.60 8.67
C LEU E 100 -32.48 -71.96 7.50
N GLY E 101 -31.25 -72.38 7.74
CA GLY E 101 -30.35 -72.67 6.64
C GLY E 101 -29.74 -71.47 5.99
N LEU E 102 -29.93 -70.26 6.55
CA LEU E 102 -29.49 -69.00 5.95
C LEU E 102 -28.03 -68.70 6.25
N ASP E 103 -27.34 -69.59 6.94
CA ASP E 103 -25.90 -69.47 7.08
C ASP E 103 -25.13 -70.22 5.99
N LYS E 104 -25.81 -70.88 5.06
CA LYS E 104 -25.17 -71.57 3.94
C LYS E 104 -24.87 -70.58 2.80
N VAL E 105 -23.73 -70.74 2.14
CA VAL E 105 -23.28 -69.72 1.16
C VAL E 105 -23.90 -69.92 -0.21
N ALA F 1 -24.62 20.68 -12.83
CA ALA F 1 -26.04 20.55 -13.14
C ALA F 1 -26.64 19.12 -12.97
N SER F 2 -27.26 18.83 -11.82
CA SER F 2 -27.83 17.51 -11.50
C SER F 2 -29.06 17.19 -12.36
N GLY F 3 -28.81 16.73 -13.59
CA GLY F 3 -29.85 16.27 -14.48
C GLY F 3 -30.03 14.76 -14.40
N GLY F 4 -30.90 14.24 -15.29
CA GLY F 4 -31.35 12.84 -15.32
C GLY F 4 -30.96 12.09 -16.60
N GLY F 5 -31.81 11.20 -17.14
CA GLY F 5 -31.51 10.57 -18.42
C GLY F 5 -30.96 9.15 -18.34
N VAL F 6 -30.75 8.61 -17.16
CA VAL F 6 -30.27 7.24 -16.96
C VAL F 6 -31.49 6.40 -16.58
N PRO F 7 -31.80 5.32 -17.34
CA PRO F 7 -32.96 4.47 -16.99
C PRO F 7 -32.72 3.83 -15.63
N THR F 8 -33.82 3.51 -14.93
CA THR F 8 -33.71 2.72 -13.71
C THR F 8 -33.99 1.26 -14.04
N ASP F 9 -33.67 0.41 -13.08
CA ASP F 9 -34.01 -1.01 -13.23
C ASP F 9 -35.52 -1.18 -13.29
N GLU F 10 -36.22 -0.41 -12.49
CA GLU F 10 -37.68 -0.50 -12.55
C GLU F 10 -38.16 -0.24 -13.96
N GLU F 11 -37.52 0.70 -14.65
CA GLU F 11 -37.93 1.03 -16.00
C GLU F 11 -37.49 0.01 -17.00
N GLN F 12 -36.31 -0.58 -16.86
CA GLN F 12 -35.68 -1.22 -18.00
C GLN F 12 -35.21 -2.63 -17.73
N ALA F 13 -35.15 -3.09 -16.49
CA ALA F 13 -34.77 -4.49 -16.29
C ALA F 13 -35.80 -5.37 -16.97
N THR F 14 -35.34 -6.50 -17.47
CA THR F 14 -36.19 -7.39 -18.26
C THR F 14 -35.92 -8.85 -17.92
N GLY F 15 -36.71 -9.78 -18.50
CA GLY F 15 -36.34 -11.19 -18.40
C GLY F 15 -36.29 -11.69 -16.97
N LEU F 16 -35.30 -12.56 -16.69
CA LEU F 16 -35.24 -13.19 -15.37
C LEU F 16 -34.80 -12.19 -14.33
N GLU F 17 -33.92 -11.25 -14.73
CA GLU F 17 -33.50 -10.22 -13.79
C GLU F 17 -34.72 -9.46 -13.29
N ARG F 18 -35.65 -9.14 -14.20
CA ARG F 18 -36.84 -8.42 -13.76
C ARG F 18 -37.74 -9.32 -12.90
N GLU F 19 -37.90 -10.60 -13.27
CA GLU F 19 -38.69 -11.50 -12.42
C GLU F 19 -38.14 -11.54 -10.99
N VAL F 20 -36.82 -11.67 -10.84
CA VAL F 20 -36.22 -11.74 -9.51
C VAL F 20 -36.47 -10.45 -8.75
N MET F 21 -36.32 -9.33 -9.46
CA MET F 21 -36.51 -8.03 -8.81
C MET F 21 -37.94 -7.88 -8.33
N LEU F 22 -38.89 -8.25 -9.19
CA LEU F 22 -40.30 -8.04 -8.80
C LEU F 22 -40.69 -8.97 -7.66
N ALA F 23 -40.18 -10.20 -7.68
CA ALA F 23 -40.56 -11.14 -6.62
C ALA F 23 -39.97 -10.72 -5.28
N ALA F 24 -38.72 -10.24 -5.29
CA ALA F 24 -38.06 -9.77 -4.07
C ALA F 24 -38.89 -8.68 -3.41
N ARG F 25 -39.49 -7.80 -4.21
CA ARG F 25 -40.30 -6.72 -3.64
C ARG F 25 -41.50 -7.25 -2.89
N LYS F 26 -42.02 -8.38 -3.35
CA LYS F 26 -43.11 -9.08 -2.69
C LYS F 26 -42.64 -10.02 -1.59
N GLY F 27 -41.34 -9.99 -1.28
CA GLY F 27 -40.79 -10.94 -0.32
C GLY F 27 -40.85 -12.39 -0.77
N GLN F 28 -40.86 -12.66 -2.07
CA GLN F 28 -40.92 -14.02 -2.56
C GLN F 28 -39.57 -14.41 -3.18
N ASP F 29 -39.32 -15.71 -3.27
CA ASP F 29 -38.02 -16.23 -3.73
C ASP F 29 -38.25 -17.42 -4.64
N PRO F 30 -38.91 -17.19 -5.79
CA PRO F 30 -39.14 -18.29 -6.73
C PRO F 30 -37.89 -18.84 -7.37
N TYR F 31 -36.79 -18.08 -7.38
CA TYR F 31 -35.55 -18.58 -7.99
C TYR F 31 -34.51 -18.91 -6.94
N ASN F 32 -34.93 -19.19 -5.71
CA ASN F 32 -34.09 -19.90 -4.75
C ASN F 32 -32.79 -19.14 -4.44
N ILE F 33 -32.90 -17.83 -4.23
CA ILE F 33 -31.70 -17.08 -3.93
C ILE F 33 -31.38 -17.15 -2.44
N LEU F 34 -32.39 -17.35 -1.62
CA LEU F 34 -32.22 -17.37 -0.17
C LEU F 34 -32.23 -18.81 0.36
N ALA F 35 -31.51 -19.03 1.45
CA ALA F 35 -31.60 -20.28 2.20
C ALA F 35 -32.91 -20.35 2.99
N PRO F 36 -33.68 -21.42 2.86
CA PRO F 36 -34.91 -21.55 3.67
C PRO F 36 -34.59 -21.77 5.15
N LYS F 37 -35.45 -21.23 6.02
CA LYS F 37 -35.23 -21.45 7.44
C LYS F 37 -35.97 -22.70 7.90
N ALA F 38 -35.32 -23.54 8.69
CA ALA F 38 -35.91 -24.80 9.09
C ALA F 38 -37.09 -24.57 10.02
N THR F 39 -38.03 -25.46 9.95
CA THR F 39 -39.05 -25.55 11.00
C THR F 39 -38.46 -26.42 12.11
N SER F 40 -39.29 -26.82 13.09
CA SER F 40 -38.79 -27.78 14.07
C SER F 40 -38.59 -29.18 13.47
N GLY F 41 -39.19 -29.46 12.30
CA GLY F 41 -38.95 -30.70 11.59
C GLY F 41 -39.62 -31.93 12.17
N THR F 42 -40.60 -31.76 13.07
CA THR F 42 -41.36 -32.89 13.57
C THR F 42 -42.32 -33.39 12.50
N LYS F 43 -42.93 -34.56 12.73
CA LYS F 43 -43.96 -35.01 11.79
C LYS F 43 -45.13 -34.03 11.74
N GLU F 44 -45.34 -33.30 12.82
CA GLU F 44 -46.42 -32.34 12.91
C GLU F 44 -46.05 -31.03 12.24
N ASP F 45 -44.75 -30.71 12.18
CA ASP F 45 -44.27 -29.41 11.74
C ASP F 45 -43.09 -29.67 10.78
N PRO F 46 -43.34 -30.36 9.66
CA PRO F 46 -42.23 -30.74 8.77
C PRO F 46 -41.75 -29.53 8.01
N ASN F 47 -40.47 -29.60 7.61
CA ASN F 47 -39.94 -28.61 6.70
C ASN F 47 -40.68 -28.70 5.39
N LEU F 48 -41.14 -27.55 4.88
CA LEU F 48 -41.97 -27.54 3.68
C LEU F 48 -41.07 -27.18 2.50
N VAL F 49 -41.03 -28.07 1.52
CA VAL F 49 -40.05 -28.00 0.43
C VAL F 49 -40.81 -27.71 -0.84
N PRO F 50 -40.76 -26.47 -1.31
CA PRO F 50 -41.44 -26.13 -2.56
C PRO F 50 -40.82 -26.86 -3.74
N SER F 51 -41.68 -27.14 -4.71
CA SER F 51 -41.12 -27.74 -5.93
C SER F 51 -42.03 -27.42 -7.09
N ILE F 52 -41.41 -27.27 -8.26
CA ILE F 52 -42.20 -27.24 -9.48
C ILE F 52 -42.39 -28.61 -10.10
N THR F 53 -41.92 -29.68 -9.49
CA THR F 53 -42.26 -31.04 -9.93
C THR F 53 -42.61 -31.87 -8.70
N ASN F 54 -42.66 -33.19 -8.89
CA ASN F 54 -43.07 -34.10 -7.84
C ASN F 54 -41.89 -34.76 -7.12
N LYS F 55 -40.68 -34.22 -7.31
CA LYS F 55 -39.61 -34.62 -6.40
C LYS F 55 -38.53 -33.55 -6.45
N ARG F 56 -37.81 -33.40 -5.35
CA ARG F 56 -36.69 -32.44 -5.31
C ARG F 56 -35.62 -32.97 -4.37
N ILE F 57 -34.33 -32.70 -4.70
CA ILE F 57 -33.28 -33.14 -3.81
C ILE F 57 -33.19 -32.24 -2.59
N VAL F 58 -33.20 -32.85 -1.40
CA VAL F 58 -32.91 -32.19 -0.14
C VAL F 58 -31.48 -32.49 0.26
N GLY F 59 -30.78 -31.49 0.78
CA GLY F 59 -29.52 -31.71 1.51
C GLY F 59 -29.81 -31.34 2.95
N CYS F 60 -29.49 -32.25 3.88
CA CYS F 60 -29.72 -32.00 5.30
C CYS F 60 -28.40 -31.81 6.02
N ILE F 61 -28.16 -30.61 6.55
CA ILE F 61 -27.05 -30.35 7.45
C ILE F 61 -27.59 -30.65 8.85
N CYS F 62 -27.37 -31.87 9.33
CA CYS F 62 -28.20 -32.38 10.44
C CYS F 62 -27.96 -31.59 11.71
N GLU F 63 -26.73 -31.18 11.93
CA GLU F 63 -26.37 -30.37 13.06
C GLU F 63 -25.52 -29.22 12.57
N GLU F 64 -25.62 -28.14 13.30
CA GLU F 64 -24.95 -26.92 12.93
C GLU F 64 -23.47 -27.21 12.81
N ASP F 65 -22.93 -26.77 11.75
CA ASP F 65 -21.48 -26.93 11.55
C ASP F 65 -21.05 -28.30 11.08
N ASN F 66 -21.95 -29.31 10.97
CA ASN F 66 -21.53 -30.54 10.30
C ASN F 66 -20.92 -30.16 8.98
N SER F 67 -19.80 -30.81 8.61
CA SER F 67 -19.33 -30.63 7.25
C SER F 67 -20.00 -31.60 6.27
N THR F 68 -20.55 -32.70 6.74
CA THR F 68 -21.18 -33.71 5.89
C THR F 68 -22.62 -33.34 5.63
N VAL F 69 -23.00 -33.19 4.34
CA VAL F 69 -24.41 -32.92 4.00
C VAL F 69 -25.02 -34.26 3.59
N ILE F 70 -26.27 -34.52 4.01
CA ILE F 70 -26.95 -35.81 3.71
C ILE F 70 -27.97 -35.51 2.63
N TRP F 71 -27.84 -36.15 1.46
CA TRP F 71 -28.63 -35.82 0.26
C TRP F 71 -29.65 -36.91 -0.05
N PHE F 72 -30.87 -36.51 -0.39
CA PHE F 72 -31.84 -37.55 -0.81
C PHE F 72 -32.94 -36.87 -1.61
N TRP F 73 -33.59 -37.65 -2.48
CA TRP F 73 -34.79 -37.17 -3.16
C TRP F 73 -35.98 -37.14 -2.22
N LEU F 74 -36.69 -36.02 -2.21
CA LEU F 74 -37.97 -35.90 -1.51
C LEU F 74 -39.10 -35.98 -2.54
N HIS F 75 -40.04 -36.89 -2.33
CA HIS F 75 -41.09 -37.12 -3.31
C HIS F 75 -42.41 -36.59 -2.76
N LYS F 76 -43.25 -36.13 -3.68
CA LYS F 76 -44.66 -35.80 -3.35
C LYS F 76 -45.31 -36.90 -2.52
N GLY F 77 -45.99 -36.49 -1.46
CA GLY F 77 -46.76 -37.49 -0.68
C GLY F 77 -46.44 -37.31 0.78
N GLU F 78 -46.43 -38.44 1.49
CA GLU F 78 -46.21 -38.41 2.93
C GLU F 78 -44.82 -37.87 3.23
N ALA F 79 -44.70 -37.11 4.33
CA ALA F 79 -43.37 -36.59 4.69
C ALA F 79 -42.33 -37.70 4.83
N GLN F 80 -41.09 -37.37 4.46
CA GLN F 80 -40.00 -38.30 4.56
C GLN F 80 -39.02 -37.77 5.59
N ARG F 81 -38.12 -38.62 6.02
CA ARG F 81 -37.19 -38.24 7.09
C ARG F 81 -35.77 -38.29 6.57
N CYS F 82 -34.96 -37.33 7.03
CA CYS F 82 -33.51 -37.43 6.77
C CYS F 82 -32.97 -38.76 7.25
N PRO F 83 -32.23 -39.51 6.41
CA PRO F 83 -31.74 -40.83 6.85
C PRO F 83 -30.72 -40.77 7.93
N SER F 84 -30.19 -39.59 8.19
CA SER F 84 -29.20 -39.46 9.25
C SER F 84 -29.80 -38.95 10.56
N CYS F 85 -30.58 -37.85 10.53
CA CYS F 85 -31.07 -37.28 11.78
C CYS F 85 -32.58 -37.47 11.97
N GLY F 86 -33.28 -37.96 10.98
CA GLY F 86 -34.72 -38.16 11.12
C GLY F 86 -35.58 -36.93 10.96
N THR F 87 -35.01 -35.73 10.76
CA THR F 87 -35.92 -34.59 10.69
C THR F 87 -36.77 -34.67 9.44
N HIS F 88 -37.98 -34.16 9.57
CA HIS F 88 -39.02 -34.44 8.59
C HIS F 88 -39.05 -33.35 7.54
N TYR F 89 -39.35 -33.76 6.30
CA TYR F 89 -39.51 -32.88 5.14
C TYR F 89 -40.74 -33.31 4.36
N LYS F 90 -41.52 -32.33 3.85
CA LYS F 90 -42.66 -32.64 3.01
C LYS F 90 -42.64 -31.77 1.76
N LEU F 91 -42.86 -32.39 0.61
CA LEU F 91 -42.84 -31.67 -0.64
C LEU F 91 -44.13 -30.88 -0.80
N VAL F 92 -44.02 -29.66 -1.34
CA VAL F 92 -45.23 -28.87 -1.59
C VAL F 92 -45.11 -28.48 -3.07
N PRO F 93 -45.58 -29.35 -3.96
CA PRO F 93 -45.42 -29.06 -5.39
C PRO F 93 -46.34 -27.94 -5.86
N HIS F 94 -45.79 -27.17 -6.80
CA HIS F 94 -46.18 -26.88 -8.18
C HIS F 94 -46.49 -25.40 -8.20
N ALA G 1 -2.69 10.99 6.21
CA ALA G 1 -2.57 10.37 4.92
C ALA G 1 -3.78 10.65 4.05
N SER G 2 -4.21 11.92 3.99
CA SER G 2 -5.38 12.28 3.18
C SER G 2 -5.27 13.67 2.56
N ALA G 3 -4.05 14.11 2.24
CA ALA G 3 -3.78 15.44 1.69
C ALA G 3 -4.33 16.53 2.62
N ALA G 4 -4.22 17.80 2.21
CA ALA G 4 -4.74 18.94 2.97
C ALA G 4 -6.11 19.44 2.50
N LYS G 5 -6.89 18.63 1.80
CA LYS G 5 -8.14 19.14 1.24
C LYS G 5 -9.21 19.10 2.36
N GLY G 6 -10.34 18.39 2.18
CA GLY G 6 -11.24 17.98 3.28
C GLY G 6 -12.75 18.17 3.19
N ASP G 7 -13.53 17.40 2.34
CA ASP G 7 -14.98 17.75 1.99
C ASP G 7 -15.97 16.57 1.78
N HIS G 8 -16.37 15.87 2.85
CA HIS G 8 -17.35 14.79 2.72
C HIS G 8 -18.68 15.16 3.39
N GLY G 9 -19.45 14.14 3.76
CA GLY G 9 -20.77 14.30 4.34
C GLY G 9 -21.74 13.35 3.67
N GLY G 10 -21.21 12.57 2.72
CA GLY G 10 -22.01 11.83 1.79
C GLY G 10 -21.47 12.05 0.39
N THR G 11 -20.37 11.35 0.06
CA THR G 11 -19.59 11.51 -1.17
C THR G 11 -20.50 11.57 -2.40
N GLY G 12 -19.98 12.05 -3.53
CA GLY G 12 -20.87 12.14 -4.67
C GLY G 12 -20.24 12.62 -5.95
N ALA G 13 -21.12 12.64 -6.97
CA ALA G 13 -20.67 13.12 -8.28
C ALA G 13 -20.13 14.55 -8.19
N ARG G 14 -20.81 15.40 -7.45
CA ARG G 14 -20.40 16.80 -7.40
C ARG G 14 -19.01 16.95 -6.82
N THR G 15 -18.68 16.17 -5.79
CA THR G 15 -17.36 16.28 -5.21
C THR G 15 -16.30 15.73 -6.18
N TRP G 16 -16.62 14.60 -6.85
CA TRP G 16 -15.61 14.06 -7.78
C TRP G 16 -15.44 14.95 -9.01
N ARG G 17 -16.50 15.62 -9.47
CA ARG G 17 -16.30 16.60 -10.53
C ARG G 17 -15.46 17.77 -10.01
N PHE G 18 -15.74 18.22 -8.79
CA PHE G 18 -14.91 19.26 -8.15
C PHE G 18 -13.41 18.86 -8.17
N LEU G 19 -13.12 17.62 -7.76
CA LEU G 19 -11.74 17.14 -7.76
C LEU G 19 -11.18 17.08 -9.18
N THR G 20 -12.01 16.67 -10.14
CA THR G 20 -11.54 16.53 -11.52
C THR G 20 -11.10 17.88 -12.08
N PHE G 21 -12.00 18.89 -12.01
CA PHE G 21 -11.65 20.20 -12.55
C PHE G 21 -10.78 21.05 -11.64
N GLY G 22 -10.87 20.88 -10.31
CA GLY G 22 -10.18 21.80 -9.39
C GLY G 22 -8.81 21.29 -8.96
N LEU G 23 -8.52 19.99 -9.11
CA LEU G 23 -7.20 19.49 -8.73
C LEU G 23 -6.55 18.69 -9.86
N ALA G 24 -7.29 17.69 -10.39
CA ALA G 24 -6.70 16.72 -11.32
C ALA G 24 -6.27 17.37 -12.64
N LEU G 25 -7.21 18.02 -13.33
CA LEU G 25 -6.88 18.67 -14.61
C LEU G 25 -5.91 19.86 -14.41
N PRO G 26 -6.01 20.67 -13.33
CA PRO G 26 -4.96 21.71 -13.16
C PRO G 26 -3.57 21.11 -13.03
N SER G 27 -3.48 19.95 -12.37
CA SER G 27 -2.17 19.28 -12.25
C SER G 27 -1.67 18.84 -13.61
N VAL G 28 -2.56 18.30 -14.45
CA VAL G 28 -2.14 17.90 -15.78
C VAL G 28 -1.66 19.13 -16.52
N ALA G 29 -2.40 20.22 -16.37
CA ALA G 29 -2.01 21.45 -17.07
C ALA G 29 -0.65 21.94 -16.60
N LEU G 30 -0.39 21.87 -15.28
CA LEU G 30 0.92 22.27 -14.78
C LEU G 30 2.02 21.38 -15.32
N CYS G 31 1.81 20.06 -15.25
CA CYS G 31 2.85 19.17 -15.76
C CYS G 31 3.02 19.31 -17.27
N THR G 32 1.96 19.66 -17.99
CA THR G 32 2.07 19.89 -19.43
C THR G 32 2.95 21.11 -19.68
N LEU G 33 2.79 22.16 -18.88
CA LEU G 33 3.69 23.32 -18.90
C LEU G 33 5.13 22.92 -18.66
N ASN G 34 5.39 22.33 -17.48
CA ASN G 34 6.73 21.91 -17.12
C ASN G 34 7.38 21.10 -18.25
N SER G 35 6.62 20.19 -18.88
CA SER G 35 7.21 19.38 -19.95
C SER G 35 7.48 20.18 -21.22
N TRP G 36 6.52 20.97 -21.68
CA TRP G 36 6.65 21.49 -23.03
C TRP G 36 7.17 22.90 -22.87
N LEU G 37 8.43 22.86 -22.42
CA LEU G 37 9.22 23.89 -21.76
C LEU G 37 10.61 23.36 -21.41
N HIS G 38 10.73 22.16 -20.82
CA HIS G 38 11.99 21.42 -20.79
C HIS G 38 12.22 20.64 -22.08
N SER G 39 11.36 20.81 -23.08
CA SER G 39 11.53 20.07 -24.33
C SER G 39 12.57 20.78 -25.20
N GLY G 40 12.75 20.27 -26.42
CA GLY G 40 13.89 20.67 -27.21
C GLY G 40 14.99 19.62 -27.14
N HIS G 41 15.55 19.26 -28.29
CA HIS G 41 16.49 18.16 -28.39
C HIS G 41 17.72 18.42 -27.52
N ARG G 42 18.24 17.37 -26.90
CA ARG G 42 19.50 17.46 -26.18
C ARG G 42 20.64 16.99 -27.09
N GLU G 43 21.86 17.29 -26.67
CA GLU G 43 23.05 16.93 -27.42
C GLU G 43 23.23 15.42 -27.40
N ARG G 44 23.12 14.77 -28.55
CA ARG G 44 23.36 13.34 -28.60
C ARG G 44 24.83 13.04 -28.33
N PRO G 45 25.12 12.00 -27.56
CA PRO G 45 26.49 11.78 -27.09
C PRO G 45 27.36 11.13 -28.15
N ALA G 46 28.69 11.27 -27.93
CA ALA G 46 29.64 10.57 -28.75
C ALA G 46 29.17 9.13 -28.91
N PHE G 47 29.34 8.58 -30.10
CA PHE G 47 29.01 7.18 -30.29
C PHE G 47 30.17 6.35 -29.79
N ILE G 48 29.88 5.37 -28.93
CA ILE G 48 30.86 4.37 -28.51
C ILE G 48 30.27 2.99 -28.77
N PRO G 49 30.95 2.09 -29.48
CA PRO G 49 30.32 0.78 -29.83
C PRO G 49 30.42 -0.22 -28.68
N TYR G 50 29.91 0.19 -27.51
CA TYR G 50 29.73 -0.75 -26.39
C TYR G 50 29.04 -2.07 -26.80
N HIS G 51 29.61 -3.18 -26.30
CA HIS G 51 29.16 -4.51 -26.67
C HIS G 51 27.90 -4.91 -25.89
N HIS G 52 27.60 -4.19 -24.81
CA HIS G 52 26.33 -4.51 -24.10
C HIS G 52 25.12 -3.74 -24.65
N LEU G 53 25.32 -2.95 -25.70
CA LEU G 53 24.29 -2.11 -26.29
C LEU G 53 24.18 -2.46 -27.76
N ARG G 54 23.10 -2.01 -28.42
CA ARG G 54 22.92 -2.32 -29.86
C ARG G 54 23.04 -3.83 -30.13
N ILE G 55 22.39 -4.61 -29.26
CA ILE G 55 22.53 -6.06 -29.36
C ILE G 55 21.90 -6.55 -30.66
N ARG G 56 22.58 -7.48 -31.34
CA ARG G 56 21.99 -8.13 -32.50
C ARG G 56 22.39 -9.59 -32.41
N THR G 57 21.52 -10.44 -31.88
CA THR G 57 21.73 -11.87 -31.97
C THR G 57 20.90 -12.47 -33.10
N LYS G 58 19.90 -11.75 -33.59
CA LYS G 58 19.10 -12.24 -34.69
C LYS G 58 18.57 -11.00 -35.38
N PRO G 59 18.50 -10.95 -36.72
CA PRO G 59 17.93 -9.76 -37.39
C PRO G 59 16.49 -9.55 -36.96
N PHE G 60 16.12 -8.28 -36.80
CA PHE G 60 14.73 -7.93 -36.60
C PHE G 60 13.90 -8.36 -37.81
N SER G 61 12.65 -8.76 -37.55
CA SER G 61 11.81 -9.29 -38.59
C SER G 61 11.15 -8.21 -39.40
N TRP G 62 11.80 -7.05 -39.53
CA TRP G 62 11.25 -5.98 -40.36
C TRP G 62 12.43 -5.20 -40.93
N GLY G 63 12.14 -4.32 -41.89
CA GLY G 63 13.14 -3.40 -42.42
C GLY G 63 14.30 -4.19 -42.98
N ASP G 64 15.50 -3.67 -42.78
CA ASP G 64 16.72 -4.36 -43.17
C ASP G 64 17.25 -5.29 -42.09
N GLY G 65 16.45 -5.57 -41.04
CA GLY G 65 16.92 -6.45 -40.00
C GLY G 65 17.78 -5.77 -38.96
N ASN G 66 18.21 -4.51 -39.17
CA ASN G 66 19.19 -3.90 -38.31
C ASN G 66 18.67 -2.65 -37.62
N HIS G 67 17.41 -2.30 -37.83
CA HIS G 67 16.81 -1.10 -37.26
C HIS G 67 15.74 -1.49 -36.23
N THR G 68 15.82 -0.90 -35.04
CA THR G 68 14.77 -1.16 -34.04
C THR G 68 13.44 -0.60 -34.51
N PHE G 69 12.37 -1.01 -33.82
CA PHE G 69 11.03 -0.80 -34.35
C PHE G 69 10.64 0.66 -34.39
N PHE G 70 11.11 1.46 -33.44
CA PHE G 70 10.85 2.90 -33.41
C PHE G 70 12.15 3.66 -33.52
N HIS G 71 13.03 3.14 -34.39
CA HIS G 71 14.30 3.77 -34.68
C HIS G 71 14.15 5.25 -35.00
N ASN G 72 14.96 6.06 -34.33
CA ASN G 72 15.00 7.50 -34.52
C ASN G 72 16.41 7.83 -34.97
N PRO G 73 16.62 8.15 -36.23
CA PRO G 73 18.01 8.33 -36.73
C PRO G 73 18.78 9.40 -36.00
N ARG G 74 18.09 10.36 -35.39
CA ARG G 74 18.75 11.44 -34.67
C ARG G 74 19.45 10.95 -33.39
N VAL G 75 18.86 9.97 -32.67
CA VAL G 75 19.35 9.61 -31.34
C VAL G 75 19.67 8.12 -31.16
N ASN G 76 19.35 7.29 -32.17
CA ASN G 76 19.54 5.84 -32.07
C ASN G 76 20.63 5.43 -33.06
N PRO G 77 21.86 5.24 -32.62
CA PRO G 77 22.91 4.76 -33.54
C PRO G 77 22.70 3.28 -33.82
N LEU G 78 23.14 2.87 -35.00
CA LEU G 78 23.22 1.46 -35.39
C LEU G 78 24.46 0.87 -34.74
N PRO G 79 24.63 -0.45 -34.82
CA PRO G 79 25.85 -1.02 -34.22
C PRO G 79 27.14 -0.38 -34.76
N THR G 80 27.07 0.18 -35.96
CA THR G 80 28.24 0.85 -36.58
C THR G 80 28.24 2.36 -36.40
N GLY G 81 27.28 2.90 -35.67
CA GLY G 81 27.28 4.32 -35.35
C GLY G 81 26.06 5.01 -35.90
N TYR G 82 26.06 6.33 -35.75
CA TYR G 82 24.92 7.10 -36.24
C TYR G 82 24.86 7.07 -37.75
N GLU G 83 23.63 7.09 -38.25
CA GLU G 83 23.33 7.15 -39.68
C GLU G 83 23.55 8.55 -40.24
N LYS G 84 23.49 8.64 -41.58
CA LYS G 84 23.67 9.88 -42.33
C LYS G 84 22.86 11.05 -41.76
N LYS H 1 55.91 -7.94 0.02
CA LYS H 1 55.39 -8.16 1.37
C LYS H 1 54.57 -9.44 1.43
N ILE H 2 55.10 -10.44 2.14
CA ILE H 2 54.67 -11.83 2.04
C ILE H 2 54.46 -12.13 0.56
N LYS H 3 55.56 -12.38 -0.13
CA LYS H 3 55.43 -13.23 -1.29
C LYS H 3 55.49 -14.66 -0.79
N ASN H 4 55.89 -15.56 -1.66
CA ASN H 4 55.27 -16.85 -1.67
C ASN H 4 53.76 -16.69 -1.72
N TYR H 5 53.28 -15.74 -2.55
CA TYR H 5 51.91 -15.79 -3.05
C TYR H 5 51.67 -17.18 -3.53
N GLN H 6 50.63 -17.82 -2.97
CA GLN H 6 50.24 -19.10 -3.51
C GLN H 6 49.00 -18.93 -4.38
N THR H 7 47.89 -18.55 -3.76
CA THR H 7 46.70 -18.18 -4.56
C THR H 7 46.00 -17.03 -3.86
N ALA H 8 44.88 -16.61 -4.47
CA ALA H 8 44.17 -15.44 -3.94
C ALA H 8 43.56 -15.84 -2.60
N PRO H 9 43.80 -15.09 -1.55
CA PRO H 9 43.17 -15.42 -0.27
C PRO H 9 41.67 -15.12 -0.22
N PHE H 10 40.96 -15.76 0.72
CA PHE H 10 39.60 -15.38 1.07
C PHE H 10 39.49 -13.88 1.25
N ASP H 11 38.41 -13.31 0.75
CA ASP H 11 38.18 -11.87 0.76
C ASP H 11 36.76 -11.67 1.30
N SER H 12 36.66 -11.06 2.48
CA SER H 12 35.37 -10.94 3.11
C SER H 12 34.41 -10.10 2.32
N ARG H 13 34.90 -9.29 1.39
CA ARG H 13 33.96 -8.59 0.54
C ARG H 13 33.18 -9.53 -0.36
N PHE H 14 33.74 -10.71 -0.64
CA PHE H 14 33.16 -11.64 -1.63
C PHE H 14 33.11 -13.03 -1.01
N PRO H 15 32.24 -13.23 -0.03
CA PRO H 15 32.28 -14.48 0.73
C PRO H 15 31.43 -15.60 0.14
N ASN H 16 30.78 -15.35 -0.97
CA ASN H 16 29.79 -16.35 -1.39
C ASN H 16 30.23 -17.11 -2.62
N GLN H 17 29.35 -17.98 -3.12
CA GLN H 17 29.75 -18.87 -4.19
C GLN H 17 30.00 -18.09 -5.49
N ASN H 18 29.27 -17.00 -5.75
CA ASN H 18 29.54 -16.22 -6.96
C ASN H 18 30.72 -15.31 -6.77
N GLN H 19 31.81 -15.59 -7.48
CA GLN H 19 33.03 -14.82 -7.33
C GLN H 19 33.21 -13.88 -8.49
N THR H 20 32.20 -13.70 -9.36
CA THR H 20 32.39 -12.81 -10.51
C THR H 20 32.92 -11.45 -10.08
N ARG H 21 32.30 -10.85 -9.05
CA ARG H 21 32.70 -9.48 -8.73
C ARG H 21 34.13 -9.40 -8.15
N ASN H 22 34.57 -10.48 -7.51
CA ASN H 22 35.96 -10.55 -7.01
C ASN H 22 36.96 -10.45 -8.14
N CYS H 23 36.77 -11.25 -9.20
CA CYS H 23 37.58 -11.14 -10.40
C CYS H 23 37.48 -9.74 -10.97
N TRP H 24 36.26 -9.23 -11.10
CA TRP H 24 36.08 -7.94 -11.73
C TRP H 24 36.76 -6.82 -10.95
N GLN H 25 36.56 -6.82 -9.63
CA GLN H 25 37.11 -5.75 -8.82
C GLN H 25 38.62 -5.75 -8.85
N ASN H 26 39.24 -6.91 -8.74
CA ASN H 26 40.70 -6.92 -8.78
C ASN H 26 41.23 -6.55 -10.15
N TYR H 27 40.48 -6.88 -11.21
CA TYR H 27 40.91 -6.46 -12.54
C TYR H 27 40.87 -4.95 -12.64
N LEU H 28 39.77 -4.36 -12.20
CA LEU H 28 39.68 -2.90 -12.18
C LEU H 28 40.79 -2.31 -11.35
N ASP H 29 40.95 -2.79 -10.12
CA ASP H 29 41.95 -2.24 -9.21
C ASP H 29 43.33 -2.26 -9.84
N PHE H 30 43.70 -3.38 -10.45
CA PHE H 30 45.03 -3.48 -11.03
C PHE H 30 45.21 -2.44 -12.12
N HIS H 31 44.24 -2.30 -13.00
CA HIS H 31 44.41 -1.40 -14.14
C HIS H 31 44.25 0.05 -13.69
N ARG H 32 43.44 0.29 -12.67
CA ARG H 32 43.39 1.64 -12.10
C ARG H 32 44.73 2.00 -11.51
N CYS H 33 45.26 1.12 -10.66
CA CYS H 33 46.61 1.30 -10.09
C CYS H 33 47.66 1.53 -11.17
N GLU H 34 47.61 0.72 -12.20
CA GLU H 34 48.57 0.85 -13.28
C GLU H 34 48.45 2.21 -13.95
N LYS H 35 47.22 2.67 -14.21
CA LYS H 35 47.06 4.00 -14.79
C LYS H 35 47.69 5.05 -13.89
N ALA H 36 47.35 5.00 -12.60
CA ALA H 36 47.88 6.00 -11.67
C ALA H 36 49.41 6.02 -11.70
N MET H 37 50.05 4.84 -11.63
CA MET H 37 51.50 4.77 -11.54
C MET H 37 52.20 5.22 -12.81
N THR H 38 51.61 5.00 -14.00
CA THR H 38 52.38 5.24 -15.22
C THR H 38 52.68 6.72 -15.41
N ALA H 39 51.82 7.60 -14.91
CA ALA H 39 52.14 9.02 -15.00
C ALA H 39 53.09 9.43 -13.89
N LYS H 40 52.51 9.92 -12.79
CA LYS H 40 53.20 10.51 -11.63
C LYS H 40 54.44 9.73 -11.22
N GLY H 41 55.32 10.31 -10.41
CA GLY H 41 56.58 9.62 -10.11
C GLY H 41 56.55 8.23 -9.46
N GLY H 42 56.32 7.14 -10.22
CA GLY H 42 56.26 5.79 -9.64
C GLY H 42 56.18 4.65 -10.65
N ASP H 43 56.04 3.40 -10.14
CA ASP H 43 56.11 2.19 -10.98
C ASP H 43 55.12 1.10 -10.59
N VAL H 44 54.70 0.32 -11.60
CA VAL H 44 53.55 -0.59 -11.53
C VAL H 44 53.70 -1.71 -10.49
N SER H 45 54.90 -1.93 -9.96
CA SER H 45 55.11 -3.00 -9.00
C SER H 45 54.31 -2.83 -7.73
N VAL H 46 53.84 -1.61 -7.41
CA VAL H 46 52.92 -1.52 -6.28
C VAL H 46 51.51 -2.05 -6.59
N CYS H 47 51.24 -2.26 -7.88
CA CYS H 47 49.98 -2.82 -8.36
C CYS H 47 49.97 -4.34 -8.35
N GLU H 48 51.11 -4.95 -8.03
CA GLU H 48 51.34 -6.36 -8.29
C GLU H 48 50.32 -7.26 -7.60
N TRP H 49 49.88 -6.91 -6.38
CA TRP H 49 49.00 -7.81 -5.66
C TRP H 49 47.69 -7.99 -6.42
N TYR H 50 47.09 -6.90 -6.87
CA TYR H 50 45.86 -6.95 -7.68
C TYR H 50 46.05 -7.77 -8.93
N ARG H 51 47.22 -7.62 -9.57
CA ARG H 51 47.56 -8.39 -10.75
C ARG H 51 47.55 -9.88 -10.44
N ARG H 52 48.17 -10.28 -9.34
CA ARG H 52 48.23 -11.71 -9.02
C ARG H 52 46.84 -12.23 -8.72
N VAL H 53 46.02 -11.45 -8.00
CA VAL H 53 44.68 -11.93 -7.62
C VAL H 53 43.81 -12.08 -8.85
N TYR H 54 43.77 -11.05 -9.72
CA TYR H 54 42.84 -11.20 -10.83
C TYR H 54 43.34 -12.29 -11.79
N LYS H 55 44.66 -12.45 -11.90
CA LYS H 55 45.14 -13.50 -12.80
C LYS H 55 44.78 -14.86 -12.27
N SER H 56 44.83 -15.03 -10.94
CA SER H 56 44.41 -16.29 -10.32
C SER H 56 42.93 -16.56 -10.54
N LEU H 57 42.09 -15.54 -10.39
CA LEU H 57 40.64 -15.80 -10.34
C LEU H 57 39.93 -15.69 -11.68
N CYS H 58 40.35 -14.84 -12.57
CA CYS H 58 39.58 -14.48 -13.74
C CYS H 58 39.81 -15.48 -14.86
N PRO H 59 38.76 -16.03 -15.46
CA PRO H 59 38.93 -16.82 -16.70
C PRO H 59 39.76 -16.08 -17.73
N ILE H 60 40.64 -16.80 -18.41
CA ILE H 60 41.45 -16.17 -19.45
C ILE H 60 40.62 -15.41 -20.48
N SER H 61 39.44 -15.97 -20.88
CA SER H 61 38.71 -15.29 -21.94
C SER H 61 38.14 -13.96 -21.47
N TRP H 62 37.78 -13.87 -20.18
CA TRP H 62 37.26 -12.63 -19.62
C TRP H 62 38.33 -11.56 -19.67
N VAL H 63 39.53 -11.90 -19.18
CA VAL H 63 40.65 -10.93 -19.19
C VAL H 63 40.94 -10.51 -20.61
N SER H 64 40.97 -11.47 -21.52
CA SER H 64 41.25 -11.18 -22.91
C SER H 64 40.20 -10.26 -23.52
N THR H 65 38.90 -10.56 -23.28
CA THR H 65 37.85 -9.68 -23.79
C THR H 65 37.93 -8.28 -23.16
N TRP H 66 38.10 -8.21 -21.85
CA TRP H 66 38.22 -6.92 -21.21
C TRP H 66 39.45 -6.16 -21.74
N ASP H 67 40.56 -6.86 -21.96
CA ASP H 67 41.74 -6.16 -22.49
C ASP H 67 41.46 -5.63 -23.89
N ASP H 68 40.81 -6.45 -24.73
CA ASP H 68 40.45 -5.99 -26.06
C ASP H 68 39.54 -4.78 -25.99
N ARG H 69 38.56 -4.79 -25.08
CA ARG H 69 37.65 -3.68 -25.04
C ARG H 69 38.34 -2.42 -24.52
N ARG H 70 39.24 -2.52 -23.53
CA ARG H 70 40.04 -1.35 -23.17
C ARG H 70 40.79 -0.79 -24.39
N ALA H 71 41.44 -1.65 -25.17
CA ALA H 71 42.14 -1.14 -26.35
C ALA H 71 41.19 -0.47 -27.32
N GLU H 72 39.97 -0.98 -27.39
CA GLU H 72 39.02 -0.51 -28.36
C GLU H 72 38.33 0.79 -27.91
N GLY H 73 38.34 1.07 -26.62
CA GLY H 73 37.64 2.19 -26.04
C GLY H 73 36.21 1.82 -25.69
N THR H 74 35.93 0.52 -25.54
CA THR H 74 34.55 0.08 -25.23
C THR H 74 34.43 -0.61 -23.90
N PHE H 75 35.45 -0.50 -23.04
CA PHE H 75 35.40 -1.11 -21.73
C PHE H 75 34.42 -0.32 -20.86
N PRO H 76 33.40 -0.95 -20.28
CA PRO H 76 32.34 -0.16 -19.65
C PRO H 76 32.63 0.17 -18.20
N GLY H 77 33.65 -0.45 -17.58
CA GLY H 77 34.02 -0.02 -16.25
C GLY H 77 34.90 1.27 -16.29
N LYS H 78 34.97 1.94 -15.13
CA LYS H 78 35.69 3.19 -15.01
C LYS H 78 37.13 2.88 -14.59
N ILE H 79 38.07 3.31 -15.41
CA ILE H 79 39.49 3.16 -15.09
C ILE H 79 40.14 4.51 -15.15
N THR I 2 -23.09 -77.12 29.54
CA THR I 2 -22.69 -75.89 30.22
C THR I 2 -22.89 -74.67 29.29
N ALA I 3 -23.21 -73.56 29.96
CA ALA I 3 -23.37 -72.25 29.38
C ALA I 3 -22.03 -71.69 28.96
N LEU I 4 -22.09 -70.80 28.00
CA LEU I 4 -20.90 -70.05 27.57
C LEU I 4 -20.72 -68.81 28.40
N ALA I 5 -19.44 -68.49 28.67
CA ALA I 5 -19.10 -67.25 29.36
C ALA I 5 -19.35 -66.03 28.48
N LYS I 6 -19.71 -64.92 29.11
CA LYS I 6 -19.85 -63.65 28.39
C LYS I 6 -18.49 -63.19 27.91
N PRO I 7 -18.29 -63.00 26.62
CA PRO I 7 -17.00 -62.46 26.15
C PRO I 7 -17.03 -60.94 26.10
N GLN I 8 -15.83 -60.37 25.89
CA GLN I 8 -15.78 -58.95 25.61
C GLN I 8 -16.55 -58.68 24.32
N MET I 9 -17.44 -57.71 24.37
CA MET I 9 -18.27 -57.39 23.22
C MET I 9 -18.11 -55.98 22.72
N ARG I 10 -17.38 -55.10 23.45
CA ARG I 10 -17.37 -53.69 23.07
C ARG I 10 -15.94 -53.27 22.80
N GLY I 11 -15.78 -52.35 21.85
CA GLY I 11 -14.45 -51.81 21.64
C GLY I 11 -13.48 -52.77 21.01
N LEU I 12 -13.96 -53.79 20.28
CA LEU I 12 -13.03 -54.78 19.76
C LEU I 12 -12.09 -54.18 18.67
N LEU I 13 -12.61 -53.23 17.90
CA LEU I 13 -11.77 -52.68 16.84
C LEU I 13 -10.68 -51.82 17.49
N ALA I 14 -11.09 -50.97 18.45
CA ALA I 14 -10.12 -50.11 19.14
C ALA I 14 -9.10 -50.94 19.89
N ARG I 15 -9.56 -52.01 20.53
CA ARG I 15 -8.60 -52.89 21.21
C ARG I 15 -7.57 -53.45 20.25
N ARG I 16 -8.03 -53.94 19.10
CA ARG I 16 -7.12 -54.42 18.08
C ARG I 16 -6.12 -53.33 17.68
N LEU I 17 -6.62 -52.12 17.44
CA LEU I 17 -5.73 -51.05 16.95
C LEU I 17 -4.65 -50.77 17.99
N ARG I 18 -5.06 -50.58 19.23
CA ARG I 18 -4.13 -50.23 20.30
C ARG I 18 -3.02 -51.26 20.39
N PHE I 19 -3.40 -52.53 20.48
CA PHE I 19 -2.39 -53.58 20.56
C PHE I 19 -1.38 -53.50 19.41
N HIS I 20 -1.86 -53.33 18.18
CA HIS I 20 -0.95 -53.42 17.01
C HIS I 20 -0.16 -52.15 16.76
N ILE I 21 -0.69 -51.00 17.17
CA ILE I 21 0.12 -49.79 17.05
C ILE I 21 1.33 -49.91 17.98
N VAL I 22 1.11 -50.46 19.17
CA VAL I 22 2.22 -50.72 20.10
C VAL I 22 3.22 -51.71 19.51
N GLY I 23 2.73 -52.76 18.87
CA GLY I 23 3.62 -53.69 18.17
C GLY I 23 4.38 -53.03 17.04
N ALA I 24 3.71 -52.19 16.25
CA ALA I 24 4.40 -51.48 15.18
C ALA I 24 5.51 -50.59 15.71
N PHE I 25 5.26 -49.87 16.81
CA PHE I 25 6.31 -49.05 17.43
C PHE I 25 7.51 -49.91 17.84
N MET I 26 7.25 -51.02 18.56
CA MET I 26 8.31 -51.89 19.07
C MET I 26 9.14 -52.49 17.93
N VAL I 27 8.49 -52.87 16.83
CA VAL I 27 9.26 -53.31 15.66
C VAL I 27 10.13 -52.18 15.16
N SER I 28 9.59 -50.96 15.14
CA SER I 28 10.29 -49.81 14.57
C SER I 28 11.58 -49.53 15.35
N LEU I 29 11.49 -49.49 16.67
CA LEU I 29 12.67 -49.50 17.56
C LEU I 29 13.63 -50.65 17.25
N GLY I 30 13.13 -51.90 17.29
CA GLY I 30 13.99 -53.04 16.99
C GLY I 30 14.68 -52.93 15.64
N PHE I 31 13.96 -52.43 14.64
CA PHE I 31 14.56 -52.26 13.32
C PHE I 31 15.67 -51.20 13.36
N ALA I 32 15.36 -50.04 13.95
CA ALA I 32 16.35 -48.98 14.04
C ALA I 32 17.63 -49.47 14.69
N THR I 33 17.51 -50.31 15.72
CA THR I 33 18.70 -50.91 16.33
C THR I 33 19.44 -51.77 15.33
N PHE I 34 18.71 -52.53 14.53
CA PHE I 34 19.37 -53.38 13.56
C PHE I 34 20.03 -52.56 12.47
N TYR I 35 19.38 -51.50 12.03
CA TYR I 35 19.90 -50.71 10.92
C TYR I 35 21.10 -49.86 11.36
N LYS I 36 21.02 -49.26 12.56
CA LYS I 36 22.20 -48.56 13.10
C LYS I 36 23.37 -49.53 13.23
N PHE I 37 23.09 -50.78 13.57
CA PHE I 37 24.12 -51.82 13.65
C PHE I 37 24.55 -52.28 12.26
N ALA I 38 23.62 -52.76 11.44
CA ALA I 38 24.00 -53.35 10.18
C ALA I 38 24.43 -52.34 9.11
N VAL I 39 24.24 -51.04 9.32
CA VAL I 39 24.45 -50.12 8.20
C VAL I 39 25.25 -48.89 8.62
N ALA I 40 24.69 -48.11 9.54
CA ALA I 40 25.30 -46.82 9.90
C ALA I 40 26.62 -47.02 10.64
N GLU I 41 26.59 -47.85 11.68
CA GLU I 41 27.79 -48.15 12.45
C GLU I 41 28.80 -48.91 11.61
N LYS I 42 28.32 -49.91 10.86
CA LYS I 42 29.21 -50.59 9.92
C LYS I 42 29.98 -49.57 9.08
N ARG I 43 29.28 -48.56 8.58
CA ARG I 43 29.98 -47.59 7.74
C ARG I 43 30.98 -46.78 8.53
N LYS I 44 30.59 -46.30 9.72
CA LYS I 44 31.55 -45.55 10.53
C LYS I 44 32.79 -46.39 10.79
N LYS I 45 32.61 -47.66 11.12
CA LYS I 45 33.77 -48.49 11.45
C LYS I 45 34.64 -48.77 10.21
N ALA I 46 34.00 -49.02 9.05
CA ALA I 46 34.75 -49.24 7.83
C ALA I 46 35.62 -48.04 7.51
N TYR I 47 35.08 -46.81 7.57
CA TYR I 47 35.91 -45.62 7.26
C TYR I 47 36.98 -45.37 8.31
N ALA I 48 36.64 -45.57 9.58
CA ALA I 48 37.66 -45.35 10.61
C ALA I 48 38.76 -46.39 10.52
N ASP I 49 38.40 -47.67 10.33
CA ASP I 49 39.39 -48.73 10.20
C ASP I 49 40.28 -48.47 8.99
N PHE I 50 39.69 -48.05 7.88
CA PHE I 50 40.45 -47.82 6.66
C PHE I 50 41.50 -46.74 6.89
N TYR I 51 41.12 -45.64 7.50
CA TYR I 51 42.04 -44.51 7.55
C TYR I 51 42.98 -44.57 8.74
N ARG I 52 42.74 -45.49 9.68
CA ARG I 52 43.49 -45.49 10.94
C ARG I 52 45.00 -45.60 10.69
N ASN I 53 45.41 -46.54 9.86
CA ASN I 53 46.83 -46.69 9.51
C ASN I 53 47.10 -46.44 8.01
N TYR I 54 46.22 -45.69 7.34
CA TYR I 54 46.31 -45.47 5.92
C TYR I 54 47.52 -44.63 5.58
N ASP I 55 48.28 -45.05 4.58
CA ASP I 55 49.51 -44.38 4.21
C ASP I 55 49.27 -43.93 2.77
N SER I 56 48.99 -42.62 2.62
CA SER I 56 48.61 -42.10 1.32
C SER I 56 49.77 -42.16 0.37
N MET I 57 51.01 -41.98 0.84
CA MET I 57 52.13 -42.10 -0.09
C MET I 57 52.31 -43.53 -0.60
N LYS I 58 52.17 -44.52 0.28
CA LYS I 58 52.27 -45.91 -0.12
C LYS I 58 51.18 -46.26 -1.13
N ASP I 59 49.93 -45.78 -0.89
CA ASP I 59 48.83 -45.92 -1.85
C ASP I 59 49.22 -45.34 -3.21
N PHE I 60 49.75 -44.11 -3.20
CA PHE I 60 50.15 -43.48 -4.43
C PHE I 60 51.24 -44.32 -5.14
N GLU I 61 52.26 -44.75 -4.39
CA GLU I 61 53.34 -45.50 -5.06
C GLU I 61 52.82 -46.78 -5.69
N GLU I 62 51.88 -47.44 -5.01
CA GLU I 62 51.23 -48.60 -5.61
C GLU I 62 50.54 -48.24 -6.90
N MET I 63 49.75 -47.16 -6.87
CA MET I 63 49.07 -46.74 -8.09
C MET I 63 50.07 -46.37 -9.20
N ARG I 64 51.17 -45.70 -8.83
CA ARG I 64 52.12 -45.22 -9.83
C ARG I 64 52.80 -46.43 -10.48
N LYS I 65 53.12 -47.43 -9.67
CA LYS I 65 53.84 -48.61 -10.20
C LYS I 65 52.92 -49.45 -11.07
N ALA I 66 51.61 -49.39 -10.82
CA ALA I 66 50.63 -50.05 -11.66
C ALA I 66 50.43 -49.32 -12.99
N GLY I 67 50.91 -48.10 -13.12
CA GLY I 67 50.84 -47.41 -14.37
C GLY I 67 49.58 -46.60 -14.56
N ILE I 68 48.88 -46.24 -13.49
CA ILE I 68 47.56 -45.66 -13.80
C ILE I 68 47.63 -44.19 -14.14
N PHE I 69 48.76 -43.46 -13.89
CA PHE I 69 48.73 -42.00 -13.88
C PHE I 69 49.32 -41.39 -15.14
N GLN I 70 48.71 -40.27 -15.57
CA GLN I 70 49.35 -39.43 -16.58
C GLN I 70 50.55 -38.68 -16.03
N SER I 71 50.50 -38.27 -14.77
CA SER I 71 51.49 -37.30 -14.30
C SER I 71 52.66 -37.96 -13.60
N ALA I 72 52.58 -39.27 -13.38
CA ALA I 72 53.58 -39.96 -12.58
C ALA I 72 53.81 -41.33 -13.17
N LYS I 73 55.05 -41.63 -13.53
CA LYS I 73 55.35 -42.90 -14.17
C LYS I 73 56.21 -43.76 -13.22
N PHE J 1 -29.93 11.65 -28.48
CA PHE J 1 -30.36 10.25 -28.83
C PHE J 1 -31.51 9.82 -27.96
N GLU J 2 -32.24 8.82 -28.44
CA GLU J 2 -33.41 8.30 -27.73
C GLU J 2 -33.13 6.88 -27.28
N ASN J 3 -33.78 6.52 -26.17
CA ASN J 3 -33.54 5.21 -25.57
C ASN J 3 -34.35 4.21 -26.36
N ARG J 4 -33.71 3.37 -27.15
CA ARG J 4 -34.44 2.35 -27.90
C ARG J 4 -34.14 0.95 -27.38
N VAL J 5 -33.75 0.84 -26.12
CA VAL J 5 -33.49 -0.47 -25.53
C VAL J 5 -34.73 -1.39 -25.57
N ALA J 6 -35.94 -0.84 -25.29
CA ALA J 6 -37.13 -1.71 -25.31
C ALA J 6 -37.27 -2.44 -26.63
N GLU J 7 -36.96 -1.75 -27.74
CA GLU J 7 -37.08 -2.36 -29.06
C GLU J 7 -36.15 -3.52 -29.19
N LYS J 8 -34.93 -3.34 -28.71
CA LYS J 8 -33.93 -4.39 -28.78
C LYS J 8 -34.30 -5.54 -27.84
N GLN J 9 -34.92 -5.23 -26.71
CA GLN J 9 -35.36 -6.29 -25.83
C GLN J 9 -36.45 -7.14 -26.52
N LYS J 10 -37.38 -6.48 -27.19
CA LYS J 10 -38.38 -7.25 -27.96
C LYS J 10 -37.71 -8.16 -29.00
N LEU J 11 -36.77 -7.60 -29.78
CA LEU J 11 -36.10 -8.35 -30.81
C LEU J 11 -35.39 -9.57 -30.25
N PHE J 12 -34.59 -9.39 -29.19
CA PHE J 12 -33.79 -10.52 -28.73
C PHE J 12 -34.56 -11.48 -27.85
N GLN J 13 -35.80 -11.16 -27.49
CA GLN J 13 -36.63 -12.10 -26.75
C GLN J 13 -37.69 -12.75 -27.62
N GLU J 14 -37.67 -12.48 -28.93
CA GLU J 14 -38.68 -13.10 -29.80
C GLU J 14 -38.56 -14.62 -29.75
N ASP J 15 -39.69 -15.30 -29.66
CA ASP J 15 -39.70 -16.76 -29.49
C ASP J 15 -39.47 -17.47 -30.84
N ASN J 16 -38.23 -17.39 -31.33
CA ASN J 16 -37.95 -17.91 -32.66
C ASN J 16 -36.91 -19.02 -32.67
N GLY J 17 -36.55 -19.52 -31.49
CA GLY J 17 -35.54 -20.56 -31.37
C GLY J 17 -34.12 -20.18 -31.82
N LEU J 18 -33.86 -18.95 -32.18
CA LEU J 18 -32.50 -18.66 -32.65
C LEU J 18 -31.53 -18.55 -31.48
N PRO J 19 -30.30 -19.05 -31.63
CA PRO J 19 -29.32 -18.82 -30.55
C PRO J 19 -28.92 -17.36 -30.54
N VAL J 20 -28.38 -16.90 -29.40
CA VAL J 20 -28.21 -15.46 -29.25
C VAL J 20 -27.26 -14.90 -30.31
N HIS J 21 -26.29 -15.70 -30.79
CA HIS J 21 -25.33 -15.13 -31.72
C HIS J 21 -25.89 -14.94 -33.12
N LEU J 22 -27.13 -15.41 -33.37
CA LEU J 22 -27.76 -15.24 -34.67
C LEU J 22 -29.05 -14.44 -34.56
N LYS J 23 -29.41 -14.04 -33.36
CA LYS J 23 -30.78 -13.57 -33.10
C LYS J 23 -30.98 -12.12 -33.55
N GLY J 24 -29.88 -11.46 -33.95
CA GLY J 24 -30.01 -10.13 -34.51
C GLY J 24 -30.52 -10.11 -35.94
N GLY J 25 -30.38 -11.20 -36.66
CA GLY J 25 -30.87 -11.25 -38.03
C GLY J 25 -29.77 -11.62 -39.00
N ALA J 26 -30.05 -11.38 -40.28
CA ALA J 26 -29.23 -11.90 -41.35
C ALA J 26 -27.76 -11.48 -41.23
N THR J 27 -27.50 -10.27 -40.71
CA THR J 27 -26.12 -9.79 -40.61
C THR J 27 -25.29 -10.66 -39.67
N ASP J 28 -25.91 -11.18 -38.61
CA ASP J 28 -25.22 -12.11 -37.71
C ASP J 28 -24.70 -13.31 -38.48
N ASN J 29 -25.56 -13.85 -39.37
CA ASN J 29 -25.18 -15.04 -40.11
C ASN J 29 -24.00 -14.74 -41.01
N ILE J 30 -24.00 -13.55 -41.64
CA ILE J 30 -22.90 -13.18 -42.51
C ILE J 30 -21.61 -13.07 -41.71
N LEU J 31 -21.66 -12.35 -40.59
CA LEU J 31 -20.44 -12.17 -39.82
C LEU J 31 -19.93 -13.50 -39.26
N TYR J 32 -20.85 -14.37 -38.82
CA TYR J 32 -20.50 -15.70 -38.36
C TYR J 32 -19.80 -16.49 -39.48
N ARG J 33 -20.38 -16.50 -40.69
CA ARG J 33 -19.74 -17.26 -41.78
C ARG J 33 -18.37 -16.67 -42.14
N VAL J 34 -18.23 -15.35 -42.13
CA VAL J 34 -16.93 -14.77 -42.40
C VAL J 34 -15.92 -15.22 -41.36
N THR J 35 -16.31 -15.12 -40.09
CA THR J 35 -15.37 -15.47 -39.01
C THR J 35 -14.96 -16.93 -39.13
N MET J 36 -15.95 -17.81 -39.24
CA MET J 36 -15.65 -19.22 -39.28
C MET J 36 -14.86 -19.60 -40.53
N THR J 37 -15.12 -18.93 -41.66
CA THR J 37 -14.36 -19.20 -42.87
C THR J 37 -12.90 -18.80 -42.70
N LEU J 38 -12.67 -17.60 -42.18
CA LEU J 38 -11.31 -17.16 -41.88
C LEU J 38 -10.62 -18.11 -40.89
N CYS J 39 -11.33 -18.56 -39.86
CA CYS J 39 -10.70 -19.45 -38.87
C CYS J 39 -10.36 -20.81 -39.47
N LEU J 40 -11.31 -21.42 -40.20
CA LEU J 40 -11.04 -22.74 -40.73
C LEU J 40 -10.08 -22.68 -41.89
N GLY J 41 -10.26 -21.70 -42.77
CA GLY J 41 -9.31 -21.50 -43.85
C GLY J 41 -7.91 -21.19 -43.35
N GLY J 42 -7.82 -20.26 -42.38
CA GLY J 42 -6.51 -19.96 -41.79
C GLY J 42 -5.89 -21.18 -41.12
N THR J 43 -6.73 -22.01 -40.49
CA THR J 43 -6.17 -23.20 -39.82
C THR J 43 -5.64 -24.20 -40.85
N LEU J 44 -6.35 -24.38 -41.96
CA LEU J 44 -5.79 -25.21 -43.04
C LEU J 44 -4.49 -24.64 -43.55
N TYR J 45 -4.45 -23.31 -43.72
CA TYR J 45 -3.23 -22.67 -44.19
C TYR J 45 -2.10 -22.88 -43.20
N SER J 46 -2.39 -22.85 -41.90
CA SER J 46 -1.31 -23.07 -40.94
C SER J 46 -0.77 -24.49 -41.06
N LEU J 47 -1.66 -25.45 -41.31
CA LEU J 47 -1.20 -26.83 -41.50
C LEU J 47 -0.35 -26.96 -42.76
N TYR J 48 -0.74 -26.28 -43.84
CA TYR J 48 0.14 -26.23 -45.01
C TYR J 48 1.51 -25.67 -44.63
N CYS J 49 1.52 -24.59 -43.86
CA CYS J 49 2.80 -23.98 -43.46
C CYS J 49 3.63 -24.91 -42.59
N LEU J 50 2.99 -25.65 -41.69
CA LEU J 50 3.73 -26.68 -40.95
C LEU J 50 4.33 -27.70 -41.90
N GLY J 51 3.52 -28.23 -42.82
CA GLY J 51 4.05 -29.12 -43.82
C GLY J 51 5.26 -28.57 -44.53
N TRP J 52 5.18 -27.31 -44.98
CA TRP J 52 6.33 -26.70 -45.67
C TRP J 52 7.54 -26.64 -44.73
N ALA J 53 7.33 -26.19 -43.50
CA ALA J 53 8.43 -25.93 -42.57
C ALA J 53 9.02 -27.20 -41.98
N SER J 54 8.33 -28.32 -42.14
CA SER J 54 8.77 -29.59 -41.59
C SER J 54 9.90 -30.18 -42.39
N PHE J 55 10.22 -29.60 -43.53
CA PHE J 55 11.27 -30.21 -44.33
C PHE J 55 12.31 -29.19 -44.72
N PRO J 56 13.54 -29.69 -44.93
CA PRO J 56 14.66 -28.83 -45.32
C PRO J 56 14.40 -28.09 -46.62
N HIS J 57 14.27 -26.78 -46.44
CA HIS J 57 14.77 -25.74 -47.34
C HIS J 57 15.30 -24.60 -46.50
N LYS J 58 15.10 -24.65 -45.16
CA LYS J 58 15.15 -23.55 -44.19
C LYS J 58 15.28 -22.17 -44.84
N ALA K 1 -24.76 -71.36 -8.83
CA ALA K 1 -24.13 -71.87 -10.05
C ALA K 1 -22.65 -71.37 -10.17
N PRO K 2 -21.71 -72.23 -10.61
CA PRO K 2 -20.27 -71.83 -10.63
C PRO K 2 -19.99 -70.77 -11.66
N ASP K 3 -19.12 -69.81 -11.30
CA ASP K 3 -18.91 -68.69 -12.20
C ASP K 3 -17.63 -69.00 -13.00
N PHE K 4 -17.19 -68.00 -13.77
CA PHE K 4 -15.96 -68.15 -14.53
C PHE K 4 -14.81 -68.56 -13.64
N HIS K 5 -14.71 -67.98 -12.42
CA HIS K 5 -13.52 -68.20 -11.59
C HIS K 5 -13.51 -69.59 -10.98
N ASP K 6 -14.71 -70.07 -10.61
CA ASP K 6 -14.85 -71.46 -10.17
C ASP K 6 -14.44 -72.43 -11.28
N LYS K 7 -14.89 -72.17 -12.51
CA LYS K 7 -14.63 -73.10 -13.60
C LYS K 7 -13.19 -73.01 -14.07
N TYR K 8 -12.64 -71.79 -14.18
CA TYR K 8 -11.36 -71.63 -14.88
C TYR K 8 -10.22 -71.04 -14.05
N GLY K 9 -10.51 -70.56 -12.82
CA GLY K 9 -9.49 -69.85 -12.03
C GLY K 9 -8.24 -70.70 -11.84
N ASN K 10 -8.41 -71.98 -11.48
CA ASN K 10 -7.21 -72.82 -11.25
C ASN K 10 -6.35 -72.91 -12.49
N ALA K 11 -6.97 -73.10 -13.66
CA ALA K 11 -6.21 -73.22 -14.89
C ALA K 11 -5.53 -71.91 -15.24
N VAL K 12 -6.25 -70.79 -15.04
CA VAL K 12 -5.68 -69.49 -15.42
C VAL K 12 -4.47 -69.21 -14.55
N LEU K 13 -4.58 -69.48 -13.24
CA LEU K 13 -3.49 -69.25 -12.34
C LEU K 13 -2.28 -70.14 -12.72
N ALA K 14 -2.55 -71.42 -12.95
CA ALA K 14 -1.45 -72.33 -13.17
C ALA K 14 -0.77 -72.06 -14.49
N SER K 15 -1.57 -71.88 -15.54
CA SER K 15 -0.98 -71.62 -16.86
C SER K 15 -0.28 -70.25 -16.91
N GLY K 16 -0.94 -69.20 -16.41
CA GLY K 16 -0.33 -67.89 -16.46
C GLY K 16 1.00 -67.86 -15.73
N ALA K 17 1.06 -68.49 -14.54
CA ALA K 17 2.31 -68.51 -13.79
C ALA K 17 3.41 -69.28 -14.54
N THR K 18 3.06 -70.46 -15.04
CA THR K 18 4.00 -71.27 -15.78
C THR K 18 4.53 -70.56 -17.00
N PHE K 19 3.64 -69.96 -17.78
CA PHE K 19 4.03 -69.19 -18.96
C PHE K 19 4.94 -68.03 -18.59
N CYS K 20 4.53 -67.27 -17.56
CA CYS K 20 5.27 -66.05 -17.20
C CYS K 20 6.71 -66.38 -16.80
N VAL K 21 6.86 -67.37 -15.93
CA VAL K 21 8.19 -67.79 -15.48
C VAL K 21 9.03 -68.29 -16.65
N ALA K 22 8.42 -69.09 -17.51
CA ALA K 22 9.20 -69.69 -18.59
C ALA K 22 9.71 -68.63 -19.56
N VAL K 23 8.84 -67.68 -19.91
CA VAL K 23 9.24 -66.75 -20.97
C VAL K 23 10.21 -65.71 -20.39
N TRP K 24 10.02 -65.30 -19.12
CA TRP K 24 11.04 -64.39 -18.54
C TRP K 24 12.38 -65.10 -18.33
N VAL K 25 12.36 -66.38 -17.94
CA VAL K 25 13.64 -67.10 -17.80
C VAL K 25 14.33 -67.19 -19.15
N TYR K 26 13.57 -67.52 -20.20
CA TYR K 26 14.14 -67.57 -21.55
C TYR K 26 14.71 -66.19 -21.96
N MET K 27 13.91 -65.14 -21.80
CA MET K 27 14.37 -63.81 -22.16
C MET K 27 15.65 -63.47 -21.40
N ALA K 28 15.71 -63.84 -20.14
CA ALA K 28 16.81 -63.39 -19.33
C ALA K 28 18.08 -64.16 -19.63
N THR K 29 17.98 -65.35 -20.18
CA THR K 29 19.18 -66.19 -20.27
C THR K 29 19.53 -66.66 -21.67
N GLN K 30 18.64 -66.62 -22.64
CA GLN K 30 18.85 -67.34 -23.89
C GLN K 30 19.03 -66.43 -25.08
N ILE K 31 18.95 -65.11 -24.91
CA ILE K 31 18.92 -64.31 -26.12
C ILE K 31 20.02 -63.28 -26.16
N GLY K 32 20.98 -63.40 -25.26
CA GLY K 32 22.19 -62.58 -25.35
C GLY K 32 22.10 -61.24 -24.68
N ILE K 33 21.11 -61.05 -23.79
CA ILE K 33 21.13 -59.82 -22.97
C ILE K 33 22.37 -59.81 -22.06
N GLU K 34 23.03 -58.65 -22.01
CA GLU K 34 24.23 -58.45 -21.16
C GLU K 34 23.76 -57.71 -19.92
N TRP K 35 23.65 -58.45 -18.80
CA TRP K 35 23.16 -57.84 -17.57
C TRP K 35 24.27 -57.04 -16.88
N ASN K 36 25.53 -57.33 -17.21
CA ASN K 36 26.69 -56.68 -16.61
C ASN K 36 26.68 -56.76 -15.08
N PRO K 37 26.72 -57.95 -14.50
CA PRO K 37 26.74 -58.10 -13.05
C PRO K 37 28.10 -57.70 -12.51
N SER K 38 28.19 -57.61 -11.19
CA SER K 38 29.44 -57.28 -10.52
C SER K 38 30.52 -58.28 -10.89
N PRO K 39 31.75 -57.82 -11.18
CA PRO K 39 32.86 -58.76 -11.32
C PRO K 39 33.29 -59.40 -10.02
N VAL K 40 32.88 -58.87 -8.88
CA VAL K 40 33.33 -59.39 -7.59
C VAL K 40 32.99 -60.86 -7.52
N GLY K 41 33.98 -61.69 -7.21
CA GLY K 41 33.77 -63.11 -7.13
C GLY K 41 33.51 -63.79 -8.44
N ARG K 42 33.58 -63.08 -9.54
CA ARG K 42 33.22 -63.61 -10.85
C ARG K 42 34.37 -63.48 -11.84
N VAL K 43 34.97 -62.29 -11.96
CA VAL K 43 36.00 -62.01 -12.98
C VAL K 43 37.39 -62.24 -12.41
N THR K 44 38.22 -63.01 -13.13
CA THR K 44 39.64 -63.02 -12.80
C THR K 44 40.31 -61.79 -13.39
N PRO K 45 40.82 -60.86 -12.58
CA PRO K 45 41.44 -59.65 -13.16
C PRO K 45 42.65 -60.05 -14.00
N LYS K 46 42.80 -59.39 -15.15
CA LYS K 46 43.87 -59.67 -16.12
C LYS K 46 44.69 -58.42 -16.45
N GLU K 47 46.01 -58.59 -16.65
CA GLU K 47 46.87 -57.44 -16.94
C GLU K 47 46.40 -56.63 -18.15
N TRP K 48 46.46 -55.30 -17.99
CA TRP K 48 45.89 -54.35 -18.95
C TRP K 48 46.93 -53.40 -19.53
N ARG K 49 47.99 -53.08 -18.79
CA ARG K 49 48.84 -51.95 -19.21
C ARG K 49 49.75 -52.36 -20.39
N HIS L 1 -33.02 -30.23 -27.94
CA HIS L 1 -33.17 -31.61 -27.47
C HIS L 1 -32.08 -32.51 -28.08
N TYR L 2 -31.19 -32.85 -27.21
CA TYR L 2 -30.12 -33.78 -27.52
C TYR L 2 -30.54 -35.13 -26.99
N GLU L 3 -29.91 -36.17 -27.53
CA GLU L 3 -30.13 -37.49 -26.98
C GLU L 3 -29.50 -37.58 -25.60
N GLU L 4 -30.19 -38.28 -24.72
CA GLU L 4 -29.73 -38.47 -23.38
C GLU L 4 -29.61 -39.96 -23.14
N GLY L 5 -28.86 -40.31 -22.11
CA GLY L 5 -28.79 -41.71 -21.76
C GLY L 5 -27.49 -42.39 -22.20
N PRO L 6 -27.29 -43.60 -21.68
CA PRO L 6 -26.06 -44.36 -21.99
C PRO L 6 -25.87 -44.51 -23.48
N GLY L 7 -24.62 -44.27 -23.91
CA GLY L 7 -24.28 -44.37 -25.31
C GLY L 7 -24.67 -43.15 -26.12
N LYS L 8 -25.35 -42.16 -25.52
CA LYS L 8 -25.81 -41.01 -26.28
C LYS L 8 -25.16 -39.71 -25.87
N ASN L 9 -24.46 -39.69 -24.74
CA ASN L 9 -23.85 -38.46 -24.21
C ASN L 9 -22.37 -38.42 -24.54
N ILE L 10 -22.00 -38.85 -25.74
CA ILE L 10 -20.60 -38.96 -26.16
C ILE L 10 -20.52 -38.58 -27.63
N PRO L 11 -19.37 -38.14 -28.08
CA PRO L 11 -19.29 -37.68 -29.47
C PRO L 11 -18.99 -38.80 -30.45
N PHE L 12 -18.92 -40.05 -29.99
CA PHE L 12 -18.68 -41.19 -30.85
C PHE L 12 -19.80 -42.20 -30.65
N SER L 13 -20.07 -42.97 -31.70
CA SER L 13 -21.14 -43.96 -31.61
C SER L 13 -20.67 -45.23 -30.92
N VAL L 14 -21.56 -45.85 -30.10
CA VAL L 14 -21.30 -47.18 -29.57
C VAL L 14 -22.41 -48.12 -30.03
N GLU L 15 -23.10 -47.74 -31.09
CA GLU L 15 -24.18 -48.60 -31.59
C GLU L 15 -23.67 -49.96 -32.14
N ASN L 16 -22.47 -50.00 -32.75
CA ASN L 16 -21.91 -51.26 -33.22
C ASN L 16 -20.54 -51.47 -32.59
N LYS L 17 -20.34 -52.55 -31.83
CA LYS L 17 -19.10 -52.66 -31.07
C LYS L 17 -17.87 -52.85 -31.97
N TRP L 18 -18.05 -53.31 -33.21
CA TRP L 18 -16.91 -53.52 -34.08
C TRP L 18 -16.53 -52.24 -34.81
N ARG L 19 -17.53 -51.45 -35.23
CA ARG L 19 -17.20 -50.10 -35.69
C ARG L 19 -16.51 -49.31 -34.56
N LEU L 20 -17.00 -49.47 -33.33
CA LEU L 20 -16.40 -48.82 -32.19
C LEU L 20 -14.95 -49.24 -32.04
N LEU L 21 -14.70 -50.56 -32.11
CA LEU L 21 -13.32 -51.05 -32.01
C LEU L 21 -12.43 -50.38 -33.06
N ALA L 22 -12.93 -50.27 -34.30
CA ALA L 22 -12.14 -49.59 -35.33
C ALA L 22 -11.85 -48.15 -34.93
N MET L 23 -12.89 -47.44 -34.51
CA MET L 23 -12.74 -46.04 -34.14
C MET L 23 -11.76 -45.88 -32.98
N MET L 24 -11.88 -46.73 -31.94
CA MET L 24 -10.98 -46.60 -30.78
C MET L 24 -9.54 -46.94 -31.15
N THR L 25 -9.41 -47.91 -32.04
CA THR L 25 -8.10 -48.36 -32.57
C THR L 25 -7.42 -47.22 -33.32
N LEU L 26 -8.19 -46.55 -34.19
CA LEU L 26 -7.61 -45.39 -34.89
C LEU L 26 -7.28 -44.27 -33.91
N PHE L 27 -8.15 -44.07 -32.94
CA PHE L 27 -8.00 -42.95 -32.00
C PHE L 27 -6.77 -43.16 -31.13
N PHE L 28 -6.76 -44.20 -30.29
CA PHE L 28 -5.62 -44.39 -29.41
C PHE L 28 -4.37 -44.81 -30.19
N GLY L 29 -4.54 -45.62 -31.25
CA GLY L 29 -3.40 -46.02 -32.09
C GLY L 29 -2.70 -44.81 -32.72
N SER L 30 -3.46 -43.83 -33.18
CA SER L 30 -2.81 -42.70 -33.82
C SER L 30 -1.98 -41.90 -32.81
N GLY L 31 -2.48 -41.73 -31.58
CA GLY L 31 -1.68 -41.01 -30.57
C GLY L 31 -0.44 -41.79 -30.20
N PHE L 32 -0.56 -43.10 -30.05
CA PHE L 32 0.61 -43.89 -29.65
C PHE L 32 1.61 -43.94 -30.80
N ALA L 33 1.13 -43.99 -32.05
CA ALA L 33 2.07 -44.10 -33.20
C ALA L 33 2.81 -42.80 -33.48
N ALA L 34 2.18 -41.65 -33.22
CA ALA L 34 2.73 -40.37 -33.66
C ALA L 34 4.19 -40.14 -33.26
N PRO L 35 4.60 -40.37 -32.00
CA PRO L 35 6.02 -40.10 -31.66
C PRO L 35 6.98 -40.97 -32.45
N PHE L 36 6.58 -42.23 -32.74
CA PHE L 36 7.51 -43.08 -33.51
C PHE L 36 7.70 -42.50 -34.89
N PHE L 37 6.62 -41.96 -35.48
CA PHE L 37 6.76 -41.43 -36.83
C PHE L 37 7.42 -40.06 -36.83
N ILE L 38 7.31 -39.33 -35.71
CA ILE L 38 8.07 -38.08 -35.60
C ILE L 38 9.56 -38.37 -35.52
N VAL L 39 9.91 -39.37 -34.73
CA VAL L 39 11.32 -39.79 -34.64
C VAL L 39 11.82 -40.24 -36.01
N ARG L 40 11.03 -41.05 -36.70
CA ARG L 40 11.41 -41.44 -38.05
C ARG L 40 11.63 -40.22 -38.94
N HIS L 41 10.74 -39.25 -38.86
CA HIS L 41 10.83 -38.02 -39.66
C HIS L 41 12.12 -37.29 -39.38
N GLN L 42 12.45 -37.18 -38.09
CA GLN L 42 13.67 -36.44 -37.77
C GLN L 42 14.90 -37.22 -38.20
N LEU L 43 14.91 -38.54 -38.03
CA LEU L 43 16.04 -39.35 -38.52
C LEU L 43 16.22 -39.26 -40.04
N LEU L 44 15.12 -39.22 -40.77
CA LEU L 44 15.23 -39.16 -42.23
C LEU L 44 15.62 -37.79 -42.76
N LYS L 45 15.57 -36.73 -41.97
CA LYS L 45 16.10 -35.43 -42.45
C LYS L 45 17.62 -35.41 -42.57
N LYS L 46 18.29 -35.95 -41.57
CA LYS L 46 19.72 -36.00 -41.49
C LYS L 46 19.94 -36.81 -40.23
N ILE M 1 -21.94 -51.48 -6.56
CA ILE M 1 -22.93 -51.03 -7.55
C ILE M 1 -23.69 -52.28 -8.07
N THR M 2 -24.91 -52.09 -8.55
CA THR M 2 -25.57 -53.15 -9.32
C THR M 2 -25.83 -52.68 -10.75
N ALA M 3 -26.08 -53.63 -11.64
CA ALA M 3 -26.19 -53.27 -13.05
C ALA M 3 -26.98 -54.37 -13.74
N LYS M 4 -27.51 -54.04 -14.89
CA LYS M 4 -28.21 -55.02 -15.72
C LYS M 4 -27.19 -55.92 -16.36
N PRO M 5 -27.59 -57.12 -16.72
CA PRO M 5 -26.80 -57.93 -17.63
C PRO M 5 -26.59 -57.18 -18.91
N ALA M 6 -25.45 -57.51 -19.56
CA ALA M 6 -25.08 -56.86 -20.82
C ALA M 6 -26.24 -56.85 -21.81
N LYS M 7 -26.52 -55.67 -22.41
CA LYS M 7 -27.47 -55.62 -23.54
C LYS M 7 -26.92 -56.29 -24.78
N THR M 8 -25.59 -56.28 -24.97
CA THR M 8 -24.95 -56.87 -26.16
C THR M 8 -23.74 -57.62 -25.65
N PRO M 9 -23.96 -58.81 -25.08
CA PRO M 9 -22.85 -59.59 -24.44
C PRO M 9 -21.67 -59.76 -25.37
N THR M 10 -20.45 -59.64 -24.79
CA THR M 10 -19.21 -59.78 -25.54
C THR M 10 -18.60 -61.09 -25.06
N SER M 11 -18.78 -62.14 -25.89
CA SER M 11 -18.31 -63.48 -25.60
C SER M 11 -16.78 -63.51 -25.42
N PRO M 12 -16.27 -64.59 -24.83
CA PRO M 12 -14.79 -64.73 -24.80
C PRO M 12 -14.13 -64.65 -26.16
N LYS M 13 -14.69 -65.26 -27.21
CA LYS M 13 -14.12 -65.10 -28.54
C LYS M 13 -14.08 -63.64 -28.98
N GLU M 14 -15.18 -62.93 -28.79
CA GLU M 14 -15.22 -61.49 -29.12
C GLU M 14 -14.20 -60.70 -28.33
N GLN M 15 -14.03 -61.03 -27.05
CA GLN M 15 -13.04 -60.31 -26.24
C GLN M 15 -11.65 -60.58 -26.76
N ALA M 16 -11.38 -61.85 -27.13
CA ALA M 16 -10.06 -62.16 -27.69
C ALA M 16 -9.81 -61.39 -28.97
N ILE M 17 -10.82 -61.23 -29.80
CA ILE M 17 -10.67 -60.38 -30.98
C ILE M 17 -10.40 -58.92 -30.60
N GLY M 18 -11.25 -58.33 -29.76
CA GLY M 18 -11.05 -56.92 -29.37
C GLY M 18 -9.67 -56.72 -28.72
N LEU M 19 -9.25 -57.66 -27.87
CA LEU M 19 -7.94 -57.49 -27.21
C LEU M 19 -6.82 -57.63 -28.26
N SER M 20 -6.96 -58.59 -29.19
CA SER M 20 -5.87 -58.79 -30.16
C SER M 20 -5.76 -57.55 -31.07
N VAL M 21 -6.91 -57.05 -31.55
CA VAL M 21 -6.93 -55.87 -32.42
C VAL M 21 -6.33 -54.67 -31.68
N THR M 22 -6.75 -54.48 -30.42
CA THR M 22 -6.22 -53.36 -29.64
C THR M 22 -4.70 -53.46 -29.53
N PHE M 23 -4.21 -54.64 -29.14
CA PHE M 23 -2.75 -54.74 -28.98
C PHE M 23 -2.03 -54.52 -30.30
N LEU M 24 -2.54 -55.11 -31.40
CA LEU M 24 -1.86 -54.90 -32.67
C LEU M 24 -1.88 -53.44 -33.13
N SER M 25 -2.93 -52.69 -32.77
CA SER M 25 -2.98 -51.29 -33.14
C SER M 25 -1.87 -50.49 -32.48
N PHE M 26 -1.43 -50.89 -31.28
CA PHE M 26 -0.29 -50.23 -30.64
C PHE M 26 1.01 -50.80 -31.17
N LEU M 27 1.07 -52.14 -31.31
CA LEU M 27 2.38 -52.78 -31.55
C LEU M 27 2.83 -52.70 -33.00
N LEU M 28 1.94 -52.84 -33.99
CA LEU M 28 2.45 -52.94 -35.36
C LEU M 28 3.09 -51.64 -35.87
N PRO M 29 2.51 -50.45 -35.70
CA PRO M 29 3.13 -49.26 -36.31
C PRO M 29 4.46 -48.94 -35.64
N ALA M 30 4.49 -48.97 -34.29
CA ALA M 30 5.77 -48.75 -33.60
C ALA M 30 6.79 -49.82 -33.97
N GLY M 31 6.35 -51.10 -33.99
CA GLY M 31 7.27 -52.17 -34.38
C GLY M 31 7.83 -51.96 -35.77
N TRP M 32 6.99 -51.47 -36.68
CA TRP M 32 7.51 -51.19 -38.04
C TRP M 32 8.62 -50.12 -38.00
N VAL M 33 8.38 -49.00 -37.28
CA VAL M 33 9.36 -47.92 -37.21
C VAL M 33 10.64 -48.42 -36.58
N LEU M 34 10.51 -49.12 -35.46
CA LEU M 34 11.71 -49.57 -34.77
C LEU M 34 12.46 -50.62 -35.60
N TYR M 35 11.76 -51.55 -36.22
CA TYR M 35 12.43 -52.50 -37.09
C TYR M 35 13.25 -51.81 -38.20
N HIS M 36 12.75 -50.71 -38.73
CA HIS M 36 13.39 -49.99 -39.83
C HIS M 36 14.34 -48.87 -39.39
N LEU M 37 14.64 -48.78 -38.08
CA LEU M 37 15.47 -47.67 -37.58
C LEU M 37 16.77 -47.58 -38.33
N ASP M 38 17.43 -48.70 -38.50
CA ASP M 38 18.71 -48.63 -39.19
C ASP M 38 18.54 -48.05 -40.60
N ASN M 39 17.47 -48.45 -41.30
CA ASN M 39 17.16 -47.87 -42.61
C ASN M 39 17.12 -46.35 -42.56
N TYR M 40 16.50 -45.78 -41.50
CA TYR M 40 16.36 -44.33 -41.36
C TYR M 40 17.72 -43.66 -41.11
N LYS M 41 18.48 -44.21 -40.15
CA LYS M 41 19.76 -43.62 -39.78
C LYS M 41 20.76 -43.70 -40.93
N LYS M 42 20.96 -44.90 -41.49
CA LYS M 42 21.81 -45.07 -42.67
C LYS M 42 21.48 -44.03 -43.74
N SER M 43 20.21 -43.95 -44.14
CA SER M 43 19.76 -42.91 -45.06
C SER M 43 20.08 -41.48 -44.57
N PHE N 2 -20.18 28.66 39.88
CA PHE N 2 -19.17 29.37 39.10
C PHE N 2 -18.08 28.42 38.61
N ILE N 3 -17.59 27.58 39.51
CA ILE N 3 -16.59 26.60 39.11
C ILE N 3 -17.18 25.62 38.13
N ASN N 4 -18.42 25.12 38.40
CA ASN N 4 -19.00 24.19 37.45
C ASN N 4 -19.10 24.82 36.09
N ARG N 5 -19.53 26.09 36.03
CA ARG N 5 -19.75 26.72 34.72
C ARG N 5 -18.42 27.04 34.01
N TRP N 6 -17.44 27.59 34.74
CA TRP N 6 -16.26 28.16 34.05
C TRP N 6 -15.01 27.31 34.10
N LEU N 7 -14.94 26.35 35.02
CA LEU N 7 -13.80 25.41 35.06
C LEU N 7 -14.16 24.01 34.54
N PHE N 8 -15.43 23.62 34.68
CA PHE N 8 -15.92 22.31 34.25
C PHE N 8 -16.80 22.42 32.99
N SER N 9 -16.64 23.47 32.20
CA SER N 9 -17.54 23.70 31.07
C SER N 9 -17.60 22.52 30.10
N THR N 10 -18.82 22.32 29.55
CA THR N 10 -19.01 21.50 28.35
C THR N 10 -19.86 22.27 27.34
N ASN N 11 -19.74 23.58 27.33
CA ASN N 11 -20.58 24.45 26.51
C ASN N 11 -19.71 25.20 25.50
N HIS N 12 -20.10 25.11 24.22
CA HIS N 12 -19.25 25.71 23.20
C HIS N 12 -19.13 27.23 23.33
N LYS N 13 -20.21 27.92 23.76
CA LYS N 13 -20.14 29.38 23.85
C LYS N 13 -19.27 29.78 25.02
N ASP N 14 -19.46 29.16 26.19
CA ASP N 14 -18.64 29.54 27.33
C ASP N 14 -17.17 29.20 27.08
N ILE N 15 -16.88 28.08 26.42
CA ILE N 15 -15.48 27.75 26.14
C ILE N 15 -14.92 28.75 25.12
N GLY N 16 -15.76 29.14 24.17
CA GLY N 16 -15.34 30.18 23.23
C GLY N 16 -15.03 31.49 23.96
N THR N 17 -15.91 31.89 24.91
CA THR N 17 -15.61 33.06 25.73
C THR N 17 -14.28 32.92 26.49
N LEU N 18 -14.02 31.76 27.10
CA LEU N 18 -12.73 31.62 27.78
C LEU N 18 -11.58 31.84 26.81
N TYR N 19 -11.66 31.27 25.60
CA TYR N 19 -10.59 31.44 24.63
C TYR N 19 -10.42 32.91 24.26
N LEU N 20 -11.53 33.65 24.03
CA LEU N 20 -11.38 35.07 23.69
C LEU N 20 -10.70 35.84 24.83
N LEU N 21 -11.07 35.52 26.08
CA LEU N 21 -10.44 36.18 27.22
C LEU N 21 -8.96 35.86 27.27
N PHE N 22 -8.64 34.58 27.13
CA PHE N 22 -7.25 34.14 27.17
C PHE N 22 -6.46 34.84 26.07
N GLY N 23 -7.00 34.84 24.84
CA GLY N 23 -6.28 35.42 23.71
C GLY N 23 -6.07 36.91 23.85
N ALA N 24 -7.08 37.62 24.35
CA ALA N 24 -6.92 39.04 24.59
C ALA N 24 -5.81 39.29 25.59
N TRP N 25 -5.77 38.51 26.67
CA TRP N 25 -4.72 38.70 27.68
C TRP N 25 -3.36 38.41 27.08
N ALA N 26 -3.29 37.35 26.28
CA ALA N 26 -2.04 37.03 25.60
C ALA N 26 -1.65 38.15 24.66
N GLY N 27 -2.65 38.70 23.93
CA GLY N 27 -2.36 39.85 23.08
C GLY N 27 -1.68 41.01 23.84
N MET N 28 -2.10 41.28 25.07
CA MET N 28 -1.40 42.32 25.85
C MET N 28 0.07 41.93 26.10
N VAL N 29 0.32 40.68 26.50
CA VAL N 29 1.69 40.20 26.71
C VAL N 29 2.52 40.36 25.42
N GLY N 30 1.96 39.91 24.29
CA GLY N 30 2.72 39.93 23.04
C GLY N 30 2.95 41.35 22.55
N THR N 31 1.99 42.23 22.78
CA THR N 31 2.17 43.66 22.47
C THR N 31 3.31 44.23 23.32
N ALA N 32 3.29 43.95 24.62
CA ALA N 32 4.36 44.47 25.49
C ALA N 32 5.71 43.99 24.99
N LEU N 33 5.79 42.69 24.60
CA LEU N 33 7.05 42.21 24.08
C LEU N 33 7.44 42.96 22.81
N SER N 34 6.47 43.23 21.91
CA SER N 34 6.80 43.93 20.67
C SER N 34 7.28 45.35 20.94
N LEU N 35 6.76 45.99 21.99
CA LEU N 35 7.23 47.33 22.29
C LEU N 35 8.65 47.31 22.86
N LEU N 36 9.00 46.26 23.62
CA LEU N 36 10.37 46.16 24.12
C LEU N 36 11.34 45.97 22.97
N ILE N 37 10.94 45.18 21.97
CA ILE N 37 11.76 45.02 20.78
C ILE N 37 12.01 46.37 20.14
N ARG N 38 10.93 47.10 19.86
CA ARG N 38 11.06 48.38 19.18
C ARG N 38 11.72 49.42 20.08
N ALA N 39 11.61 49.29 21.40
CA ALA N 39 12.36 50.23 22.25
C ALA N 39 13.86 49.98 22.11
N GLU N 40 14.27 48.73 22.10
CA GLU N 40 15.70 48.41 21.92
C GLU N 40 16.24 49.00 20.62
N LEU N 41 15.45 48.96 19.55
CA LEU N 41 15.89 49.41 18.23
C LEU N 41 15.57 50.88 17.93
N GLY N 42 14.89 51.59 18.85
CA GLY N 42 14.37 52.91 18.57
C GLY N 42 15.43 53.99 18.50
N GLN N 43 16.61 53.71 19.01
CA GLN N 43 17.79 54.54 18.72
C GLN N 43 19.03 53.67 18.69
N PRO N 44 20.11 54.14 18.06
CA PRO N 44 21.29 53.26 17.93
C PRO N 44 21.95 53.08 19.29
N GLY N 45 22.60 51.92 19.44
CA GLY N 45 23.19 51.55 20.70
C GLY N 45 22.40 50.48 21.43
N THR N 46 22.63 50.38 22.72
CA THR N 46 21.97 49.32 23.48
C THR N 46 21.07 49.95 24.55
N LEU N 47 19.85 49.41 24.67
CA LEU N 47 18.95 49.82 25.74
C LEU N 47 18.95 48.82 26.88
N LEU N 48 18.75 47.53 26.57
N LEU N 48 18.69 47.57 26.60
CA LEU N 48 18.49 46.47 27.55
CA LEU N 48 18.61 46.58 27.64
C LEU N 48 19.73 45.65 27.91
C LEU N 48 20.00 46.23 28.14
N GLY N 49 20.15 44.76 27.02
N GLY N 49 21.03 46.50 27.34
CA GLY N 49 21.32 43.95 27.24
CA GLY N 49 22.42 46.17 27.72
C GLY N 49 21.91 43.45 25.93
C GLY N 49 22.63 44.67 27.91
N ASP N 50 22.53 42.28 25.96
N ASP N 50 21.82 43.86 27.25
CA ASP N 50 23.04 41.68 24.74
CA ASP N 50 21.87 42.41 27.43
C ASP N 50 21.90 41.02 23.97
C ASP N 50 21.18 41.82 26.20
N ASP N 51 22.21 40.14 23.01
N ASP N 51 21.98 41.48 25.19
CA ASP N 51 21.12 39.55 22.25
CA ASP N 51 21.36 41.04 23.94
C ASP N 51 20.43 38.43 22.99
C ASP N 51 20.81 39.63 24.04
N GLN N 52 21.06 37.86 24.03
N GLN N 52 21.24 38.83 25.02
CA GLN N 52 20.38 36.84 24.83
CA GLN N 52 20.55 37.56 25.23
C GLN N 52 19.04 37.37 25.35
C GLN N 52 19.11 37.81 25.64
N ILE N 53 19.05 38.43 26.17
N ILE N 53 18.89 38.77 26.56
CA ILE N 53 17.80 38.95 26.70
CA ILE N 53 17.53 39.15 26.94
C ILE N 53 16.95 39.56 25.59
C ILE N 53 16.73 39.64 25.73
N TYR N 54 17.58 40.27 24.63
N TYR N 54 17.34 40.48 24.90
CA TYR N 54 16.82 40.80 23.51
CA TYR N 54 16.69 40.91 23.67
C TYR N 54 16.15 39.69 22.72
C TYR N 54 16.23 39.70 22.87
N ASN N 55 16.91 38.64 22.40
N ASN N 55 17.14 38.74 22.67
CA ASN N 55 16.28 37.56 21.66
CA ASN N 55 16.77 37.57 21.87
C ASN N 55 15.56 36.56 22.55
C ASN N 55 15.63 36.79 22.53
N VAL N 56 15.64 36.70 23.87
CA VAL N 56 14.53 36.05 24.62
C VAL N 56 13.22 36.81 24.36
N VAL N 57 13.28 38.15 24.34
CA VAL N 57 12.06 38.95 24.08
C VAL N 57 11.55 38.68 22.68
N VAL N 58 12.46 38.60 21.70
CA VAL N 58 11.98 38.38 20.34
C VAL N 58 11.30 37.01 20.25
N THR N 59 11.95 36.00 20.83
CA THR N 59 11.44 34.64 20.79
C THR N 59 10.06 34.57 21.43
N ALA N 60 9.93 35.14 22.61
CA ALA N 60 8.65 35.05 23.33
C ALA N 60 7.56 35.83 22.61
N HIS N 61 7.92 36.99 22.03
CA HIS N 61 6.95 37.81 21.30
C HIS N 61 6.25 36.96 20.27
N ALA N 62 7.03 36.21 19.49
CA ALA N 62 6.47 35.40 18.41
C ALA N 62 5.60 34.27 18.95
N PHE N 63 6.12 33.51 19.92
CA PHE N 63 5.33 32.38 20.43
C PHE N 63 4.02 32.87 21.03
N VAL N 64 4.07 33.97 21.79
CA VAL N 64 2.85 34.50 22.40
C VAL N 64 1.86 34.93 21.33
N MET N 65 2.34 35.68 20.33
CA MET N 65 1.37 36.17 19.33
C MET N 65 0.74 35.04 18.54
N ILE N 66 1.53 34.01 18.15
CA ILE N 66 1.02 32.92 17.29
C ILE N 66 0.23 31.94 18.12
N PHE N 67 0.84 31.39 19.17
CA PHE N 67 0.20 30.26 19.87
C PHE N 67 -0.76 30.68 20.95
N PHE N 68 -0.60 31.88 21.53
CA PHE N 68 -1.50 32.25 22.60
C PHE N 68 -2.44 33.37 22.24
N MET N 69 -2.17 34.14 21.17
CA MET N 69 -3.12 35.19 20.77
C MET N 69 -3.92 34.76 19.54
N VAL N 70 -3.26 34.56 18.38
CA VAL N 70 -4.02 34.36 17.14
C VAL N 70 -4.79 33.01 17.17
N MET N 71 -4.08 31.91 17.42
CA MET N 71 -4.82 30.64 17.22
C MET N 71 -5.93 30.49 18.27
N PRO N 72 -5.69 30.82 19.55
CA PRO N 72 -6.83 30.73 20.51
C PRO N 72 -7.98 31.63 20.15
N ILE N 73 -7.70 32.85 19.70
CA ILE N 73 -8.82 33.74 19.37
C ILE N 73 -9.58 33.21 18.15
N MET N 74 -8.87 32.91 17.05
CA MET N 74 -9.54 32.54 15.80
C MET N 74 -10.27 31.19 15.90
N ILE N 75 -9.57 30.17 16.36
CA ILE N 75 -10.06 28.80 16.28
C ILE N 75 -10.79 28.47 17.58
N GLY N 76 -10.13 28.66 18.72
CA GLY N 76 -10.81 28.42 19.99
C GLY N 76 -11.96 29.39 20.24
N GLY N 77 -11.79 30.66 19.91
CA GLY N 77 -12.81 31.67 20.35
C GLY N 77 -13.86 31.81 19.27
N PHE N 78 -13.51 32.39 18.10
CA PHE N 78 -14.56 32.49 17.07
C PHE N 78 -15.04 31.13 16.61
N GLY N 79 -14.13 30.17 16.46
CA GLY N 79 -14.56 28.84 16.03
C GLY N 79 -15.58 28.22 16.97
N ASN N 80 -15.27 28.18 18.28
CA ASN N 80 -16.22 27.56 19.20
C ASN N 80 -17.54 28.35 19.26
N TRP N 81 -17.48 29.69 19.34
CA TRP N 81 -18.75 30.44 19.36
C TRP N 81 -19.55 30.20 18.09
N LEU N 82 -18.89 30.38 16.93
CA LEU N 82 -19.69 30.49 15.71
C LEU N 82 -19.99 29.17 14.99
N VAL N 83 -19.05 28.23 14.97
CA VAL N 83 -19.25 27.05 14.12
C VAL N 83 -20.52 26.30 14.50
N PRO N 84 -20.78 25.93 15.77
CA PRO N 84 -22.02 25.19 16.02
C PRO N 84 -23.25 26.02 15.71
N LEU N 85 -23.21 27.34 15.92
CA LEU N 85 -24.39 28.15 15.61
C LEU N 85 -24.62 28.19 14.12
N MET N 86 -23.52 28.29 13.32
CA MET N 86 -23.70 28.42 11.87
C MET N 86 -24.22 27.15 11.21
N ILE N 87 -24.07 25.99 11.85
CA ILE N 87 -24.63 24.76 11.30
C ILE N 87 -25.82 24.26 12.14
N GLY N 88 -26.33 25.08 13.05
CA GLY N 88 -27.50 24.66 13.80
C GLY N 88 -27.29 23.50 14.75
N ALA N 89 -26.05 23.29 15.16
CA ALA N 89 -25.74 22.16 16.02
C ALA N 89 -25.89 22.55 17.47
N PRO N 90 -26.16 21.58 18.35
CA PRO N 90 -26.40 21.95 19.75
C PRO N 90 -25.14 22.16 20.57
N ASP N 91 -23.99 21.68 20.11
CA ASP N 91 -22.68 21.95 20.72
C ASP N 91 -21.64 21.36 19.76
N MET N 92 -20.41 21.26 20.21
CA MET N 92 -19.37 20.51 19.49
C MET N 92 -19.56 18.99 19.69
N ALA N 93 -18.89 18.19 18.84
CA ALA N 93 -18.97 16.74 18.92
C ALA N 93 -18.48 16.25 20.26
N PHE N 94 -17.36 16.79 20.76
CA PHE N 94 -16.71 16.30 21.99
C PHE N 94 -16.64 17.45 22.96
N PRO N 95 -17.75 17.76 23.63
CA PRO N 95 -17.84 19.03 24.32
C PRO N 95 -16.93 19.10 25.50
N ARG N 96 -16.66 17.92 26.10
CA ARG N 96 -15.81 17.81 27.27
C ARG N 96 -14.33 17.83 26.86
N MET N 97 -13.93 17.06 25.83
CA MET N 97 -12.57 17.21 25.27
C MET N 97 -12.29 18.64 24.87
N ASN N 98 -13.31 19.34 24.37
CA ASN N 98 -13.14 20.74 23.97
C ASN N 98 -12.60 21.58 25.14
N ASN N 99 -13.17 21.35 26.37
CA ASN N 99 -12.72 22.10 27.54
C ASN N 99 -11.25 21.80 27.86
N MET N 100 -10.78 20.60 27.54
CA MET N 100 -9.37 20.33 27.82
C MET N 100 -8.45 21.06 26.82
N SER N 101 -8.88 21.18 25.55
CA SER N 101 -8.11 22.00 24.61
C SER N 101 -7.95 23.42 25.20
N PHE N 102 -9.02 23.96 25.78
CA PHE N 102 -8.85 25.25 26.42
C PHE N 102 -7.86 25.19 27.59
N TRP N 103 -8.15 24.29 28.58
CA TRP N 103 -7.36 24.36 29.81
C TRP N 103 -5.92 23.93 29.65
N LEU N 104 -5.54 23.32 28.53
CA LEU N 104 -4.11 23.10 28.30
C LEU N 104 -3.35 24.40 28.04
N LEU N 105 -4.06 25.49 27.64
CA LEU N 105 -3.31 26.67 27.24
C LEU N 105 -2.76 27.45 28.43
N PRO N 106 -3.48 27.68 29.55
CA PRO N 106 -2.81 28.40 30.67
C PRO N 106 -1.56 27.65 31.14
N PRO N 107 -1.54 26.31 31.25
CA PRO N 107 -0.25 25.65 31.58
C PRO N 107 0.83 25.84 30.51
N SER N 108 0.45 25.73 29.23
CA SER N 108 1.39 26.01 28.14
C SER N 108 2.02 27.40 28.31
N PHE N 109 1.18 28.40 28.55
CA PHE N 109 1.67 29.76 28.72
C PHE N 109 2.56 29.87 29.96
N LEU N 110 2.16 29.20 31.05
CA LEU N 110 2.99 29.17 32.26
C LEU N 110 4.38 28.57 31.97
N LEU N 111 4.45 27.54 31.14
CA LEU N 111 5.74 26.96 30.80
C LEU N 111 6.57 27.92 29.98
N LEU N 112 5.95 28.69 29.08
CA LEU N 112 6.68 29.75 28.39
C LEU N 112 7.18 30.82 29.39
N LEU N 113 6.33 31.28 30.31
CA LEU N 113 6.82 32.22 31.34
C LEU N 113 8.01 31.64 32.09
N ALA N 114 7.90 30.37 32.49
CA ALA N 114 8.96 29.74 33.24
C ALA N 114 10.27 29.71 32.44
N SER N 115 10.17 29.41 31.14
CA SER N 115 11.34 29.45 30.24
C SER N 115 12.09 30.77 30.37
N SER N 116 11.37 31.90 30.42
CA SER N 116 12.00 33.22 30.40
C SER N 116 12.48 33.68 31.78
N MET N 117 11.99 33.05 32.84
CA MET N 117 12.41 33.39 34.21
C MET N 117 13.60 32.61 34.71
N VAL N 118 13.73 31.34 34.31
CA VAL N 118 14.87 30.53 34.70
C VAL N 118 16.06 30.78 33.78
N GLU N 119 17.27 30.61 34.33
CA GLU N 119 18.54 30.73 33.62
C GLU N 119 18.53 32.04 32.84
N ALA N 120 18.91 32.06 31.58
CA ALA N 120 18.95 33.29 30.82
C ALA N 120 17.90 33.27 29.73
N GLY N 121 16.85 32.46 29.89
CA GLY N 121 15.78 32.39 28.92
C GLY N 121 16.22 31.62 27.69
N ALA N 122 15.22 31.42 26.78
CA ALA N 122 15.47 30.74 25.51
C ALA N 122 15.60 31.84 24.45
N GLY N 123 16.86 32.24 24.17
CA GLY N 123 17.04 33.32 23.20
C GLY N 123 17.39 32.71 21.87
N THR N 124 16.42 31.98 21.29
CA THR N 124 16.70 31.11 20.19
C THR N 124 16.06 31.53 18.86
N GLY N 125 15.11 32.46 18.87
CA GLY N 125 14.19 32.56 17.73
C GLY N 125 13.06 31.59 17.95
N TRP N 126 11.86 31.92 17.43
CA TRP N 126 10.75 31.01 17.61
C TRP N 126 10.93 29.72 16.80
N THR N 127 11.93 29.71 15.91
CA THR N 127 12.33 28.51 15.16
C THR N 127 13.08 27.49 16.01
N VAL N 128 13.73 27.95 17.08
CA VAL N 128 14.45 27.09 18.03
C VAL N 128 15.43 26.16 17.32
N TYR N 129 16.20 26.67 16.34
CA TYR N 129 17.19 25.83 15.61
C TYR N 129 18.33 25.37 16.51
N PRO N 130 18.69 24.09 16.45
CA PRO N 130 19.98 23.65 16.97
C PRO N 130 21.07 24.02 15.97
N PRO N 131 22.35 24.11 16.41
CA PRO N 131 22.80 23.88 17.79
C PRO N 131 22.61 25.06 18.71
N LEU N 132 22.20 26.25 18.25
CA LEU N 132 22.01 27.33 19.22
C LEU N 132 21.06 26.90 20.35
N ALA N 133 19.98 26.16 20.00
CA ALA N 133 19.01 25.72 21.01
C ALA N 133 19.41 24.42 21.71
N GLY N 134 20.60 23.86 21.41
CA GLY N 134 21.06 22.64 22.04
C GLY N 134 21.63 22.86 23.46
N ASN N 135 22.11 21.75 24.06
CA ASN N 135 22.45 21.83 25.47
C ASN N 135 23.83 22.42 25.73
N LEU N 136 24.59 22.79 24.71
CA LEU N 136 25.86 23.47 24.96
C LEU N 136 25.72 24.97 24.82
N ALA N 137 25.04 25.43 23.77
CA ALA N 137 24.82 26.87 23.58
C ALA N 137 23.60 27.40 24.31
N HIS N 138 22.71 26.52 24.77
CA HIS N 138 21.56 26.96 25.59
C HIS N 138 21.39 25.95 26.72
N ALA N 139 22.43 25.85 27.52
CA ALA N 139 22.44 24.90 28.62
C ALA N 139 21.36 25.28 29.63
N GLY N 140 20.79 24.29 30.28
CA GLY N 140 19.83 24.58 31.33
C GLY N 140 18.38 24.44 30.87
N ALA N 141 17.49 24.79 31.76
CA ALA N 141 16.08 24.38 31.53
C ALA N 141 15.28 25.23 30.54
N SER N 142 15.73 26.42 30.13
CA SER N 142 14.84 27.33 29.41
C SER N 142 14.33 26.70 28.12
N VAL N 143 15.23 26.20 27.25
CA VAL N 143 14.72 25.60 26.01
C VAL N 143 13.83 24.41 26.27
N ASP N 144 14.11 23.62 27.31
CA ASP N 144 13.23 22.46 27.52
C ASP N 144 11.84 22.90 27.96
N LEU N 145 11.75 23.93 28.79
CA LEU N 145 10.43 24.46 29.13
C LEU N 145 9.71 24.99 27.89
N THR N 146 10.44 25.61 26.96
CA THR N 146 9.84 26.07 25.70
C THR N 146 9.30 24.90 24.89
N ILE N 147 10.11 23.82 24.78
CA ILE N 147 9.66 22.63 24.06
C ILE N 147 8.38 22.09 24.69
N PHE N 148 8.37 21.99 26.03
CA PHE N 148 7.15 21.48 26.68
C PHE N 148 5.95 22.41 26.51
N SER N 149 6.20 23.72 26.53
CA SER N 149 5.15 24.67 26.22
C SER N 149 4.54 24.35 24.85
N LEU N 150 5.39 24.14 23.86
CA LEU N 150 4.88 23.78 22.51
C LEU N 150 4.18 22.41 22.49
N HIS N 151 4.69 21.41 23.23
CA HIS N 151 3.96 20.15 23.29
C HIS N 151 2.52 20.36 23.78
N LEU N 152 2.34 21.13 24.87
CA LEU N 152 0.98 21.29 25.41
C LEU N 152 0.11 22.08 24.43
N ALA N 153 0.64 23.16 23.87
CA ALA N 153 -0.15 23.89 22.84
C ALA N 153 -0.47 22.97 21.67
N GLY N 154 0.47 22.12 21.30
CA GLY N 154 0.24 21.21 20.18
C GLY N 154 -0.88 20.22 20.50
N VAL N 155 -0.86 19.62 21.70
CA VAL N 155 -1.92 18.67 22.03
C VAL N 155 -3.25 19.42 22.05
N SER N 156 -3.24 20.62 22.59
CA SER N 156 -4.48 21.40 22.62
C SER N 156 -5.09 21.53 21.23
N SER N 157 -4.26 21.94 20.26
CA SER N 157 -4.76 22.22 18.93
C SER N 157 -5.04 20.95 18.13
N ILE N 158 -4.29 19.88 18.38
CA ILE N 158 -4.59 18.64 17.66
C ILE N 158 -5.94 18.13 18.11
N LEU N 159 -6.17 18.12 19.43
CA LEU N 159 -7.51 17.67 19.88
C LEU N 159 -8.58 18.62 19.41
N GLY N 160 -8.32 19.96 19.39
CA GLY N 160 -9.33 20.89 18.92
C GLY N 160 -9.61 20.64 17.45
N ALA N 161 -8.56 20.24 16.70
CA ALA N 161 -8.78 19.97 15.27
C ALA N 161 -9.65 18.73 15.07
N ILE N 162 -9.38 17.69 15.84
CA ILE N 162 -10.23 16.49 15.83
C ILE N 162 -11.69 16.90 16.09
N ASN N 163 -11.89 17.74 17.13
CA ASN N 163 -13.24 18.19 17.50
C ASN N 163 -13.88 18.96 16.34
N PHE N 164 -13.19 19.96 15.81
CA PHE N 164 -13.82 20.74 14.73
C PHE N 164 -14.10 19.92 13.50
N ILE N 165 -13.13 19.08 13.04
CA ILE N 165 -13.43 18.26 11.86
C ILE N 165 -14.66 17.37 12.09
N THR N 166 -14.71 16.71 13.26
CA THR N 166 -15.82 15.80 13.51
C THR N 166 -17.12 16.57 13.56
N THR N 167 -17.13 17.69 14.26
CA THR N 167 -18.34 18.50 14.38
C THR N 167 -18.87 18.89 13.00
N ILE N 168 -17.99 19.43 12.18
CA ILE N 168 -18.37 19.99 10.90
C ILE N 168 -18.80 18.90 9.93
N ILE N 169 -18.15 17.72 9.99
CA ILE N 169 -18.60 16.67 9.08
C ILE N 169 -19.88 16.03 9.56
N ASN N 170 -20.02 15.87 10.87
CA ASN N 170 -21.04 14.96 11.39
C ASN N 170 -22.31 15.63 11.93
N MET N 171 -22.27 16.94 12.24
CA MET N 171 -23.35 17.57 13.04
C MET N 171 -24.08 18.67 12.28
N LYS N 172 -24.05 18.64 10.95
CA LYS N 172 -24.89 19.55 10.17
C LYS N 172 -26.32 19.01 10.10
N PRO N 173 -27.31 19.83 9.76
CA PRO N 173 -28.65 19.26 9.51
C PRO N 173 -28.56 18.22 8.42
N PRO N 174 -29.39 17.17 8.47
CA PRO N 174 -29.23 16.07 7.49
C PRO N 174 -29.37 16.52 6.04
N ALA N 175 -30.12 17.57 5.77
CA ALA N 175 -30.24 18.05 4.39
C ALA N 175 -29.07 18.93 3.92
N MET N 176 -28.23 19.42 4.82
CA MET N 176 -27.23 20.42 4.47
C MET N 176 -26.00 19.66 4.00
N SER N 177 -25.61 19.83 2.75
CA SER N 177 -24.33 19.21 2.33
C SER N 177 -23.18 20.10 2.71
N GLN N 178 -21.97 19.61 2.45
CA GLN N 178 -20.83 20.46 2.71
C GLN N 178 -20.86 21.70 1.86
N TYR N 179 -21.50 21.63 0.70
CA TYR N 179 -21.55 22.82 -0.15
C TYR N 179 -22.73 23.72 0.20
N GLN N 180 -23.36 23.50 1.35
CA GLN N 180 -24.31 24.47 1.91
C GLN N 180 -23.84 25.01 3.26
N THR N 181 -22.55 24.80 3.55
CA THR N 181 -22.14 25.33 4.85
C THR N 181 -21.41 26.65 4.66
N PRO N 182 -21.52 27.58 5.60
CA PRO N 182 -20.89 28.91 5.39
C PRO N 182 -19.38 28.85 5.23
N LEU N 183 -18.80 29.89 4.55
CA LEU N 183 -17.37 29.89 4.31
C LEU N 183 -16.58 29.91 5.60
N PHE N 184 -17.06 30.58 6.66
CA PHE N 184 -16.22 30.54 7.88
C PHE N 184 -16.10 29.10 8.40
N VAL N 185 -17.20 28.32 8.29
CA VAL N 185 -17.13 26.94 8.72
C VAL N 185 -16.17 26.14 7.84
N TRP N 186 -16.20 26.36 6.51
CA TRP N 186 -15.16 25.77 5.66
C TRP N 186 -13.77 26.14 6.16
N SER N 187 -13.57 27.44 6.44
CA SER N 187 -12.22 27.89 6.78
C SER N 187 -11.70 27.19 8.03
N VAL N 188 -12.59 26.93 9.00
CA VAL N 188 -12.18 26.27 10.22
C VAL N 188 -11.90 24.82 9.95
N MET N 189 -12.76 24.16 9.14
CA MET N 189 -12.48 22.77 8.80
C MET N 189 -11.12 22.60 8.13
N ILE N 190 -10.81 23.44 7.15
CA ILE N 190 -9.55 23.27 6.46
C ILE N 190 -8.38 23.59 7.40
N THR N 191 -8.53 24.65 8.21
CA THR N 191 -7.49 24.97 9.22
C THR N 191 -7.25 23.77 10.13
N ALA N 192 -8.32 23.11 10.53
CA ALA N 192 -8.21 21.95 11.41
C ALA N 192 -7.51 20.77 10.72
N VAL N 193 -7.75 20.58 9.43
CA VAL N 193 -7.01 19.50 8.75
C VAL N 193 -5.52 19.88 8.70
N LEU N 194 -5.21 21.16 8.44
CA LEU N 194 -3.78 21.51 8.45
C LEU N 194 -3.15 21.27 9.81
N LEU N 195 -3.84 21.60 10.90
CA LEU N 195 -3.30 21.39 12.26
C LEU N 195 -3.09 19.90 12.54
N LEU N 196 -4.07 19.09 12.16
CA LEU N 196 -4.01 17.64 12.42
C LEU N 196 -2.76 17.04 11.81
N LEU N 197 -2.40 17.50 10.62
CA LEU N 197 -1.31 16.84 9.88
C LEU N 197 0.03 17.47 10.19
N SER N 198 0.04 18.78 10.50
CA SER N 198 1.33 19.46 10.68
C SER N 198 1.89 19.42 12.11
N LEU N 199 1.03 19.58 13.10
CA LEU N 199 1.52 19.66 14.47
C LEU N 199 2.21 18.37 14.88
N PRO N 200 1.79 17.16 14.46
CA PRO N 200 2.52 15.95 14.91
C PRO N 200 3.95 15.96 14.40
N VAL N 201 4.19 16.57 13.25
CA VAL N 201 5.55 16.61 12.71
C VAL N 201 6.39 17.56 13.54
N LEU N 202 5.83 18.73 13.88
CA LEU N 202 6.54 19.60 14.82
C LEU N 202 6.83 18.83 16.10
N ALA N 203 5.80 18.12 16.63
CA ALA N 203 6.01 17.40 17.88
C ALA N 203 7.18 16.43 17.79
N ALA N 204 7.28 15.72 16.66
CA ALA N 204 8.37 14.76 16.42
C ALA N 204 9.69 15.51 16.47
N GLY N 205 9.74 16.64 15.75
CA GLY N 205 10.98 17.44 15.66
C GLY N 205 11.43 18.01 16.99
N ILE N 206 10.50 18.61 17.77
CA ILE N 206 10.97 19.19 19.04
C ILE N 206 11.23 18.08 20.06
N THR N 207 10.60 16.91 19.87
CA THR N 207 10.91 15.79 20.77
C THR N 207 12.34 15.32 20.50
N MET N 208 12.73 15.25 19.24
CA MET N 208 14.13 14.92 18.91
C MET N 208 15.07 15.96 19.45
N LEU N 209 14.67 17.23 19.47
CA LEU N 209 15.54 18.24 20.08
C LEU N 209 15.65 17.99 21.59
N LEU N 210 14.52 17.67 22.22
CA LEU N 210 14.50 17.36 23.66
C LEU N 210 15.47 16.22 23.96
N THR N 211 15.41 15.16 23.17
CA THR N 211 16.27 14.03 23.49
C THR N 211 17.71 14.35 23.13
N ASP N 212 17.97 15.15 22.07
CA ASP N 212 19.39 15.58 21.89
C ASP N 212 19.91 16.38 23.09
N ARG N 213 19.04 17.16 23.74
CA ARG N 213 19.47 17.96 24.83
C ARG N 213 19.56 17.16 26.11
N ASN N 214 18.83 16.04 26.25
CA ASN N 214 18.76 15.39 27.57
C ASN N 214 19.03 13.91 27.59
N LEU N 215 18.96 13.20 26.46
CA LEU N 215 19.16 11.76 26.47
C LEU N 215 20.30 11.34 25.59
N ASN N 216 21.17 12.28 25.16
CA ASN N 216 22.38 11.97 24.39
C ASN N 216 22.08 11.37 23.02
N THR N 217 20.87 11.66 22.50
CA THR N 217 20.68 11.44 21.07
C THR N 217 21.42 12.50 20.26
N THR N 218 21.57 12.23 18.96
CA THR N 218 22.31 13.12 18.06
C THR N 218 21.57 13.25 16.72
N PHE N 219 20.24 13.40 16.78
CA PHE N 219 19.52 13.64 15.54
C PHE N 219 20.05 14.80 14.76
N PHE N 220 20.45 15.88 15.48
CA PHE N 220 20.82 17.15 14.88
C PHE N 220 22.26 17.46 15.11
N ASP N 221 23.02 16.49 15.65
CA ASP N 221 24.43 16.77 16.07
C ASP N 221 25.36 16.02 15.10
N PRO N 222 26.10 16.73 14.24
CA PRO N 222 27.02 16.04 13.29
C PRO N 222 27.98 15.11 13.97
N ALA N 223 28.36 15.38 15.22
CA ALA N 223 29.33 14.44 15.85
C ALA N 223 28.79 13.01 15.92
N GLY N 224 27.45 12.84 16.02
CA GLY N 224 26.84 11.53 15.99
C GLY N 224 26.32 11.14 14.62
N GLY N 225 26.62 11.91 13.57
CA GLY N 225 26.05 11.63 12.29
C GLY N 225 24.72 12.35 12.04
N GLY N 226 24.29 13.18 12.98
CA GLY N 226 23.05 13.97 12.80
C GLY N 226 23.31 15.21 11.97
N ASP N 227 22.27 16.03 11.86
CA ASP N 227 22.28 17.11 10.89
C ASP N 227 21.37 18.23 11.39
N PRO N 228 21.91 19.41 11.65
CA PRO N 228 21.05 20.54 12.04
C PRO N 228 19.96 20.83 11.02
N ILE N 229 20.25 20.63 9.75
CA ILE N 229 19.26 20.97 8.71
C ILE N 229 18.04 20.03 8.78
N LEU N 230 18.20 18.82 9.28
CA LEU N 230 17.00 17.94 9.43
C LEU N 230 15.97 18.63 10.34
N TYR N 231 16.44 19.23 11.45
CA TYR N 231 15.51 19.94 12.33
C TYR N 231 14.75 21.01 11.52
N GLN N 232 15.47 21.77 10.67
CA GLN N 232 14.80 22.82 9.92
C GLN N 232 13.68 22.24 9.04
N HIS N 233 13.98 21.16 8.35
CA HIS N 233 12.95 20.54 7.51
C HIS N 233 11.73 20.17 8.33
N LEU N 234 11.95 19.51 9.49
CA LEU N 234 10.79 19.08 10.29
C LEU N 234 10.04 20.29 10.81
N PHE N 235 10.80 21.31 11.27
CA PHE N 235 10.14 22.50 11.78
C PHE N 235 9.29 23.15 10.70
N TRP N 236 9.89 23.42 9.54
CA TRP N 236 9.16 24.15 8.52
C TRP N 236 8.09 23.32 7.83
N PHE N 237 8.22 21.97 7.84
CA PHE N 237 7.14 21.18 7.31
C PHE N 237 5.89 21.47 8.11
N PHE N 238 6.05 21.77 9.41
CA PHE N 238 4.93 22.30 10.21
C PHE N 238 4.73 23.80 10.00
N GLY N 239 5.86 24.54 9.92
CA GLY N 239 5.72 26.00 10.01
C GLY N 239 5.09 26.65 8.79
N HIS N 240 5.29 26.11 7.57
CA HIS N 240 4.55 26.76 6.49
C HIS N 240 3.06 26.47 6.64
N PRO N 241 2.62 25.24 6.78
CA PRO N 241 1.17 25.05 7.10
C PRO N 241 0.71 25.97 8.21
N GLU N 242 1.50 26.13 9.26
CA GLU N 242 1.11 27.02 10.37
C GLU N 242 0.76 28.43 9.88
N VAL N 243 1.53 29.00 8.91
CA VAL N 243 1.17 30.37 8.59
C VAL N 243 -0.19 30.40 7.85
N TYR N 244 -0.54 29.33 7.12
CA TYR N 244 -1.87 29.32 6.50
C TYR N 244 -2.94 29.04 7.54
N ILE N 245 -2.61 28.21 8.55
CA ILE N 245 -3.50 28.05 9.71
C ILE N 245 -3.80 29.41 10.36
N LEU N 246 -2.80 30.27 10.44
CA LEU N 246 -3.01 31.56 11.11
C LEU N 246 -3.89 32.48 10.27
N ILE N 247 -3.95 32.28 8.96
CA ILE N 247 -4.75 33.23 8.16
C ILE N 247 -6.09 32.67 7.73
N LEU N 248 -6.22 31.36 7.62
CA LEU N 248 -7.43 30.79 7.00
C LEU N 248 -8.71 31.15 7.76
N PRO N 249 -8.80 31.03 9.09
CA PRO N 249 -10.03 31.48 9.77
C PRO N 249 -10.27 32.97 9.58
N GLY N 250 -9.20 33.70 9.37
CA GLY N 250 -9.31 35.10 9.04
C GLY N 250 -9.97 35.28 7.69
N PHE N 251 -9.54 34.48 6.70
CA PHE N 251 -10.19 34.56 5.39
C PHE N 251 -11.68 34.25 5.55
N GLY N 252 -12.00 33.24 6.37
CA GLY N 252 -13.41 32.91 6.58
C GLY N 252 -14.19 34.07 7.21
N MET N 253 -13.62 34.73 8.24
CA MET N 253 -14.37 35.85 8.85
C MET N 253 -14.49 37.01 7.87
N ILE N 254 -13.42 37.28 7.11
CA ILE N 254 -13.46 38.37 6.12
C ILE N 254 -14.58 38.12 5.11
N SER N 255 -14.71 36.87 4.63
CA SER N 255 -15.81 36.60 3.71
C SER N 255 -17.16 36.96 4.31
N HIS N 256 -17.38 36.56 5.57
CA HIS N 256 -18.67 36.89 6.18
C HIS N 256 -18.86 38.38 6.40
N ILE N 257 -17.81 39.06 6.84
CA ILE N 257 -17.93 40.50 7.12
C ILE N 257 -18.18 41.28 5.83
N VAL N 258 -17.41 40.99 4.78
CA VAL N 258 -17.56 41.73 3.51
C VAL N 258 -18.95 41.47 2.92
N THR N 259 -19.41 40.23 3.06
CA THR N 259 -20.76 39.90 2.57
C THR N 259 -21.80 40.69 3.34
N TYR N 260 -21.69 40.68 4.66
CA TYR N 260 -22.68 41.34 5.54
C TYR N 260 -22.76 42.85 5.26
N TYR N 261 -21.63 43.54 5.31
CA TYR N 261 -21.71 44.99 5.21
C TYR N 261 -21.77 45.45 3.77
N SER N 262 -21.72 44.53 2.81
CA SER N 262 -22.11 44.92 1.45
C SER N 262 -23.59 44.74 1.23
N GLY N 263 -24.31 44.30 2.28
CA GLY N 263 -25.75 44.11 2.17
C GLY N 263 -26.13 42.94 1.27
N LYS N 264 -25.21 41.97 1.14
CA LYS N 264 -25.43 40.82 0.25
C LYS N 264 -25.91 39.61 1.04
N LYS N 265 -26.66 38.73 0.36
CA LYS N 265 -27.07 37.51 1.02
C LYS N 265 -25.98 36.46 0.96
N GLU N 266 -24.96 36.67 0.13
CA GLU N 266 -23.97 35.61 -0.09
C GLU N 266 -22.69 36.18 -0.66
N PRO N 267 -21.56 35.55 -0.40
CA PRO N 267 -20.30 35.98 -1.00
C PRO N 267 -20.29 35.65 -2.49
N PHE N 268 -19.55 36.44 -3.23
CA PHE N 268 -19.38 36.17 -4.66
C PHE N 268 -18.63 34.87 -4.84
N GLY N 269 -19.14 33.99 -5.73
CA GLY N 269 -18.30 32.85 -6.16
C GLY N 269 -18.00 31.84 -5.04
N TYR N 270 -19.06 31.35 -4.37
CA TYR N 270 -18.88 30.50 -3.19
C TYR N 270 -18.01 29.31 -3.48
N MET N 271 -18.32 28.56 -4.54
CA MET N 271 -17.51 27.36 -4.77
C MET N 271 -16.06 27.68 -5.09
N GLY N 272 -15.79 28.78 -5.82
CA GLY N 272 -14.41 29.27 -5.98
C GLY N 272 -13.71 29.54 -4.66
N MET N 273 -14.45 30.10 -3.70
CA MET N 273 -13.85 30.39 -2.38
C MET N 273 -13.52 29.11 -1.64
N VAL N 274 -14.38 28.09 -1.78
CA VAL N 274 -14.06 26.79 -1.17
C VAL N 274 -12.86 26.17 -1.88
N TRP N 275 -12.90 26.18 -3.22
CA TRP N 275 -11.75 25.66 -4.00
C TRP N 275 -10.48 26.34 -3.57
N ALA N 276 -10.53 27.67 -3.46
CA ALA N 276 -9.29 28.42 -3.20
C ALA N 276 -8.73 28.06 -1.82
N MET N 277 -9.61 27.95 -0.81
CA MET N 277 -9.11 27.56 0.50
C MET N 277 -8.56 26.15 0.50
N MET N 278 -9.25 25.22 -0.17
CA MET N 278 -8.69 23.87 -0.18
C MET N 278 -7.36 23.84 -0.92
N SER N 279 -7.26 24.63 -2.01
CA SER N 279 -6.01 24.66 -2.82
C SER N 279 -4.85 25.25 -2.01
N ILE N 280 -5.13 26.31 -1.27
CA ILE N 280 -4.10 26.95 -0.45
C ILE N 280 -3.65 25.97 0.64
N GLY N 281 -4.60 25.25 1.22
CA GLY N 281 -4.26 24.29 2.28
C GLY N 281 -3.38 23.17 1.72
N PHE N 282 -3.74 22.65 0.54
CA PHE N 282 -2.95 21.61 -0.09
C PHE N 282 -1.57 22.12 -0.49
N LEU N 283 -1.51 23.21 -1.24
CA LEU N 283 -0.20 23.72 -1.63
C LEU N 283 0.65 24.11 -0.42
N GLY N 284 0.00 24.48 0.67
CA GLY N 284 0.73 24.88 1.87
C GLY N 284 1.60 23.77 2.43
N PHE N 285 1.43 22.51 2.02
CA PHE N 285 2.28 21.40 2.50
C PHE N 285 3.47 21.08 1.59
N ILE N 286 3.61 21.76 0.44
CA ILE N 286 4.66 21.29 -0.47
C ILE N 286 5.64 22.43 -0.80
N VAL N 287 5.75 23.43 0.08
CA VAL N 287 6.56 24.62 -0.19
C VAL N 287 7.54 24.95 0.93
N TRP N 288 7.62 24.16 1.99
CA TRP N 288 8.26 24.63 3.23
C TRP N 288 9.71 25.06 3.04
N ALA N 289 10.45 24.44 2.10
CA ALA N 289 11.88 24.73 2.02
C ALA N 289 12.19 26.13 1.48
N HIS N 290 11.17 26.94 1.14
CA HIS N 290 11.47 28.36 0.88
C HIS N 290 11.86 29.10 2.16
N HIS N 291 11.85 28.43 3.30
CA HIS N 291 12.45 28.97 4.52
C HIS N 291 13.90 28.55 4.67
N MET N 292 14.44 27.91 3.65
CA MET N 292 15.76 27.29 3.73
C MET N 292 16.61 27.57 2.48
N PHE N 293 16.35 28.66 1.76
CA PHE N 293 17.03 28.86 0.47
C PHE N 293 18.51 29.19 0.62
N THR N 294 18.97 29.54 1.81
CA THR N 294 20.41 29.79 2.00
C THR N 294 21.13 28.67 2.75
N VAL N 295 20.54 27.50 2.97
CA VAL N 295 21.20 26.50 3.79
C VAL N 295 22.12 25.66 2.95
N GLY N 296 22.11 25.84 1.64
CA GLY N 296 22.95 25.00 0.79
C GLY N 296 22.20 23.93 0.01
N MET N 297 20.98 24.19 -0.53
CA MET N 297 20.29 23.09 -1.21
C MET N 297 20.65 23.11 -2.71
N ASP N 298 20.45 21.96 -3.36
CA ASP N 298 20.74 21.86 -4.78
C ASP N 298 19.86 22.85 -5.58
N VAL N 299 20.40 23.33 -6.70
CA VAL N 299 19.70 24.32 -7.51
C VAL N 299 18.34 23.79 -8.01
N ASP N 300 18.23 22.50 -8.36
CA ASP N 300 16.92 22.05 -8.85
C ASP N 300 15.86 22.07 -7.74
N THR N 301 16.26 21.71 -6.52
CA THR N 301 15.33 21.85 -5.41
C THR N 301 14.93 23.33 -5.21
N ARG N 302 15.87 24.27 -5.32
CA ARG N 302 15.50 25.68 -5.16
C ARG N 302 14.53 26.09 -6.25
N ALA N 303 14.71 25.55 -7.47
CA ALA N 303 13.82 25.89 -8.57
C ALA N 303 12.40 25.35 -8.30
N TYR N 304 12.31 24.11 -7.83
CA TYR N 304 10.99 23.53 -7.54
C TYR N 304 10.32 24.38 -6.45
N PHE N 305 11.05 24.67 -5.37
CA PHE N 305 10.34 25.38 -4.31
C PHE N 305 9.95 26.79 -4.71
N THR N 306 10.77 27.47 -5.52
CA THR N 306 10.33 28.78 -6.03
C THR N 306 8.99 28.65 -6.76
N SER N 307 8.95 27.71 -7.69
CA SER N 307 7.80 27.53 -8.58
C SER N 307 6.53 27.13 -7.79
N ALA N 308 6.67 26.15 -6.91
CA ALA N 308 5.51 25.69 -6.16
C ALA N 308 4.98 26.81 -5.27
N THR N 309 5.89 27.58 -4.67
CA THR N 309 5.45 28.63 -3.79
C THR N 309 4.65 29.66 -4.55
N MET N 310 5.11 30.05 -5.74
CA MET N 310 4.40 31.13 -6.44
C MET N 310 2.99 30.70 -6.83
N ILE N 311 2.77 29.39 -7.11
CA ILE N 311 1.44 28.91 -7.56
C ILE N 311 0.34 29.30 -6.56
N ILE N 312 0.67 29.44 -5.29
CA ILE N 312 -0.36 29.73 -4.27
C ILE N 312 -0.99 31.08 -4.51
N ALA N 313 -0.29 31.97 -5.24
CA ALA N 313 -0.89 33.26 -5.56
C ALA N 313 -2.17 33.11 -6.38
N ILE N 314 -2.30 32.04 -7.16
CA ILE N 314 -3.47 31.90 -8.02
C ILE N 314 -4.72 31.70 -7.19
N PRO N 315 -4.84 30.67 -6.32
CA PRO N 315 -6.09 30.59 -5.53
C PRO N 315 -6.26 31.75 -4.57
N THR N 316 -5.15 32.32 -4.09
CA THR N 316 -5.31 33.43 -3.19
C THR N 316 -5.93 34.62 -3.93
N GLY N 317 -5.47 34.86 -5.15
CA GLY N 317 -6.03 35.95 -5.93
C GLY N 317 -7.50 35.75 -6.23
N VAL N 318 -7.93 34.50 -6.47
CA VAL N 318 -9.36 34.29 -6.59
C VAL N 318 -10.11 34.80 -5.36
N LYS N 319 -9.56 34.53 -4.16
CA LYS N 319 -10.31 35.02 -3.00
C LYS N 319 -10.31 36.55 -2.93
N VAL N 320 -9.15 37.17 -3.20
CA VAL N 320 -9.09 38.63 -3.14
C VAL N 320 -10.10 39.24 -4.13
N PHE N 321 -10.06 38.81 -5.39
CA PHE N 321 -11.00 39.37 -6.37
C PHE N 321 -12.44 39.04 -6.03
N SER N 322 -12.67 37.88 -5.41
CA SER N 322 -14.03 37.56 -5.04
C SER N 322 -14.55 38.44 -3.90
N TRP N 323 -13.69 38.79 -2.94
CA TRP N 323 -14.10 39.78 -1.94
C TRP N 323 -14.47 41.10 -2.63
N LEU N 324 -13.64 41.52 -3.60
CA LEU N 324 -13.91 42.76 -4.32
C LEU N 324 -15.24 42.64 -5.05
N ALA N 325 -15.50 41.47 -5.65
CA ALA N 325 -16.74 41.23 -6.39
C ALA N 325 -17.94 41.08 -5.43
N THR N 326 -17.70 40.78 -4.15
CA THR N 326 -18.79 40.81 -3.19
C THR N 326 -19.17 42.28 -2.86
N LEU N 327 -18.15 43.16 -2.69
CA LEU N 327 -18.44 44.59 -2.52
C LEU N 327 -19.20 45.13 -3.70
N HIS N 328 -18.87 44.63 -4.89
CA HIS N 328 -19.43 45.15 -6.14
C HIS N 328 -20.96 45.16 -6.14
N GLY N 329 -21.53 46.36 -6.33
CA GLY N 329 -23.02 46.43 -6.31
C GLY N 329 -23.65 46.42 -4.92
N GLY N 330 -22.84 46.44 -3.87
CA GLY N 330 -23.43 46.40 -2.56
C GLY N 330 -24.03 47.74 -2.16
N ASN N 331 -24.93 47.65 -1.20
CA ASN N 331 -25.36 48.80 -0.39
C ASN N 331 -24.36 48.85 0.75
N ILE N 332 -23.32 49.66 0.62
CA ILE N 332 -22.19 49.54 1.53
C ILE N 332 -22.54 50.20 2.85
N LYS N 333 -22.40 49.45 3.94
CA LYS N 333 -22.53 49.97 5.29
C LYS N 333 -21.13 50.20 5.82
N TRP N 334 -20.77 51.46 6.06
CA TRP N 334 -19.40 51.78 6.46
C TRP N 334 -19.23 51.56 7.97
N SER N 335 -19.50 50.33 8.40
CA SER N 335 -19.35 50.01 9.81
C SER N 335 -17.87 49.90 10.19
N PRO N 336 -17.55 49.91 11.49
CA PRO N 336 -16.12 49.68 11.86
C PRO N 336 -15.63 48.32 11.42
N ALA N 337 -16.47 47.28 11.51
CA ALA N 337 -16.02 45.96 11.02
C ALA N 337 -15.69 45.99 9.54
N MET N 338 -16.48 46.73 8.75
CA MET N 338 -16.18 46.85 7.32
C MET N 338 -14.84 47.53 7.10
N MET N 339 -14.55 48.55 7.91
CA MET N 339 -13.24 49.20 7.79
C MET N 339 -12.13 48.20 8.05
N TRP N 340 -12.24 47.42 9.14
CA TRP N 340 -11.20 46.42 9.39
C TRP N 340 -11.05 45.49 8.18
N ALA N 341 -12.19 45.08 7.58
CA ALA N 341 -12.09 44.09 6.49
C ALA N 341 -11.46 44.70 5.24
N LEU N 342 -11.79 45.97 4.95
CA LEU N 342 -11.19 46.65 3.81
C LEU N 342 -9.70 46.84 4.04
N GLY N 343 -9.30 47.22 5.26
CA GLY N 343 -7.86 47.33 5.56
C GLY N 343 -7.18 45.98 5.41
N PHE N 344 -7.88 44.92 5.86
CA PHE N 344 -7.38 43.55 5.68
C PHE N 344 -7.09 43.28 4.20
N ILE N 345 -8.07 43.54 3.32
CA ILE N 345 -7.88 43.14 1.92
C ILE N 345 -6.64 43.80 1.35
N PHE N 346 -6.47 45.09 1.61
CA PHE N 346 -5.35 45.81 1.03
C PHE N 346 -4.02 45.40 1.66
N LEU N 347 -3.94 45.32 2.99
CA LEU N 347 -2.68 45.08 3.66
C LEU N 347 -2.26 43.61 3.50
N PHE N 348 -3.26 42.70 3.53
CA PHE N 348 -2.95 41.32 3.19
C PHE N 348 -2.39 41.21 1.76
N THR N 349 -2.95 41.98 0.82
CA THR N 349 -2.46 41.91 -0.56
C THR N 349 -1.01 42.37 -0.65
N VAL N 350 -0.68 43.48 0.01
CA VAL N 350 0.71 43.97 0.02
C VAL N 350 1.63 42.90 0.57
N GLY N 351 1.25 42.34 1.71
CA GLY N 351 2.08 41.31 2.32
C GLY N 351 2.22 40.06 1.47
N GLY N 352 1.14 39.63 0.85
CA GLY N 352 1.24 38.47 -0.01
C GLY N 352 2.19 38.71 -1.17
N LEU N 353 2.13 39.93 -1.74
CA LEU N 353 3.01 40.28 -2.86
C LEU N 353 4.48 40.29 -2.43
N THR N 354 4.83 40.83 -1.25
CA THR N 354 6.24 40.68 -0.87
C THR N 354 6.60 39.21 -0.58
N GLY N 355 5.61 38.38 -0.27
CA GLY N 355 5.88 36.94 -0.17
C GLY N 355 6.27 36.35 -1.52
N ILE N 356 5.59 36.80 -2.59
CA ILE N 356 5.96 36.37 -3.94
C ILE N 356 7.36 36.88 -4.33
N VAL N 357 7.74 38.08 -3.91
CA VAL N 357 9.13 38.49 -4.10
C VAL N 357 10.09 37.48 -3.48
N LEU N 358 9.85 37.17 -2.21
CA LEU N 358 10.71 36.24 -1.46
C LEU N 358 10.73 34.83 -2.03
N ALA N 359 9.63 34.41 -2.70
CA ALA N 359 9.57 33.06 -3.26
C ALA N 359 10.67 32.83 -4.28
N ASN N 360 11.20 33.91 -4.87
CA ASN N 360 12.24 33.76 -5.89
C ASN N 360 13.58 33.51 -5.21
N SER N 361 14.04 32.26 -5.22
CA SER N 361 15.15 31.91 -4.35
C SER N 361 16.40 32.74 -4.66
N SER N 362 16.57 33.17 -5.91
CA SER N 362 17.70 34.05 -6.24
C SER N 362 17.68 35.34 -5.44
N LEU N 363 16.54 36.04 -5.46
CA LEU N 363 16.45 37.24 -4.66
C LEU N 363 16.40 36.95 -3.17
N ASP N 364 15.80 35.83 -2.78
CA ASP N 364 15.80 35.52 -1.36
C ASP N 364 17.20 35.35 -0.79
N ILE N 365 18.21 35.03 -1.63
CA ILE N 365 19.56 34.97 -1.05
C ILE N 365 19.87 36.28 -0.33
N VAL N 366 19.55 37.41 -0.99
CA VAL N 366 19.87 38.72 -0.43
C VAL N 366 18.84 39.18 0.58
N LEU N 367 17.61 38.67 0.50
CA LEU N 367 16.56 39.15 1.42
C LEU N 367 16.36 38.24 2.65
N HIS N 368 16.82 36.99 2.57
CA HIS N 368 16.62 36.07 3.69
C HIS N 368 17.28 36.63 4.94
N ASP N 369 16.64 36.42 6.09
CA ASP N 369 17.23 36.82 7.37
C ASP N 369 17.53 38.33 7.42
N THR N 370 16.70 39.12 6.73
CA THR N 370 16.76 40.58 6.80
C THR N 370 15.38 41.08 7.19
N TYR N 371 15.31 42.38 7.47
CA TYR N 371 14.00 42.94 7.78
C TYR N 371 13.00 42.90 6.62
N TYR N 372 13.40 42.58 5.39
CA TYR N 372 12.37 42.43 4.34
C TYR N 372 11.40 41.31 4.70
N VAL N 373 11.93 40.22 5.26
CA VAL N 373 11.06 39.11 5.66
C VAL N 373 10.18 39.55 6.81
N VAL N 374 10.77 40.32 7.75
CA VAL N 374 9.95 40.80 8.89
C VAL N 374 8.80 41.66 8.39
N ALA N 375 9.09 42.52 7.40
CA ALA N 375 8.06 43.37 6.81
C ALA N 375 7.01 42.51 6.13
N HIS N 376 7.45 41.54 5.33
CA HIS N 376 6.50 40.63 4.69
C HIS N 376 5.53 40.06 5.70
N PHE N 377 6.03 39.41 6.76
CA PHE N 377 5.03 38.70 7.55
C PHE N 377 4.31 39.58 8.52
N HIS N 378 4.85 40.75 8.88
CA HIS N 378 3.99 41.61 9.70
C HIS N 378 2.85 42.24 8.88
N TYR N 379 3.00 42.33 7.55
CA TYR N 379 1.85 42.73 6.75
C TYR N 379 0.85 41.58 6.68
N VAL N 380 1.26 40.32 6.54
N VAL N 380 1.34 40.42 6.20
CA VAL N 380 0.16 39.34 6.56
CA VAL N 380 0.42 39.37 5.74
C VAL N 380 -0.36 39.07 8.00
C VAL N 380 -0.07 38.58 6.95
N LEU N 381 0.45 39.22 9.04
N LEU N 381 0.80 38.34 7.93
CA LEU N 381 0.01 38.84 10.39
CA LEU N 381 0.39 37.64 9.14
C LEU N 381 -0.59 39.99 11.19
C LEU N 381 -0.05 38.57 10.26
N SER N 382 0.13 41.11 11.29
N SER N 382 0.82 39.48 10.69
CA SER N 382 -0.34 42.26 12.05
CA SER N 382 0.51 40.30 11.87
C SER N 382 -1.37 43.09 11.31
C SER N 382 -0.67 41.22 11.61
N MET N 383 -1.44 42.98 9.99
N MET N 383 -0.60 42.04 10.57
CA MET N 383 -2.46 43.68 9.25
CA MET N 383 -1.76 42.85 10.21
C MET N 383 -3.38 42.73 8.52
C MET N 383 -2.90 41.98 9.68
N GLY N 384 -3.16 41.42 8.63
N GLY N 384 -2.59 40.96 8.88
CA GLY N 384 -4.06 40.45 8.07
CA GLY N 384 -3.64 40.10 8.36
C GLY N 384 -4.70 39.69 9.20
C GLY N 384 -4.49 39.50 9.46
N ALA N 385 -3.97 38.78 9.84
N ALA N 385 -3.84 38.76 10.37
CA ALA N 385 -4.58 38.02 10.94
CA ALA N 385 -4.56 38.15 11.48
C ALA N 385 -5.28 38.95 11.90
C ALA N 385 -5.17 39.20 12.40
N VAL N 386 -4.57 39.97 12.38
N VAL N 386 -4.46 40.28 12.68
CA VAL N 386 -5.08 40.87 13.43
CA VAL N 386 -5.02 41.23 13.62
C VAL N 386 -6.30 41.68 12.93
C VAL N 386 -6.25 41.95 13.02
N PHE N 387 -6.20 42.27 11.74
CA PHE N 387 -7.33 43.03 11.21
C PHE N 387 -8.56 42.14 11.07
N ALA N 388 -8.38 40.87 10.65
CA ALA N 388 -9.50 39.95 10.60
C ALA N 388 -10.04 39.71 11.99
N ILE N 389 -9.16 39.58 12.96
CA ILE N 389 -9.61 39.41 14.35
C ILE N 389 -10.37 40.63 14.82
N MET N 390 -9.83 41.83 14.57
CA MET N 390 -10.57 43.02 15.03
C MET N 390 -11.90 43.17 14.30
N GLY N 391 -11.92 42.89 12.98
CA GLY N 391 -13.17 42.98 12.26
C GLY N 391 -14.19 41.99 12.81
N GLY N 392 -13.74 40.78 13.10
CA GLY N 392 -14.64 39.77 13.66
C GLY N 392 -15.11 40.17 15.06
N PHE N 393 -14.17 40.66 15.88
CA PHE N 393 -14.57 41.06 17.24
C PHE N 393 -15.58 42.18 17.20
N VAL N 394 -15.37 43.19 16.37
CA VAL N 394 -16.32 44.30 16.41
C VAL N 394 -17.65 43.82 15.87
N HIS N 395 -17.61 42.99 14.82
CA HIS N 395 -18.87 42.54 14.19
C HIS N 395 -19.67 41.64 15.14
N TRP N 396 -19.00 40.68 15.81
CA TRP N 396 -19.72 39.68 16.61
C TRP N 396 -19.77 40.01 18.10
N PHE N 397 -19.05 41.04 18.57
CA PHE N 397 -19.18 41.40 19.97
C PHE N 397 -20.64 41.51 20.42
N PRO N 398 -21.55 42.10 19.64
CA PRO N 398 -22.95 42.23 20.13
C PRO N 398 -23.67 40.89 20.23
N LEU N 399 -23.29 39.93 19.40
CA LEU N 399 -23.82 38.58 19.51
C LEU N 399 -23.32 37.93 20.77
N PHE N 400 -22.00 38.00 21.00
CA PHE N 400 -21.49 37.25 22.15
C PHE N 400 -21.96 37.87 23.48
N SER N 401 -22.06 39.21 23.53
CA SER N 401 -22.25 39.93 24.79
C SER N 401 -23.69 40.38 25.03
N GLY N 402 -24.46 40.60 23.96
CA GLY N 402 -25.73 41.26 24.05
C GLY N 402 -25.69 42.78 24.03
N TYR N 403 -24.52 43.39 23.90
CA TYR N 403 -24.40 44.85 24.00
C TYR N 403 -23.77 45.42 22.75
N THR N 404 -24.11 46.64 22.41
CA THR N 404 -23.45 47.29 21.29
C THR N 404 -22.23 48.10 21.72
N LEU N 405 -21.26 48.17 20.78
CA LEU N 405 -20.14 49.10 20.86
C LEU N 405 -20.54 50.49 20.42
N ASN N 406 -19.72 51.47 20.82
CA ASN N 406 -19.86 52.80 20.26
C ASN N 406 -19.15 52.81 18.91
N ASP N 407 -19.90 52.96 17.83
CA ASP N 407 -19.30 52.82 16.50
C ASP N 407 -18.30 53.91 16.20
N THR N 408 -18.58 55.15 16.66
CA THR N 408 -17.60 56.21 16.40
C THR N 408 -16.26 55.88 17.05
N TRP N 409 -16.28 55.44 18.32
CA TRP N 409 -15.06 55.05 18.99
C TRP N 409 -14.38 53.94 18.23
N ALA N 410 -15.16 52.97 17.73
CA ALA N 410 -14.53 51.85 17.04
C ALA N 410 -13.85 52.32 15.76
N LYS N 411 -14.43 53.30 15.07
CA LYS N 411 -13.82 53.82 13.86
C LYS N 411 -12.52 54.57 14.17
N ILE N 412 -12.52 55.34 15.28
CA ILE N 412 -11.30 56.01 15.73
C ILE N 412 -10.18 55.00 15.99
N HIS N 413 -10.52 53.95 16.71
CA HIS N 413 -9.57 52.89 17.01
C HIS N 413 -8.99 52.30 15.72
N PHE N 414 -9.85 51.96 14.76
CA PHE N 414 -9.37 51.51 13.45
C PHE N 414 -8.37 52.51 12.85
N ALA N 415 -8.73 53.79 12.83
CA ALA N 415 -7.89 54.81 12.19
C ALA N 415 -6.49 54.87 12.82
N ILE N 416 -6.44 54.90 14.16
CA ILE N 416 -5.16 54.91 14.87
C ILE N 416 -4.37 53.67 14.52
N MET N 417 -5.01 52.50 14.58
CA MET N 417 -4.27 51.25 14.30
C MET N 417 -3.71 51.25 12.88
N PHE N 418 -4.52 51.67 11.90
CA PHE N 418 -4.08 51.66 10.50
C PHE N 418 -2.83 52.51 10.32
N VAL N 419 -2.81 53.70 10.92
CA VAL N 419 -1.60 54.54 10.87
C VAL N 419 -0.44 53.85 11.55
N GLY N 420 -0.68 53.37 12.78
CA GLY N 420 0.41 52.80 13.56
C GLY N 420 1.08 51.60 12.89
N VAL N 421 0.29 50.63 12.37
CA VAL N 421 0.98 49.46 11.82
C VAL N 421 1.72 49.83 10.54
N ASN N 422 1.17 50.74 9.73
CA ASN N 422 1.90 51.08 8.51
C ASN N 422 3.16 51.90 8.82
N MET N 423 3.11 52.82 9.77
CA MET N 423 4.35 53.53 10.16
C MET N 423 5.40 52.56 10.74
N THR N 424 4.91 51.55 11.47
CA THR N 424 5.84 50.58 12.06
C THR N 424 6.53 49.76 10.97
N PHE N 425 5.74 49.13 10.06
CA PHE N 425 6.31 48.06 9.23
C PHE N 425 6.68 48.50 7.82
N PHE N 426 6.07 49.54 7.25
CA PHE N 426 6.46 49.84 5.88
C PHE N 426 7.94 50.21 5.72
N PRO N 427 8.53 51.01 6.61
CA PRO N 427 9.95 51.31 6.45
C PRO N 427 10.80 50.07 6.60
N GLN N 428 10.31 48.99 7.22
CA GLN N 428 11.16 47.81 7.37
C GLN N 428 11.49 47.18 6.01
N HIS N 429 10.68 47.44 4.95
CA HIS N 429 11.08 47.04 3.61
C HIS N 429 12.41 47.67 3.20
N PHE N 430 12.56 48.97 3.48
CA PHE N 430 13.81 49.65 3.10
C PHE N 430 14.98 49.08 3.89
N LEU N 431 14.76 48.84 5.19
CA LEU N 431 15.80 48.26 6.00
C LEU N 431 16.22 46.90 5.46
N GLY N 432 15.25 46.08 5.01
CA GLY N 432 15.60 44.80 4.43
C GLY N 432 16.33 44.89 3.09
N LEU N 433 15.82 45.71 2.18
CA LEU N 433 16.46 45.82 0.87
C LEU N 433 17.90 46.29 1.03
N SER N 434 18.13 47.16 1.98
CA SER N 434 19.45 47.75 2.19
C SER N 434 20.32 46.88 3.10
N GLY N 435 19.81 45.74 3.58
CA GLY N 435 20.68 44.73 4.14
C GLY N 435 20.71 44.62 5.65
N MET N 436 19.79 45.29 6.34
CA MET N 436 19.73 45.14 7.82
C MET N 436 19.27 43.74 8.22
N PRO N 437 20.07 42.97 8.98
CA PRO N 437 19.62 41.61 9.35
C PRO N 437 18.48 41.67 10.36
N ARG N 438 17.64 40.62 10.34
CA ARG N 438 16.71 40.45 11.46
C ARG N 438 17.44 39.84 12.65
N ARG N 439 16.75 39.89 13.78
CA ARG N 439 17.20 39.28 15.03
C ARG N 439 18.42 40.01 15.63
N TYR N 440 18.55 41.30 15.33
CA TYR N 440 19.64 42.15 15.80
C TYR N 440 19.15 43.09 16.88
N SER N 441 19.97 43.29 17.92
CA SER N 441 19.66 44.26 18.97
C SER N 441 20.17 45.66 18.64
N ASP N 442 20.99 45.83 17.60
CA ASP N 442 21.54 47.13 17.27
C ASP N 442 21.98 46.99 15.83
N TYR N 443 22.21 48.13 15.18
CA TYR N 443 22.43 48.18 13.73
C TYR N 443 23.47 49.20 13.35
N PRO N 444 24.19 48.99 12.24
CA PRO N 444 25.05 50.05 11.71
C PRO N 444 24.31 51.37 11.58
N ASP N 445 25.07 52.46 11.67
CA ASP N 445 24.42 53.76 11.84
C ASP N 445 23.53 54.15 10.67
N ALA N 446 23.89 53.74 9.46
CA ALA N 446 23.09 54.03 8.27
C ALA N 446 21.62 53.70 8.44
N TYR N 447 21.31 52.69 9.24
CA TYR N 447 19.93 52.21 9.36
C TYR N 447 19.11 52.98 10.39
N THR N 448 19.63 54.07 10.96
CA THR N 448 19.00 54.72 12.10
C THR N 448 17.64 55.30 11.71
N MET N 449 17.55 55.99 10.57
CA MET N 449 16.32 56.74 10.33
C MET N 449 15.08 55.83 10.29
N TRP N 450 15.14 54.75 9.52
CA TRP N 450 13.94 53.91 9.45
C TRP N 450 13.69 53.13 10.73
N ASN N 451 14.72 52.70 11.47
CA ASN N 451 14.44 52.13 12.78
C ASN N 451 13.75 53.11 13.71
N THR N 452 14.16 54.39 13.69
CA THR N 452 13.54 55.40 14.54
C THR N 452 12.06 55.54 14.19
N ILE N 453 11.76 55.64 12.90
CA ILE N 453 10.37 55.79 12.47
C ILE N 453 9.55 54.55 12.83
N SER N 454 10.12 53.37 12.64
CA SER N 454 9.40 52.11 12.93
C SER N 454 9.05 52.04 14.41
N SER N 455 9.99 52.38 15.28
CA SER N 455 9.72 52.38 16.71
C SER N 455 8.67 53.43 17.09
N MET N 456 8.68 54.60 16.46
CA MET N 456 7.64 55.57 16.74
C MET N 456 6.28 55.01 16.32
N GLY N 457 6.24 54.31 15.18
CA GLY N 457 5.02 53.65 14.76
C GLY N 457 4.49 52.69 15.81
N SER N 458 5.40 51.92 16.46
CA SER N 458 4.93 50.92 17.42
C SER N 458 4.19 51.55 18.57
N PHE N 459 4.55 52.80 18.96
CA PHE N 459 3.82 53.46 20.02
C PHE N 459 2.43 53.88 19.57
N ILE N 460 2.25 54.19 18.29
CA ILE N 460 0.89 54.58 17.87
C ILE N 460 -0.04 53.38 18.02
N SER N 461 0.48 52.19 17.66
CA SER N 461 -0.38 51.01 17.81
C SER N 461 -0.61 50.68 19.28
N LEU N 462 0.36 51.04 20.15
CA LEU N 462 0.10 50.89 21.58
C LEU N 462 -1.09 51.75 21.99
N THR N 463 -1.13 53.01 21.53
CA THR N 463 -2.28 53.87 21.85
C THR N 463 -3.59 53.25 21.39
N ALA N 464 -3.58 52.61 20.21
CA ALA N 464 -4.77 51.89 19.74
C ALA N 464 -5.19 50.75 20.67
N VAL N 465 -4.22 49.93 21.14
CA VAL N 465 -4.57 48.82 22.01
C VAL N 465 -5.23 49.32 23.29
N MET N 466 -4.67 50.40 23.87
CA MET N 466 -5.23 50.96 25.09
C MET N 466 -6.63 51.42 24.82
N LEU N 467 -6.80 52.09 23.67
CA LEU N 467 -8.13 52.60 23.34
C LEU N 467 -9.13 51.44 23.20
N MET N 468 -8.71 50.34 22.54
CA MET N 468 -9.56 49.15 22.42
C MET N 468 -10.07 48.69 23.78
N VAL N 469 -9.21 48.64 24.80
CA VAL N 469 -9.67 48.23 26.13
C VAL N 469 -10.74 49.18 26.65
N PHE N 470 -10.53 50.48 26.50
CA PHE N 470 -11.52 51.46 26.94
C PHE N 470 -12.85 51.25 26.20
N ILE N 471 -12.77 50.96 24.91
CA ILE N 471 -14.00 50.84 24.12
C ILE N 471 -14.82 49.64 24.59
N ILE N 472 -14.13 48.54 24.92
CA ILE N 472 -14.84 47.36 25.41
C ILE N 472 -15.46 47.68 26.75
N TRP N 473 -14.71 48.36 27.62
CA TRP N 473 -15.27 48.80 28.90
C TRP N 473 -16.49 49.64 28.68
N GLU N 474 -16.41 50.62 27.77
CA GLU N 474 -17.55 51.53 27.62
C GLU N 474 -18.81 50.79 27.21
N ALA N 475 -18.65 49.74 26.42
CA ALA N 475 -19.83 48.99 25.98
C ALA N 475 -20.46 48.25 27.15
N PHE N 476 -19.63 47.52 27.93
CA PHE N 476 -20.15 46.84 29.11
C PHE N 476 -20.64 47.82 30.17
N ALA N 477 -20.03 49.00 30.24
CA ALA N 477 -20.44 50.04 31.19
C ALA N 477 -21.81 50.66 30.86
N SER N 478 -22.10 50.91 29.57
CA SER N 478 -23.35 51.58 29.18
C SER N 478 -24.53 50.62 29.01
N LYS N 479 -24.28 49.35 28.63
CA LYS N 479 -25.34 48.34 28.53
C LYS N 479 -26.47 48.75 27.59
N ARG N 480 -26.11 48.98 26.33
CA ARG N 480 -27.08 49.12 25.25
C ARG N 480 -27.42 47.71 24.75
N GLU N 481 -28.58 47.17 25.10
CA GLU N 481 -28.89 45.79 24.71
C GLU N 481 -29.42 45.70 23.30
N VAL N 482 -28.91 44.69 22.56
CA VAL N 482 -29.27 44.53 21.17
C VAL N 482 -30.76 44.20 21.07
N LEU N 483 -31.42 44.81 20.10
CA LEU N 483 -32.76 44.32 19.73
C LEU N 483 -32.72 43.41 18.50
N THR N 484 -32.41 43.99 17.35
CA THR N 484 -32.38 43.24 16.11
C THR N 484 -31.15 43.55 15.29
N VAL N 485 -30.84 42.62 14.37
CA VAL N 485 -29.82 42.83 13.36
C VAL N 485 -30.45 42.48 12.03
N ASP N 486 -29.94 43.10 10.97
CA ASP N 486 -30.42 42.83 9.63
C ASP N 486 -29.76 41.55 9.09
N LEU N 487 -30.29 41.06 7.97
CA LEU N 487 -29.67 39.94 7.23
C LEU N 487 -29.66 38.65 8.04
N THR N 488 -30.57 38.46 9.01
CA THR N 488 -30.55 37.16 9.70
C THR N 488 -30.90 36.01 8.77
N THR N 489 -31.61 36.26 7.66
CA THR N 489 -31.88 35.13 6.78
C THR N 489 -30.62 34.51 6.23
N THR N 490 -29.48 35.22 6.23
CA THR N 490 -28.26 34.60 5.71
C THR N 490 -27.15 34.67 6.76
N ASN N 491 -27.51 34.72 8.04
CA ASN N 491 -26.50 34.77 9.10
C ASN N 491 -27.11 34.12 10.34
N LEU N 492 -27.23 32.79 10.26
CA LEU N 492 -27.97 31.98 11.24
C LEU N 492 -27.47 32.19 12.66
N GLU N 493 -26.16 32.53 12.83
CA GLU N 493 -25.65 32.63 14.20
C GLU N 493 -26.38 33.69 15.00
N TRP N 494 -27.00 34.69 14.34
CA TRP N 494 -27.75 35.75 15.04
C TRP N 494 -29.18 35.38 15.42
N LEU N 495 -29.71 34.28 14.89
CA LEU N 495 -31.17 34.11 14.93
C LEU N 495 -31.68 33.62 16.27
N ASN N 496 -30.81 33.34 17.23
CA ASN N 496 -31.27 33.03 18.58
C ASN N 496 -31.10 34.20 19.55
N GLY N 497 -30.86 35.39 19.01
CA GLY N 497 -30.75 36.62 19.77
C GLY N 497 -29.38 36.78 20.42
N CYS N 498 -29.26 37.83 21.23
CA CYS N 498 -27.95 38.33 21.69
C CYS N 498 -27.94 38.59 23.18
N PRO N 499 -27.16 37.84 23.95
CA PRO N 499 -26.44 36.62 23.53
C PRO N 499 -27.45 35.47 23.39
N PRO N 500 -27.13 34.46 22.62
CA PRO N 500 -28.01 33.32 22.52
C PRO N 500 -28.09 32.63 23.85
N PRO N 501 -29.19 31.92 24.10
CA PRO N 501 -29.29 31.10 25.32
C PRO N 501 -28.15 30.11 25.45
N TYR N 502 -27.88 29.71 26.70
CA TYR N 502 -26.82 28.73 26.94
C TYR N 502 -26.96 27.47 26.05
N HIS N 503 -28.16 26.89 26.02
CA HIS N 503 -28.44 25.81 25.05
C HIS N 503 -29.17 26.41 23.86
N THR N 504 -28.64 26.21 22.67
CA THR N 504 -29.33 26.59 21.45
C THR N 504 -29.50 25.36 20.56
N PHE N 505 -30.50 25.42 19.68
CA PHE N 505 -30.81 24.31 18.75
C PHE N 505 -31.16 23.01 19.51
N GLU N 506 -31.80 23.13 20.68
CA GLU N 506 -32.25 21.93 21.36
C GLU N 506 -33.26 21.24 20.49
N GLU N 507 -34.11 22.05 19.84
CA GLU N 507 -34.88 21.56 18.70
C GLU N 507 -34.12 22.00 17.48
N PRO N 508 -33.64 21.06 16.67
CA PRO N 508 -32.79 21.44 15.53
C PRO N 508 -33.60 22.19 14.51
N THR N 509 -32.87 22.88 13.62
CA THR N 509 -33.55 23.50 12.49
C THR N 509 -34.23 22.46 11.61
N TYR N 510 -35.23 22.95 10.85
CA TYR N 510 -35.92 22.15 9.85
C TYR N 510 -35.36 22.54 8.49
N VAL N 511 -34.76 21.58 7.78
CA VAL N 511 -34.27 21.88 6.42
C VAL N 511 -34.71 20.72 5.55
N ASN N 512 -35.49 20.99 4.51
CA ASN N 512 -35.90 19.83 3.73
C ASN N 512 -35.07 19.69 2.46
N LEU N 513 -35.28 18.56 1.80
CA LEU N 513 -34.48 18.25 0.62
C LEU N 513 -35.17 18.52 -0.69
N LYS N 514 -36.46 18.30 -0.80
CA LYS N 514 -37.16 18.67 -2.05
C LYS N 514 -36.79 17.73 -3.16
N ALA O 2 25.51 49.90 3.33
CA ALA O 2 24.31 50.78 3.27
C ALA O 2 24.69 52.20 3.64
N TYR O 3 23.88 53.16 3.22
CA TYR O 3 24.08 54.57 3.55
C TYR O 3 22.77 55.15 4.11
N PRO O 4 22.84 56.26 4.83
CA PRO O 4 21.63 56.83 5.45
C PRO O 4 20.48 57.06 4.48
N MET O 5 19.26 56.74 4.96
CA MET O 5 18.00 56.89 4.23
C MET O 5 17.91 56.05 2.96
N GLN O 6 18.67 54.97 2.88
CA GLN O 6 18.63 54.15 1.69
C GLN O 6 17.26 53.46 1.57
N LEU O 7 16.73 53.35 0.34
CA LEU O 7 15.43 52.71 0.14
C LEU O 7 15.57 51.35 -0.50
N GLY O 8 16.60 51.15 -1.34
CA GLY O 8 16.74 49.94 -2.12
C GLY O 8 17.99 49.15 -1.79
N PHE O 9 18.38 48.31 -2.74
CA PHE O 9 19.57 47.49 -2.58
C PHE O 9 20.84 48.37 -2.62
N GLN O 10 21.82 47.93 -1.86
CA GLN O 10 23.19 48.41 -2.05
C GLN O 10 23.60 48.31 -3.52
N ASP O 11 24.43 49.24 -3.99
CA ASP O 11 24.92 49.16 -5.35
C ASP O 11 25.61 47.81 -5.61
N ALA O 12 25.33 47.27 -6.79
CA ALA O 12 25.85 45.97 -7.15
C ALA O 12 27.36 46.05 -7.30
N THR O 13 28.06 45.09 -6.70
CA THR O 13 29.52 44.96 -6.87
C THR O 13 29.88 43.77 -7.77
N SER O 14 28.97 42.83 -7.98
CA SER O 14 29.24 41.70 -8.84
C SER O 14 28.17 41.62 -9.93
N PRO O 15 28.49 40.92 -11.03
CA PRO O 15 27.51 40.81 -12.13
C PRO O 15 26.22 40.17 -11.67
N ILE O 16 26.33 39.19 -10.78
CA ILE O 16 25.09 38.51 -10.37
C ILE O 16 24.20 39.48 -9.61
N MET O 17 24.82 40.32 -8.76
CA MET O 17 24.03 41.30 -8.03
C MET O 17 23.38 42.30 -8.99
N GLU O 18 24.08 42.68 -10.08
CA GLU O 18 23.40 43.55 -11.03
C GLU O 18 22.16 42.84 -11.59
N GLU O 19 22.29 41.54 -11.86
CA GLU O 19 21.16 40.80 -12.41
C GLU O 19 20.01 40.82 -11.45
N LEU O 20 20.28 40.61 -10.17
CA LEU O 20 19.22 40.70 -9.18
C LEU O 20 18.61 42.07 -9.15
N LEU O 21 19.41 43.14 -9.28
CA LEU O 21 18.78 44.46 -9.23
C LEU O 21 17.78 44.60 -10.37
N HIS O 22 18.16 44.16 -11.56
CA HIS O 22 17.25 44.30 -12.69
C HIS O 22 16.02 43.40 -12.48
N PHE O 23 16.24 42.22 -11.93
CA PHE O 23 15.11 41.31 -11.69
C PHE O 23 14.21 41.89 -10.63
N HIS O 24 14.77 42.47 -9.58
CA HIS O 24 13.93 43.12 -8.58
C HIS O 24 13.14 44.30 -9.16
N ASP O 25 13.77 45.12 -10.01
CA ASP O 25 13.03 46.22 -10.63
C ASP O 25 11.81 45.69 -11.37
N HIS O 26 12.01 44.61 -12.12
CA HIS O 26 10.95 43.97 -12.89
C HIS O 26 9.81 43.48 -11.97
N THR O 27 10.16 42.78 -10.90
CA THR O 27 9.17 42.21 -9.99
C THR O 27 8.46 43.29 -9.20
N LEU O 28 9.20 44.32 -8.78
CA LEU O 28 8.59 45.36 -7.98
C LEU O 28 7.60 46.15 -8.82
N MET O 29 7.89 46.28 -10.11
CA MET O 29 6.93 46.97 -10.94
C MET O 29 5.60 46.21 -10.93
N ILE O 30 5.68 44.89 -10.98
CA ILE O 30 4.47 44.05 -10.96
C ILE O 30 3.78 44.16 -9.61
N VAL O 31 4.55 44.08 -8.53
CA VAL O 31 4.00 44.25 -7.17
C VAL O 31 3.27 45.58 -7.02
N PHE O 32 3.91 46.68 -7.47
CA PHE O 32 3.26 48.00 -7.40
C PHE O 32 1.96 48.02 -8.21
N LEU O 33 2.01 47.49 -9.42
CA LEU O 33 0.85 47.49 -10.27
C LEU O 33 -0.31 46.72 -9.62
N ILE O 34 -0.04 45.53 -9.08
CA ILE O 34 -1.14 44.71 -8.56
C ILE O 34 -1.67 45.33 -7.30
N SER O 35 -0.76 45.78 -6.42
CA SER O 35 -1.19 46.44 -5.19
C SER O 35 -2.07 47.63 -5.51
N SER O 36 -1.62 48.42 -6.51
CA SER O 36 -2.34 49.65 -6.82
C SER O 36 -3.67 49.33 -7.49
N LEU O 37 -3.72 48.29 -8.32
CA LEU O 37 -4.99 47.87 -8.93
C LEU O 37 -5.98 47.42 -7.88
N VAL O 38 -5.52 46.63 -6.90
CA VAL O 38 -6.44 46.21 -5.85
C VAL O 38 -6.96 47.42 -5.08
N LEU O 39 -6.08 48.35 -4.72
CA LEU O 39 -6.53 49.52 -3.99
C LEU O 39 -7.53 50.31 -4.81
N TYR O 40 -7.23 50.49 -6.10
CA TYR O 40 -8.13 51.23 -6.97
C TYR O 40 -9.50 50.55 -7.01
N ILE O 41 -9.50 49.25 -7.25
CA ILE O 41 -10.78 48.56 -7.41
C ILE O 41 -11.56 48.61 -6.11
N ILE O 42 -10.90 48.48 -4.97
CA ILE O 42 -11.61 48.72 -3.72
C ILE O 42 -12.30 50.08 -3.78
N SER O 43 -11.57 51.14 -4.15
CA SER O 43 -12.24 52.43 -4.13
C SER O 43 -13.36 52.47 -5.17
N LEU O 44 -13.14 51.85 -6.33
CA LEU O 44 -14.20 51.79 -7.34
C LEU O 44 -15.45 51.08 -6.80
N MET O 45 -15.29 49.98 -6.08
CA MET O 45 -16.46 49.27 -5.56
C MET O 45 -17.24 50.08 -4.53
N LEU O 46 -16.56 51.03 -3.87
CA LEU O 46 -17.10 51.71 -2.71
C LEU O 46 -17.66 53.10 -3.03
N THR O 47 -17.66 53.51 -4.29
CA THR O 47 -17.91 54.91 -4.60
C THR O 47 -19.12 55.03 -5.53
N THR O 48 -20.07 54.11 -5.47
CA THR O 48 -21.27 54.30 -6.29
C THR O 48 -22.53 53.97 -5.51
N LYS O 49 -23.59 54.75 -5.76
CA LYS O 49 -24.86 54.46 -5.19
C LYS O 49 -25.60 53.41 -5.97
N LEU O 50 -25.11 53.05 -7.17
CA LEU O 50 -25.75 51.98 -7.94
C LEU O 50 -25.61 50.64 -7.23
N THR O 51 -26.64 49.80 -7.31
CA THR O 51 -26.57 48.50 -6.64
C THR O 51 -26.93 47.33 -7.55
N HIS O 52 -26.45 46.16 -7.14
CA HIS O 52 -26.77 44.89 -7.81
C HIS O 52 -26.51 43.85 -6.72
N THR O 53 -27.59 43.40 -6.05
CA THR O 53 -27.44 42.52 -4.88
C THR O 53 -27.96 41.10 -5.11
N SER O 54 -28.49 40.84 -6.29
CA SER O 54 -28.98 39.49 -6.59
C SER O 54 -27.77 38.62 -6.93
N THR O 55 -27.99 37.33 -7.10
CA THR O 55 -26.85 36.43 -7.35
C THR O 55 -26.12 36.79 -8.62
N MET O 56 -24.79 36.80 -8.54
CA MET O 56 -23.98 37.06 -9.69
C MET O 56 -23.32 35.79 -10.17
N ASP O 57 -23.27 35.63 -11.48
CA ASP O 57 -22.54 34.46 -11.97
C ASP O 57 -21.02 34.68 -12.05
N ALA O 58 -20.26 33.67 -11.59
CA ALA O 58 -18.83 33.84 -11.36
C ALA O 58 -17.93 33.15 -12.38
N GLN O 59 -18.46 32.29 -13.25
CA GLN O 59 -17.56 31.42 -14.00
C GLN O 59 -16.69 32.20 -14.97
N GLU O 60 -17.30 33.06 -15.78
CA GLU O 60 -16.55 33.82 -16.78
C GLU O 60 -15.44 34.64 -16.14
N VAL O 61 -15.76 35.37 -15.07
CA VAL O 61 -14.79 36.29 -14.54
C VAL O 61 -13.68 35.49 -13.87
N GLU O 62 -13.96 34.29 -13.39
CA GLU O 62 -12.87 33.52 -12.76
C GLU O 62 -11.86 32.96 -13.74
N THR O 63 -12.21 32.81 -15.03
CA THR O 63 -11.16 32.51 -16.01
C THR O 63 -10.11 33.63 -16.05
N ILE O 64 -10.57 34.88 -16.09
CA ILE O 64 -9.67 36.04 -16.16
C ILE O 64 -8.77 36.05 -14.95
N TRP O 65 -9.36 35.83 -13.78
CA TRP O 65 -8.50 36.09 -12.66
C TRP O 65 -7.80 34.83 -12.15
N THR O 66 -7.80 33.77 -12.94
CA THR O 66 -6.79 32.70 -12.81
C THR O 66 -5.79 32.75 -13.94
N ILE O 67 -6.23 32.99 -15.19
CA ILE O 67 -5.30 32.96 -16.32
C ILE O 67 -4.31 34.13 -16.24
N LEU O 68 -4.83 35.33 -15.92
CA LEU O 68 -3.91 36.48 -15.92
C LEU O 68 -2.88 36.39 -14.79
N PRO O 69 -3.25 36.05 -13.55
CA PRO O 69 -2.20 35.79 -12.54
C PRO O 69 -1.25 34.68 -12.94
N ALA O 70 -1.74 33.63 -13.56
CA ALA O 70 -0.84 32.56 -14.03
C ALA O 70 0.19 33.11 -15.03
N ILE O 71 -0.26 33.93 -15.97
CA ILE O 71 0.69 34.51 -16.92
C ILE O 71 1.69 35.39 -16.18
N ILE O 72 1.22 36.20 -15.24
CA ILE O 72 2.15 37.10 -14.51
C ILE O 72 3.17 36.29 -13.74
N LEU O 73 2.72 35.23 -13.05
CA LEU O 73 3.69 34.41 -12.33
C LEU O 73 4.74 33.85 -13.27
N ILE O 74 4.33 33.42 -14.46
CA ILE O 74 5.33 32.89 -15.41
C ILE O 74 6.33 33.97 -15.83
N LEU O 75 5.83 35.19 -16.04
CA LEU O 75 6.75 36.28 -16.38
C LEU O 75 7.68 36.67 -15.25
N ILE O 76 7.37 36.32 -14.01
CA ILE O 76 8.34 36.49 -12.92
C ILE O 76 9.29 35.32 -12.89
N ALA O 77 8.76 34.11 -13.04
CA ALA O 77 9.55 32.89 -12.83
C ALA O 77 10.63 32.69 -13.90
N LEU O 78 10.33 33.06 -15.14
CA LEU O 78 11.33 32.85 -16.20
C LEU O 78 12.65 33.60 -15.94
N PRO O 79 12.66 34.93 -15.67
CA PRO O 79 13.94 35.57 -15.32
C PRO O 79 14.46 35.12 -13.98
N SER O 80 13.57 34.83 -13.03
CA SER O 80 13.98 34.34 -11.71
C SER O 80 14.83 33.09 -11.85
N LEU O 81 14.32 32.10 -12.60
CA LEU O 81 15.02 30.84 -12.76
C LEU O 81 16.27 31.00 -13.64
N ARG O 82 16.21 31.88 -14.63
CA ARG O 82 17.40 32.09 -15.44
C ARG O 82 18.56 32.52 -14.55
N ILE O 83 18.30 33.46 -13.63
CA ILE O 83 19.36 33.93 -12.75
C ILE O 83 19.79 32.82 -11.81
N LEU O 84 18.82 32.06 -11.30
CA LEU O 84 19.16 30.92 -10.47
C LEU O 84 20.13 29.99 -11.20
N TYR O 85 19.84 29.67 -12.46
CA TYR O 85 20.71 28.71 -13.10
C TYR O 85 22.05 29.36 -13.49
N MET O 86 22.06 30.65 -13.80
CA MET O 86 23.36 31.34 -13.96
C MET O 86 24.25 31.19 -12.73
N MET O 87 23.75 31.59 -11.55
CA MET O 87 24.53 31.46 -10.32
C MET O 87 25.16 30.07 -10.20
N ASP O 88 24.42 29.02 -10.58
CA ASP O 88 24.89 27.66 -10.38
C ASP O 88 25.89 27.18 -11.43
N GLU O 89 25.95 27.80 -12.62
CA GLU O 89 26.74 27.18 -13.67
C GLU O 89 28.22 27.29 -13.37
N ILE O 90 28.96 26.36 -13.96
CA ILE O 90 30.37 26.14 -13.65
C ILE O 90 31.14 27.42 -13.91
N ASN O 91 31.91 27.85 -12.91
CA ASN O 91 32.59 29.12 -13.00
C ASN O 91 34.11 29.00 -12.98
N ASN O 92 34.68 27.79 -12.78
CA ASN O 92 36.10 27.48 -12.64
C ASN O 92 36.90 28.55 -11.89
N PRO O 93 36.97 28.48 -10.55
CA PRO O 93 37.65 29.53 -9.78
C PRO O 93 39.15 29.41 -9.86
N SER O 94 39.83 30.50 -9.48
CA SER O 94 41.30 30.47 -9.40
C SER O 94 41.82 30.41 -7.97
N LEU O 95 40.94 30.49 -6.97
CA LEU O 95 41.30 30.61 -5.57
C LEU O 95 40.17 30.01 -4.76
N THR O 96 40.50 29.24 -3.71
CA THR O 96 39.49 28.83 -2.73
C THR O 96 39.86 29.40 -1.38
N VAL O 97 38.85 29.97 -0.69
CA VAL O 97 39.02 30.48 0.65
C VAL O 97 37.92 29.85 1.48
N LYS O 98 38.24 29.42 2.69
CA LYS O 98 37.25 28.88 3.61
C LYS O 98 36.98 29.94 4.66
N THR O 99 35.74 29.99 5.17
CA THR O 99 35.50 30.78 6.36
C THR O 99 34.76 29.92 7.37
N MET O 100 35.09 30.03 8.63
CA MET O 100 34.44 29.27 9.69
C MET O 100 33.80 30.26 10.63
N GLY O 101 32.50 30.10 10.85
CA GLY O 101 31.83 30.89 11.85
C GLY O 101 32.14 30.41 13.26
N HIS O 102 32.15 31.34 14.20
CA HIS O 102 32.29 31.06 15.63
C HIS O 102 31.44 32.05 16.38
N GLN O 103 31.15 31.71 17.63
CA GLN O 103 30.62 32.70 18.58
C GLN O 103 31.78 33.51 19.21
N TRP O 104 31.95 34.77 18.84
CA TRP O 104 31.22 35.51 17.79
C TRP O 104 32.27 36.29 16.94
N TYR O 105 32.77 35.64 15.90
CA TYR O 105 33.75 36.20 14.98
C TYR O 105 33.89 35.20 13.86
N TRP O 106 34.58 35.59 12.80
CA TRP O 106 34.82 34.66 11.69
C TRP O 106 36.28 34.32 11.63
N SER O 107 36.59 33.12 11.16
CA SER O 107 38.00 32.89 10.85
C SER O 107 38.07 32.52 9.38
N TYR O 108 39.27 32.66 8.79
CA TYR O 108 39.44 32.51 7.36
C TYR O 108 40.69 31.65 7.13
N GLU O 109 40.63 30.84 6.11
CA GLU O 109 41.72 29.92 5.77
C GLU O 109 41.97 30.02 4.28
N TYR O 110 43.25 30.21 3.91
CA TYR O 110 43.65 30.26 2.51
C TYR O 110 44.64 29.15 2.39
N THR O 111 44.19 27.97 1.98
CA THR O 111 45.09 26.84 2.06
C THR O 111 45.34 26.21 0.70
N ASP O 112 45.14 26.98 -0.38
CA ASP O 112 45.49 26.46 -1.72
C ASP O 112 46.99 26.10 -1.84
N TYR O 113 47.86 26.92 -1.26
CA TYR O 113 49.33 26.82 -1.46
C TYR O 113 50.03 26.86 -0.10
N GLU O 114 49.98 28.03 0.54
CA GLU O 114 50.43 28.22 1.91
C GLU O 114 49.28 27.88 2.85
N ASP O 115 49.62 27.59 4.10
CA ASP O 115 48.56 27.28 5.06
C ASP O 115 48.25 28.52 5.91
N LEU O 116 47.66 29.53 5.30
CA LEU O 116 47.36 30.79 5.99
C LEU O 116 46.00 30.74 6.70
N SER O 117 45.92 31.23 7.93
CA SER O 117 44.57 31.36 8.54
C SER O 117 44.62 32.48 9.54
N PHE O 118 43.46 33.04 9.86
CA PHE O 118 43.47 34.10 10.86
C PHE O 118 42.03 34.35 11.27
N ASP O 119 41.91 35.04 12.40
CA ASP O 119 40.60 35.37 12.96
C ASP O 119 40.24 36.80 12.62
N SER O 120 38.94 37.10 12.56
CA SER O 120 38.45 38.38 12.12
C SER O 120 37.35 38.83 13.09
N TYR O 121 37.66 39.82 13.91
CA TYR O 121 36.77 40.33 14.96
C TYR O 121 36.28 41.75 14.69
N MET O 122 35.05 42.02 15.13
CA MET O 122 34.53 43.36 15.07
C MET O 122 35.43 44.30 15.88
N ILE O 123 35.67 45.49 15.36
CA ILE O 123 36.32 46.55 16.16
C ILE O 123 35.31 47.12 17.15
N PRO O 124 35.51 47.06 18.46
CA PRO O 124 34.54 47.71 19.38
C PRO O 124 34.42 49.21 19.09
N THR O 125 33.26 49.74 19.37
CA THR O 125 33.02 51.16 19.12
C THR O 125 34.06 52.04 19.81
N SER O 126 34.45 51.64 21.01
CA SER O 126 35.42 52.46 21.75
C SER O 126 36.81 52.47 21.10
N GLU O 127 37.09 51.54 20.17
CA GLU O 127 38.41 51.44 19.55
C GLU O 127 38.41 51.91 18.12
N LEU O 128 37.25 52.28 17.56
CA LEU O 128 37.17 52.71 16.17
C LEU O 128 38.10 53.90 15.94
N LYS O 129 38.86 53.84 14.84
CA LYS O 129 39.63 55.03 14.47
C LYS O 129 38.66 56.03 13.85
N PRO O 130 39.02 57.30 13.80
CA PRO O 130 38.05 58.31 13.45
C PRO O 130 37.59 58.13 12.01
N GLY O 131 36.27 58.20 11.81
CA GLY O 131 35.74 57.99 10.50
C GLY O 131 35.46 56.55 10.17
N GLU O 132 35.74 55.60 11.04
CA GLU O 132 35.44 54.18 10.77
C GLU O 132 34.03 53.89 11.25
N LEU O 133 33.51 52.73 10.83
CA LEU O 133 32.06 52.51 10.89
C LEU O 133 31.67 51.65 12.08
N ARG O 134 30.73 52.14 12.88
CA ARG O 134 30.31 51.40 14.04
C ARG O 134 29.67 50.05 13.66
N LEU O 135 30.09 48.97 14.32
CA LEU O 135 29.52 47.59 14.18
C LEU O 135 29.93 46.92 12.87
N LEU O 136 30.76 47.55 12.04
CA LEU O 136 31.07 47.01 10.72
C LEU O 136 32.54 46.72 10.50
N GLU O 137 33.45 47.43 11.18
CA GLU O 137 34.85 47.16 10.86
C GLU O 137 35.32 45.89 11.55
N VAL O 138 36.38 45.32 10.98
CA VAL O 138 37.05 44.20 11.61
C VAL O 138 38.54 44.48 11.70
N ASP O 139 39.20 43.71 12.54
CA ASP O 139 40.64 43.89 12.65
C ASP O 139 41.38 43.33 11.45
N ASN O 140 40.93 42.17 10.92
CA ASN O 140 41.59 41.46 9.82
C ASN O 140 40.55 41.25 8.71
N ARG O 141 40.70 41.96 7.59
CA ARG O 141 39.77 41.83 6.48
C ARG O 141 40.12 40.64 5.59
N VAL O 142 39.13 40.20 4.78
CA VAL O 142 39.31 39.09 3.86
C VAL O 142 39.90 39.70 2.59
N VAL O 143 41.26 39.68 2.50
CA VAL O 143 41.90 40.18 1.30
C VAL O 143 41.65 39.22 0.15
N LEU O 144 41.27 39.77 -1.00
CA LEU O 144 40.92 38.97 -2.15
C LEU O 144 41.29 39.68 -3.44
N PRO O 145 41.57 38.94 -4.51
CA PRO O 145 41.81 39.56 -5.82
C PRO O 145 40.49 39.93 -6.50
N MET O 146 40.41 41.15 -7.01
CA MET O 146 39.29 41.61 -7.81
C MET O 146 39.30 40.96 -9.21
N GLU O 147 38.12 41.04 -9.85
CA GLU O 147 37.93 40.62 -11.23
C GLU O 147 38.35 39.17 -11.41
N MET O 148 38.19 38.37 -10.36
CA MET O 148 38.51 36.96 -10.43
C MET O 148 37.43 36.13 -9.73
N THR O 149 37.23 34.93 -10.25
CA THR O 149 36.21 34.03 -9.70
C THR O 149 36.78 33.30 -8.50
N ILE O 150 36.18 33.49 -7.32
CA ILE O 150 36.73 32.95 -6.08
C ILE O 150 35.69 31.96 -5.54
N ARG O 151 36.15 30.79 -5.10
CA ARG O 151 35.30 29.81 -4.41
C ARG O 151 35.39 30.08 -2.91
N MET O 152 34.26 30.43 -2.29
CA MET O 152 34.18 30.54 -0.83
C MET O 152 33.53 29.30 -0.29
N LEU O 153 34.15 28.70 0.72
CA LEU O 153 33.61 27.52 1.39
C LEU O 153 33.27 27.97 2.80
N VAL O 154 32.05 27.62 3.29
CA VAL O 154 31.57 28.23 4.53
C VAL O 154 31.18 27.11 5.48
N SER O 155 31.61 27.19 6.73
CA SER O 155 31.16 26.24 7.73
C SER O 155 31.20 26.92 9.09
N SER O 156 31.04 26.12 10.15
CA SER O 156 31.00 26.68 11.50
C SER O 156 31.66 25.70 12.44
N GLU O 157 32.34 26.21 13.46
CA GLU O 157 32.84 25.34 14.51
C GLU O 157 31.96 25.34 15.74
N ASP O 158 30.72 25.97 15.72
CA ASP O 158 29.89 25.81 16.90
C ASP O 158 28.42 25.84 16.48
N VAL O 159 27.73 26.96 16.63
CA VAL O 159 26.29 27.02 16.26
C VAL O 159 26.11 27.44 14.79
N LEU O 160 24.86 27.61 14.33
CA LEU O 160 24.69 28.14 12.97
C LEU O 160 25.12 29.59 12.92
N HIS O 161 25.80 29.98 11.84
CA HIS O 161 25.98 31.39 11.47
C HIS O 161 25.51 31.54 10.02
N SER O 162 25.72 32.74 9.45
CA SER O 162 25.49 32.85 8.01
C SER O 162 26.35 33.98 7.45
N TRP O 163 27.12 33.65 6.41
CA TRP O 163 28.15 34.54 5.88
C TRP O 163 27.52 35.32 4.73
N ALA O 164 27.42 36.63 4.88
CA ALA O 164 26.69 37.42 3.92
C ALA O 164 27.46 38.64 3.50
N VAL O 165 27.33 39.01 2.22
CA VAL O 165 27.87 40.28 1.74
C VAL O 165 26.86 40.82 0.76
N PRO O 166 25.97 41.70 1.19
CA PRO O 166 24.86 42.12 0.32
C PRO O 166 25.29 42.69 -1.02
N SER O 167 26.36 43.49 -1.07
CA SER O 167 26.62 44.11 -2.36
C SER O 167 27.17 43.13 -3.36
N LEU O 168 27.59 41.93 -2.93
CA LEU O 168 27.98 40.89 -3.87
C LEU O 168 26.86 39.85 -4.08
N GLY O 169 25.69 40.07 -3.48
CA GLY O 169 24.59 39.12 -3.63
C GLY O 169 24.80 37.81 -2.91
N LEU O 170 25.60 37.80 -1.84
CA LEU O 170 26.05 36.55 -1.20
C LEU O 170 25.38 36.37 0.15
N LYS O 171 24.87 35.16 0.40
CA LYS O 171 24.48 34.78 1.76
C LYS O 171 24.48 33.27 1.81
N THR O 172 25.38 32.70 2.61
CA THR O 172 25.52 31.24 2.67
C THR O 172 25.59 30.82 4.14
N ASP O 173 24.69 29.94 4.56
CA ASP O 173 24.66 29.55 5.96
C ASP O 173 25.87 28.71 6.33
N ALA O 174 26.35 28.94 7.55
CA ALA O 174 27.55 28.36 8.10
C ALA O 174 27.10 27.30 9.08
N ILE O 175 27.22 26.02 8.71
CA ILE O 175 26.59 24.93 9.47
C ILE O 175 27.69 23.96 9.87
N PRO O 176 27.84 23.65 11.17
CA PRO O 176 28.85 22.67 11.60
C PRO O 176 28.64 21.30 10.97
N GLY O 177 29.75 20.69 10.56
CA GLY O 177 29.65 19.41 9.87
C GLY O 177 29.34 19.49 8.39
N ARG O 178 29.21 20.68 7.83
CA ARG O 178 28.81 20.88 6.45
C ARG O 178 29.69 21.94 5.81
N LEU O 179 30.06 21.74 4.54
CA LEU O 179 30.95 22.69 3.85
C LEU O 179 30.14 23.27 2.69
N ASN O 180 29.59 24.49 2.84
CA ASN O 180 28.75 25.05 1.79
C ASN O 180 29.61 25.90 0.88
N GLN O 181 29.37 25.80 -0.41
CA GLN O 181 30.12 26.55 -1.40
C GLN O 181 29.34 27.71 -1.97
N THR O 182 30.02 28.83 -2.21
CA THR O 182 29.41 29.86 -3.02
C THR O 182 30.53 30.49 -3.83
N THR O 183 30.18 31.24 -4.85
CA THR O 183 31.19 31.87 -5.72
C THR O 183 31.09 33.38 -5.59
N LEU O 184 32.24 34.03 -5.68
CA LEU O 184 32.40 35.44 -5.38
C LEU O 184 33.19 36.03 -6.54
N MET O 185 32.74 37.15 -7.10
CA MET O 185 33.44 37.83 -8.19
C MET O 185 33.18 39.32 -8.08
N SER O 186 34.19 40.12 -7.73
CA SER O 186 33.99 41.56 -7.61
C SER O 186 34.47 42.26 -8.87
N SER O 187 33.59 43.06 -9.46
CA SER O 187 33.92 43.89 -10.61
C SER O 187 34.85 45.02 -10.22
N ARG O 188 35.00 45.28 -8.93
CA ARG O 188 35.68 46.53 -8.53
C ARG O 188 36.58 46.27 -7.33
N PRO O 189 37.67 47.03 -7.20
CA PRO O 189 38.40 47.03 -5.94
C PRO O 189 37.54 47.69 -4.87
N GLY O 190 37.93 47.53 -3.60
CA GLY O 190 37.33 48.34 -2.56
C GLY O 190 37.10 47.51 -1.30
N LEU O 191 36.22 48.02 -0.43
CA LEU O 191 35.86 47.36 0.83
C LEU O 191 34.37 47.03 0.78
N TYR O 192 34.03 45.78 1.04
CA TYR O 192 32.64 45.34 0.93
C TYR O 192 32.23 44.65 2.22
N TYR O 193 31.07 45.08 2.76
CA TYR O 193 30.72 44.75 4.12
C TYR O 193 29.49 43.85 4.16
N GLY O 194 29.44 43.06 5.23
CA GLY O 194 28.33 42.15 5.52
C GLY O 194 28.28 41.79 7.00
N GLN O 195 27.20 41.09 7.37
CA GLN O 195 26.90 40.84 8.78
C GLN O 195 26.36 39.43 8.98
N CYS O 196 26.67 38.84 10.12
CA CYS O 196 26.19 37.48 10.39
C CYS O 196 24.67 37.40 10.27
N SER O 197 24.18 36.36 9.56
CA SER O 197 22.79 36.37 9.10
C SER O 197 22.04 35.12 9.51
N GLU O 198 22.46 34.47 10.59
CA GLU O 198 21.65 33.43 11.23
C GLU O 198 21.87 33.57 12.74
N ILE O 199 20.74 33.75 13.49
CA ILE O 199 20.89 34.07 14.91
C ILE O 199 21.72 33.01 15.59
N CYS O 200 22.73 33.48 16.34
CA CYS O 200 23.78 32.61 16.87
C CYS O 200 24.06 32.96 18.32
N GLY O 201 23.12 33.66 18.98
CA GLY O 201 23.29 33.95 20.39
C GLY O 201 23.52 35.44 20.67
N SER O 202 24.10 35.70 21.86
CA SER O 202 24.37 37.03 22.46
C SER O 202 24.84 38.08 21.46
N ASN O 203 25.85 37.71 20.69
CA ASN O 203 26.57 38.70 19.87
C ASN O 203 26.39 38.49 18.38
N HIS O 204 25.24 37.90 18.01
CA HIS O 204 24.84 37.83 16.63
C HIS O 204 24.99 39.15 15.88
N SER O 205 24.62 40.28 16.52
CA SER O 205 24.65 41.57 15.86
C SER O 205 26.09 42.07 15.65
N PHE O 206 27.09 41.37 16.14
CA PHE O 206 28.43 41.97 16.33
C PHE O 206 29.53 41.06 15.81
N MET O 207 29.34 40.39 14.67
CA MET O 207 30.41 39.59 14.05
C MET O 207 30.36 39.81 12.54
N PRO O 208 30.79 40.99 12.09
CA PRO O 208 30.64 41.38 10.69
C PRO O 208 31.73 40.75 9.82
N ILE O 209 31.58 40.98 8.52
CA ILE O 209 32.41 40.45 7.44
C ILE O 209 32.87 41.65 6.65
N VAL O 210 34.17 41.74 6.37
CA VAL O 210 34.67 42.83 5.54
C VAL O 210 35.60 42.25 4.48
N LEU O 211 35.24 42.43 3.21
CA LEU O 211 36.12 41.97 2.13
C LEU O 211 36.99 43.14 1.68
N GLU O 212 38.24 42.85 1.33
CA GLU O 212 39.12 43.92 0.83
C GLU O 212 39.58 43.45 -0.54
N LEU O 213 39.04 44.06 -1.58
CA LEU O 213 39.29 43.64 -2.95
C LEU O 213 40.38 44.52 -3.55
N VAL O 214 41.40 43.88 -4.12
CA VAL O 214 42.60 44.54 -4.62
C VAL O 214 43.03 43.81 -5.90
N PRO O 215 43.87 44.46 -6.73
CA PRO O 215 44.35 43.76 -7.94
C PRO O 215 45.18 42.54 -7.57
N LEU O 216 45.21 41.59 -8.51
CA LEU O 216 45.87 40.32 -8.28
C LEU O 216 47.31 40.52 -7.78
N LYS O 217 48.05 41.39 -8.45
CA LYS O 217 49.46 41.52 -8.07
C LYS O 217 49.56 41.95 -6.62
N TYR O 218 48.62 42.79 -6.17
CA TYR O 218 48.62 43.16 -4.76
C TYR O 218 48.16 42.02 -3.87
N PHE O 219 47.17 41.26 -4.33
CA PHE O 219 46.82 40.05 -3.58
C PHE O 219 48.00 39.11 -3.42
N GLU O 220 48.72 38.86 -4.50
CA GLU O 220 49.93 38.01 -4.42
C GLU O 220 50.99 38.56 -3.48
N LYS O 221 51.23 39.87 -3.53
CA LYS O 221 52.18 40.48 -2.60
C LYS O 221 51.72 40.24 -1.17
N TRP O 222 50.42 40.41 -0.93
CA TRP O 222 49.92 40.19 0.41
C TRP O 222 50.07 38.74 0.81
N SER O 223 49.65 37.80 -0.05
CA SER O 223 49.90 36.39 0.22
C SER O 223 51.36 36.13 0.53
N ALA O 224 52.21 36.57 -0.40
CA ALA O 224 53.66 36.43 -0.26
C ALA O 224 54.12 37.01 1.07
N SER O 225 53.61 38.18 1.42
CA SER O 225 54.05 38.75 2.68
C SER O 225 53.62 37.95 3.90
N MET O 226 52.96 36.81 3.77
CA MET O 226 52.46 36.15 4.97
C MET O 226 53.31 34.98 5.44
N LEU O 227 54.31 34.61 4.65
CA LEU O 227 55.21 33.52 4.99
C LEU O 227 56.54 34.07 5.54
N HIS P 1 -37.13 19.14 26.21
CA HIS P 1 -35.79 18.62 26.09
C HIS P 1 -35.27 18.81 24.69
N GLN P 2 -34.34 17.96 24.34
CA GLN P 2 -33.81 18.03 22.98
C GLN P 2 -34.62 17.16 22.06
N THR P 3 -34.64 17.54 20.76
CA THR P 3 -35.14 16.59 19.78
C THR P 3 -34.08 16.40 18.68
N HIS P 4 -32.79 16.51 19.06
CA HIS P 4 -31.72 15.96 18.21
C HIS P 4 -31.17 14.75 18.92
N ALA P 5 -30.24 14.01 18.27
CA ALA P 5 -29.70 12.78 18.82
C ALA P 5 -28.30 12.93 19.46
N TYR P 6 -27.82 14.15 19.69
CA TYR P 6 -26.43 14.36 20.11
C TYR P 6 -26.36 14.43 21.64
N HIS P 7 -25.14 14.37 22.16
CA HIS P 7 -24.91 14.16 23.58
C HIS P 7 -24.44 15.46 24.23
N MET P 8 -25.29 16.02 25.07
CA MET P 8 -24.93 17.15 25.92
C MET P 8 -24.33 16.58 27.19
N VAL P 9 -23.00 16.78 27.35
CA VAL P 9 -22.24 16.13 28.39
C VAL P 9 -22.35 16.88 29.70
N ASN P 10 -22.46 16.14 30.81
CA ASN P 10 -22.50 16.82 32.12
C ASN P 10 -21.20 17.59 32.35
N PRO P 11 -21.25 18.76 32.98
CA PRO P 11 -20.03 19.50 33.36
C PRO P 11 -19.10 18.57 34.06
N SER P 12 -17.80 18.63 33.70
CA SER P 12 -16.84 17.62 34.12
C SER P 12 -15.55 18.25 34.59
N PRO P 13 -14.94 17.70 35.65
CA PRO P 13 -13.64 18.19 36.11
C PRO P 13 -12.44 17.56 35.37
N TRP P 14 -12.66 16.56 34.52
CA TRP P 14 -11.51 15.78 34.04
C TRP P 14 -10.71 16.54 32.98
N PRO P 15 -11.33 17.45 32.19
CA PRO P 15 -10.47 18.29 31.31
C PRO P 15 -9.45 19.11 32.08
N LEU P 16 -9.90 19.73 33.18
CA LEU P 16 -9.01 20.50 34.03
C LEU P 16 -7.98 19.60 34.69
N THR P 17 -8.38 18.45 35.26
CA THR P 17 -7.33 17.64 35.89
C THR P 17 -6.39 17.04 34.84
N GLY P 18 -6.89 16.76 33.63
CA GLY P 18 -5.98 16.32 32.57
C GLY P 18 -4.97 17.40 32.18
N ALA P 19 -5.45 18.63 32.00
CA ALA P 19 -4.56 19.72 31.64
C ALA P 19 -3.54 19.98 32.75
N LEU P 20 -3.97 19.96 34.01
CA LEU P 20 -3.00 20.11 35.09
C LEU P 20 -2.03 18.94 35.11
N SER P 21 -2.52 17.71 34.83
CA SER P 21 -1.59 16.57 34.79
C SER P 21 -0.52 16.80 33.74
N ALA P 22 -0.89 17.36 32.59
CA ALA P 22 0.10 17.69 31.58
C ALA P 22 1.14 18.71 32.10
N LEU P 23 0.70 19.74 32.82
CA LEU P 23 1.63 20.70 33.42
C LEU P 23 2.58 19.99 34.38
N LEU P 24 2.04 19.06 35.16
CA LEU P 24 2.86 18.40 36.16
C LEU P 24 3.84 17.43 35.51
N MET P 25 3.40 16.74 34.47
CA MET P 25 4.33 15.82 33.79
C MET P 25 5.47 16.56 33.11
N THR P 26 5.16 17.67 32.44
CA THR P 26 6.21 18.38 31.69
C THR P 26 7.11 19.16 32.64
N SER P 27 6.51 19.89 33.57
CA SER P 27 7.39 20.49 34.59
C SER P 27 8.11 19.40 35.38
N GLY P 28 7.49 18.22 35.55
CA GLY P 28 8.13 17.14 36.25
C GLY P 28 9.33 16.62 35.47
N LEU P 29 9.19 16.46 34.16
CA LEU P 29 10.34 16.05 33.34
C LEU P 29 11.45 17.08 33.41
N THR P 30 11.08 18.37 33.39
CA THR P 30 12.07 19.42 33.48
C THR P 30 12.86 19.31 34.79
N MET P 31 12.15 19.07 35.88
CA MET P 31 12.80 18.97 37.17
C MET P 31 13.66 17.70 37.25
N TRP P 32 13.21 16.61 36.63
CA TRP P 32 14.02 15.40 36.54
C TRP P 32 15.32 15.62 35.75
N PHE P 33 15.21 16.22 34.57
CA PHE P 33 16.37 16.46 33.71
C PHE P 33 17.33 17.49 34.32
N HIS P 34 16.85 18.45 35.11
CA HIS P 34 17.71 19.59 35.47
C HIS P 34 17.90 19.83 36.94
N PHE P 35 17.11 19.21 37.79
CA PHE P 35 17.18 19.52 39.22
C PHE P 35 17.08 18.25 40.04
N ASN P 36 17.53 17.14 39.44
CA ASN P 36 17.73 15.87 40.11
C ASN P 36 16.53 15.47 41.00
N SER P 37 15.31 15.57 40.47
CA SER P 37 14.18 15.17 41.31
C SER P 37 13.02 14.65 40.50
N MET P 38 12.41 13.54 40.97
CA MET P 38 11.28 12.89 40.30
C MET P 38 9.92 13.25 40.90
N THR P 39 9.89 14.10 41.91
CA THR P 39 8.66 14.36 42.67
C THR P 39 7.49 14.84 41.81
N LEU P 40 7.62 16.01 41.18
CA LEU P 40 6.57 16.53 40.32
C LEU P 40 6.18 15.50 39.24
N LEU P 41 7.17 14.83 38.65
CA LEU P 41 6.87 13.88 37.56
C LEU P 41 5.97 12.77 38.07
N MET P 42 6.30 12.21 39.24
CA MET P 42 5.46 11.18 39.83
C MET P 42 4.03 11.69 40.12
N ILE P 43 3.89 12.91 40.64
CA ILE P 43 2.54 13.43 40.85
C ILE P 43 1.82 13.51 39.52
N GLY P 44 2.48 14.08 38.51
CA GLY P 44 1.82 14.23 37.21
C GLY P 44 1.41 12.92 36.55
N LEU P 45 2.29 11.92 36.59
CA LEU P 45 1.91 10.61 36.06
C LEU P 45 0.71 10.05 36.82
N THR P 46 0.71 10.19 38.15
CA THR P 46 -0.41 9.68 38.93
C THR P 46 -1.70 10.40 38.57
N THR P 47 -1.65 11.75 38.48
CA THR P 47 -2.90 12.45 38.16
C THR P 47 -3.33 12.20 36.71
N ASN P 48 -2.38 11.96 35.81
CA ASN P 48 -2.76 11.61 34.45
C ASN P 48 -3.50 10.29 34.42
N MET P 49 -2.99 9.28 35.15
CA MET P 49 -3.66 7.98 35.13
C MET P 49 -5.03 8.09 35.78
N LEU P 50 -5.11 8.86 36.88
CA LEU P 50 -6.40 9.08 37.53
C LEU P 50 -7.37 9.75 36.57
N THR P 51 -6.89 10.76 35.83
CA THR P 51 -7.75 11.49 34.89
C THR P 51 -8.28 10.57 33.80
N MET P 52 -7.39 9.82 33.14
CA MET P 52 -7.82 8.91 32.09
C MET P 52 -8.81 7.90 32.63
N TYR P 53 -8.50 7.31 33.78
CA TYR P 53 -9.40 6.30 34.33
C TYR P 53 -10.78 6.87 34.55
N GLN P 54 -10.89 8.04 35.19
CA GLN P 54 -12.24 8.56 35.50
C GLN P 54 -12.96 9.06 34.24
N TRP P 55 -12.20 9.67 33.31
CA TRP P 55 -12.83 10.18 32.09
C TRP P 55 -13.43 9.03 31.28
N TRP P 56 -12.62 7.99 31.03
CA TRP P 56 -13.18 6.91 30.22
C TRP P 56 -14.16 6.06 31.01
N ARG P 57 -14.01 5.98 32.33
CA ARG P 57 -15.11 5.41 33.12
C ARG P 57 -16.42 6.14 32.82
N ASP P 58 -16.36 7.50 32.80
CA ASP P 58 -17.59 8.26 32.61
C ASP P 58 -18.17 8.03 31.22
N VAL P 59 -17.28 7.86 30.21
CA VAL P 59 -17.77 7.56 28.86
C VAL P 59 -18.52 6.24 28.84
N ILE P 60 -18.01 5.24 29.58
CA ILE P 60 -18.74 3.97 29.71
C ILE P 60 -20.09 4.19 30.40
N ARG P 61 -20.09 4.94 31.50
CA ARG P 61 -21.34 5.24 32.17
C ARG P 61 -22.33 5.89 31.21
N GLU P 62 -21.85 6.82 30.36
CA GLU P 62 -22.71 7.60 29.49
C GLU P 62 -23.31 6.76 28.41
N SER P 63 -22.63 5.68 28.05
CA SER P 63 -23.02 4.92 26.86
C SER P 63 -23.66 3.59 27.27
N THR P 64 -22.90 2.67 27.83
CA THR P 64 -23.46 1.37 28.25
C THR P 64 -24.56 1.57 29.31
N PHE P 65 -24.33 2.46 30.27
CA PHE P 65 -25.30 2.55 31.38
C PHE P 65 -26.38 3.58 31.17
N GLN P 66 -26.14 4.66 30.42
CA GLN P 66 -27.18 5.73 30.28
C GLN P 66 -27.78 5.84 28.89
N GLY P 67 -27.19 5.24 27.88
CA GLY P 67 -27.79 5.21 26.57
C GLY P 67 -27.57 6.42 25.72
N HIS P 68 -26.54 7.20 26.01
CA HIS P 68 -26.39 8.41 25.19
C HIS P 68 -25.73 8.19 23.82
N HIS P 69 -25.16 7.00 23.53
CA HIS P 69 -24.49 6.82 22.23
C HIS P 69 -25.47 6.32 21.19
N THR P 70 -26.23 7.28 20.66
CA THR P 70 -27.06 7.08 19.51
C THR P 70 -26.17 6.79 18.33
N PRO P 71 -26.75 6.43 17.19
CA PRO P 71 -25.90 6.18 16.01
C PRO P 71 -25.15 7.44 15.60
N ALA P 72 -25.77 8.63 15.73
CA ALA P 72 -25.07 9.87 15.35
C ALA P 72 -23.88 10.09 16.26
N VAL P 73 -24.06 9.83 17.55
CA VAL P 73 -22.93 10.01 18.48
C VAL P 73 -21.82 9.02 18.15
N GLN P 74 -22.20 7.78 17.89
CA GLN P 74 -21.20 6.77 17.51
C GLN P 74 -20.44 7.17 16.25
N LYS P 75 -21.15 7.65 15.25
CA LYS P 75 -20.52 8.09 14.01
C LYS P 75 -19.49 9.17 14.29
N GLY P 76 -19.83 10.12 15.15
CA GLY P 76 -18.85 11.13 15.55
C GLY P 76 -17.61 10.49 16.16
N LEU P 77 -17.80 9.54 17.09
CA LEU P 77 -16.64 8.89 17.71
C LEU P 77 -15.79 8.12 16.72
N ARG P 78 -16.42 7.56 15.68
CA ARG P 78 -15.65 6.90 14.61
C ARG P 78 -14.73 7.90 13.91
N TYR P 79 -15.28 9.04 13.48
CA TYR P 79 -14.46 10.07 12.89
C TYR P 79 -13.35 10.48 13.85
N GLY P 80 -13.69 10.71 15.13
CA GLY P 80 -12.68 11.20 16.05
C GLY P 80 -11.52 10.21 16.18
N MET P 81 -11.82 8.90 16.24
CA MET P 81 -10.74 7.94 16.39
C MET P 81 -9.91 7.86 15.12
N ILE P 82 -10.57 7.91 13.95
CA ILE P 82 -9.78 7.86 12.70
C ILE P 82 -8.83 9.07 12.67
N LEU P 83 -9.37 10.25 13.01
CA LEU P 83 -8.54 11.46 12.95
C LEU P 83 -7.39 11.37 13.94
N PHE P 84 -7.67 10.86 15.13
CA PHE P 84 -6.59 10.66 16.10
C PHE P 84 -5.50 9.74 15.53
N ILE P 85 -5.92 8.62 14.92
CA ILE P 85 -4.90 7.70 14.35
C ILE P 85 -4.11 8.42 13.26
N ILE P 86 -4.78 9.21 12.42
CA ILE P 86 -4.03 9.95 11.39
C ILE P 86 -2.99 10.83 12.05
N SER P 87 -3.36 11.52 13.15
CA SER P 87 -2.34 12.40 13.76
C SER P 87 -1.13 11.57 14.26
N GLU P 88 -1.41 10.38 14.75
CA GLU P 88 -0.34 9.50 15.22
C GLU P 88 0.51 8.98 14.08
N VAL P 89 -0.09 8.74 12.92
CA VAL P 89 0.72 8.38 11.76
C VAL P 89 1.71 9.50 11.42
N LEU P 90 1.22 10.75 11.38
CA LEU P 90 2.10 11.87 11.06
C LEU P 90 3.19 12.04 12.10
N PHE P 91 2.90 11.76 13.36
CA PHE P 91 3.95 11.81 14.37
C PHE P 91 5.05 10.80 14.02
N PHE P 92 4.67 9.55 13.69
CA PHE P 92 5.72 8.58 13.33
C PHE P 92 6.40 8.99 12.06
N THR P 93 5.67 9.62 11.13
CA THR P 93 6.32 10.03 9.88
C THR P 93 7.53 10.92 10.17
N GLY P 94 7.44 11.79 11.17
CA GLY P 94 8.60 12.62 11.51
C GLY P 94 9.80 11.79 11.91
N PHE P 95 9.56 10.68 12.62
CA PHE P 95 10.73 9.86 13.01
C PHE P 95 11.24 9.08 11.83
N PHE P 96 10.35 8.60 10.95
CA PHE P 96 10.87 7.94 9.75
C PHE P 96 11.66 8.91 8.88
N TRP P 97 11.18 10.13 8.78
CA TRP P 97 11.92 11.11 8.00
C TRP P 97 13.31 11.25 8.58
N ALA P 98 13.41 11.32 9.91
CA ALA P 98 14.75 11.50 10.51
C ALA P 98 15.61 10.30 10.20
N PHE P 99 15.03 9.10 10.26
CA PHE P 99 15.78 7.90 9.96
C PHE P 99 16.29 7.91 8.52
N TYR P 100 15.40 8.17 7.54
CA TYR P 100 15.87 8.12 6.16
C TYR P 100 16.86 9.26 5.88
N HIS P 101 16.64 10.44 6.46
CA HIS P 101 17.57 11.55 6.26
C HIS P 101 18.99 11.17 6.66
N SER P 102 19.13 10.53 7.82
CA SER P 102 20.44 10.15 8.37
C SER P 102 21.04 8.98 7.62
N SER P 103 20.21 7.99 7.29
CA SER P 103 20.76 6.75 6.74
C SER P 103 21.03 6.82 5.23
N LEU P 104 20.30 7.65 4.50
CA LEU P 104 20.50 7.78 3.06
C LEU P 104 21.70 8.66 2.73
N ALA P 105 22.11 9.50 3.65
CA ALA P 105 23.26 10.40 3.46
C ALA P 105 24.22 10.35 4.64
N PRO P 106 24.83 9.20 4.92
CA PRO P 106 25.64 9.07 6.13
C PRO P 106 26.84 10.01 6.06
N THR P 107 27.05 10.74 7.14
CA THR P 107 28.06 11.79 7.21
C THR P 107 29.45 11.19 7.47
N PRO P 108 30.51 12.01 7.33
CA PRO P 108 31.87 11.46 7.55
C PRO P 108 32.09 10.97 8.96
N GLU P 109 31.43 11.56 9.94
CA GLU P 109 31.57 11.12 11.33
C GLU P 109 31.16 9.67 11.48
N LEU P 110 30.25 9.20 10.62
CA LEU P 110 29.81 7.80 10.68
C LEU P 110 30.79 6.85 10.04
N GLY P 111 31.79 7.36 9.33
CA GLY P 111 32.48 6.53 8.32
C GLY P 111 31.94 6.74 6.91
N GLY P 112 31.00 7.67 6.74
CA GLY P 112 30.38 7.86 5.44
C GLY P 112 29.63 6.66 4.93
N CYS P 113 29.17 5.77 5.82
CA CYS P 113 28.46 4.55 5.46
C CYS P 113 27.33 4.31 6.44
N TRP P 114 26.41 3.44 6.04
CA TRP P 114 25.33 2.97 6.90
C TRP P 114 25.20 1.46 6.83
N PRO P 115 25.08 0.76 7.96
CA PRO P 115 25.19 1.30 9.33
C PRO P 115 26.54 1.92 9.55
N PRO P 116 26.62 2.84 10.50
CA PRO P 116 27.91 3.49 10.83
C PRO P 116 28.96 2.46 11.19
N THR P 117 30.22 2.88 11.00
CA THR P 117 31.33 2.11 11.55
C THR P 117 31.10 1.87 13.03
N GLY P 118 31.39 0.67 13.49
CA GLY P 118 31.25 0.38 14.91
C GLY P 118 29.87 -0.06 15.33
N ILE P 119 28.87 0.03 14.46
CA ILE P 119 27.50 -0.39 14.79
C ILE P 119 27.31 -1.80 14.29
N HIS P 120 26.83 -2.70 15.16
CA HIS P 120 26.54 -4.07 14.74
C HIS P 120 25.05 -4.35 14.93
N PRO P 121 24.27 -4.15 13.89
CA PRO P 121 22.79 -4.28 14.01
C PRO P 121 22.35 -5.67 14.47
N LEU P 122 21.16 -5.71 15.08
CA LEU P 122 20.48 -7.01 15.32
C LEU P 122 20.26 -7.73 13.99
N ASN P 123 20.26 -9.06 14.02
CA ASN P 123 19.89 -9.84 12.83
C ASN P 123 18.36 -9.75 12.65
N PRO P 124 17.86 -9.16 11.56
CA PRO P 124 16.38 -9.02 11.41
C PRO P 124 15.66 -10.33 11.25
N LEU P 125 16.36 -11.43 11.00
CA LEU P 125 15.73 -12.73 10.90
C LEU P 125 15.60 -13.43 12.23
N GLU P 126 16.07 -12.81 13.32
CA GLU P 126 15.94 -13.46 14.62
C GLU P 126 14.76 -12.89 15.41
N VAL P 127 14.98 -12.22 16.53
CA VAL P 127 13.82 -11.72 17.32
C VAL P 127 13.00 -10.73 16.55
N PRO P 128 13.56 -9.82 15.72
CA PRO P 128 12.70 -8.90 14.96
C PRO P 128 11.72 -9.62 14.07
N LEU P 129 12.13 -10.73 13.46
CA LEU P 129 11.18 -11.49 12.64
C LEU P 129 10.11 -12.15 13.50
N LEU P 130 10.51 -12.72 14.64
CA LEU P 130 9.53 -13.25 15.57
C LEU P 130 8.50 -12.20 15.99
N ASN P 131 8.98 -11.00 16.34
CA ASN P 131 8.05 -9.91 16.70
C ASN P 131 7.10 -9.60 15.58
N THR P 132 7.58 -9.67 14.34
CA THR P 132 6.73 -9.40 13.19
C THR P 132 5.65 -10.46 13.09
N SER P 133 6.02 -11.71 13.27
CA SER P 133 4.99 -12.76 13.21
C SER P 133 4.02 -12.63 14.37
N VAL P 134 4.50 -12.18 15.52
CA VAL P 134 3.63 -11.98 16.69
C VAL P 134 2.56 -10.92 16.43
N LEU P 135 2.97 -9.74 15.92
CA LEU P 135 1.96 -8.70 15.73
C LEU P 135 1.07 -9.06 14.55
N LEU P 136 1.63 -9.68 13.51
CA LEU P 136 0.76 -10.06 12.39
C LEU P 136 -0.26 -11.06 12.90
N ALA P 137 0.19 -12.00 13.73
CA ALA P 137 -0.76 -13.02 14.23
C ALA P 137 -1.83 -12.36 15.09
N SER P 138 -1.45 -11.34 15.86
CA SER P 138 -2.48 -10.73 16.71
C SER P 138 -3.47 -9.91 15.87
N GLY P 139 -3.08 -9.48 14.66
CA GLY P 139 -4.08 -8.86 13.79
C GLY P 139 -5.10 -9.88 13.30
N VAL P 140 -4.67 -11.13 13.10
CA VAL P 140 -5.62 -12.19 12.74
C VAL P 140 -6.51 -12.51 13.93
N SER P 141 -5.91 -12.62 15.12
CA SER P 141 -6.75 -13.03 16.24
C SER P 141 -7.72 -11.91 16.62
N ILE P 142 -7.32 -10.64 16.49
CA ILE P 142 -8.32 -9.64 16.89
C ILE P 142 -9.46 -9.59 15.88
N THR P 143 -9.21 -10.00 14.63
CA THR P 143 -10.28 -10.04 13.64
C THR P 143 -11.22 -11.19 13.94
N TRP P 144 -10.67 -12.32 14.38
CA TRP P 144 -11.52 -13.40 14.88
C TRP P 144 -12.37 -12.89 16.06
N ALA P 145 -11.76 -12.15 16.99
CA ALA P 145 -12.59 -11.62 18.11
C ALA P 145 -13.72 -10.74 17.61
N HIS P 146 -13.42 -9.91 16.63
CA HIS P 146 -14.44 -8.99 16.13
C HIS P 146 -15.61 -9.76 15.54
N HIS P 147 -15.31 -10.73 14.68
CA HIS P 147 -16.39 -11.51 14.10
C HIS P 147 -17.15 -12.31 15.13
N SER P 148 -16.45 -12.85 16.12
CA SER P 148 -17.16 -13.58 17.16
C SER P 148 -18.13 -12.65 17.85
N LEU P 149 -17.69 -11.44 18.21
CA LEU P 149 -18.60 -10.50 18.87
C LEU P 149 -19.83 -10.22 17.99
N MET P 150 -19.60 -9.91 16.72
CA MET P 150 -20.71 -9.61 15.84
C MET P 150 -21.67 -10.78 15.73
N GLU P 151 -21.11 -11.99 15.79
CA GLU P 151 -21.93 -13.19 15.72
C GLU P 151 -22.54 -13.57 17.06
N GLY P 152 -22.34 -12.77 18.12
CA GLY P 152 -22.99 -13.08 19.38
C GLY P 152 -22.32 -14.12 20.22
N ASP P 153 -21.05 -14.44 19.93
CA ASP P 153 -20.40 -15.58 20.58
C ASP P 153 -19.48 -15.04 21.67
N ARG P 154 -19.95 -15.05 22.92
CA ARG P 154 -19.19 -14.48 24.03
C ARG P 154 -17.88 -15.25 24.28
N LYS P 155 -17.97 -16.56 24.32
CA LYS P 155 -16.80 -17.36 24.73
C LYS P 155 -15.67 -17.20 23.73
N HIS P 156 -15.99 -17.29 22.43
CA HIS P 156 -14.91 -17.18 21.44
C HIS P 156 -14.44 -15.75 21.30
N MET P 157 -15.30 -14.75 21.52
CA MET P 157 -14.77 -13.38 21.57
C MET P 157 -13.73 -13.26 22.67
N LEU P 158 -14.03 -13.78 23.85
CA LEU P 158 -13.10 -13.66 24.98
C LEU P 158 -11.80 -14.47 24.71
N GLN P 159 -11.92 -15.64 24.10
CA GLN P 159 -10.70 -16.41 23.79
C GLN P 159 -9.82 -15.67 22.80
N ALA P 160 -10.44 -15.15 21.75
CA ALA P 160 -9.65 -14.53 20.70
C ALA P 160 -9.01 -13.25 21.20
N LEU P 161 -9.79 -12.48 22.01
CA LEU P 161 -9.22 -11.25 22.55
C LEU P 161 -8.08 -11.54 23.54
N PHE P 162 -8.25 -12.60 24.35
CA PHE P 162 -7.18 -13.03 25.25
C PHE P 162 -5.89 -13.39 24.49
N ILE P 163 -6.03 -14.13 23.39
CA ILE P 163 -4.89 -14.48 22.55
C ILE P 163 -4.25 -13.22 22.01
N THR P 164 -5.09 -12.26 21.55
CA THR P 164 -4.56 -11.01 21.01
C THR P 164 -3.71 -10.28 22.06
N ILE P 165 -4.23 -10.21 23.29
CA ILE P 165 -3.53 -9.48 24.34
C ILE P 165 -2.26 -10.21 24.71
N THR P 166 -2.35 -11.55 24.76
CA THR P 166 -1.17 -12.36 25.07
C THR P 166 -0.06 -12.11 24.06
N LEU P 167 -0.42 -11.98 22.77
CA LEU P 167 0.62 -11.72 21.75
C LEU P 167 1.20 -10.32 21.95
N GLY P 168 0.35 -9.33 22.25
CA GLY P 168 0.86 -7.98 22.51
C GLY P 168 1.83 -7.97 23.68
N VAL P 169 1.50 -8.69 24.75
CA VAL P 169 2.43 -8.82 25.88
C VAL P 169 3.74 -9.52 25.47
N TYR P 170 3.64 -10.58 24.68
CA TYR P 170 4.82 -11.31 24.19
C TYR P 170 5.71 -10.38 23.38
N PHE P 171 5.12 -9.55 22.51
CA PHE P 171 5.91 -8.59 21.74
C PHE P 171 6.65 -7.69 22.71
N THR P 172 5.94 -7.19 23.73
CA THR P 172 6.53 -6.22 24.65
C THR P 172 7.68 -6.87 25.40
N LEU P 173 7.50 -8.10 25.87
CA LEU P 173 8.60 -8.75 26.60
C LEU P 173 9.76 -9.09 25.68
N LEU P 174 9.46 -9.50 24.43
CA LEU P 174 10.54 -9.74 23.47
C LEU P 174 11.33 -8.45 23.21
N GLN P 175 10.62 -7.32 23.02
CA GLN P 175 11.28 -6.04 22.77
C GLN P 175 12.06 -5.57 23.98
N ALA P 176 11.52 -5.76 25.19
CA ALA P 176 12.28 -5.42 26.40
C ALA P 176 13.58 -6.23 26.45
N SER P 177 13.50 -7.51 26.17
CA SER P 177 14.70 -8.33 26.14
C SER P 177 15.67 -7.89 25.04
N GLU P 178 15.17 -7.58 23.85
CA GLU P 178 16.08 -7.11 22.80
C GLU P 178 16.75 -5.80 23.17
N TYR P 179 16.02 -4.86 23.80
CA TYR P 179 16.66 -3.61 24.26
C TYR P 179 17.82 -3.91 25.20
N TYR P 180 17.61 -4.80 26.14
CA TYR P 180 18.69 -5.14 27.06
C TYR P 180 19.85 -5.83 26.36
N GLU P 181 19.59 -6.72 25.40
CA GLU P 181 20.69 -7.41 24.72
C GLU P 181 21.37 -6.58 23.66
N ALA P 182 20.74 -5.50 23.19
CA ALA P 182 21.32 -4.77 22.08
C ALA P 182 22.70 -4.29 22.47
N PRO P 183 23.70 -4.49 21.62
CA PRO P 183 25.05 -3.99 21.92
C PRO P 183 25.21 -2.54 21.63
N PHE P 184 24.23 -1.90 21.05
CA PHE P 184 24.25 -0.46 20.83
C PHE P 184 23.16 0.17 21.69
N THR P 185 23.30 1.46 21.91
CA THR P 185 22.48 2.18 22.87
C THR P 185 21.93 3.43 22.20
N ILE P 186 21.05 4.12 22.92
CA ILE P 186 20.49 5.36 22.39
C ILE P 186 21.58 6.40 22.21
N SER P 187 22.69 6.30 22.96
CA SER P 187 23.76 7.27 22.81
C SER P 187 24.73 6.86 21.71
N ASP P 188 24.42 5.82 20.93
CA ASP P 188 25.33 5.41 19.86
C ASP P 188 25.01 6.13 18.54
N GLY P 189 25.17 7.44 18.58
CA GLY P 189 25.03 8.32 17.45
C GLY P 189 23.62 8.29 16.92
N VAL P 190 23.50 8.64 15.64
CA VAL P 190 22.18 8.75 15.04
C VAL P 190 21.57 7.36 14.78
N TYR P 191 22.45 6.31 14.63
CA TYR P 191 21.89 4.96 14.53
C TYR P 191 21.10 4.62 15.80
N GLY P 192 21.74 4.77 16.96
CA GLY P 192 21.04 4.47 18.21
C GLY P 192 19.86 5.39 18.45
N SER P 193 20.01 6.66 18.07
CA SER P 193 18.97 7.63 18.27
C SER P 193 17.72 7.25 17.50
N THR P 194 17.87 7.05 16.20
CA THR P 194 16.69 6.70 15.41
C THR P 194 16.12 5.35 15.84
N PHE P 195 16.99 4.37 16.10
CA PHE P 195 16.51 3.04 16.48
C PHE P 195 15.67 3.12 17.76
N PHE P 196 16.24 3.69 18.82
CA PHE P 196 15.52 3.58 20.09
C PHE P 196 14.39 4.57 20.20
N VAL P 197 14.48 5.76 19.61
CA VAL P 197 13.35 6.67 19.76
C VAL P 197 12.18 6.16 18.92
N ALA P 198 12.44 5.73 17.68
CA ALA P 198 11.34 5.26 16.84
C ALA P 198 10.74 3.94 17.35
N THR P 199 11.57 2.92 17.63
CA THR P 199 10.97 1.68 18.17
C THR P 199 10.45 1.88 19.59
N GLY P 200 10.96 2.89 20.32
CA GLY P 200 10.55 3.11 21.69
C GLY P 200 9.15 3.75 21.69
N PHE P 201 8.95 4.77 20.84
CA PHE P 201 7.59 5.31 20.74
C PHE P 201 6.66 4.22 20.25
N HIS P 202 7.13 3.36 19.35
CA HIS P 202 6.23 2.27 18.90
C HIS P 202 5.89 1.33 20.09
N GLY P 203 6.91 0.94 20.85
CA GLY P 203 6.68 0.09 22.01
C GLY P 203 5.71 0.71 22.99
N LEU P 204 5.80 2.03 23.19
CA LEU P 204 4.85 2.72 24.03
C LEU P 204 3.43 2.55 23.48
N HIS P 205 3.26 2.72 22.16
CA HIS P 205 1.95 2.52 21.55
C HIS P 205 1.50 1.06 21.67
N VAL P 206 2.42 0.10 21.69
CA VAL P 206 1.99 -1.30 21.90
C VAL P 206 1.43 -1.45 23.31
N ILE P 207 2.10 -0.85 24.27
CA ILE P 207 1.59 -0.92 25.64
C ILE P 207 0.26 -0.21 25.76
N ILE P 208 0.12 0.97 25.14
CA ILE P 208 -1.17 1.69 25.14
C ILE P 208 -2.24 0.82 24.49
N GLY P 209 -1.92 0.28 23.31
CA GLY P 209 -2.89 -0.55 22.60
C GLY P 209 -3.27 -1.77 23.39
N SER P 210 -2.28 -2.43 24.01
CA SER P 210 -2.58 -3.62 24.79
C SER P 210 -3.47 -3.27 25.96
N THR P 211 -3.17 -2.15 26.61
CA THR P 211 -4.02 -1.70 27.74
C THR P 211 -5.45 -1.46 27.25
N PHE P 212 -5.59 -0.83 26.08
CA PHE P 212 -6.93 -0.60 25.56
C PHE P 212 -7.62 -1.94 25.32
N LEU P 213 -6.89 -2.92 24.79
CA LEU P 213 -7.53 -4.22 24.58
C LEU P 213 -7.90 -4.86 25.90
N ILE P 214 -7.09 -4.64 26.94
CA ILE P 214 -7.44 -5.22 28.24
C ILE P 214 -8.71 -4.58 28.81
N VAL P 215 -8.83 -3.26 28.67
CA VAL P 215 -10.09 -2.60 29.04
C VAL P 215 -11.24 -3.28 28.32
N CYS P 216 -11.11 -3.46 27.00
CA CYS P 216 -12.20 -4.12 26.27
C CYS P 216 -12.46 -5.52 26.80
N PHE P 217 -11.40 -6.25 27.14
CA PHE P 217 -11.58 -7.60 27.65
C PHE P 217 -12.45 -7.59 28.92
N PHE P 218 -12.11 -6.73 29.87
CA PHE P 218 -12.92 -6.68 31.07
C PHE P 218 -14.33 -6.17 30.81
N ARG P 219 -14.49 -5.21 29.90
CA ARG P 219 -15.85 -4.76 29.61
C ARG P 219 -16.63 -5.91 28.98
N GLN P 220 -15.96 -6.72 28.13
CA GLN P 220 -16.66 -7.86 27.54
C GLN P 220 -17.02 -8.87 28.62
N LEU P 221 -16.11 -9.11 29.56
CA LEU P 221 -16.42 -10.00 30.68
C LEU P 221 -17.69 -9.53 31.42
N LYS P 222 -17.86 -8.21 31.51
CA LYS P 222 -19.01 -7.60 32.20
C LYS P 222 -20.23 -7.39 31.31
N PHE P 223 -20.22 -7.94 30.09
CA PHE P 223 -21.31 -7.94 29.12
C PHE P 223 -21.64 -6.53 28.62
N HIS P 224 -20.67 -5.60 28.58
CA HIS P 224 -21.00 -4.25 28.13
C HIS P 224 -21.35 -4.20 26.65
N PHE P 225 -20.70 -5.01 25.83
CA PHE P 225 -20.85 -4.90 24.38
C PHE P 225 -22.06 -5.67 23.91
N THR P 226 -22.82 -5.10 22.96
CA THR P 226 -23.81 -5.91 22.25
C THR P 226 -23.21 -6.38 20.95
N SER P 227 -23.93 -7.30 20.27
CA SER P 227 -23.42 -7.82 19.00
C SER P 227 -23.40 -6.73 17.94
N ASN P 228 -24.11 -5.64 18.17
CA ASN P 228 -24.07 -4.56 17.20
C ASN P 228 -23.43 -3.28 17.68
N HIS P 229 -23.26 -3.09 18.99
CA HIS P 229 -22.82 -1.77 19.49
C HIS P 229 -21.61 -2.02 20.38
N HIS P 230 -20.43 -1.62 19.90
CA HIS P 230 -19.23 -2.01 20.64
C HIS P 230 -18.06 -1.16 20.13
N PHE P 231 -18.31 0.15 20.10
CA PHE P 231 -17.33 1.03 19.42
C PHE P 231 -15.97 1.06 20.15
N GLY P 232 -15.95 0.89 21.50
CA GLY P 232 -14.68 0.80 22.19
C GLY P 232 -13.83 -0.35 21.67
N PHE P 233 -14.47 -1.47 21.35
CA PHE P 233 -13.74 -2.61 20.75
C PHE P 233 -13.26 -2.27 19.34
N GLU P 234 -14.13 -1.62 18.53
CA GLU P 234 -13.72 -1.25 17.15
C GLU P 234 -12.56 -0.28 17.16
N ALA P 235 -12.61 0.72 18.07
CA ALA P 235 -11.52 1.69 18.18
C ALA P 235 -10.25 1.03 18.63
N ALA P 236 -10.34 0.10 19.59
CA ALA P 236 -9.11 -0.58 20.03
C ALA P 236 -8.54 -1.46 18.93
N ALA P 237 -9.40 -2.06 18.11
CA ALA P 237 -8.91 -2.85 16.97
C ALA P 237 -8.24 -1.97 15.91
N TRP P 238 -8.88 -0.84 15.59
CA TRP P 238 -8.26 0.11 14.64
C TRP P 238 -6.90 0.54 15.14
N TYR P 239 -6.83 0.91 16.42
CA TYR P 239 -5.57 1.33 17.02
C TYR P 239 -4.54 0.19 16.97
N TRP P 240 -5.00 -1.02 17.20
CA TRP P 240 -4.11 -2.19 17.15
C TRP P 240 -3.60 -2.42 15.74
N HIS P 241 -4.45 -2.30 14.71
CA HIS P 241 -3.93 -2.46 13.36
C HIS P 241 -2.92 -1.36 13.03
N PHE P 242 -3.18 -0.15 13.50
CA PHE P 242 -2.22 0.95 13.32
C PHE P 242 -0.87 0.57 13.93
N VAL P 243 -0.86 0.02 15.14
CA VAL P 243 0.39 -0.37 15.82
C VAL P 243 1.09 -1.46 15.02
N ASP P 244 0.29 -2.39 14.43
CA ASP P 244 0.86 -3.48 13.60
C ASP P 244 1.48 -2.89 12.32
N VAL P 245 0.82 -1.93 11.67
CA VAL P 245 1.35 -1.36 10.42
C VAL P 245 2.59 -0.52 10.71
N VAL P 246 2.59 0.26 11.79
CA VAL P 246 3.82 0.99 12.11
C VAL P 246 4.98 0.01 12.27
N TRP P 247 4.77 -1.08 13.03
CA TRP P 247 5.81 -2.10 13.18
C TRP P 247 6.31 -2.57 11.81
N LEU P 248 5.40 -2.90 10.87
CA LEU P 248 5.89 -3.40 9.57
C LEU P 248 6.82 -2.38 8.89
N PHE P 249 6.43 -1.11 8.93
CA PHE P 249 7.29 -0.04 8.39
C PHE P 249 8.61 0.03 9.16
N LEU P 250 8.56 -0.04 10.50
CA LEU P 250 9.84 -0.07 11.23
C LEU P 250 10.70 -1.26 10.82
N TYR P 251 10.09 -2.45 10.73
CA TYR P 251 10.85 -3.65 10.42
C TYR P 251 11.53 -3.53 9.07
N VAL P 252 10.77 -3.13 8.05
CA VAL P 252 11.34 -3.03 6.72
C VAL P 252 12.39 -1.91 6.66
N SER P 253 12.11 -0.77 7.30
CA SER P 253 12.99 0.39 7.17
C SER P 253 14.22 0.26 8.04
N ILE P 254 14.02 0.15 9.35
CA ILE P 254 15.14 0.28 10.30
C ILE P 254 15.87 -1.04 10.48
N TYR P 255 15.11 -2.10 10.68
CA TYR P 255 15.75 -3.39 10.95
C TYR P 255 16.32 -4.03 9.71
N TRP P 256 15.63 -3.94 8.58
CA TRP P 256 15.96 -4.79 7.44
C TRP P 256 16.74 -3.92 6.44
N TRP P 257 16.07 -2.95 5.80
CA TRP P 257 16.78 -2.07 4.88
C TRP P 257 17.98 -1.37 5.55
N GLY P 258 17.81 -0.94 6.81
CA GLY P 258 18.87 -0.20 7.52
C GLY P 258 19.97 -1.07 8.14
N SER P 259 19.96 -2.36 7.88
CA SER P 259 20.95 -3.25 8.56
C SER P 259 22.18 -3.41 7.72
N SER Q 1 -42.22 52.97 22.52
CA SER Q 1 -40.83 53.26 22.84
C SER Q 1 -40.02 51.99 23.16
N VAL Q 2 -40.38 51.28 24.22
CA VAL Q 2 -39.63 50.11 24.69
C VAL Q 2 -40.02 48.89 23.86
N VAL Q 3 -39.03 48.23 23.23
CA VAL Q 3 -39.25 47.10 22.33
C VAL Q 3 -38.77 45.80 22.99
N LYS Q 4 -39.23 44.66 22.44
CA LYS Q 4 -39.44 43.43 23.22
C LYS Q 4 -38.33 42.38 23.04
N SER Q 5 -38.60 41.17 23.58
CA SER Q 5 -37.63 40.14 23.97
C SER Q 5 -37.62 38.92 23.07
N GLU Q 6 -38.78 38.48 22.55
CA GLU Q 6 -38.85 37.59 21.40
C GLU Q 6 -38.73 38.35 20.09
N ASP Q 7 -38.26 39.59 20.17
CA ASP Q 7 -38.08 40.44 19.00
C ASP Q 7 -37.23 39.76 17.99
N TYR Q 8 -36.20 39.06 18.45
CA TYR Q 8 -35.32 38.42 17.52
C TYR Q 8 -36.04 37.36 16.73
N ALA Q 9 -37.17 36.81 17.26
CA ALA Q 9 -37.80 35.72 16.51
C ALA Q 9 -38.93 36.22 15.65
N LEU Q 10 -39.19 37.52 15.67
CA LEU Q 10 -40.30 38.03 14.93
C LEU Q 10 -39.81 38.91 13.80
N PRO Q 11 -40.57 39.00 12.71
CA PRO Q 11 -40.24 39.97 11.64
C PRO Q 11 -40.13 41.37 12.23
N SER Q 12 -39.19 42.18 11.70
CA SER Q 12 -38.93 43.48 12.27
C SER Q 12 -38.85 44.51 11.16
N TYR Q 13 -38.85 45.77 11.58
CA TYR Q 13 -38.75 46.87 10.64
C TYR Q 13 -37.29 47.25 10.35
N VAL Q 14 -37.01 47.61 9.11
CA VAL Q 14 -35.68 48.08 8.71
C VAL Q 14 -35.89 49.13 7.62
N ASP Q 15 -35.10 50.20 7.71
CA ASP Q 15 -35.00 51.23 6.65
C ASP Q 15 -33.71 50.91 5.90
N ARG Q 16 -33.86 50.39 4.69
CA ARG Q 16 -32.73 49.85 3.90
C ARG Q 16 -33.07 50.16 2.46
N ARG Q 17 -32.21 50.89 1.71
CA ARG Q 17 -32.66 51.30 0.38
C ARG Q 17 -32.85 50.11 -0.56
N ASP Q 18 -32.24 48.98 -0.24
CA ASP Q 18 -32.34 47.76 -1.03
C ASP Q 18 -33.36 46.81 -0.48
N TYR Q 19 -34.16 47.25 0.48
CA TYR Q 19 -35.28 46.47 1.02
C TYR Q 19 -36.38 47.49 1.25
N PRO Q 20 -36.89 48.12 0.17
CA PRO Q 20 -37.79 49.28 0.34
C PRO Q 20 -39.06 48.99 1.08
N LEU Q 21 -39.62 47.78 1.02
CA LEU Q 21 -40.89 47.49 1.67
C LEU Q 21 -40.68 46.48 2.79
N PRO Q 22 -40.42 46.94 4.01
CA PRO Q 22 -40.07 46.03 5.12
C PRO Q 22 -41.22 45.09 5.46
N ASP Q 23 -40.87 44.10 6.30
CA ASP Q 23 -41.77 43.02 6.69
C ASP Q 23 -42.95 43.48 7.54
N VAL Q 24 -42.82 44.59 8.25
CA VAL Q 24 -43.92 45.10 9.08
C VAL Q 24 -44.03 46.60 8.88
N ALA Q 25 -45.20 47.11 9.26
CA ALA Q 25 -45.42 48.54 9.30
C ALA Q 25 -44.59 49.16 10.41
N HIS Q 26 -44.10 50.35 10.13
CA HIS Q 26 -43.43 51.11 11.18
C HIS Q 26 -44.31 51.27 12.44
N VAL Q 27 -45.59 51.59 12.25
CA VAL Q 27 -46.52 51.82 13.35
C VAL Q 27 -47.48 50.63 13.40
N LYS Q 28 -47.34 49.81 14.43
CA LYS Q 28 -48.15 48.60 14.52
C LYS Q 28 -49.52 48.86 15.14
N ASN Q 29 -49.59 49.71 16.16
CA ASN Q 29 -50.81 49.93 16.94
C ASN Q 29 -51.43 51.28 16.61
N LEU Q 30 -52.58 51.24 15.96
CA LEU Q 30 -53.21 52.43 15.42
C LEU Q 30 -54.20 53.00 16.42
N SER Q 31 -54.28 54.33 16.49
CA SER Q 31 -55.31 55.04 17.23
C SER Q 31 -56.58 55.13 16.39
N ALA Q 32 -57.65 55.62 17.01
CA ALA Q 32 -58.91 55.72 16.29
C ALA Q 32 -58.79 56.70 15.13
N SER Q 33 -58.13 57.84 15.35
CA SER Q 33 -57.86 58.78 14.26
C SER Q 33 -57.07 58.09 13.14
N GLN Q 34 -56.02 57.36 13.51
CA GLN Q 34 -55.22 56.67 12.49
C GLN Q 34 -56.04 55.60 11.81
N LYS Q 35 -56.75 54.78 12.60
CA LYS Q 35 -57.62 53.76 12.03
C LYS Q 35 -58.59 54.37 11.04
N ALA Q 36 -59.12 55.56 11.36
CA ALA Q 36 -60.02 56.25 10.44
C ALA Q 36 -59.35 56.56 9.12
N LEU Q 37 -58.13 57.11 9.20
CA LEU Q 37 -57.34 57.39 8.01
C LEU Q 37 -57.15 56.15 7.14
N LYS Q 38 -56.87 55.00 7.75
CA LYS Q 38 -56.69 53.80 6.95
C LYS Q 38 -57.99 53.43 6.27
N GLU Q 39 -59.13 53.77 6.89
CA GLU Q 39 -60.38 53.58 6.17
C GLU Q 39 -60.49 54.57 5.02
N LYS Q 40 -60.19 55.85 5.27
CA LYS Q 40 -60.24 56.81 4.17
C LYS Q 40 -59.38 56.32 3.02
N GLU Q 41 -58.23 55.72 3.33
CA GLU Q 41 -57.33 55.24 2.29
C GLU Q 41 -57.98 54.25 1.35
N LYS Q 42 -59.09 53.60 1.73
CA LYS Q 42 -59.71 52.64 0.83
C LYS Q 42 -60.49 53.31 -0.27
N ALA Q 43 -60.68 54.62 -0.17
CA ALA Q 43 -61.32 55.42 -1.19
C ALA Q 43 -60.27 56.03 -2.11
N SER Q 44 -60.70 56.87 -3.05
CA SER Q 44 -59.78 57.48 -4.01
C SER Q 44 -58.70 58.28 -3.30
N TRP Q 45 -57.46 58.12 -3.73
CA TRP Q 45 -56.42 58.83 -3.02
C TRP Q 45 -56.44 60.31 -3.37
N SER Q 46 -57.09 60.67 -4.47
CA SER Q 46 -57.21 62.08 -4.82
C SER Q 46 -57.91 62.86 -3.74
N SER Q 47 -58.86 62.23 -3.02
CA SER Q 47 -59.58 62.84 -1.91
C SER Q 47 -58.74 62.96 -0.64
N LEU Q 48 -57.47 62.56 -0.66
CA LEU Q 48 -56.60 62.69 0.50
C LEU Q 48 -55.80 63.98 0.40
N SER Q 49 -55.72 64.70 1.51
CA SER Q 49 -54.89 65.89 1.58
C SER Q 49 -53.44 65.48 1.69
N ILE Q 50 -52.55 66.41 1.34
CA ILE Q 50 -51.12 66.18 1.44
C ILE Q 50 -50.76 65.75 2.86
N ASP Q 51 -51.27 66.48 3.85
CA ASP Q 51 -50.97 66.15 5.24
C ASP Q 51 -51.39 64.73 5.57
N GLU Q 52 -52.54 64.29 5.04
CA GLU Q 52 -53.02 62.95 5.28
C GLU Q 52 -52.17 61.93 4.56
N LYS Q 53 -51.75 62.24 3.33
CA LYS Q 53 -50.83 61.37 2.60
C LYS Q 53 -49.52 61.20 3.36
N VAL Q 54 -48.92 62.31 3.80
CA VAL Q 54 -47.74 62.18 4.64
C VAL Q 54 -48.04 61.31 5.85
N GLU Q 55 -49.25 61.42 6.43
CA GLU Q 55 -49.53 60.63 7.63
C GLU Q 55 -49.59 59.12 7.32
N LEU Q 56 -50.25 58.74 6.23
CA LEU Q 56 -50.23 57.34 5.83
C LEU Q 56 -48.79 56.89 5.64
N TYR Q 57 -47.96 57.72 5.02
CA TYR Q 57 -46.59 57.30 4.75
C TYR Q 57 -45.84 57.06 6.06
N ARG Q 58 -46.08 57.89 7.06
CA ARG Q 58 -45.33 57.82 8.31
C ARG Q 58 -45.84 56.71 9.23
N LEU Q 59 -47.09 56.25 9.02
CA LEU Q 59 -47.54 55.01 9.66
C LEU Q 59 -46.76 53.80 9.16
N LYS Q 60 -46.49 53.77 7.86
CA LYS Q 60 -45.88 52.59 7.23
C LYS Q 60 -44.37 52.59 7.40
N PHE Q 61 -43.76 53.73 7.19
CA PHE Q 61 -42.31 53.81 7.14
C PHE Q 61 -41.78 54.69 8.24
N LYS Q 62 -40.57 54.40 8.74
CA LYS Q 62 -39.99 55.27 9.76
C LYS Q 62 -39.32 56.47 9.11
N GLU Q 63 -38.32 56.23 8.27
CA GLU Q 63 -37.64 57.28 7.55
C GLU Q 63 -37.89 57.18 6.05
N SER Q 64 -37.92 58.34 5.38
CA SER Q 64 -37.93 58.37 3.93
C SER Q 64 -36.54 58.06 3.39
N PHE Q 65 -36.48 57.79 2.07
CA PHE Q 65 -35.19 57.51 1.44
C PHE Q 65 -34.23 58.66 1.61
N ALA Q 66 -34.72 59.89 1.44
CA ALA Q 66 -33.85 61.05 1.63
C ALA Q 66 -33.27 61.09 3.04
N GLU Q 67 -34.11 60.83 4.04
CA GLU Q 67 -33.72 60.80 5.45
C GLU Q 67 -32.73 59.68 5.73
N MET Q 68 -33.07 58.45 5.33
CA MET Q 68 -32.19 57.33 5.65
C MET Q 68 -30.85 57.45 4.95
N ASN Q 69 -30.80 58.20 3.84
CA ASN Q 69 -29.59 58.30 3.06
C ASN Q 69 -28.73 59.51 3.40
N ARG Q 70 -28.98 60.21 4.52
CA ARG Q 70 -28.29 61.47 4.82
C ARG Q 70 -26.84 61.25 5.24
N SER Q 71 -25.94 62.11 4.75
CA SER Q 71 -24.56 62.11 5.22
C SER Q 71 -24.47 62.74 6.60
N THR Q 72 -23.38 62.51 7.31
CA THR Q 72 -23.26 63.04 8.67
C THR Q 72 -21.91 63.71 8.84
N ASN Q 73 -21.73 64.35 10.01
CA ASN Q 73 -20.46 64.98 10.34
C ASN Q 73 -19.53 64.06 11.09
N GLU Q 74 -19.86 62.78 11.16
CA GLU Q 74 -19.08 61.85 11.98
C GLU Q 74 -17.59 61.80 11.58
N TRP Q 75 -17.29 61.90 10.28
CA TRP Q 75 -15.91 61.83 9.86
C TRP Q 75 -15.06 62.85 10.58
N LYS Q 76 -15.63 64.02 10.92
CA LYS Q 76 -14.85 65.07 11.59
C LYS Q 76 -14.45 64.61 12.98
N THR Q 77 -15.42 64.06 13.71
CA THR Q 77 -15.10 63.50 15.01
C THR Q 77 -14.02 62.41 14.89
N VAL Q 78 -14.19 61.49 13.93
CA VAL Q 78 -13.31 60.32 13.87
C VAL Q 78 -11.89 60.77 13.54
N VAL Q 79 -11.76 61.60 12.51
CA VAL Q 79 -10.43 62.01 12.07
C VAL Q 79 -9.75 62.87 13.14
N GLY Q 80 -10.52 63.81 13.72
CA GLY Q 80 -9.94 64.68 14.74
C GLY Q 80 -9.57 63.92 15.99
N ALA Q 81 -10.41 62.97 16.42
CA ALA Q 81 -10.06 62.21 17.62
C ALA Q 81 -8.84 61.33 17.32
N ALA Q 82 -8.83 60.69 16.14
CA ALA Q 82 -7.65 59.89 15.77
C ALA Q 82 -6.37 60.75 15.82
N MET Q 83 -6.44 61.95 15.28
CA MET Q 83 -5.25 62.80 15.35
C MET Q 83 -4.94 63.20 16.78
N PHE Q 84 -5.98 63.36 17.62
CA PHE Q 84 -5.68 63.65 19.01
C PHE Q 84 -4.88 62.53 19.66
N PHE Q 85 -5.29 61.30 19.40
CA PHE Q 85 -4.61 60.16 20.01
C PHE Q 85 -3.27 59.92 19.39
N ILE Q 86 -3.11 60.20 18.09
CA ILE Q 86 -1.77 60.11 17.53
C ILE Q 86 -0.88 61.21 18.10
N GLY Q 87 -1.46 62.40 18.32
CA GLY Q 87 -0.71 63.44 19.01
C GLY Q 87 -0.33 63.04 20.42
N PHE Q 88 -1.25 62.38 21.13
CA PHE Q 88 -0.95 61.91 22.48
C PHE Q 88 0.22 60.93 22.48
N THR Q 89 0.28 60.09 21.44
CA THR Q 89 1.40 59.15 21.32
C THR Q 89 2.75 59.87 21.31
N ALA Q 90 2.82 61.01 20.62
CA ALA Q 90 4.09 61.74 20.57
C ALA Q 90 4.49 62.20 21.97
N LEU Q 91 3.51 62.45 22.85
CA LEU Q 91 3.84 62.74 24.23
C LEU Q 91 4.55 61.57 24.87
N LEU Q 92 4.04 60.35 24.64
CA LEU Q 92 4.73 59.17 25.16
C LEU Q 92 6.13 59.06 24.62
N LEU Q 93 6.32 59.43 23.34
CA LEU Q 93 7.65 59.34 22.74
C LEU Q 93 8.60 60.38 23.33
N ILE Q 94 8.06 61.58 23.62
CA ILE Q 94 8.87 62.61 24.27
C ILE Q 94 9.30 62.12 25.65
N TRP Q 95 8.35 61.58 26.45
CA TRP Q 95 8.66 60.95 27.73
C TRP Q 95 9.77 59.90 27.60
N GLU Q 96 9.63 58.99 26.64
CA GLU Q 96 10.63 57.96 26.45
C GLU Q 96 12.00 58.55 26.17
N LYS Q 97 12.06 59.49 25.24
CA LYS Q 97 13.36 60.06 24.91
C LYS Q 97 13.98 60.77 26.12
N HIS Q 98 13.15 61.40 26.98
CA HIS Q 98 13.63 62.15 28.14
C HIS Q 98 14.11 61.21 29.24
N TYR Q 99 13.34 60.18 29.57
CA TYR Q 99 13.62 59.39 30.76
C TYR Q 99 14.17 58.00 30.52
N VAL Q 100 14.08 57.48 29.30
CA VAL Q 100 14.48 56.12 29.04
C VAL Q 100 15.77 56.07 28.24
N TYR Q 101 15.84 56.81 27.15
CA TYR Q 101 17.02 56.72 26.30
C TYR Q 101 18.19 57.57 26.85
N GLY Q 102 19.40 57.04 26.74
CA GLY Q 102 20.67 57.73 27.07
C GLY Q 102 21.26 58.24 25.78
N PRO Q 103 22.51 58.69 25.82
CA PRO Q 103 23.09 59.26 24.61
C PRO Q 103 23.35 58.17 23.59
N ILE Q 104 23.30 58.56 22.33
CA ILE Q 104 23.62 57.62 21.26
C ILE Q 104 25.15 57.58 21.13
N PRO Q 105 25.68 56.69 20.30
CA PRO Q 105 27.14 56.50 20.23
C PRO Q 105 27.84 57.74 19.68
N HIS Q 106 29.15 57.83 19.99
CA HIS Q 106 29.92 58.99 19.54
C HIS Q 106 30.05 59.08 18.02
N THR Q 107 29.76 58.00 17.28
CA THR Q 107 29.88 58.01 15.81
C THR Q 107 28.88 58.92 15.14
N PHE Q 108 27.93 59.47 15.90
CA PHE Q 108 26.95 60.41 15.36
C PHE Q 108 27.37 61.84 15.58
N GLU Q 109 28.50 62.03 16.23
CA GLU Q 109 28.93 63.41 16.41
C GLU Q 109 29.33 64.01 15.06
N GLU Q 110 29.15 65.32 14.96
CA GLU Q 110 29.28 65.96 13.66
C GLU Q 110 30.66 65.75 13.05
N GLU Q 111 31.72 65.83 13.85
CA GLU Q 111 33.06 65.69 13.27
C GLU Q 111 33.32 64.24 12.85
N TRP Q 112 32.82 63.26 13.62
CA TRP Q 112 32.92 61.85 13.22
C TRP Q 112 32.23 61.63 11.88
N VAL Q 113 31.01 62.14 11.76
CA VAL Q 113 30.25 61.96 10.54
C VAL Q 113 30.97 62.58 9.36
N ALA Q 114 31.61 63.75 9.56
CA ALA Q 114 32.31 64.36 8.45
C ALA Q 114 33.48 63.48 8.01
N LYS Q 115 34.20 62.92 8.98
CA LYS Q 115 35.31 62.04 8.65
C LYS Q 115 34.81 60.76 8.01
N GLN Q 116 33.82 60.12 8.64
CA GLN Q 116 33.23 58.89 8.09
C GLN Q 116 32.71 59.12 6.66
N THR Q 117 32.06 60.25 6.42
CA THR Q 117 31.61 60.58 5.08
C THR Q 117 32.76 60.62 4.09
N LYS Q 118 33.88 61.29 4.45
CA LYS Q 118 35.01 61.30 3.53
C LYS Q 118 35.55 59.89 3.27
N ARG Q 119 35.76 59.13 4.33
CA ARG Q 119 36.23 57.77 4.15
C ARG Q 119 35.28 56.96 3.25
N MET Q 120 33.96 57.16 3.40
CA MET Q 120 33.05 56.41 2.51
C MET Q 120 33.24 56.87 1.07
N LEU Q 121 33.50 58.16 0.84
CA LEU Q 121 33.75 58.62 -0.52
C LEU Q 121 35.07 58.09 -1.06
N ASP Q 122 36.10 57.99 -0.19
CA ASP Q 122 37.41 57.50 -0.60
C ASP Q 122 37.34 56.04 -0.98
N MET Q 123 36.47 55.27 -0.31
CA MET Q 123 36.30 53.89 -0.69
C MET Q 123 35.16 53.76 -1.67
N LYS Q 124 34.60 54.90 -2.16
CA LYS Q 124 33.65 54.93 -3.28
C LYS Q 124 32.43 54.05 -2.98
N VAL Q 125 31.93 54.18 -1.76
CA VAL Q 125 30.69 53.51 -1.36
C VAL Q 125 29.61 53.85 -2.38
N ALA Q 126 28.89 52.80 -2.87
CA ALA Q 126 27.79 53.01 -3.81
C ALA Q 126 28.13 54.02 -4.93
N PRO Q 127 29.06 53.67 -5.82
CA PRO Q 127 29.55 54.65 -6.79
C PRO Q 127 28.77 54.70 -8.08
N ILE Q 128 27.78 53.81 -8.27
CA ILE Q 128 27.01 53.86 -9.49
C ILE Q 128 25.77 54.72 -9.34
N GLN Q 129 25.13 54.66 -8.15
CA GLN Q 129 23.93 55.48 -7.94
C GLN Q 129 23.79 55.98 -6.51
N GLY Q 130 24.14 55.14 -5.53
CA GLY Q 130 23.57 55.32 -4.22
C GLY Q 130 24.19 56.45 -3.44
N PHE Q 131 25.52 56.65 -3.56
CA PHE Q 131 26.16 57.55 -2.62
C PHE Q 131 27.30 58.34 -3.29
N SER Q 132 28.39 57.65 -3.64
CA SER Q 132 29.54 58.32 -4.25
C SER Q 132 29.20 58.85 -5.62
N ALA Q 133 28.24 58.21 -6.28
CA ALA Q 133 27.70 58.74 -7.53
C ALA Q 133 27.23 60.18 -7.38
N LYS Q 134 26.90 60.60 -6.15
CA LYS Q 134 26.34 61.92 -5.90
C LYS Q 134 27.40 62.92 -5.51
N TRP Q 135 28.66 62.47 -5.45
CA TRP Q 135 29.81 63.32 -5.18
C TRP Q 135 30.53 63.60 -6.49
N ASP Q 136 30.82 64.88 -6.74
CA ASP Q 136 31.66 65.25 -7.88
C ASP Q 136 33.12 65.13 -7.47
N TYR Q 137 33.80 64.13 -7.99
CA TYR Q 137 35.15 63.87 -7.56
C TYR Q 137 36.14 64.83 -8.18
N ASP Q 138 35.74 65.54 -9.23
CA ASP Q 138 36.60 66.54 -9.86
C ASP Q 138 36.53 67.85 -9.11
N LYS Q 139 35.33 68.38 -8.96
CA LYS Q 139 35.12 69.66 -8.28
C LYS Q 139 35.16 69.55 -6.75
N ASN Q 140 35.28 68.34 -6.18
CA ASN Q 140 35.42 68.18 -4.73
C ASN Q 140 34.22 68.76 -3.97
N GLU Q 141 33.02 68.52 -4.48
CA GLU Q 141 31.77 68.94 -3.83
C GLU Q 141 30.67 67.95 -4.20
N TRP Q 142 29.53 68.08 -3.51
CA TRP Q 142 28.34 67.31 -3.87
C TRP Q 142 27.85 67.79 -5.22
N LYS Q 143 27.49 66.84 -6.08
CA LYS Q 143 27.00 67.22 -7.39
C LYS Q 143 25.72 68.01 -7.20
N LYS Q 144 25.52 69.04 -8.01
CA LYS Q 144 24.32 69.84 -7.89
C LYS Q 144 23.31 69.16 -8.78
N HIS R 1 -31.69 32.58 -21.30
CA HIS R 1 -31.65 34.03 -21.30
C HIS R 1 -32.76 34.63 -22.14
N GLU R 2 -33.52 35.50 -21.49
CA GLU R 2 -34.67 36.21 -22.04
C GLU R 2 -34.29 37.61 -22.51
N THR R 3 -35.07 38.11 -23.46
CA THR R 3 -34.92 39.49 -23.87
C THR R 3 -35.40 40.42 -22.77
N ASP R 4 -34.98 41.68 -22.87
CA ASP R 4 -35.50 42.72 -21.97
C ASP R 4 -37.02 42.72 -21.99
N GLU R 5 -37.58 42.54 -23.18
CA GLU R 5 -39.03 42.62 -23.33
C GLU R 5 -39.71 41.48 -22.58
N GLU R 6 -39.07 40.31 -22.55
CA GLU R 6 -39.65 39.16 -21.87
C GLU R 6 -39.54 39.29 -20.36
N PHE R 7 -38.40 39.78 -19.89
CA PHE R 7 -38.26 40.11 -18.49
C PHE R 7 -39.30 41.13 -18.06
N ASP R 8 -39.40 42.24 -18.80
CA ASP R 8 -40.38 43.27 -18.45
C ASP R 8 -41.77 42.68 -18.41
N ALA R 9 -42.08 41.82 -19.38
CA ALA R 9 -43.47 41.34 -19.45
C ALA R 9 -43.84 40.47 -18.25
N ARG R 10 -42.90 39.61 -17.83
CA ARG R 10 -43.10 38.75 -16.67
C ARG R 10 -43.36 39.57 -15.43
N TRP R 11 -42.62 40.69 -15.29
CA TRP R 11 -42.83 41.54 -14.13
C TRP R 11 -44.17 42.29 -14.22
N VAL R 12 -44.53 42.75 -15.42
CA VAL R 12 -45.85 43.38 -15.55
C VAL R 12 -46.93 42.38 -15.17
N THR R 13 -46.86 41.18 -15.73
CA THR R 13 -47.85 40.15 -15.38
C THR R 13 -47.88 39.93 -13.87
N TYR R 14 -46.68 39.87 -13.25
CA TYR R 14 -46.57 39.63 -11.83
C TYR R 14 -47.38 40.64 -11.05
N PHE R 15 -47.15 41.92 -11.28
CA PHE R 15 -47.83 42.92 -10.46
C PHE R 15 -49.30 43.10 -10.88
N ASN R 16 -49.65 42.65 -12.08
CA ASN R 16 -51.02 42.81 -12.58
C ASN R 16 -51.96 41.72 -12.09
N LYS R 17 -51.46 40.70 -11.40
CA LYS R 17 -52.34 39.67 -10.86
C LYS R 17 -53.42 40.32 -10.00
N PRO R 18 -54.71 40.11 -10.32
CA PRO R 18 -55.70 40.97 -9.65
C PRO R 18 -55.74 40.76 -8.14
N ASP R 19 -55.60 39.52 -7.68
CA ASP R 19 -55.62 39.22 -6.25
C ASP R 19 -54.21 39.14 -5.66
N ILE R 20 -53.23 39.87 -6.22
CA ILE R 20 -51.90 39.85 -5.62
C ILE R 20 -52.05 40.27 -4.17
N ASP R 21 -51.32 39.62 -3.27
CA ASP R 21 -51.46 40.00 -1.87
C ASP R 21 -50.30 40.88 -1.42
N ALA R 22 -50.39 41.35 -0.19
CA ALA R 22 -49.38 42.29 0.27
C ALA R 22 -47.98 41.67 0.32
N TRP R 23 -47.90 40.42 0.75
CA TRP R 23 -46.61 39.74 0.77
C TRP R 23 -46.01 39.69 -0.62
N GLU R 24 -46.83 39.36 -1.62
CA GLU R 24 -46.33 39.29 -2.98
C GLU R 24 -45.91 40.65 -3.53
N LEU R 25 -46.67 41.71 -3.20
CA LEU R 25 -46.22 43.04 -3.59
C LEU R 25 -44.84 43.34 -3.03
N ARG R 26 -44.63 43.05 -1.73
CA ARG R 26 -43.33 43.38 -1.12
C ARG R 26 -42.21 42.50 -1.70
N LYS R 27 -42.49 41.21 -1.82
CA LYS R 27 -41.54 40.28 -2.42
C LYS R 27 -41.15 40.73 -3.80
N GLY R 28 -42.15 41.14 -4.60
CA GLY R 28 -41.86 41.58 -5.95
C GLY R 28 -40.94 42.79 -5.96
N MET R 29 -41.29 43.85 -5.20
CA MET R 29 -40.47 45.07 -5.27
C MET R 29 -39.09 44.79 -4.67
N ASN R 30 -39.05 44.06 -3.56
CA ASN R 30 -37.76 43.87 -2.91
C ASN R 30 -36.85 42.99 -3.75
N THR R 31 -37.43 42.10 -4.56
CA THR R 31 -36.60 41.29 -5.47
C THR R 31 -36.12 42.14 -6.64
N LEU R 32 -37.05 42.89 -7.21
CA LEU R 32 -36.72 43.66 -8.41
C LEU R 32 -35.58 44.65 -8.18
N VAL R 33 -35.55 45.33 -7.03
CA VAL R 33 -34.50 46.34 -6.80
C VAL R 33 -33.14 45.71 -6.51
N GLY R 34 -33.04 44.38 -6.44
CA GLY R 34 -31.70 43.72 -6.40
C GLY R 34 -31.01 43.67 -7.75
N TYR R 35 -31.73 43.90 -8.84
CA TYR R 35 -31.13 43.75 -10.16
C TYR R 35 -30.42 45.03 -10.59
N ASP R 36 -29.48 44.86 -11.53
CA ASP R 36 -28.75 45.97 -12.11
C ASP R 36 -29.61 46.64 -13.19
N LEU R 37 -30.68 47.29 -12.74
CA LEU R 37 -31.56 48.04 -13.64
C LEU R 37 -32.48 48.93 -12.80
N VAL R 38 -32.98 49.99 -13.41
CA VAL R 38 -34.11 50.73 -12.89
C VAL R 38 -35.33 50.21 -13.64
N PRO R 39 -36.41 49.81 -12.96
CA PRO R 39 -37.49 49.10 -13.64
C PRO R 39 -38.16 50.02 -14.65
N GLU R 40 -38.52 49.43 -15.80
CA GLU R 40 -39.31 50.13 -16.83
C GLU R 40 -40.59 50.76 -16.24
N PRO R 41 -40.99 51.92 -16.74
CA PRO R 41 -42.25 52.51 -16.26
C PRO R 41 -43.42 51.53 -16.36
N LYS R 42 -43.47 50.67 -17.39
CA LYS R 42 -44.61 49.75 -17.47
C LYS R 42 -44.63 48.80 -16.26
N ILE R 43 -43.45 48.42 -15.75
CA ILE R 43 -43.44 47.62 -14.54
C ILE R 43 -43.91 48.44 -13.34
N ILE R 44 -43.40 49.67 -13.22
CA ILE R 44 -43.74 50.50 -12.07
C ILE R 44 -45.24 50.77 -12.07
N ASP R 45 -45.77 51.02 -13.26
CA ASP R 45 -47.20 51.23 -13.46
C ASP R 45 -48.00 50.07 -12.86
N ALA R 46 -47.66 48.84 -13.26
CA ALA R 46 -48.38 47.69 -12.71
C ALA R 46 -48.24 47.62 -11.20
N ALA R 47 -47.04 47.94 -10.67
CA ALA R 47 -46.83 47.84 -9.23
C ALA R 47 -47.64 48.89 -8.48
N LEU R 48 -47.73 50.11 -9.02
CA LEU R 48 -48.55 51.14 -8.36
C LEU R 48 -50.02 50.75 -8.37
N ARG R 49 -50.48 50.13 -9.46
CA ARG R 49 -51.87 49.69 -9.50
C ARG R 49 -52.10 48.55 -8.51
N ALA R 50 -51.11 47.68 -8.28
CA ALA R 50 -51.29 46.69 -7.25
C ALA R 50 -51.43 47.38 -5.89
N CYS R 51 -50.62 48.40 -5.63
CA CYS R 51 -50.75 49.13 -4.37
C CYS R 51 -52.17 49.63 -4.22
N ARG R 52 -52.74 50.11 -5.34
CA ARG R 52 -54.11 50.62 -5.29
C ARG R 52 -55.07 49.51 -4.91
N ARG R 53 -54.94 48.34 -5.55
CA ARG R 53 -55.84 47.23 -5.20
C ARG R 53 -55.65 46.79 -3.78
N LEU R 54 -54.45 46.96 -3.23
CA LEU R 54 -54.15 46.61 -1.85
C LEU R 54 -54.36 47.78 -0.89
N ASN R 55 -55.04 48.87 -1.33
CA ASN R 55 -55.30 50.05 -0.51
C ASN R 55 -54.07 50.50 0.26
N ASP R 56 -52.93 50.57 -0.42
CA ASP R 56 -51.68 50.86 0.25
C ASP R 56 -51.05 52.05 -0.47
N PHE R 57 -51.42 53.24 -0.04
CA PHE R 57 -50.88 54.45 -0.64
C PHE R 57 -49.38 54.63 -0.32
N ALA R 58 -49.00 54.37 0.92
CA ALA R 58 -47.63 54.63 1.33
C ALA R 58 -46.64 53.82 0.51
N SER R 59 -46.93 52.53 0.24
CA SER R 59 -45.99 51.71 -0.55
C SER R 59 -45.88 52.27 -1.97
N ALA R 60 -46.97 52.88 -2.48
CA ALA R 60 -46.87 53.51 -3.79
C ALA R 60 -45.82 54.63 -3.80
N VAL R 61 -45.80 55.44 -2.74
CA VAL R 61 -44.83 56.52 -2.64
C VAL R 61 -43.42 55.92 -2.52
N ARG R 62 -43.30 54.90 -1.67
CA ARG R 62 -42.00 54.26 -1.45
C ARG R 62 -41.44 53.72 -2.75
N ILE R 63 -42.31 53.15 -3.60
CA ILE R 63 -41.88 52.61 -4.88
C ILE R 63 -41.29 53.71 -5.76
N LEU R 64 -41.90 54.90 -5.77
CA LEU R 64 -41.29 56.00 -6.53
C LEU R 64 -39.94 56.39 -5.94
N GLU R 65 -39.82 56.34 -4.62
CA GLU R 65 -38.54 56.60 -3.99
C GLU R 65 -37.48 55.60 -4.45
N VAL R 66 -37.84 54.32 -4.48
CA VAL R 66 -36.77 53.35 -4.76
C VAL R 66 -36.39 53.41 -6.24
N VAL R 67 -37.32 53.78 -7.12
CA VAL R 67 -36.98 54.00 -8.52
C VAL R 67 -35.94 55.11 -8.63
N LYS R 68 -36.17 56.23 -7.92
CA LYS R 68 -35.19 57.30 -7.95
C LYS R 68 -33.86 56.82 -7.38
N ASP R 69 -33.93 56.07 -6.29
CA ASP R 69 -32.71 55.59 -5.64
C ASP R 69 -31.91 54.67 -6.56
N LYS R 70 -32.59 53.80 -7.30
CA LYS R 70 -31.87 52.83 -8.15
C LYS R 70 -31.10 53.49 -9.27
N ALA R 71 -31.50 54.72 -9.69
CA ALA R 71 -30.80 55.46 -10.73
C ALA R 71 -29.43 56.00 -10.28
N GLY R 72 -29.15 55.99 -8.97
CA GLY R 72 -27.91 56.53 -8.48
C GLY R 72 -27.66 57.92 -9.04
N PRO R 73 -26.49 58.14 -9.65
CA PRO R 73 -26.16 59.49 -10.11
C PRO R 73 -26.78 59.86 -11.45
N HIS R 74 -27.58 58.98 -12.04
CA HIS R 74 -28.11 59.18 -13.38
C HIS R 74 -29.44 59.91 -13.22
N LYS R 75 -29.28 61.23 -13.06
CA LYS R 75 -30.37 62.08 -12.60
C LYS R 75 -31.50 62.23 -13.62
N GLU R 76 -31.25 61.89 -14.89
CA GLU R 76 -32.28 61.99 -15.93
C GLU R 76 -33.29 60.86 -15.88
N ILE R 77 -33.04 59.80 -15.13
CA ILE R 77 -33.94 58.66 -15.21
C ILE R 77 -35.25 58.96 -14.50
N TYR R 78 -35.17 59.54 -13.31
CA TYR R 78 -36.38 59.67 -12.50
C TYR R 78 -37.35 60.65 -13.16
N PRO R 79 -36.93 61.83 -13.62
CA PRO R 79 -37.88 62.71 -14.35
C PRO R 79 -38.46 62.06 -15.59
N TYR R 80 -37.71 61.20 -16.31
CA TYR R 80 -38.32 60.46 -17.43
C TYR R 80 -39.36 59.46 -16.92
N VAL R 81 -39.03 58.71 -15.87
CA VAL R 81 -40.03 57.78 -15.35
C VAL R 81 -41.28 58.53 -14.88
N ILE R 82 -41.11 59.61 -14.12
CA ILE R 82 -42.27 60.33 -13.62
C ILE R 82 -43.09 60.87 -14.80
N GLN R 83 -42.41 61.38 -15.82
CA GLN R 83 -43.10 61.80 -17.05
C GLN R 83 -43.95 60.69 -17.62
N GLU R 84 -43.40 59.48 -17.72
CA GLU R 84 -44.11 58.34 -18.29
C GLU R 84 -45.23 57.89 -17.37
N LEU R 85 -45.11 58.10 -16.05
CA LEU R 85 -46.11 57.62 -15.10
C LEU R 85 -47.21 58.65 -14.80
N ARG R 86 -47.06 59.88 -15.29
CA ARG R 86 -47.94 60.96 -14.84
C ARG R 86 -49.42 60.67 -15.04
N PRO R 87 -49.85 60.07 -16.16
CA PRO R 87 -51.26 59.72 -16.30
C PRO R 87 -51.74 58.81 -15.20
N THR R 88 -50.98 57.77 -14.88
CA THR R 88 -51.34 56.88 -13.78
C THR R 88 -51.32 57.61 -12.44
N LEU R 89 -50.30 58.44 -12.20
CA LEU R 89 -50.27 59.16 -10.93
C LEU R 89 -51.52 60.00 -10.80
N ASN R 90 -51.93 60.62 -11.91
CA ASN R 90 -53.16 61.41 -11.91
C ASN R 90 -54.39 60.52 -11.68
N GLU R 91 -54.52 59.46 -12.47
CA GLU R 91 -55.68 58.59 -12.34
C GLU R 91 -55.88 58.07 -10.90
N LEU R 92 -54.80 57.71 -10.21
CA LEU R 92 -54.92 57.12 -8.88
C LEU R 92 -54.72 58.14 -7.76
N GLY R 93 -54.37 59.39 -8.08
CA GLY R 93 -54.09 60.36 -7.04
C GLY R 93 -52.84 60.08 -6.24
N ILE R 94 -51.77 59.59 -6.88
CA ILE R 94 -50.52 59.34 -6.17
C ILE R 94 -49.69 60.61 -6.19
N SER R 95 -49.42 61.16 -5.00
CA SER R 95 -48.48 62.25 -4.86
C SER R 95 -47.06 61.71 -4.93
N THR R 96 -46.16 62.43 -5.60
CA THR R 96 -44.76 61.99 -5.63
C THR R 96 -44.12 62.29 -4.29
N PRO R 97 -43.01 61.61 -4.00
CA PRO R 97 -42.22 61.96 -2.80
C PRO R 97 -41.92 63.44 -2.69
N GLU R 98 -41.62 64.07 -3.82
CA GLU R 98 -41.28 65.48 -3.84
C GLU R 98 -42.48 66.32 -3.47
N GLU R 99 -43.62 66.05 -4.09
CA GLU R 99 -44.87 66.72 -3.74
C GLU R 99 -45.22 66.52 -2.28
N LEU R 100 -44.81 65.42 -1.69
CA LEU R 100 -45.10 65.18 -0.29
C LEU R 100 -44.02 65.74 0.59
N GLY R 101 -43.02 66.40 0.00
CA GLY R 101 -41.91 66.86 0.79
C GLY R 101 -41.06 65.78 1.42
N LEU R 102 -41.21 64.54 1.02
CA LEU R 102 -40.43 63.45 1.61
C LEU R 102 -39.05 63.35 1.00
N ASP R 103 -38.69 64.25 0.11
CA ASP R 103 -37.41 64.25 -0.56
C ASP R 103 -36.42 65.18 0.10
N LYS R 104 -36.79 65.85 1.18
CA LYS R 104 -35.88 66.77 1.85
C LYS R 104 -35.63 66.20 3.23
N VAL R 105 -34.39 66.29 3.70
CA VAL R 105 -34.07 65.80 5.03
C VAL R 105 -34.72 66.76 6.00
N ALA S 1 -17.46 -24.46 19.98
CA ALA S 1 -18.80 -24.30 20.59
C ALA S 1 -19.82 -23.43 19.81
N SER S 2 -19.33 -22.44 19.05
CA SER S 2 -20.11 -21.43 18.30
C SER S 2 -21.39 -20.93 18.99
N GLY S 3 -21.35 -20.83 20.33
CA GLY S 3 -22.51 -20.53 21.15
C GLY S 3 -22.89 -19.07 21.19
N GLY S 4 -23.56 -18.65 22.27
CA GLY S 4 -24.15 -17.30 22.41
C GLY S 4 -23.64 -16.47 23.58
N GLY S 5 -24.51 -15.74 24.32
CA GLY S 5 -24.07 -14.97 25.49
C GLY S 5 -23.72 -13.50 25.30
N VAL S 6 -23.88 -12.96 24.10
CA VAL S 6 -23.64 -11.54 23.84
C VAL S 6 -25.01 -10.87 23.80
N PRO S 7 -25.28 -9.88 24.65
CA PRO S 7 -26.61 -9.21 24.61
C PRO S 7 -26.82 -8.57 23.24
N THR S 8 -28.07 -8.40 22.87
CA THR S 8 -28.40 -7.64 21.65
C THR S 8 -28.79 -6.22 22.03
N ASP S 9 -28.83 -5.35 21.02
CA ASP S 9 -29.36 -3.99 21.28
C ASP S 9 -30.79 -4.05 21.78
N GLU S 10 -31.60 -4.92 21.16
CA GLU S 10 -33.00 -5.04 21.58
C GLU S 10 -33.09 -5.40 23.05
N GLU S 11 -32.14 -6.18 23.55
CA GLU S 11 -32.18 -6.57 24.95
C GLU S 11 -31.64 -5.49 25.87
N GLN S 12 -30.63 -4.75 25.43
CA GLN S 12 -29.83 -4.00 26.39
C GLN S 12 -29.64 -2.49 26.07
N ALA S 13 -29.95 -2.04 24.88
CA ALA S 13 -29.88 -0.60 24.65
C ALA S 13 -30.80 0.14 25.61
N THR S 14 -30.39 1.33 26.01
CA THR S 14 -31.19 2.07 26.97
C THR S 14 -31.23 3.57 26.61
N GLY S 15 -31.94 4.36 27.46
CA GLY S 15 -31.90 5.80 27.28
C GLY S 15 -32.23 6.22 25.84
N LEU S 16 -31.55 7.26 25.38
CA LEU S 16 -31.91 7.84 24.08
C LEU S 16 -31.62 6.88 22.93
N GLU S 17 -30.52 6.14 23.05
CA GLU S 17 -30.22 5.13 22.04
C GLU S 17 -31.41 4.20 21.80
N ARG S 18 -32.02 3.73 22.91
CA ARG S 18 -33.17 2.85 22.77
C ARG S 18 -34.38 3.59 22.17
N GLU S 19 -34.63 4.84 22.59
CA GLU S 19 -35.76 5.58 21.98
C GLU S 19 -35.57 5.70 20.48
N VAL S 20 -34.32 6.01 20.02
CA VAL S 20 -34.09 6.17 18.59
C VAL S 20 -34.34 4.84 17.87
N MET S 21 -33.87 3.76 18.48
CA MET S 21 -34.03 2.43 17.91
C MET S 21 -35.52 2.09 17.78
N LEU S 22 -36.27 2.34 18.84
CA LEU S 22 -37.71 2.04 18.82
C LEU S 22 -38.47 2.92 17.83
N ALA S 23 -38.15 4.20 17.78
CA ALA S 23 -38.84 5.05 16.81
C ALA S 23 -38.54 4.61 15.40
N ALA S 24 -37.28 4.20 15.13
CA ALA S 24 -36.91 3.76 13.78
C ALA S 24 -37.73 2.54 13.37
N ARG S 25 -37.99 1.63 14.31
CA ARG S 25 -38.84 0.46 14.04
C ARG S 25 -40.22 0.86 13.53
N LYS S 26 -40.80 1.89 14.13
CA LYS S 26 -42.13 2.40 13.79
C LYS S 26 -42.11 3.35 12.61
N GLY S 27 -40.96 3.54 11.98
CA GLY S 27 -40.74 4.53 10.92
C GLY S 27 -40.95 5.99 11.30
N GLN S 28 -40.73 6.36 12.55
CA GLN S 28 -40.87 7.75 12.98
C GLN S 28 -39.49 8.34 13.21
N ASP S 29 -39.40 9.67 13.15
CA ASP S 29 -38.12 10.37 13.31
C ASP S 29 -38.22 11.49 14.32
N PRO S 30 -38.49 11.18 15.58
CA PRO S 30 -38.66 12.25 16.58
C PRO S 30 -37.36 13.00 16.85
N TYR S 31 -36.21 12.36 16.60
CA TYR S 31 -34.93 13.01 16.90
C TYR S 31 -34.27 13.55 15.66
N ASN S 32 -35.03 13.74 14.58
CA ASN S 32 -34.55 14.59 13.47
C ASN S 32 -33.28 14.06 12.83
N ILE S 33 -33.20 12.74 12.70
CA ILE S 33 -32.07 12.08 12.09
C ILE S 33 -32.12 12.15 10.55
N LEU S 34 -33.30 12.22 9.97
CA LEU S 34 -33.46 12.21 8.53
C LEU S 34 -33.81 13.58 7.98
N ALA S 35 -33.46 13.81 6.75
CA ALA S 35 -33.89 15.07 6.16
C ALA S 35 -35.31 14.92 5.64
N PRO S 36 -36.23 15.83 5.96
CA PRO S 36 -37.61 15.69 5.43
C PRO S 36 -37.63 15.97 3.94
N LYS S 37 -38.56 15.34 3.24
CA LYS S 37 -38.70 15.56 1.80
C LYS S 37 -39.77 16.64 1.60
N ALA S 38 -39.50 17.58 0.70
CA ALA S 38 -40.40 18.71 0.52
C ALA S 38 -41.69 18.28 -0.14
N THR S 39 -42.77 19.02 0.14
CA THR S 39 -44.00 18.91 -0.63
C THR S 39 -43.84 19.83 -1.83
N SER S 40 -44.94 20.08 -2.55
CA SER S 40 -44.85 21.08 -3.62
C SER S 40 -44.67 22.50 -3.06
N GLY S 41 -44.99 22.73 -1.77
CA GLY S 41 -44.82 24.02 -1.14
C GLY S 41 -45.83 25.07 -1.53
N THR S 42 -46.91 24.71 -2.22
CA THR S 42 -47.92 25.71 -2.51
C THR S 42 -48.67 26.07 -1.26
N LYS S 43 -49.52 27.10 -1.39
CA LYS S 43 -50.44 27.42 -0.30
C LYS S 43 -51.36 26.24 0.06
N GLU S 44 -51.74 25.43 -0.92
CA GLU S 44 -52.63 24.28 -0.70
C GLU S 44 -51.90 23.07 -0.16
N ASP S 45 -50.58 23.02 -0.38
CA ASP S 45 -49.76 21.85 -0.08
C ASP S 45 -48.48 22.31 0.60
N PRO S 46 -48.59 23.02 1.72
CA PRO S 46 -47.38 23.62 2.31
C PRO S 46 -46.49 22.53 2.88
N ASN S 47 -45.21 22.86 3.04
CA ASN S 47 -44.32 21.94 3.73
C ASN S 47 -44.75 21.91 5.18
N LEU S 48 -44.86 20.74 5.78
CA LEU S 48 -45.40 20.66 7.13
C LEU S 48 -44.23 20.50 8.11
N VAL S 49 -44.07 21.46 9.03
CA VAL S 49 -42.86 21.54 9.86
C VAL S 49 -43.25 21.18 11.29
N PRO S 50 -42.89 19.99 11.78
CA PRO S 50 -43.21 19.63 13.17
C PRO S 50 -42.39 20.45 14.16
N SER S 51 -43.00 20.72 15.31
CA SER S 51 -42.24 21.33 16.40
C SER S 51 -42.86 20.87 17.71
N ILE S 52 -41.99 20.74 18.73
CA ILE S 52 -42.50 20.61 20.10
C ILE S 52 -42.98 21.89 20.72
N THR S 53 -42.80 23.03 20.02
CA THR S 53 -43.19 24.31 20.62
C THR S 53 -43.89 25.14 19.54
N ASN S 54 -43.90 26.45 19.66
CA ASN S 54 -44.73 27.29 18.81
C ASN S 54 -43.95 28.03 17.76
N LYS S 55 -42.65 27.73 17.62
CA LYS S 55 -41.89 28.31 16.53
C LYS S 55 -40.66 27.45 16.33
N ARG S 56 -40.18 27.40 15.12
CA ARG S 56 -38.96 26.61 14.83
C ARG S 56 -38.24 27.26 13.69
N ILE S 57 -36.89 27.16 13.70
CA ILE S 57 -36.17 27.78 12.62
C ILE S 57 -36.22 26.87 11.42
N VAL S 58 -36.54 27.45 10.27
CA VAL S 58 -36.52 26.73 9.01
C VAL S 58 -35.31 27.21 8.24
N GLY S 59 -34.57 26.30 7.61
CA GLY S 59 -33.67 26.73 6.55
C GLY S 59 -34.19 26.26 5.21
N CYS S 60 -34.22 27.18 4.23
CA CYS S 60 -34.73 26.85 2.91
C CYS S 60 -33.62 26.83 1.87
N ILE S 61 -33.37 25.67 1.28
CA ILE S 61 -32.44 25.56 0.16
C ILE S 61 -33.33 25.70 -1.06
N CYS S 62 -33.39 26.91 -1.64
CA CYS S 62 -34.57 27.23 -2.50
C CYS S 62 -34.56 26.41 -3.80
N GLU S 63 -33.37 26.19 -4.34
CA GLU S 63 -33.14 25.34 -5.49
C GLU S 63 -32.01 24.40 -5.18
N GLU S 64 -32.08 23.25 -5.80
CA GLU S 64 -31.15 22.18 -5.58
C GLU S 64 -29.78 22.72 -5.95
N ASP S 65 -28.84 22.47 -5.10
CA ASP S 65 -27.46 22.88 -5.29
C ASP S 65 -27.20 24.36 -4.94
N ASN S 66 -28.21 25.20 -4.61
CA ASN S 66 -27.89 26.49 -3.97
C ASN S 66 -26.93 26.26 -2.80
N SER S 67 -25.88 27.09 -2.70
CA SER S 67 -25.07 27.02 -1.50
C SER S 67 -25.61 27.92 -0.37
N THR S 68 -26.41 28.93 -0.70
CA THR S 68 -26.93 29.87 0.30
C THR S 68 -28.20 29.28 0.91
N VAL S 69 -28.23 29.09 2.25
CA VAL S 69 -29.47 28.62 2.90
C VAL S 69 -30.16 29.84 3.47
N ILE S 70 -31.50 29.89 3.35
CA ILE S 70 -32.30 31.04 3.81
C ILE S 70 -32.97 30.63 5.11
N TRP S 71 -32.69 31.37 6.19
CA TRP S 71 -33.10 30.96 7.55
C TRP S 71 -34.14 31.89 8.12
N PHE S 72 -35.15 31.32 8.76
CA PHE S 72 -36.14 32.20 9.39
C PHE S 72 -36.93 31.39 10.40
N TRP S 73 -37.45 32.11 11.41
CA TRP S 73 -38.35 31.47 12.36
C TRP S 73 -39.72 31.27 11.70
N LEU S 74 -40.19 30.03 11.74
CA LEU S 74 -41.59 29.71 11.39
C LEU S 74 -42.45 29.64 12.66
N HIS S 75 -43.52 30.45 12.71
CA HIS S 75 -44.39 30.50 13.87
C HIS S 75 -45.67 29.71 13.63
N LYS S 76 -46.26 29.24 14.73
CA LYS S 76 -47.58 28.61 14.70
C LYS S 76 -48.56 29.58 14.04
N GLY S 77 -49.53 29.06 13.30
CA GLY S 77 -50.59 29.88 12.72
C GLY S 77 -50.58 29.77 11.23
N GLU S 78 -50.94 30.87 10.55
CA GLU S 78 -51.01 30.85 9.11
C GLU S 78 -49.64 30.48 8.55
N ALA S 79 -49.63 29.66 7.50
CA ALA S 79 -48.37 29.31 6.84
C ALA S 79 -47.60 30.58 6.48
N GLN S 80 -46.27 30.47 6.53
CA GLN S 80 -45.39 31.54 6.11
C GLN S 80 -44.65 31.08 4.85
N ARG S 81 -44.02 32.05 4.18
CA ARG S 81 -43.30 31.75 2.94
C ARG S 81 -41.82 32.08 3.07
N CYS S 82 -40.98 31.31 2.41
CA CYS S 82 -39.57 31.65 2.35
C CYS S 82 -39.38 33.04 1.74
N PRO S 83 -38.60 33.92 2.37
CA PRO S 83 -38.42 35.28 1.84
C PRO S 83 -37.61 35.31 0.58
N SER S 84 -36.98 34.21 0.22
CA SER S 84 -36.28 34.14 -1.04
C SER S 84 -37.13 33.54 -2.16
N CYS S 85 -37.69 32.35 -1.99
CA CYS S 85 -38.38 31.69 -3.09
C CYS S 85 -39.90 31.65 -2.91
N GLY S 86 -40.40 32.08 -1.76
CA GLY S 86 -41.85 32.04 -1.51
C GLY S 86 -42.47 30.68 -1.23
N THR S 87 -41.71 29.59 -1.16
CA THR S 87 -42.38 28.33 -0.86
C THR S 87 -42.94 28.36 0.56
N HIS S 88 -44.06 27.65 0.73
CA HIS S 88 -44.86 27.78 1.93
C HIS S 88 -44.49 26.73 2.96
N TYR S 89 -44.52 27.13 4.22
CA TYR S 89 -44.23 26.26 5.34
C TYR S 89 -45.25 26.51 6.41
N LYS S 90 -45.72 25.43 7.03
CA LYS S 90 -46.77 25.48 8.04
C LYS S 90 -46.31 24.71 9.27
N LEU S 91 -46.32 25.35 10.42
CA LEU S 91 -45.89 24.67 11.65
C LEU S 91 -46.97 23.69 12.11
N VAL S 92 -46.56 22.49 12.49
CA VAL S 92 -47.53 21.53 13.02
C VAL S 92 -47.01 21.17 14.41
N PRO S 93 -47.44 21.86 15.51
CA PRO S 93 -46.97 21.41 16.82
C PRO S 93 -47.26 19.92 17.12
N HIS S 94 -46.15 19.17 17.42
CA HIS S 94 -45.81 18.27 18.58
C HIS S 94 -46.48 16.90 18.72
N ALA T 1 -2.26 -11.35 -5.36
CA ALA T 1 -1.88 -10.71 -4.12
C ALA T 1 -2.82 -11.16 -2.98
N SER T 2 -3.02 -12.49 -2.85
CA SER T 2 -3.91 -13.03 -1.82
C SER T 2 -3.43 -14.38 -1.28
N ALA T 3 -2.11 -14.63 -1.30
CA ALA T 3 -1.51 -15.90 -0.86
C ALA T 3 -2.06 -17.08 -1.65
N ALA T 4 -1.67 -18.32 -1.28
CA ALA T 4 -2.20 -19.52 -1.92
C ALA T 4 -3.29 -20.23 -1.11
N LYS T 5 -4.00 -19.52 -0.24
CA LYS T 5 -5.01 -20.17 0.60
C LYS T 5 -6.30 -20.37 -0.23
N GLY T 6 -7.48 -19.83 0.20
CA GLY T 6 -8.67 -19.62 -0.66
C GLY T 6 -10.07 -20.04 -0.22
N ASP T 7 -10.73 -19.37 0.85
CA ASP T 7 -11.95 -19.93 1.54
C ASP T 7 -13.01 -18.90 2.00
N HIS T 8 -13.80 -18.37 1.07
CA HIS T 8 -14.87 -17.46 1.47
C HIS T 8 -16.25 -18.02 1.14
N GLY T 9 -17.23 -17.14 1.03
CA GLY T 9 -18.61 -17.53 0.77
C GLY T 9 -19.54 -16.77 1.68
N GLY T 10 -18.94 -15.90 2.50
CA GLY T 10 -19.58 -15.23 3.61
C GLY T 10 -18.66 -15.30 4.81
N THR T 11 -17.68 -14.38 4.89
CA THR T 11 -16.58 -14.40 5.85
C THR T 11 -17.12 -14.59 7.26
N GLY T 12 -16.30 -15.10 8.18
CA GLY T 12 -16.86 -15.13 9.52
C GLY T 12 -15.89 -15.51 10.62
N ALA T 13 -16.45 -15.64 11.80
CA ALA T 13 -15.62 -15.99 12.94
C ALA T 13 -14.96 -17.33 12.74
N ARG T 14 -15.69 -18.31 12.19
CA ARG T 14 -15.06 -19.62 12.00
C ARG T 14 -13.84 -19.56 11.12
N THR T 15 -13.91 -18.80 10.01
CA THR T 15 -12.76 -18.64 9.12
C THR T 15 -11.61 -17.92 9.80
N TRP T 16 -11.91 -16.87 10.58
CA TRP T 16 -10.79 -16.18 11.21
C TRP T 16 -10.21 -16.99 12.35
N ARG T 17 -10.99 -17.79 13.05
CA ARG T 17 -10.38 -18.71 14.01
C ARG T 17 -9.50 -19.74 13.27
N PHE T 18 -9.98 -20.24 12.14
CA PHE T 18 -9.18 -21.19 11.34
C PHE T 18 -7.82 -20.54 10.97
N LEU T 19 -7.82 -19.30 10.48
CA LEU T 19 -6.56 -18.59 10.19
C LEU T 19 -5.70 -18.43 11.44
N THR T 20 -6.34 -18.10 12.56
CA THR T 20 -5.59 -17.87 13.80
C THR T 20 -4.84 -19.11 14.22
N PHE T 21 -5.53 -20.25 14.30
CA PHE T 21 -4.86 -21.47 14.73
C PHE T 21 -4.15 -22.23 13.62
N GLY T 22 -4.52 -22.02 12.35
CA GLY T 22 -4.01 -22.88 11.27
C GLY T 22 -2.85 -22.21 10.54
N LEU T 23 -2.74 -20.88 10.65
CA LEU T 23 -1.65 -20.16 9.98
C LEU T 23 -0.89 -19.27 10.96
N ALA T 24 -1.63 -18.42 11.69
CA ALA T 24 -0.96 -17.34 12.45
C ALA T 24 -0.14 -17.91 13.58
N LEU T 25 -0.75 -18.71 14.42
CA LEU T 25 -0.03 -19.22 15.59
C LEU T 25 1.03 -20.25 15.17
N PRO T 26 0.79 -21.08 14.15
CA PRO T 26 1.92 -21.90 13.64
C PRO T 26 3.10 -21.04 13.21
N SER T 27 2.87 -19.92 12.50
CA SER T 27 3.97 -19.05 12.13
C SER T 27 4.73 -18.57 13.34
N VAL T 28 4.00 -18.15 14.39
CA VAL T 28 4.66 -17.70 15.61
C VAL T 28 5.49 -18.82 16.19
N ALA T 29 4.92 -20.04 16.19
CA ALA T 29 5.66 -21.20 16.71
C ALA T 29 6.93 -21.41 15.94
N LEU T 30 6.85 -21.28 14.61
CA LEU T 30 8.06 -21.52 13.80
C LEU T 30 9.09 -20.42 13.99
N CYS T 31 8.66 -19.15 13.99
CA CYS T 31 9.66 -18.10 14.27
C CYS T 31 10.21 -18.19 15.68
N THR T 32 9.42 -18.68 16.64
CA THR T 32 9.92 -18.86 17.99
C THR T 32 11.03 -19.92 18.01
N LEU T 33 10.81 -21.04 17.31
CA LEU T 33 11.88 -22.05 17.11
C LEU T 33 13.13 -21.45 16.45
N ASN T 34 12.95 -20.90 15.25
CA ASN T 34 14.05 -20.19 14.58
C ASN T 34 14.81 -19.33 15.56
N SER T 35 14.09 -18.50 16.29
CA SER T 35 14.75 -17.54 17.18
C SER T 35 15.51 -18.26 18.30
N TRP T 36 14.88 -19.28 18.91
CA TRP T 36 15.48 -20.01 20.02
C TRP T 36 16.31 -21.20 19.56
N LEU T 37 16.86 -21.06 18.35
CA LEU T 37 18.03 -21.75 17.82
C LEU T 37 19.19 -20.78 17.63
N HIS T 38 18.96 -19.66 16.96
CA HIS T 38 19.98 -18.63 16.77
C HIS T 38 20.19 -17.75 18.00
N SER T 39 19.82 -18.25 19.19
CA SER T 39 20.09 -17.59 20.45
C SER T 39 21.32 -18.25 21.08
N GLY T 40 21.99 -17.47 21.92
CA GLY T 40 23.33 -17.80 22.32
C GLY T 40 24.17 -16.61 21.97
N HIS T 41 25.20 -16.33 22.78
CA HIS T 41 25.88 -15.04 22.73
C HIS T 41 27.03 -15.06 21.72
N ARG T 42 27.17 -13.93 21.02
CA ARG T 42 28.25 -13.73 20.06
C ARG T 42 29.47 -13.16 20.76
N GLU T 43 30.64 -13.41 20.17
CA GLU T 43 31.83 -12.69 20.60
C GLU T 43 31.55 -11.19 20.58
N ARG T 44 31.75 -10.53 21.71
CA ARG T 44 31.69 -9.08 21.70
C ARG T 44 32.94 -8.52 21.03
N PRO T 45 32.80 -7.42 20.32
CA PRO T 45 33.90 -6.92 19.49
C PRO T 45 34.89 -6.12 20.32
N ALA T 46 36.15 -6.09 19.85
CA ALA T 46 37.12 -5.19 20.45
C ALA T 46 36.48 -3.82 20.68
N PHE T 47 36.82 -3.18 21.80
CA PHE T 47 36.38 -1.81 22.04
C PHE T 47 37.27 -0.86 21.25
N ILE T 48 36.63 0.07 20.55
CA ILE T 48 37.31 1.18 19.91
C ILE T 48 36.54 2.44 20.31
N PRO T 49 37.21 3.46 20.93
CA PRO T 49 36.50 4.66 21.45
C PRO T 49 36.15 5.65 20.33
N TYR T 50 35.37 5.16 19.35
CA TYR T 50 34.84 6.00 18.28
C TYR T 50 34.08 7.19 18.84
N HIS T 51 34.31 8.36 18.27
CA HIS T 51 33.77 9.61 18.77
C HIS T 51 32.34 9.82 18.33
N HIS T 52 31.86 9.00 17.40
CA HIS T 52 30.44 9.13 17.06
C HIS T 52 29.57 8.17 17.84
N LEU T 53 30.13 7.42 18.78
CA LEU T 53 29.37 6.46 19.58
C LEU T 53 29.58 6.79 21.04
N ARG T 54 28.82 6.18 21.94
CA ARG T 54 28.92 6.47 23.37
C ARG T 54 28.90 8.00 23.63
N ILE T 55 27.95 8.67 22.96
CA ILE T 55 27.86 10.13 23.05
C ILE T 55 27.52 10.55 24.48
N ARG T 56 28.18 11.61 24.97
CA ARG T 56 27.88 12.20 26.28
C ARG T 56 27.98 13.72 26.14
N THR T 57 26.85 14.37 25.85
CA THR T 57 26.83 15.82 25.92
C THR T 57 26.20 16.31 27.22
N LYS T 58 25.47 15.47 27.94
CA LYS T 58 24.91 15.87 29.23
C LYS T 58 24.78 14.58 29.99
N PRO T 59 25.00 14.57 31.31
CA PRO T 59 24.87 13.28 32.04
C PRO T 59 23.42 12.81 32.04
N PHE T 60 23.23 11.48 31.96
CA PHE T 60 21.87 10.96 32.12
C PHE T 60 21.32 11.26 33.50
N SER T 61 19.99 11.42 33.59
CA SER T 61 19.34 11.80 34.85
C SER T 61 19.07 10.61 35.79
N TRP T 62 19.93 9.60 35.76
CA TRP T 62 19.81 8.46 36.64
C TRP T 62 21.20 7.89 36.86
N GLY T 63 21.32 7.01 37.86
CA GLY T 63 22.59 6.35 38.18
C GLY T 63 23.72 7.32 38.33
N ASP T 64 24.89 6.99 37.75
CA ASP T 64 26.05 7.88 37.84
C ASP T 64 26.13 8.84 36.67
N GLY T 65 25.06 8.94 35.87
CA GLY T 65 25.06 9.83 34.76
C GLY T 65 25.71 9.31 33.51
N ASN T 66 26.38 8.17 33.57
CA ASN T 66 27.20 7.68 32.47
C ASN T 66 26.77 6.32 31.95
N HIS T 67 25.68 5.78 32.48
CA HIS T 67 25.14 4.50 32.06
C HIS T 67 23.82 4.73 31.34
N THR T 68 23.65 4.08 30.19
CA THR T 68 22.35 4.18 29.51
C THR T 68 21.28 3.40 30.28
N PHE T 69 20.02 3.66 29.92
CA PHE T 69 18.89 3.25 30.76
C PHE T 69 18.79 1.74 30.90
N PHE T 70 19.06 1.00 29.83
CA PHE T 70 19.05 -0.46 29.77
C PHE T 70 20.48 -0.98 29.49
N HIS T 71 21.44 -0.32 30.13
CA HIS T 71 22.83 -0.70 30.06
C HIS T 71 23.01 -2.18 30.34
N ASN T 72 23.72 -2.86 29.47
CA ASN T 72 24.05 -4.26 29.67
C ASN T 72 25.56 -4.38 29.77
N PRO T 73 26.12 -4.67 30.93
CA PRO T 73 27.60 -4.66 31.08
C PRO T 73 28.29 -5.61 30.14
N ARG T 74 27.63 -6.70 29.76
CA ARG T 74 28.30 -7.66 28.91
C ARG T 74 28.51 -7.11 27.51
N VAL T 75 27.62 -6.23 27.01
CA VAL T 75 27.74 -5.83 25.61
C VAL T 75 27.75 -4.31 25.39
N ASN T 76 27.54 -3.53 26.42
CA ASN T 76 27.53 -2.07 26.25
C ASN T 76 28.77 -1.48 26.95
N PRO T 77 29.81 -1.10 26.22
CA PRO T 77 30.97 -0.43 26.85
C PRO T 77 30.62 1.01 27.19
N LEU T 78 31.27 1.53 28.23
CA LEU T 78 31.18 2.93 28.55
C LEU T 78 32.11 3.72 27.61
N PRO T 79 32.06 5.06 27.64
CA PRO T 79 33.01 5.84 26.81
C PRO T 79 34.47 5.40 26.99
N THR T 80 34.81 4.92 28.18
CA THR T 80 36.20 4.44 28.44
C THR T 80 36.39 2.95 28.24
N GLY T 81 35.38 2.22 27.85
CA GLY T 81 35.50 0.83 27.46
C GLY T 81 34.56 -0.06 28.27
N TYR T 82 34.75 -1.38 28.11
CA TYR T 82 33.91 -2.31 28.85
C TYR T 82 34.21 -2.26 30.33
N GLU T 83 33.19 -2.55 31.14
CA GLU T 83 33.31 -2.56 32.59
C GLU T 83 33.90 -3.87 33.13
N LYS T 84 34.49 -3.78 34.33
CA LYS T 84 35.21 -4.90 35.01
C LYS T 84 34.40 -6.18 35.31
N LYS U 1 55.35 15.25 -13.08
CA LYS U 1 55.32 16.41 -12.20
C LYS U 1 54.35 17.44 -12.78
N ILE U 2 53.19 16.97 -13.24
CA ILE U 2 52.18 17.81 -13.86
C ILE U 2 51.48 18.61 -12.77
N LYS U 3 51.68 19.93 -12.76
CA LYS U 3 51.11 20.74 -11.70
C LYS U 3 50.47 21.98 -12.28
N ASN U 4 51.12 23.13 -12.12
CA ASN U 4 50.48 24.43 -12.37
C ASN U 4 49.19 24.52 -11.53
N TYR U 5 49.17 23.87 -10.36
CA TYR U 5 47.96 23.78 -9.54
C TYR U 5 47.63 25.13 -8.95
N GLN U 6 46.38 25.58 -9.15
CA GLN U 6 45.93 26.82 -8.53
C GLN U 6 44.96 26.52 -7.39
N THR U 7 43.82 25.94 -7.70
CA THR U 7 42.94 25.44 -6.64
C THR U 7 42.22 24.22 -7.19
N ALA U 8 41.37 23.64 -6.37
CA ALA U 8 40.71 22.42 -6.79
C ALA U 8 39.74 22.73 -7.91
N PRO U 9 39.79 22.00 -9.01
CA PRO U 9 38.81 22.20 -10.09
C PRO U 9 37.42 21.69 -9.74
N PHE U 10 36.43 22.13 -10.51
CA PHE U 10 35.08 21.58 -10.47
C PHE U 10 35.19 20.06 -10.64
N ASP U 11 34.40 19.35 -9.86
CA ASP U 11 34.39 17.88 -9.90
C ASP U 11 32.94 17.47 -10.11
N SER U 12 32.65 16.84 -11.25
CA SER U 12 31.27 16.53 -11.55
C SER U 12 30.67 15.55 -10.54
N ARG U 13 31.52 14.84 -9.78
CA ARG U 13 30.97 14.03 -8.71
C ARG U 13 30.31 14.83 -7.59
N PHE U 14 30.70 16.10 -7.46
CA PHE U 14 30.27 16.95 -6.34
C PHE U 14 29.85 18.31 -6.89
N PRO U 15 28.72 18.37 -7.58
CA PRO U 15 28.37 19.60 -8.31
C PRO U 15 27.52 20.59 -7.54
N ASN U 16 27.15 20.28 -6.31
CA ASN U 16 26.19 21.11 -5.60
C ASN U 16 26.83 21.91 -4.48
N GLN U 17 26.00 22.66 -3.75
CA GLN U 17 26.52 23.62 -2.77
C GLN U 17 27.18 22.92 -1.61
N ASN U 18 26.68 21.75 -1.24
CA ASN U 18 27.29 20.97 -0.17
C ASN U 18 28.53 20.25 -0.67
N GLN U 19 29.70 20.70 -0.22
CA GLN U 19 30.98 20.20 -0.71
C GLN U 19 31.64 19.29 0.31
N THR U 20 30.90 18.90 1.36
CA THR U 20 31.49 18.12 2.43
C THR U 20 32.11 16.84 1.89
N ARG U 21 31.34 16.10 1.07
CA ARG U 21 31.84 14.81 0.59
C ARG U 21 33.07 14.95 -0.33
N ASN U 22 33.18 16.09 -1.03
CA ASN U 22 34.36 16.32 -1.87
C ASN U 22 35.63 16.44 -1.00
N CYS U 23 35.54 17.20 0.09
CA CYS U 23 36.64 17.26 1.04
C CYS U 23 36.96 15.88 1.62
N TRP U 24 35.91 15.14 2.05
CA TRP U 24 36.08 13.83 2.66
C TRP U 24 36.73 12.85 1.68
N GLN U 25 36.22 12.80 0.44
CA GLN U 25 36.70 11.83 -0.54
C GLN U 25 38.17 12.05 -0.86
N ASN U 26 38.56 13.33 -1.02
CA ASN U 26 39.96 13.53 -1.37
C ASN U 26 40.85 13.25 -0.17
N TYR U 27 40.34 13.50 1.04
CA TYR U 27 41.10 13.18 2.22
C TYR U 27 41.32 11.67 2.29
N LEU U 28 40.26 10.89 2.08
CA LEU U 28 40.43 9.44 2.01
C LEU U 28 41.35 9.03 0.86
N ASP U 29 41.10 9.57 -0.34
CA ASP U 29 41.91 9.21 -1.52
C ASP U 29 43.39 9.45 -1.25
N PHE U 30 43.72 10.63 -0.69
CA PHE U 30 45.10 10.88 -0.39
C PHE U 30 45.63 9.86 0.61
N HIS U 31 44.90 9.60 1.68
CA HIS U 31 45.53 8.75 2.69
C HIS U 31 45.52 7.27 2.26
N ARG U 32 44.53 6.85 1.48
CA ARG U 32 44.58 5.48 0.96
C ARG U 32 45.77 5.33 0.05
N CYS U 33 45.97 6.31 -0.82
CA CYS U 33 47.10 6.27 -1.73
C CYS U 33 48.43 6.27 -0.97
N GLU U 34 48.58 7.12 0.04
CA GLU U 34 49.83 7.23 0.76
C GLU U 34 50.16 5.95 1.51
N LYS U 35 49.14 5.22 1.95
CA LYS U 35 49.36 3.92 2.55
C LYS U 35 49.80 2.91 1.49
N ALA U 36 49.07 2.85 0.38
CA ALA U 36 49.46 1.92 -0.70
C ALA U 36 50.92 2.12 -1.08
N MET U 37 51.33 3.37 -1.32
CA MET U 37 52.71 3.70 -1.67
C MET U 37 53.75 3.42 -0.59
N THR U 38 53.43 2.68 0.45
CA THR U 38 54.49 2.23 1.33
C THR U 38 54.86 0.77 1.07
N ALA U 39 54.13 0.10 0.17
CA ALA U 39 54.55 -1.15 -0.44
C ALA U 39 55.89 -1.03 -1.16
N LYS U 40 56.39 -2.15 -1.69
CA LYS U 40 57.68 -2.10 -2.38
C LYS U 40 57.50 -1.47 -3.75
N GLY U 41 58.20 -0.37 -3.98
CA GLY U 41 58.20 0.31 -5.25
C GLY U 41 57.36 1.57 -5.31
N GLY U 42 57.01 2.17 -4.18
CA GLY U 42 56.05 3.26 -4.13
C GLY U 42 56.61 4.53 -3.54
N ASP U 43 56.22 5.68 -4.13
CA ASP U 43 56.56 7.02 -3.64
C ASP U 43 55.32 7.90 -3.56
N VAL U 44 55.25 8.68 -2.49
CA VAL U 44 54.00 9.38 -2.16
C VAL U 44 53.71 10.49 -3.14
N SER U 45 54.71 10.93 -3.91
CA SER U 45 54.50 11.93 -4.94
C SER U 45 53.33 11.60 -5.85
N VAL U 46 53.03 10.31 -6.08
CA VAL U 46 51.86 9.97 -6.90
C VAL U 46 50.58 10.42 -6.22
N CYS U 47 50.63 10.61 -4.91
CA CYS U 47 49.37 10.91 -4.21
C CYS U 47 49.07 12.40 -4.19
N GLU U 48 49.92 13.20 -4.86
CA GLU U 48 49.97 14.65 -4.62
C GLU U 48 48.67 15.32 -5.00
N TRP U 49 48.02 14.89 -6.07
CA TRP U 49 46.81 15.55 -6.49
C TRP U 49 45.78 15.54 -5.38
N TYR U 50 45.51 14.36 -4.82
CA TYR U 50 44.52 14.27 -3.73
C TYR U 50 44.93 15.17 -2.57
N ARG U 51 46.22 15.27 -2.34
CA ARG U 51 46.73 16.05 -1.23
C ARG U 51 46.43 17.51 -1.45
N ARG U 52 46.64 18.00 -2.67
CA ARG U 52 46.40 19.41 -2.92
C ARG U 52 44.91 19.71 -2.82
N VAL U 53 44.10 18.82 -3.38
CA VAL U 53 42.64 19.07 -3.38
C VAL U 53 42.13 19.08 -1.95
N TYR U 54 42.50 18.07 -1.14
CA TYR U 54 41.87 18.06 0.20
C TYR U 54 42.39 19.22 1.04
N LYS U 55 43.65 19.59 0.85
CA LYS U 55 44.18 20.72 1.60
C LYS U 55 43.51 22.02 1.19
N SER U 56 43.23 22.16 -0.12
CA SER U 56 42.48 23.35 -0.59
C SER U 56 41.06 23.41 0.00
N LEU U 57 40.36 22.27 0.03
CA LEU U 57 38.93 22.28 0.31
C LEU U 57 38.60 22.09 1.78
N CYS U 58 39.41 21.33 2.53
CA CYS U 58 38.96 20.89 3.85
C CYS U 58 39.28 21.94 4.91
N PRO U 59 38.35 22.28 5.80
CA PRO U 59 38.69 23.11 6.98
C PRO U 59 39.86 22.49 7.73
N ILE U 60 40.76 23.36 8.23
CA ILE U 60 41.91 22.90 8.97
C ILE U 60 41.51 22.07 10.18
N SER U 61 40.40 22.43 10.84
CA SER U 61 40.04 21.67 12.03
C SER U 61 39.52 20.27 11.69
N TRP U 62 38.93 20.11 10.50
CA TRP U 62 38.49 18.80 10.07
C TRP U 62 39.68 17.91 9.80
N VAL U 63 40.67 18.46 9.08
CA VAL U 63 41.93 17.73 8.80
C VAL U 63 42.62 17.36 10.11
N SER U 64 42.74 18.33 11.00
CA SER U 64 43.40 18.08 12.28
C SER U 64 42.67 17.02 13.10
N THR U 65 41.33 17.15 13.21
CA THR U 65 40.58 16.11 13.94
C THR U 65 40.74 14.72 13.31
N TRP U 66 40.57 14.62 11.98
CA TRP U 66 40.73 13.34 11.28
C TRP U 66 42.14 12.79 11.51
N ASP U 67 43.17 13.65 11.44
CA ASP U 67 44.54 13.18 11.67
C ASP U 67 44.66 12.59 13.07
N ASP U 68 44.16 13.34 14.05
CA ASP U 68 44.19 12.88 15.44
C ASP U 68 43.50 11.55 15.55
N ARG U 69 42.34 11.37 14.88
CA ARG U 69 41.63 10.14 15.07
C ARG U 69 42.34 8.99 14.34
N ARG U 70 42.92 9.23 13.17
CA ARG U 70 43.74 8.18 12.55
C ARG U 70 44.86 7.71 13.49
N ALA U 71 45.43 8.62 14.26
CA ALA U 71 46.51 8.23 15.16
C ALA U 71 45.99 7.48 16.36
N GLU U 72 44.78 7.80 16.83
CA GLU U 72 44.14 7.14 17.96
C GLU U 72 43.61 5.76 17.59
N GLY U 73 43.39 5.48 16.30
CA GLY U 73 42.75 4.27 15.87
C GLY U 73 41.24 4.40 15.88
N THR U 74 40.73 5.63 15.90
CA THR U 74 39.26 5.84 15.93
C THR U 74 38.72 6.49 14.66
N PHE U 75 39.53 6.55 13.60
CA PHE U 75 39.02 7.11 12.36
C PHE U 75 37.97 6.17 11.76
N PRO U 76 36.77 6.65 11.41
CA PRO U 76 35.69 5.70 11.04
C PRO U 76 35.63 5.40 9.55
N GLY U 77 36.39 6.12 8.71
CA GLY U 77 36.45 5.75 7.31
C GLY U 77 37.50 4.64 7.07
N LYS U 78 37.39 4.01 5.92
CA LYS U 78 38.25 2.88 5.60
C LYS U 78 39.45 3.41 4.84
N ILE U 79 40.66 3.18 5.37
CA ILE U 79 41.91 3.55 4.70
C ILE U 79 42.75 2.33 4.47
N THR V 2 -40.89 69.73 -24.65
CA THR V 2 -40.93 68.53 -25.46
C THR V 2 -40.59 67.36 -24.54
N ALA V 3 -41.05 66.18 -24.92
CA ALA V 3 -40.98 65.04 -24.03
C ALA V 3 -39.52 64.67 -23.75
N LEU V 4 -39.25 64.25 -22.52
CA LEU V 4 -37.97 63.65 -22.18
C LEU V 4 -37.79 62.32 -22.90
N ALA V 5 -36.60 62.08 -23.43
CA ALA V 5 -36.31 60.79 -24.06
C ALA V 5 -35.83 59.79 -23.02
N LYS V 6 -36.08 58.51 -23.29
CA LYS V 6 -35.78 57.42 -22.38
C LYS V 6 -34.28 57.33 -22.15
N PRO V 7 -33.76 57.50 -20.94
CA PRO V 7 -32.30 57.27 -20.72
C PRO V 7 -32.04 55.79 -20.61
N GLN V 8 -30.76 55.41 -20.75
CA GLN V 8 -30.37 54.03 -20.47
C GLN V 8 -30.76 53.68 -19.04
N MET V 9 -31.46 52.56 -18.87
CA MET V 9 -31.98 52.21 -17.55
C MET V 9 -31.47 50.89 -17.06
N ARG V 10 -30.86 50.08 -17.92
CA ARG V 10 -30.41 48.76 -17.52
C ARG V 10 -28.90 48.65 -17.57
N GLY V 11 -28.35 47.87 -16.64
CA GLY V 11 -26.92 47.64 -16.66
C GLY V 11 -26.06 48.83 -16.29
N LEU V 12 -26.57 49.78 -15.49
CA LEU V 12 -25.77 50.96 -15.17
C LEU V 12 -24.55 50.61 -14.33
N LEU V 13 -24.68 49.61 -13.45
CA LEU V 13 -23.51 49.25 -12.64
C LEU V 13 -22.47 48.55 -13.50
N ALA V 14 -22.93 47.66 -14.37
CA ALA V 14 -21.98 46.94 -15.24
C ALA V 14 -21.29 47.90 -16.19
N ARG V 15 -22.05 48.86 -16.70
CA ARG V 15 -21.50 49.86 -17.61
C ARG V 15 -20.40 50.67 -16.93
N ARG V 16 -20.67 51.10 -15.69
CA ARG V 16 -19.68 51.80 -14.89
C ARG V 16 -18.42 50.95 -14.70
N LEU V 17 -18.61 49.68 -14.32
CA LEU V 17 -17.47 48.81 -14.05
C LEU V 17 -16.60 48.68 -15.29
N ARG V 18 -17.26 48.39 -16.42
CA ARG V 18 -16.54 48.16 -17.67
C ARG V 18 -15.70 49.36 -18.04
N PHE V 19 -16.32 50.54 -18.01
CA PHE V 19 -15.61 51.78 -18.31
C PHE V 19 -14.36 51.92 -17.43
N HIS V 20 -14.50 51.71 -16.14
CA HIS V 20 -13.36 51.98 -15.27
C HIS V 20 -12.35 50.86 -15.23
N ILE V 21 -12.73 49.62 -15.50
CA ILE V 21 -11.71 48.58 -15.59
C ILE V 21 -10.81 48.86 -16.80
N VAL V 22 -11.42 49.24 -17.92
CA VAL V 22 -10.63 49.65 -19.09
C VAL V 22 -9.71 50.80 -18.73
N GLY V 23 -10.27 51.82 -18.09
CA GLY V 23 -9.44 52.92 -17.61
C GLY V 23 -8.29 52.44 -16.74
N ALA V 24 -8.55 51.54 -15.80
CA ALA V 24 -7.48 51.07 -14.92
C ALA V 24 -6.37 50.39 -15.72
N PHE V 25 -6.75 49.59 -16.71
CA PHE V 25 -5.77 49.01 -17.64
C PHE V 25 -4.93 50.08 -18.32
N MET V 26 -5.57 51.10 -18.89
CA MET V 26 -4.84 52.16 -19.57
C MET V 26 -3.84 52.84 -18.63
N VAL V 27 -4.28 53.14 -17.41
CA VAL V 27 -3.39 53.69 -16.41
C VAL V 27 -2.21 52.75 -16.14
N SER V 28 -2.49 51.45 -16.04
CA SER V 28 -1.42 50.48 -15.74
C SER V 28 -0.39 50.44 -16.85
N LEU V 29 -0.85 50.33 -18.11
CA LEU V 29 -0.02 50.51 -19.30
C LEU V 29 0.87 51.73 -19.20
N GLY V 30 0.25 52.88 -18.99
CA GLY V 30 1.02 54.10 -18.89
C GLY V 30 2.03 54.03 -17.76
N PHE V 31 1.59 53.56 -16.58
CA PHE V 31 2.54 53.50 -15.47
C PHE V 31 3.67 52.54 -15.79
N ALA V 32 3.38 51.44 -16.49
CA ALA V 32 4.46 50.52 -16.85
C ALA V 32 5.51 51.25 -17.68
N THR V 33 5.07 52.04 -18.65
CA THR V 33 5.98 52.83 -19.48
C THR V 33 6.86 53.75 -18.64
N PHE V 34 6.24 54.64 -17.83
CA PHE V 34 6.95 55.47 -16.85
C PHE V 34 8.00 54.69 -16.09
N TYR V 35 7.58 53.61 -15.46
CA TYR V 35 8.46 52.87 -14.57
C TYR V 35 9.63 52.30 -15.33
N LYS V 36 9.40 51.83 -16.56
CA LYS V 36 10.53 51.35 -17.36
C LYS V 36 11.49 52.50 -17.66
N PHE V 37 10.96 53.65 -18.11
CA PHE V 37 11.80 54.84 -18.28
C PHE V 37 12.50 55.21 -16.98
N ALA V 38 11.72 55.53 -15.95
CA ALA V 38 12.21 56.22 -14.75
C ALA V 38 13.01 55.34 -13.79
N VAL V 39 12.91 54.02 -13.91
CA VAL V 39 13.47 53.15 -12.88
C VAL V 39 14.36 52.12 -13.54
N ALA V 40 13.77 51.28 -14.37
CA ALA V 40 14.48 50.10 -14.89
C ALA V 40 15.54 50.51 -15.91
N GLU V 41 15.13 51.26 -16.94
CA GLU V 41 16.09 51.69 -17.95
C GLU V 41 17.17 52.61 -17.35
N LYS V 42 16.75 53.58 -16.54
CA LYS V 42 17.68 54.41 -15.78
C LYS V 42 18.74 53.55 -15.13
N ARG V 43 18.33 52.48 -14.44
CA ARG V 43 19.30 51.64 -13.79
C ARG V 43 20.21 50.95 -14.80
N LYS V 44 19.64 50.42 -15.89
CA LYS V 44 20.48 49.78 -16.92
C LYS V 44 21.48 50.78 -17.49
N LYS V 45 21.01 52.00 -17.77
CA LYS V 45 21.91 53.04 -18.28
C LYS V 45 22.96 53.40 -17.25
N ALA V 46 22.57 53.50 -15.98
CA ALA V 46 23.55 53.93 -14.97
C ALA V 46 24.72 52.96 -14.86
N TYR V 47 24.43 51.66 -14.80
CA TYR V 47 25.49 50.67 -14.71
C TYR V 47 26.28 50.57 -16.00
N ALA V 48 25.60 50.63 -17.15
CA ALA V 48 26.26 50.54 -18.44
C ALA V 48 27.21 51.71 -18.64
N ASP V 49 26.77 52.89 -18.25
CA ASP V 49 27.59 54.10 -18.33
C ASP V 49 28.79 54.04 -17.40
N PHE V 50 28.55 53.62 -16.17
CA PHE V 50 29.60 53.52 -15.18
C PHE V 50 30.71 52.63 -15.67
N TYR V 51 30.37 51.47 -16.19
CA TYR V 51 31.42 50.53 -16.56
C TYR V 51 31.98 50.75 -17.95
N ARG V 52 31.35 51.58 -18.78
CA ARG V 52 31.73 51.60 -20.18
C ARG V 52 33.20 51.94 -20.29
N ASN V 53 33.63 52.95 -19.54
CA ASN V 53 35.02 53.38 -19.58
C ASN V 53 35.70 53.25 -18.22
N TYR V 54 35.22 52.33 -17.40
CA TYR V 54 35.72 52.19 -16.05
C TYR V 54 37.12 51.60 -16.01
N ASP V 55 37.99 52.17 -15.17
CA ASP V 55 39.39 51.73 -15.09
C ASP V 55 39.60 51.21 -13.68
N SER V 56 39.51 49.87 -13.55
CA SER V 56 39.58 49.25 -12.22
C SER V 56 40.91 49.50 -11.53
N MET V 57 42.01 49.49 -12.29
CA MET V 57 43.32 49.83 -11.70
C MET V 57 43.37 51.27 -11.23
N LYS V 58 42.85 52.19 -12.06
CA LYS V 58 42.85 53.59 -11.66
C LYS V 58 42.00 53.78 -10.42
N ASP V 59 40.84 53.11 -10.38
CA ASP V 59 40.01 53.12 -9.19
C ASP V 59 40.79 52.66 -7.96
N PHE V 60 41.48 51.53 -8.09
CA PHE V 60 42.23 50.98 -6.95
C PHE V 60 43.35 51.94 -6.52
N GLU V 61 44.04 52.50 -7.48
CA GLU V 61 45.14 53.42 -7.16
C GLU V 61 44.62 54.62 -6.37
N GLU V 62 43.46 55.17 -6.76
CA GLU V 62 42.86 56.26 -5.99
C GLU V 62 42.56 55.82 -4.57
N MET V 63 41.92 54.64 -4.42
CA MET V 63 41.64 54.17 -3.05
C MET V 63 42.89 53.92 -2.23
N ARG V 64 43.93 53.34 -2.86
CA ARG V 64 45.16 53.04 -2.15
C ARG V 64 45.77 54.35 -1.64
N LYS V 65 45.79 55.35 -2.51
CA LYS V 65 46.43 56.64 -2.13
C LYS V 65 45.73 57.24 -0.92
N ALA V 66 44.42 57.03 -0.82
CA ALA V 66 43.63 57.59 0.25
C ALA V 66 43.77 56.80 1.54
N GLY V 67 44.51 55.68 1.50
CA GLY V 67 44.79 54.93 2.70
C GLY V 67 43.69 53.99 3.13
N ILE V 68 42.83 53.59 2.23
CA ILE V 68 41.72 52.76 2.74
C ILE V 68 42.11 51.30 3.01
N PHE V 69 43.23 50.79 2.47
CA PHE V 69 43.46 49.34 2.51
C PHE V 69 44.42 48.92 3.62
N GLN V 70 44.13 47.79 4.24
CA GLN V 70 45.05 47.15 5.16
C GLN V 70 46.24 46.60 4.42
N SER V 71 46.00 45.98 3.27
CA SER V 71 47.06 45.15 2.67
C SER V 71 47.92 45.87 1.65
N ALA V 72 47.50 47.07 1.22
CA ALA V 72 48.19 47.82 0.18
C ALA V 72 48.23 49.24 0.70
N LYS V 73 49.29 49.59 1.42
CA LYS V 73 49.39 50.93 2.00
C LYS V 73 49.84 51.91 0.93
N PHE W 1 -19.54 -15.50 35.05
CA PHE W 1 -20.09 -14.18 35.43
C PHE W 1 -21.49 -14.03 34.85
N GLU W 2 -22.35 -13.20 35.47
CA GLU W 2 -23.69 -12.95 34.97
C GLU W 2 -23.82 -11.49 34.53
N ASN W 3 -24.78 -11.25 33.67
CA ASN W 3 -24.93 -9.94 33.04
C ASN W 3 -25.69 -9.06 34.03
N ARG W 4 -25.00 -8.15 34.71
CA ARG W 4 -25.60 -7.20 35.65
C ARG W 4 -25.72 -5.79 35.03
N VAL W 5 -25.71 -5.65 33.71
CA VAL W 5 -25.75 -4.30 33.12
C VAL W 5 -27.05 -3.56 33.50
N ALA W 6 -28.18 -4.27 33.52
CA ALA W 6 -29.43 -3.59 33.83
C ALA W 6 -29.37 -2.94 35.21
N GLU W 7 -28.74 -3.60 36.17
CA GLU W 7 -28.68 -2.94 37.47
C GLU W 7 -27.81 -1.68 37.45
N LYS W 8 -26.75 -1.65 36.60
CA LYS W 8 -25.96 -0.43 36.49
C LYS W 8 -26.71 0.62 35.70
N GLN W 9 -27.50 0.21 34.72
CA GLN W 9 -28.33 1.17 34.01
C GLN W 9 -29.32 1.84 34.98
N LYS W 10 -29.91 1.06 35.88
CA LYS W 10 -30.83 1.64 36.86
C LYS W 10 -30.09 2.63 37.78
N LEU W 11 -28.92 2.24 38.26
CA LEU W 11 -28.12 3.13 39.10
C LEU W 11 -27.77 4.45 38.40
N PHE W 12 -27.26 4.36 37.16
CA PHE W 12 -26.75 5.58 36.54
C PHE W 12 -27.86 6.42 35.94
N GLN W 13 -29.12 5.94 35.93
CA GLN W 13 -30.25 6.71 35.46
C GLN W 13 -31.10 7.21 36.60
N GLU W 14 -30.70 6.94 37.84
CA GLU W 14 -31.50 7.42 38.96
C GLU W 14 -31.58 8.96 38.94
N ASP W 15 -32.77 9.49 39.12
CA ASP W 15 -32.92 10.95 39.06
C ASP W 15 -32.53 11.52 40.43
N ASN W 16 -31.23 11.63 40.68
CA ASN W 16 -30.75 12.24 41.90
C ASN W 16 -30.01 13.54 41.65
N GLY W 17 -30.03 14.04 40.43
CA GLY W 17 -29.32 15.27 40.11
C GLY W 17 -27.80 15.19 40.07
N LEU W 18 -27.22 14.03 40.30
CA LEU W 18 -25.77 13.94 40.34
C LEU W 18 -25.18 13.96 38.94
N PRO W 19 -24.07 14.69 38.73
CA PRO W 19 -23.36 14.58 37.44
C PRO W 19 -22.71 13.20 37.31
N VAL W 20 -22.49 12.78 36.07
CA VAL W 20 -22.07 11.40 35.84
C VAL W 20 -20.79 11.06 36.59
N HIS W 21 -19.86 12.02 36.78
CA HIS W 21 -18.61 11.60 37.44
C HIS W 21 -18.78 11.36 38.93
N LEU W 22 -19.98 11.64 39.50
CA LEU W 22 -20.21 11.33 40.91
C LEU W 22 -21.32 10.33 41.11
N LYS W 23 -21.97 9.87 40.04
CA LYS W 23 -23.21 9.13 40.17
C LYS W 23 -23.01 7.69 40.68
N GLY W 24 -21.76 7.21 40.72
CA GLY W 24 -21.52 5.90 41.27
C GLY W 24 -21.66 5.83 42.77
N GLY W 25 -21.64 6.98 43.46
CA GLY W 25 -21.73 6.98 44.93
C GLY W 25 -20.48 7.49 45.62
N ALA W 26 -20.31 7.21 46.91
CA ALA W 26 -19.32 7.93 47.72
C ALA W 26 -17.90 7.74 47.22
N THR W 27 -17.61 6.59 46.61
CA THR W 27 -16.27 6.36 46.09
C THR W 27 -15.89 7.36 45.00
N ASP W 28 -16.85 7.73 44.15
CA ASP W 28 -16.56 8.76 43.15
C ASP W 28 -16.05 10.03 43.83
N ASN W 29 -16.73 10.46 44.91
CA ASN W 29 -16.32 11.70 45.56
C ASN W 29 -14.91 11.59 46.08
N ILE W 30 -14.58 10.43 46.68
CA ILE W 30 -13.24 10.21 47.20
C ILE W 30 -12.23 10.32 46.08
N LEU W 31 -12.48 9.59 45.00
CA LEU W 31 -11.49 9.58 43.91
C LEU W 31 -11.33 10.98 43.32
N TYR W 32 -12.46 11.69 43.16
CA TYR W 32 -12.42 13.06 42.67
C TYR W 32 -11.58 13.95 43.59
N ARG W 33 -11.82 13.87 44.91
CA ARG W 33 -11.09 14.75 45.81
C ARG W 33 -9.60 14.43 45.83
N VAL W 34 -9.25 13.14 45.80
CA VAL W 34 -7.85 12.72 45.66
C VAL W 34 -7.26 13.36 44.41
N THR W 35 -7.97 13.21 43.29
CA THR W 35 -7.42 13.68 42.02
C THR W 35 -7.22 15.18 42.05
N MET W 36 -8.27 15.88 42.44
CA MET W 36 -8.20 17.33 42.45
C MET W 36 -7.18 17.81 43.47
N THR W 37 -7.10 17.17 44.63
CA THR W 37 -6.10 17.58 45.61
C THR W 37 -4.69 17.40 45.06
N LEU W 38 -4.44 16.26 44.43
CA LEU W 38 -3.12 16.06 43.82
C LEU W 38 -2.86 17.09 42.73
N CYS W 39 -3.85 17.36 41.87
CA CYS W 39 -3.61 18.31 40.78
C CYS W 39 -3.33 19.72 41.32
N LEU W 40 -4.18 20.21 42.25
CA LEU W 40 -4.03 21.59 42.70
C LEU W 40 -2.79 21.74 43.59
N GLY W 41 -2.56 20.77 44.48
CA GLY W 41 -1.32 20.76 45.26
C GLY W 41 -0.07 20.66 44.40
N GLY W 42 -0.07 19.77 43.40
CA GLY W 42 1.08 19.68 42.52
C GLY W 42 1.31 20.98 41.76
N THR W 43 0.23 21.63 41.34
CA THR W 43 0.34 22.92 40.64
C THR W 43 0.94 23.97 41.55
N LEU W 44 0.45 24.06 42.79
CA LEU W 44 1.12 24.93 43.78
C LEU W 44 2.59 24.57 43.95
N TYR W 45 2.91 23.27 44.09
CA TYR W 45 4.30 22.85 44.20
C TYR W 45 5.08 23.24 42.96
N SER W 46 4.46 23.14 41.79
CA SER W 46 5.21 23.47 40.58
C SER W 46 5.52 24.98 40.55
N LEU W 47 4.60 25.80 41.06
CA LEU W 47 4.86 27.24 41.15
C LEU W 47 6.00 27.52 42.14
N TYR W 48 5.99 26.83 43.26
CA TYR W 48 7.12 26.95 44.18
C TYR W 48 8.45 26.64 43.46
N CYS W 49 8.48 25.56 42.68
CA CYS W 49 9.70 25.19 41.98
C CYS W 49 10.10 26.24 40.96
N LEU W 50 9.13 26.85 40.23
CA LEU W 50 9.47 27.99 39.38
C LEU W 50 10.17 29.09 40.19
N GLY W 51 9.55 29.52 41.28
CA GLY W 51 10.18 30.55 42.12
C GLY W 51 11.61 30.20 42.49
N TRP W 52 11.81 28.98 43.02
CA TRP W 52 13.16 28.50 43.35
C TRP W 52 14.07 28.56 42.14
N ALA W 53 13.63 28.00 41.02
CA ALA W 53 14.51 27.93 39.85
C ALA W 53 14.73 29.27 39.16
N SER W 54 14.00 30.34 39.51
CA SER W 54 14.08 31.60 38.77
C SER W 54 15.26 32.42 39.24
N PHE W 55 15.88 32.00 40.34
CA PHE W 55 16.95 32.80 40.93
C PHE W 55 18.17 31.91 41.10
N PRO W 56 19.36 32.46 40.94
CA PRO W 56 20.57 31.65 41.09
C PRO W 56 20.64 31.08 42.49
N HIS W 57 21.00 29.79 42.60
CA HIS W 57 21.07 29.16 43.92
C HIS W 57 22.50 28.77 44.26
N LYS W 58 22.99 29.40 45.33
CA LYS W 58 24.42 29.56 45.61
C LYS W 58 25.07 28.33 46.20
N ALA X 1 -32.73 66.71 14.86
CA ALA X 1 -32.03 67.49 15.90
C ALA X 1 -30.51 67.21 15.90
N PRO X 2 -29.69 68.19 16.28
CA PRO X 2 -28.23 68.04 16.11
C PRO X 2 -27.60 67.03 17.05
N ASP X 3 -26.69 66.21 16.47
CA ASP X 3 -26.01 65.17 17.22
C ASP X 3 -24.64 65.68 17.69
N PHE X 4 -23.88 64.78 18.31
CA PHE X 4 -22.56 65.13 18.80
C PHE X 4 -21.69 65.71 17.69
N HIS X 5 -21.75 65.13 16.47
CA HIS X 5 -20.83 65.53 15.40
C HIS X 5 -21.21 66.89 14.84
N ASP X 6 -22.51 67.16 14.78
CA ASP X 6 -22.94 68.49 14.37
C ASP X 6 -22.44 69.55 15.34
N LYS X 7 -22.59 69.30 16.63
CA LYS X 7 -22.23 70.32 17.62
C LYS X 7 -20.73 70.48 17.72
N TYR X 8 -20.00 69.35 17.74
CA TYR X 8 -18.60 69.38 18.12
C TYR X 8 -17.63 68.94 17.04
N GLY X 9 -18.11 68.39 15.92
CA GLY X 9 -17.17 67.78 14.97
C GLY X 9 -16.14 68.76 14.47
N ASN X 10 -16.56 69.99 14.19
CA ASN X 10 -15.64 70.99 13.65
C ASN X 10 -14.51 71.28 14.63
N ALA X 11 -14.87 71.40 15.90
CA ALA X 11 -13.87 71.70 16.92
C ALA X 11 -12.95 70.52 17.15
N VAL X 12 -13.51 69.29 17.24
CA VAL X 12 -12.66 68.10 17.40
C VAL X 12 -11.66 67.99 16.26
N LEU X 13 -12.14 68.20 15.02
CA LEU X 13 -11.25 68.08 13.89
C LEU X 13 -10.15 69.13 13.96
N ALA X 14 -10.53 70.38 14.25
CA ALA X 14 -9.54 71.44 14.21
C ALA X 14 -8.56 71.32 15.36
N SER X 15 -9.06 71.05 16.57
CA SER X 15 -8.18 70.90 17.73
C SER X 15 -7.28 69.67 17.61
N GLY X 16 -7.82 68.56 17.12
CA GLY X 16 -7.03 67.35 17.05
C GLY X 16 -5.90 67.50 16.04
N ALA X 17 -6.22 68.05 14.88
CA ALA X 17 -5.18 68.26 13.88
C ALA X 17 -4.12 69.21 14.40
N THR X 18 -4.53 70.25 15.13
CA THR X 18 -3.53 71.23 15.57
C THR X 18 -2.62 70.66 16.64
N PHE X 19 -3.21 69.97 17.61
CA PHE X 19 -2.45 69.31 18.65
C PHE X 19 -1.46 68.32 18.04
N CYS X 20 -1.95 67.47 17.12
CA CYS X 20 -1.15 66.40 16.52
C CYS X 20 0.10 66.96 15.85
N VAL X 21 -0.10 67.90 14.93
CA VAL X 21 1.03 68.49 14.22
C VAL X 21 1.97 69.15 15.21
N ALA X 22 1.42 69.89 16.17
CA ALA X 22 2.33 70.65 17.04
C ALA X 22 3.18 69.72 17.88
N VAL X 23 2.58 68.66 18.43
CA VAL X 23 3.36 67.82 19.34
C VAL X 23 4.35 66.97 18.54
N TRP X 24 3.96 66.50 17.36
CA TRP X 24 4.92 65.73 16.55
C TRP X 24 6.06 66.61 16.06
N VAL X 25 5.75 67.83 15.59
CA VAL X 25 6.81 68.73 15.16
C VAL X 25 7.78 68.98 16.33
N TYR X 26 7.22 69.20 17.52
CA TYR X 26 8.05 69.38 18.69
C TYR X 26 8.93 68.15 18.94
N MET X 27 8.30 66.97 19.01
CA MET X 27 9.09 65.75 19.22
C MET X 27 10.18 65.60 18.17
N ALA X 28 9.87 65.91 16.90
CA ALA X 28 10.82 65.65 15.82
C ALA X 28 12.03 66.58 15.83
N THR X 29 11.88 67.77 16.41
CA THR X 29 12.88 68.80 16.21
C THR X 29 13.46 69.42 17.47
N GLN X 30 12.87 69.22 18.64
CA GLN X 30 13.31 69.98 19.82
C GLN X 30 13.85 69.14 20.98
N ILE X 31 13.94 67.81 20.87
CA ILE X 31 14.30 67.04 22.05
C ILE X 31 15.55 66.21 21.85
N GLY X 32 16.27 66.45 20.75
CA GLY X 32 17.56 65.80 20.57
C GLY X 32 17.50 64.49 19.83
N ILE X 33 16.39 64.20 19.15
CA ILE X 33 16.34 62.97 18.37
C ILE X 33 17.28 63.07 17.22
N GLU X 34 18.06 62.02 16.99
CA GLU X 34 19.02 62.00 15.89
C GLU X 34 18.41 61.19 14.74
N TRP X 35 18.02 61.90 13.69
CA TRP X 35 17.40 61.25 12.56
C TRP X 35 18.42 60.65 11.64
N ASN X 36 19.68 61.10 11.73
CA ASN X 36 20.76 60.63 10.87
C ASN X 36 20.35 60.67 9.39
N PRO X 37 20.07 61.83 8.87
CA PRO X 37 19.74 61.92 7.44
C PRO X 37 20.98 61.77 6.58
N SER X 38 20.78 61.73 5.27
CA SER X 38 21.89 61.53 4.34
C SER X 38 22.91 62.65 4.47
N PRO X 39 24.20 62.35 4.39
CA PRO X 39 25.18 63.44 4.28
C PRO X 39 25.22 64.11 2.91
N VAL X 40 24.57 63.54 1.89
CA VAL X 40 24.63 64.10 0.55
C VAL X 40 24.09 65.51 0.58
N GLY X 41 24.89 66.46 0.11
CA GLY X 41 24.41 67.81 0.04
C GLY X 41 24.35 68.53 1.36
N ARG X 42 24.91 67.96 2.40
CA ARG X 42 24.83 68.48 3.76
C ARG X 42 26.16 68.49 4.51
N VAL X 43 26.90 67.43 4.43
CA VAL X 43 28.10 67.27 5.25
C VAL X 43 29.29 67.66 4.41
N THR X 44 30.20 68.40 5.03
CA THR X 44 31.48 68.65 4.40
C THR X 44 32.46 67.55 4.78
N PRO X 45 32.94 66.74 3.82
CA PRO X 45 33.86 65.66 4.18
C PRO X 45 35.14 66.22 4.78
N LYS X 46 35.62 65.56 5.82
CA LYS X 46 36.79 66.01 6.58
C LYS X 46 37.84 64.91 6.63
N GLU X 47 39.12 65.31 6.52
CA GLU X 47 40.20 64.35 6.45
C GLU X 47 40.20 63.45 7.67
N TRP X 48 40.40 62.14 7.43
CA TRP X 48 40.37 61.16 8.49
C TRP X 48 41.63 60.34 8.64
N ARG X 49 42.44 60.22 7.58
CA ARG X 49 43.63 59.35 7.61
C ARG X 49 44.86 59.94 8.33
N HIS Y 1 -29.45 24.96 36.86
CA HIS Y 1 -29.22 25.78 35.67
C HIS Y 1 -28.57 27.19 35.91
N TYR Y 2 -28.07 27.83 34.85
CA TYR Y 2 -27.24 29.03 34.90
C TYR Y 2 -28.02 30.27 34.49
N GLU Y 3 -27.48 31.44 34.82
CA GLU Y 3 -28.12 32.68 34.42
C GLU Y 3 -27.85 32.94 32.97
N GLU Y 4 -28.79 33.61 32.31
CA GLU Y 4 -28.72 33.87 30.89
C GLU Y 4 -28.92 35.35 30.61
N GLY Y 5 -28.48 35.79 29.44
CA GLY Y 5 -28.77 37.14 29.07
C GLY Y 5 -27.54 38.03 29.15
N PRO Y 6 -27.68 39.26 28.67
CA PRO Y 6 -26.57 40.22 28.65
C PRO Y 6 -25.99 40.40 30.05
N GLY Y 7 -24.66 40.36 30.08
CA GLY Y 7 -23.91 40.50 31.34
C GLY Y 7 -23.98 39.30 32.25
N LYS Y 8 -24.68 38.23 31.87
CA LYS Y 8 -24.79 37.03 32.69
C LYS Y 8 -24.07 35.81 32.08
N ASN Y 9 -23.57 35.93 30.86
CA ASN Y 9 -22.92 34.79 30.20
C ASN Y 9 -21.40 34.94 30.21
N ILE Y 10 -20.85 35.48 31.29
CA ILE Y 10 -19.42 35.84 31.35
C ILE Y 10 -18.93 35.54 32.73
N PRO Y 11 -17.65 35.24 32.87
CA PRO Y 11 -17.14 34.88 34.19
C PRO Y 11 -16.75 36.09 35.04
N PHE Y 12 -17.12 37.30 34.62
CA PHE Y 12 -16.84 38.49 35.41
C PHE Y 12 -18.11 39.29 35.48
N SER Y 13 -18.27 40.09 36.53
CA SER Y 13 -19.50 40.89 36.70
C SER Y 13 -19.44 42.23 35.98
N VAL Y 14 -20.58 42.64 35.42
CA VAL Y 14 -20.68 44.00 34.90
C VAL Y 14 -21.79 44.75 35.64
N GLU Y 15 -22.13 44.28 36.82
CA GLU Y 15 -23.17 44.94 37.62
C GLU Y 15 -22.81 46.39 37.95
N ASN Y 16 -21.53 46.64 38.20
CA ASN Y 16 -21.05 47.99 38.54
C ASN Y 16 -19.90 48.35 37.62
N LYS Y 17 -20.07 49.43 36.87
CA LYS Y 17 -19.09 49.74 35.83
C LYS Y 17 -17.72 50.13 36.41
N TRP Y 18 -17.67 50.64 37.66
CA TRP Y 18 -16.38 51.03 38.22
C TRP Y 18 -15.66 49.84 38.82
N ARG Y 19 -16.41 48.93 39.44
CA ARG Y 19 -15.80 47.67 39.79
C ARG Y 19 -15.30 46.97 38.51
N LEU Y 20 -16.11 47.00 37.46
CA LEU Y 20 -15.68 46.41 36.18
C LEU Y 20 -14.37 47.04 35.72
N LEU Y 21 -14.30 48.38 35.76
CA LEU Y 21 -13.12 49.07 35.30
C LEU Y 21 -11.90 48.64 36.08
N ALA Y 22 -12.06 48.43 37.39
CA ALA Y 22 -10.94 47.89 38.16
C ALA Y 22 -10.53 46.51 37.66
N MET Y 23 -11.50 45.60 37.58
CA MET Y 23 -11.24 44.25 37.07
C MET Y 23 -10.52 44.28 35.70
N MET Y 24 -11.03 45.08 34.74
CA MET Y 24 -10.48 45.03 33.39
C MET Y 24 -9.08 45.58 33.37
N THR Y 25 -8.87 46.62 34.18
CA THR Y 25 -7.56 47.23 34.37
C THR Y 25 -6.57 46.25 34.99
N LEU Y 26 -6.97 45.54 36.04
CA LEU Y 26 -6.07 44.51 36.56
C LEU Y 26 -5.79 43.42 35.54
N PHE Y 27 -6.82 43.00 34.82
CA PHE Y 27 -6.73 41.92 33.84
C PHE Y 27 -5.77 42.28 32.72
N PHE Y 28 -6.12 43.28 31.92
CA PHE Y 28 -5.25 43.65 30.79
C PHE Y 28 -3.95 44.31 31.25
N GLY Y 29 -3.97 45.02 32.38
CA GLY Y 29 -2.73 45.67 32.84
C GLY Y 29 -1.74 44.62 33.31
N SER Y 30 -2.24 43.54 33.94
CA SER Y 30 -1.28 42.52 34.38
C SER Y 30 -0.57 41.86 33.20
N GLY Y 31 -1.30 41.56 32.12
CA GLY Y 31 -0.65 40.95 30.99
C GLY Y 31 0.31 41.89 30.31
N PHE Y 32 -0.08 43.14 30.18
CA PHE Y 32 0.84 44.11 29.55
C PHE Y 32 2.08 44.34 30.43
N ALA Y 33 1.92 44.36 31.77
CA ALA Y 33 3.09 44.65 32.62
C ALA Y 33 4.07 43.50 32.68
N ALA Y 34 3.58 42.25 32.51
CA ALA Y 34 4.39 41.10 32.84
C ALA Y 34 5.74 41.11 32.09
N PRO Y 35 5.80 41.38 30.76
CA PRO Y 35 7.12 41.32 30.09
C PRO Y 35 8.12 42.35 30.63
N PHE Y 36 7.63 43.54 30.99
CA PHE Y 36 8.52 44.52 31.61
C PHE Y 36 9.11 44.00 32.91
N PHE Y 37 8.32 43.31 33.72
CA PHE Y 37 8.88 42.79 34.95
C PHE Y 37 9.75 41.56 34.76
N ILE Y 38 9.50 40.76 33.74
CA ILE Y 38 10.40 39.65 33.50
C ILE Y 38 11.75 40.16 33.01
N VAL Y 39 11.73 41.15 32.11
CA VAL Y 39 12.97 41.78 31.68
C VAL Y 39 13.72 42.31 32.89
N ARG Y 40 13.01 43.03 33.77
CA ARG Y 40 13.65 43.53 34.98
C ARG Y 40 14.27 42.40 35.76
N HIS Y 41 13.55 41.30 35.87
CA HIS Y 41 14.02 40.18 36.65
C HIS Y 41 15.31 39.64 36.05
N GLN Y 42 15.35 39.54 34.72
CA GLN Y 42 16.56 38.95 34.12
C GLN Y 42 17.74 39.90 34.24
N LEU Y 43 17.50 41.19 34.00
CA LEU Y 43 18.55 42.19 34.19
C LEU Y 43 19.06 42.19 35.63
N LEU Y 44 18.18 41.98 36.61
CA LEU Y 44 18.62 42.02 38.02
C LEU Y 44 19.29 40.74 38.49
N LYS Y 45 19.12 39.63 37.77
CA LYS Y 45 19.53 38.32 38.27
C LYS Y 45 21.03 38.29 38.51
N LYS Y 46 21.78 38.73 37.51
CA LYS Y 46 23.21 39.03 37.59
C LYS Y 46 23.55 39.47 36.17
N ILE Z 1 -27.52 47.45 13.16
CA ILE Z 1 -28.06 46.82 14.36
C ILE Z 1 -28.94 47.83 15.12
N THR Z 2 -29.98 47.38 15.81
CA THR Z 2 -30.74 48.26 16.68
C THR Z 2 -30.63 47.80 18.12
N ALA Z 3 -30.79 48.76 19.05
CA ALA Z 3 -30.46 48.51 20.43
C ALA Z 3 -31.37 49.38 21.31
N LYS Z 4 -31.67 48.88 22.49
CA LYS Z 4 -32.37 49.67 23.48
C LYS Z 4 -31.47 50.80 23.93
N PRO Z 5 -32.04 51.85 24.49
CA PRO Z 5 -31.20 52.90 25.05
C PRO Z 5 -30.35 52.31 26.16
N ALA Z 6 -29.18 52.95 26.39
CA ALA Z 6 -28.28 52.45 27.43
C ALA Z 6 -29.00 52.33 28.75
N LYS Z 7 -28.83 51.17 29.41
CA LYS Z 7 -29.41 51.02 30.73
C LYS Z 7 -28.71 51.94 31.72
N THR Z 8 -27.41 52.07 31.59
CA THR Z 8 -26.56 52.84 32.50
C THR Z 8 -25.62 53.74 31.72
N PRO Z 9 -26.17 54.82 31.11
CA PRO Z 9 -25.39 55.62 30.17
C PRO Z 9 -24.11 56.16 30.79
N THR Z 10 -23.06 56.18 29.96
CA THR Z 10 -21.73 56.59 30.35
C THR Z 10 -21.49 57.97 29.77
N SER Z 11 -21.64 59.00 30.64
CA SER Z 11 -21.42 60.40 30.32
C SER Z 11 -19.98 60.66 29.83
N PRO Z 12 -19.76 61.79 29.14
CA PRO Z 12 -18.39 62.12 28.71
C PRO Z 12 -17.42 62.19 29.87
N LYS Z 13 -17.88 62.71 31.02
CA LYS Z 13 -17.05 62.73 32.21
C LYS Z 13 -16.69 61.31 32.63
N GLU Z 14 -17.67 60.41 32.65
CA GLU Z 14 -17.42 59.01 32.97
C GLU Z 14 -16.47 58.38 31.97
N GLN Z 15 -16.61 58.73 30.69
CA GLN Z 15 -15.68 58.19 29.70
C GLN Z 15 -14.27 58.68 29.93
N ALA Z 16 -14.11 59.96 30.23
CA ALA Z 16 -12.77 60.48 30.45
C ALA Z 16 -12.12 59.75 31.60
N ILE Z 17 -12.88 59.43 32.64
CA ILE Z 17 -12.35 58.66 33.77
C ILE Z 17 -11.90 57.28 33.29
N GLY Z 18 -12.82 56.54 32.65
CA GLY Z 18 -12.48 55.18 32.26
C GLY Z 18 -11.28 55.15 31.32
N LEU Z 19 -11.21 56.11 30.39
CA LEU Z 19 -10.09 56.17 29.44
C LEU Z 19 -8.78 56.46 30.16
N SER Z 20 -8.78 57.47 31.03
CA SER Z 20 -7.57 57.80 31.76
C SER Z 20 -7.13 56.64 32.62
N VAL Z 21 -8.07 56.03 33.34
CA VAL Z 21 -7.73 54.87 34.17
C VAL Z 21 -7.16 53.79 33.27
N THR Z 22 -7.83 53.50 32.16
CA THR Z 22 -7.30 52.46 31.26
C THR Z 22 -5.89 52.80 30.82
N PHE Z 23 -5.66 54.03 30.32
CA PHE Z 23 -4.34 54.36 29.80
C PHE Z 23 -3.31 54.27 30.90
N LEU Z 24 -3.63 54.81 32.09
CA LEU Z 24 -2.66 54.75 33.18
C LEU Z 24 -2.30 53.30 33.54
N SER Z 25 -3.27 52.37 33.44
CA SER Z 25 -2.96 51.01 33.86
C SER Z 25 -1.92 50.35 32.96
N PHE Z 26 -1.86 50.74 31.66
CA PHE Z 26 -0.80 50.27 30.76
C PHE Z 26 0.52 51.02 31.00
N LEU Z 27 0.43 52.36 31.19
CA LEU Z 27 1.61 53.20 31.07
C LEU Z 27 2.43 53.23 32.34
N LEU Z 28 1.78 53.23 33.52
CA LEU Z 28 2.55 53.47 34.74
C LEU Z 28 3.52 52.33 35.06
N PRO Z 29 3.09 51.04 35.07
CA PRO Z 29 4.06 49.95 35.42
C PRO Z 29 5.21 49.86 34.45
N ALA Z 30 4.91 49.85 33.15
CA ALA Z 30 5.96 49.84 32.13
C ALA Z 30 6.87 51.06 32.29
N GLY Z 31 6.26 52.23 32.48
CA GLY Z 31 7.03 53.43 32.75
C GLY Z 31 7.97 53.28 33.92
N TRP Z 32 7.48 52.73 35.03
CA TRP Z 32 8.35 52.52 36.20
C TRP Z 32 9.57 51.64 35.85
N VAL Z 33 9.33 50.52 35.16
CA VAL Z 33 10.45 49.63 34.83
C VAL Z 33 11.42 50.35 33.89
N LEU Z 34 10.89 50.99 32.83
CA LEU Z 34 11.78 51.63 31.86
C LEU Z 34 12.54 52.80 32.48
N TYR Z 35 11.88 53.57 33.33
CA TYR Z 35 12.57 54.67 34.02
C TYR Z 35 13.77 54.16 34.81
N HIS Z 36 13.62 53.02 35.47
CA HIS Z 36 14.62 52.46 36.36
C HIS Z 36 15.55 51.49 35.67
N LEU Z 37 15.49 51.43 34.33
CA LEU Z 37 16.39 50.51 33.61
C LEU Z 37 17.81 50.68 34.05
N ASP Z 38 18.26 51.92 34.19
CA ASP Z 38 19.66 51.99 34.55
C ASP Z 38 19.91 51.49 35.97
N ASN Z 39 18.93 51.65 36.87
CA ASN Z 39 19.04 51.06 38.21
C ASN Z 39 19.12 49.53 38.16
N TYR Z 40 18.54 48.91 37.12
CA TYR Z 40 18.65 47.45 36.91
C TYR Z 40 19.97 47.09 36.25
N LYS Z 41 20.31 47.71 35.11
CA LYS Z 41 21.55 47.36 34.39
C LYS Z 41 22.79 47.45 35.26
N LYS Z 42 22.76 48.26 36.33
CA LYS Z 42 23.86 48.39 37.29
C LYS Z 42 23.65 47.50 38.52
N SER Z 43 23.35 46.21 38.34
CA SER Z 43 23.13 45.29 39.48
C SER Z 43 23.22 43.80 39.12
#